data_7OL4
#
_entry.id   7OL4
#
_cell.length_a   146.773
_cell.length_b   151.775
_cell.length_c   162.340
_cell.angle_alpha   90.000
_cell.angle_beta   111.780
_cell.angle_gamma   90.000
#
_symmetry.space_group_name_H-M   'P 1 21 1'
#
loop_
_entity.id
_entity.type
_entity.pdbx_description
1 polymer Contactin-1
2 polymer Neurofascin
3 branched beta-D-mannopyranose-(1-4)-2-acetamido-2-deoxy-beta-D-glucopyranose-(1-4)-2-acetamido-2-deoxy-beta-D-glucopyranose
4 branched alpha-D-mannopyranose-(1-6)-beta-D-mannopyranose-(1-4)-2-acetamido-2-deoxy-beta-D-glucopyranose-(1-4)-2-acetamido-2-deoxy-beta-D-glucopyranose
5 branched alpha-D-mannopyranose-(1-3)-beta-D-mannopyranose-(1-4)-2-acetamido-2-deoxy-beta-D-glucopyranose-(1-3)-2-acetamido-2-deoxy-beta-D-glucopyranose
6 branched alpha-D-mannopyranose-(1-3)-alpha-D-mannopyranose-(1-6)-[alpha-D-mannopyranose-(1-3)]beta-D-mannopyranose-(1-4)-2-acetamido-2-deoxy-beta-D-glucopyranose-(1-4)-2-acetamido-2-deoxy-beta-D-glucopyranose
7 branched alpha-D-mannopyranose-(1-6)-alpha-D-mannopyranose-(1-6)-[alpha-D-mannopyranose-(1-3)]beta-D-mannopyranose-(1-4)-2-acetamido-2-deoxy-beta-D-glucopyranose-(1-4)-2-acetamido-2-deoxy-beta-D-glucopyranose
8 branched alpha-D-mannopyranose-(1-6)-alpha-D-mannopyranose-(1-6)-beta-D-mannopyranose-(1-4)-2-acetamido-2-deoxy-beta-D-glucopyranose-(1-4)-2-acetamido-2-deoxy-beta-D-glucopyranose
9 branched alpha-D-mannopyranose-(1-3)-[alpha-D-mannopyranose-(1-6)]alpha-D-mannopyranose-(1-6)-[alpha-D-mannopyranose-(1-3)]beta-D-mannopyranose-(1-4)-2-acetamido-2-deoxy-beta-D-glucopyranose-(1-4)-2-acetamido-2-deoxy-beta-D-glucopyranose
10 branched alpha-D-mannopyranose-(1-3)-alpha-D-mannopyranose-(1-6)-beta-D-mannopyranose-(1-4)-2-acetamido-2-deoxy-beta-D-glucopyranose-(1-4)-2-acetamido-2-deoxy-beta-D-glucopyranose
11 branched alpha-D-mannopyranose-(1-3)-[alpha-D-mannopyranose-(1-6)]beta-D-mannopyranose-(1-4)-2-acetamido-2-deoxy-beta-D-glucopyranose-(1-4)-2-acetamido-2-deoxy-beta-D-glucopyranose
12 branched alpha-D-mannopyranose-(1-2)-alpha-D-mannopyranose-(1-3)-[alpha-D-mannopyranose-(1-3)-[alpha-D-mannopyranose-(1-6)]alpha-D-mannopyranose-(1-6)]beta-D-mannopyranose-(1-4)-2-acetamido-2-deoxy-beta-D-glucopyranose-(1-4)-2-acetamido-2-deoxy-beta-D-glucopyranose
13 branched alpha-D-mannopyranose-(1-6)-beta-D-mannopyranose-(1-4)-2-acetamido-2-deoxy-beta-D-glucopyranose-(1-3)-2-acetamido-2-deoxy-beta-D-glucopyranose
14 non-polymer 2-acetamido-2-deoxy-beta-D-glucopyranose
#
loop_
_entity_poly.entity_id
_entity_poly.type
_entity_poly.pdbx_seq_one_letter_code
_entity_poly.pdbx_strand_id
1 'polypeptide(L)'
;GSDFTWHRRYGHGVSEEDKGFGPIFEEQPINTIYPEESLEGKVSLNCRARASPFPVYKWRMNNGDVDLTNDRYSMVGGNL
VINNPDKQKDAGVYYCLASNNYGMVRSTEATLSFGYLDPFPPEERPEVKVKEGKGMVLLCDPPYHFPDDLSYRWLLNEFP
VFITMDKRRFVSQTNGNLYIANVESSDRGNYSCFVSSPSITKSVFSKFIPLIPIPERTTKPYPADIVVQFKDIYTMMGQN
VTLECFALGNPVPDIRWRKVLEPMPSTAEISTSGAVLKIFNIQLEDEGLYECEAENIRGKDKHQARIYVQAFPEWVEHIN
DTEVDIGSDLYWPCIATGKPIPTIRWLKNGYSYHKGELRLYDVTFENAGMYQCIAENAYGSIYANAELKILALAPTFEMN
PMKKKILAAKGGRVVIECKPKAAPKPKFSWSKGTEWLVNSSRILIWEDGSLEINNITRNDGGIYTCFAENNRGKANSTGT
LVITNPTRIILAPINADITVGENATMQCAASFDPALDLTFVWSFNGYVIDFNKEITHIHYQRNFMLDANGELLIRNAQLK
HAGRYTCTAQTIVDNSSASADLVVRGHHHHHH
;
A,B
2 'polypeptide(L)'
;GSIEIPMDLTQPPTITKQSVKDHIVDPRDNILIECEAKGNPAPSFHWTRNSRFFNIAKDPRVSMRRRSGTLVIDFRSGGR
PEEYEGEYQCFARNKFGTALSNRIRLQVSKSPLWPKENLDPVVVQEGAPLTLQCNPPPGLPSPVIFWMSSSMEPITQDKR
VSQGHNGDLYFSNVMLQDMQTDYSCNARFHFTHTIQQKNPFTLKVLTNNPYNDSSLRNHPDIYSARGVAERTPSFMYPQG
TSSSQMVLRGMDLLLECIASGVPTPDIAWYKKGGDLPSNKAKFENFNKALRITNVSEEDSGEYFCLASNKMGSIRHTISV
RVKAAPYWLDEPKNLILAPGEDGRLVCRANGNPKPTVQWMVNGEPLQSAPPNPNREVAGDTIIFRDTQISSRAVYQCNTS
NEHGYLLANAFVSVLDVPPRMLSARNQLIRVILYNRTRLDCPFFGSPIPTLRWFKNGQGSNLDGGNYHVYENGSLEIKMI
RKEDQGIYTCVATNILGKAENQVRLEVKDPTRIYRMPEDQVAKRGTTVQLECRVKHDPSLKLTVSWLKDDEPLYIGNRMK
KEDDSLTIFGVAERDQGSYTCMASTELDQDLAKAYLTVLADQATPTNRLAAHHHHHH
;
C,D
#
loop_
_chem_comp.id
_chem_comp.type
_chem_comp.name
_chem_comp.formula
BMA D-saccharide, beta linking beta-D-mannopyranose 'C6 H12 O6'
MAN D-saccharide, alpha linking alpha-D-mannopyranose 'C6 H12 O6'
NAG D-saccharide, beta linking 2-acetamido-2-deoxy-beta-D-glucopyranose 'C8 H15 N O6'
#
# COMPACT_ATOMS: atom_id res chain seq x y z
N GLU A 17 21.10 35.76 -9.39
CA GLU A 17 20.58 37.11 -9.40
C GLU A 17 20.99 37.81 -10.70
N ASP A 18 21.92 37.19 -11.42
CA ASP A 18 22.41 37.76 -12.68
C ASP A 18 21.31 37.81 -13.73
N LYS A 19 20.47 36.78 -13.80
CA LYS A 19 19.60 36.61 -14.96
C LYS A 19 18.39 35.76 -14.58
N GLY A 20 17.33 35.86 -15.40
CA GLY A 20 16.09 35.17 -15.14
C GLY A 20 15.61 34.39 -16.36
N PHE A 21 14.65 33.50 -16.11
CA PHE A 21 14.08 32.63 -17.13
C PHE A 21 12.57 32.78 -17.20
N GLY A 22 12.04 32.63 -18.42
CA GLY A 22 10.61 32.77 -18.68
C GLY A 22 9.80 31.54 -18.30
N PRO A 23 8.48 31.72 -18.30
CA PRO A 23 7.57 30.61 -17.95
C PRO A 23 7.52 29.52 -19.02
N ILE A 24 7.67 28.27 -18.59
CA ILE A 24 7.58 27.10 -19.47
C ILE A 24 6.58 26.11 -18.88
N PHE A 25 5.64 25.66 -19.72
CA PHE A 25 4.60 24.71 -19.30
C PHE A 25 5.13 23.29 -19.22
N GLU A 26 4.65 22.54 -18.22
CA GLU A 26 4.75 21.08 -18.27
C GLU A 26 3.41 20.46 -18.65
N GLU A 27 2.41 20.58 -17.78
CA GLU A 27 1.11 19.94 -17.97
C GLU A 27 0.05 21.00 -18.30
N GLN A 28 -0.86 20.65 -19.21
CA GLN A 28 -1.87 21.54 -19.74
C GLN A 28 -3.26 20.95 -19.57
N PRO A 29 -4.30 21.80 -19.54
CA PRO A 29 -5.66 21.30 -19.36
C PRO A 29 -6.24 20.63 -20.60
N ILE A 30 -7.23 19.76 -20.35
CA ILE A 30 -7.84 18.91 -21.36
C ILE A 30 -9.33 19.26 -21.45
N ASN A 31 -9.93 18.95 -22.59
CA ASN A 31 -11.38 19.06 -22.76
C ASN A 31 -12.08 17.97 -21.94
N THR A 32 -13.06 18.36 -21.13
CA THR A 32 -13.50 17.55 -20.00
C THR A 32 -15.02 17.57 -19.87
N ILE A 33 -15.51 16.64 -19.04
CA ILE A 33 -16.90 16.17 -19.02
C ILE A 33 -17.23 15.73 -17.60
N TYR A 34 -18.29 16.29 -17.03
CA TYR A 34 -18.67 15.97 -15.65
C TYR A 34 -20.09 15.39 -15.59
N PRO A 35 -20.29 14.27 -14.92
CA PRO A 35 -21.65 13.69 -14.80
C PRO A 35 -22.61 14.60 -14.04
N GLU A 36 -23.79 14.81 -14.64
CA GLU A 36 -24.84 15.61 -14.03
C GLU A 36 -25.16 15.13 -12.61
N GLU A 37 -25.32 13.83 -12.43
CA GLU A 37 -25.84 13.26 -11.19
C GLU A 37 -24.74 12.53 -10.45
N SER A 38 -23.57 13.18 -10.36
CA SER A 38 -22.37 12.54 -9.84
C SER A 38 -22.32 12.59 -8.32
N LEU A 39 -21.60 11.62 -7.75
CA LEU A 39 -21.24 11.69 -6.34
C LEU A 39 -20.30 12.85 -6.08
N GLU A 40 -19.22 12.93 -6.86
CA GLU A 40 -18.28 14.04 -6.83
C GLU A 40 -18.98 15.38 -6.99
N GLY A 41 -18.80 16.26 -6.02
CA GLY A 41 -19.27 17.63 -6.10
C GLY A 41 -18.21 18.63 -6.49
N LYS A 42 -16.99 18.18 -6.75
CA LYS A 42 -15.86 19.05 -7.06
C LYS A 42 -15.28 18.66 -8.43
N VAL A 43 -14.92 19.67 -9.22
CA VAL A 43 -14.38 19.46 -10.56
C VAL A 43 -13.18 20.38 -10.78
N SER A 44 -12.19 19.87 -11.51
CA SER A 44 -10.82 20.38 -11.45
C SER A 44 -10.21 20.46 -12.84
N LEU A 45 -9.36 21.47 -13.04
CA LEU A 45 -8.57 21.61 -14.27
C LEU A 45 -7.12 21.95 -13.95
N ASN A 46 -6.20 21.28 -14.63
CA ASN A 46 -4.75 21.37 -14.39
C ASN A 46 -4.08 22.45 -15.24
N CYS A 47 -3.14 23.18 -14.64
CA CYS A 47 -2.22 24.06 -15.37
C CYS A 47 -0.93 24.16 -14.58
N ARG A 48 0.17 23.56 -15.08
CA ARG A 48 1.42 23.45 -14.35
C ARG A 48 2.58 24.00 -15.19
N ALA A 49 3.45 24.79 -14.55
CA ALA A 49 4.55 25.43 -15.27
C ALA A 49 5.67 25.78 -14.29
N ARG A 50 6.77 26.30 -14.84
CA ARG A 50 8.00 26.56 -14.11
C ARG A 50 8.66 27.82 -14.65
N ALA A 51 9.36 28.55 -13.77
CA ALA A 51 10.08 29.77 -14.16
C ALA A 51 10.96 30.21 -12.99
N SER A 52 11.91 31.11 -13.28
CA SER A 52 12.74 31.65 -12.21
C SER A 52 11.95 32.58 -11.29
N PRO A 53 11.22 33.61 -11.76
CA PRO A 53 10.14 34.16 -10.93
C PRO A 53 8.92 33.29 -11.12
N PHE A 54 8.53 32.57 -10.05
CA PHE A 54 7.45 31.57 -10.10
C PHE A 54 6.28 32.05 -10.95
N PRO A 55 5.66 31.17 -11.72
CA PRO A 55 4.54 31.57 -12.58
C PRO A 55 3.32 31.98 -11.77
N VAL A 56 2.62 32.99 -12.27
CA VAL A 56 1.35 33.45 -11.70
C VAL A 56 0.25 33.13 -12.70
N TYR A 57 -0.86 32.60 -12.21
CA TYR A 57 -1.89 32.00 -13.04
C TYR A 57 -3.15 32.85 -13.06
N LYS A 58 -3.74 32.99 -14.24
CA LYS A 58 -5.07 33.55 -14.41
C LYS A 58 -5.89 32.63 -15.30
N TRP A 59 -7.20 32.60 -15.06
CA TRP A 59 -8.11 31.82 -15.89
C TRP A 59 -9.17 32.71 -16.50
N ARG A 60 -9.60 32.36 -17.72
CA ARG A 60 -10.67 33.08 -18.38
C ARG A 60 -11.72 32.10 -18.90
N MET A 61 -12.99 32.50 -18.71
CA MET A 61 -14.18 31.72 -19.03
C MET A 61 -14.90 32.34 -20.21
N ASN A 62 -15.03 31.57 -21.30
CA ASN A 62 -15.73 32.04 -22.51
C ASN A 62 -15.12 33.35 -23.00
N ASN A 63 -13.80 33.43 -22.96
CA ASN A 63 -13.06 34.64 -23.31
C ASN A 63 -13.47 35.79 -22.40
N GLY A 64 -13.61 35.48 -21.11
CA GLY A 64 -14.04 36.46 -20.12
C GLY A 64 -13.49 36.11 -18.76
N ASP A 65 -13.22 37.14 -17.97
CA ASP A 65 -12.56 37.00 -16.68
C ASP A 65 -13.47 36.27 -15.68
N VAL A 66 -12.84 35.63 -14.69
CA VAL A 66 -13.55 34.84 -13.69
C VAL A 66 -13.30 35.43 -12.30
N ASP A 67 -14.37 35.52 -11.51
CA ASP A 67 -14.26 35.89 -10.10
C ASP A 67 -13.55 34.79 -9.31
N LEU A 68 -12.48 35.16 -8.60
CA LEU A 68 -11.51 34.19 -8.13
C LEU A 68 -12.03 33.42 -6.92
N THR A 69 -12.43 34.12 -5.86
CA THR A 69 -12.97 33.50 -4.65
C THR A 69 -14.48 33.76 -4.60
N ASN A 70 -15.26 32.69 -4.79
CA ASN A 70 -16.72 32.76 -4.73
C ASN A 70 -17.27 31.67 -3.81
N ASP A 71 -16.45 31.17 -2.87
CA ASP A 71 -16.72 29.95 -2.13
C ASP A 71 -16.82 28.78 -3.09
N ARG A 72 -17.80 28.83 -3.99
CA ARG A 72 -17.90 27.91 -5.13
C ARG A 72 -16.55 27.68 -5.79
N TYR A 73 -15.97 28.75 -6.36
CA TYR A 73 -14.72 28.68 -7.09
C TYR A 73 -13.52 28.73 -6.15
N SER A 74 -12.45 28.04 -6.52
CA SER A 74 -11.22 28.10 -5.75
C SER A 74 -10.05 27.64 -6.61
N MET A 75 -8.83 27.86 -6.10
CA MET A 75 -7.61 27.75 -6.88
C MET A 75 -6.50 27.13 -6.03
N VAL A 76 -5.65 26.33 -6.69
CA VAL A 76 -4.49 25.72 -6.04
C VAL A 76 -3.40 25.52 -7.07
N GLY A 77 -2.29 26.26 -6.93
CA GLY A 77 -1.10 26.03 -7.75
C GLY A 77 -1.37 25.92 -9.23
N GLY A 78 -2.21 26.81 -9.76
CA GLY A 78 -2.49 26.87 -11.18
C GLY A 78 -3.66 26.02 -11.62
N ASN A 79 -4.19 25.19 -10.73
CA ASN A 79 -5.31 24.31 -11.01
C ASN A 79 -6.58 24.89 -10.42
N LEU A 80 -7.66 24.85 -11.19
CA LEU A 80 -8.91 25.52 -10.85
C LEU A 80 -9.95 24.51 -10.42
N VAL A 81 -10.75 24.87 -9.41
CA VAL A 81 -11.71 23.98 -8.77
C VAL A 81 -13.06 24.67 -8.70
N ILE A 82 -14.12 23.90 -8.96
CA ILE A 82 -15.50 24.34 -8.78
C ILE A 82 -16.22 23.32 -7.90
N ASN A 83 -16.93 23.83 -6.89
CA ASN A 83 -17.79 23.02 -6.03
C ASN A 83 -19.22 23.09 -6.52
N ASN A 84 -19.88 21.93 -6.59
CA ASN A 84 -21.28 21.83 -6.99
C ASN A 84 -21.55 22.53 -8.33
N PRO A 85 -20.89 22.09 -9.39
CA PRO A 85 -21.03 22.80 -10.67
C PRO A 85 -22.41 22.59 -11.29
N ASP A 86 -22.84 23.59 -12.05
CA ASP A 86 -24.20 23.65 -12.58
C ASP A 86 -24.14 23.81 -14.10
N LYS A 87 -24.85 22.92 -14.80
CA LYS A 87 -25.24 23.11 -16.19
C LYS A 87 -25.44 24.59 -16.53
N GLN A 88 -26.33 25.24 -15.77
CA GLN A 88 -26.77 26.59 -16.09
C GLN A 88 -25.61 27.58 -16.15
N LYS A 89 -24.55 27.34 -15.38
CA LYS A 89 -23.56 28.36 -15.07
C LYS A 89 -22.21 28.08 -15.71
N ASP A 90 -21.62 26.90 -15.46
CA ASP A 90 -20.19 26.71 -15.58
C ASP A 90 -19.73 26.18 -16.94
N ALA A 91 -20.61 25.47 -17.66
CA ALA A 91 -20.31 24.98 -19.01
C ALA A 91 -19.64 26.04 -19.86
N GLY A 92 -18.49 25.73 -20.42
CA GLY A 92 -17.89 26.66 -21.37
C GLY A 92 -16.42 26.37 -21.62
N VAL A 93 -15.79 27.30 -22.34
CA VAL A 93 -14.40 27.17 -22.75
C VAL A 93 -13.53 27.99 -21.81
N TYR A 94 -12.58 27.33 -21.16
CA TYR A 94 -11.65 27.95 -20.24
C TYR A 94 -10.24 27.94 -20.82
N TYR A 95 -9.48 29.00 -20.54
CA TYR A 95 -8.07 29.02 -20.90
C TYR A 95 -7.23 29.69 -19.81
N CYS A 96 -5.98 29.24 -19.71
CA CYS A 96 -5.07 29.51 -18.59
C CYS A 96 -3.91 30.36 -19.06
N LEU A 97 -3.59 31.41 -18.30
CA LEU A 97 -2.52 32.37 -18.60
C LEU A 97 -1.45 32.27 -17.52
N ALA A 98 -0.25 31.83 -17.90
CA ALA A 98 0.92 31.82 -17.03
C ALA A 98 1.76 33.07 -17.30
N SER A 99 1.83 33.98 -16.32
CA SER A 99 2.58 35.21 -16.45
C SER A 99 3.73 35.26 -15.43
N ASN A 100 4.63 36.22 -15.66
CA ASN A 100 5.69 36.58 -14.72
C ASN A 100 6.22 37.97 -15.06
N ASN A 101 7.52 38.20 -14.88
CA ASN A 101 8.10 39.48 -15.26
C ASN A 101 8.39 39.54 -16.76
N TYR A 102 8.57 38.39 -17.39
CA TYR A 102 9.08 38.28 -18.75
C TYR A 102 7.99 38.08 -19.79
N GLY A 103 6.74 37.94 -19.35
CA GLY A 103 5.60 37.94 -20.23
C GLY A 103 4.62 36.83 -19.88
N MET A 104 3.65 36.62 -20.78
CA MET A 104 2.52 35.74 -20.55
C MET A 104 2.47 34.64 -21.61
N VAL A 105 1.88 33.51 -21.24
CA VAL A 105 1.76 32.35 -22.13
C VAL A 105 0.39 31.71 -21.92
N ARG A 106 -0.34 31.49 -23.03
CA ARG A 106 -1.67 30.89 -22.99
C ARG A 106 -1.59 29.37 -23.06
N SER A 107 -2.41 28.71 -22.26
CA SER A 107 -2.60 27.27 -22.32
C SER A 107 -3.47 26.85 -23.50
N THR A 108 -3.51 25.54 -23.74
CA THR A 108 -4.41 24.96 -24.72
C THR A 108 -5.87 25.16 -24.31
N GLU A 109 -6.69 25.54 -25.30
CA GLU A 109 -8.13 25.70 -25.13
C GLU A 109 -8.76 24.47 -24.49
N ALA A 110 -9.44 24.64 -23.35
CA ALA A 110 -10.05 23.50 -22.65
C ALA A 110 -11.55 23.71 -22.51
N THR A 111 -12.34 22.88 -23.20
CA THR A 111 -13.80 23.00 -23.19
C THR A 111 -14.40 22.07 -22.14
N LEU A 112 -15.30 22.60 -21.31
CA LEU A 112 -15.94 21.88 -20.21
C LEU A 112 -17.42 21.70 -20.50
N SER A 113 -17.86 20.44 -20.54
CA SER A 113 -19.26 20.06 -20.72
C SER A 113 -19.72 19.10 -19.62
N PHE A 114 -21.04 18.94 -19.52
CA PHE A 114 -21.67 18.03 -18.56
C PHE A 114 -22.25 16.81 -19.26
N GLY A 115 -21.79 15.63 -18.86
CA GLY A 115 -22.33 14.36 -19.30
C GLY A 115 -23.80 14.20 -18.95
N TYR A 116 -24.63 13.81 -19.92
CA TYR A 116 -26.07 13.69 -19.74
C TYR A 116 -26.53 12.38 -20.36
N LEU A 117 -26.88 11.39 -19.52
CA LEU A 117 -27.38 10.09 -20.00
C LEU A 117 -28.63 9.71 -19.19
N ASP A 118 -29.84 10.05 -19.75
CA ASP A 118 -31.15 9.65 -19.26
C ASP A 118 -31.54 8.28 -19.80
N PRO A 119 -32.28 7.48 -19.03
CA PRO A 119 -32.80 6.21 -19.58
C PRO A 119 -33.95 6.36 -20.57
N PHE A 120 -34.38 5.22 -21.12
CA PHE A 120 -35.25 5.16 -22.30
C PHE A 120 -36.67 5.63 -21.96
N PRO A 121 -37.48 5.91 -22.98
CA PRO A 121 -38.93 6.06 -22.75
C PRO A 121 -39.53 4.78 -22.18
N PRO A 122 -40.35 4.89 -21.13
CA PRO A 122 -40.75 3.69 -20.37
C PRO A 122 -41.74 2.79 -21.08
N GLU A 123 -42.12 3.09 -22.32
CA GLU A 123 -43.25 2.42 -22.95
C GLU A 123 -42.96 0.94 -23.22
N GLU A 124 -44.02 0.13 -23.11
CA GLU A 124 -43.96 -1.26 -23.56
C GLU A 124 -43.84 -1.33 -25.08
N ARG A 125 -42.96 -2.23 -25.55
CA ARG A 125 -42.67 -2.39 -26.98
C ARG A 125 -43.44 -3.57 -27.57
N PRO A 126 -44.13 -3.37 -28.69
CA PRO A 126 -45.10 -4.37 -29.17
C PRO A 126 -44.46 -5.67 -29.62
N GLU A 127 -45.19 -6.76 -29.38
CA GLU A 127 -44.78 -8.08 -29.86
C GLU A 127 -44.79 -8.14 -31.39
N VAL A 128 -43.82 -8.87 -31.95
CA VAL A 128 -43.49 -8.83 -33.36
C VAL A 128 -43.62 -10.24 -33.94
N LYS A 129 -44.36 -10.39 -35.03
CA LYS A 129 -44.55 -11.66 -35.71
C LYS A 129 -44.03 -11.56 -37.14
N VAL A 130 -43.19 -12.50 -37.57
CA VAL A 130 -42.62 -12.46 -38.92
C VAL A 130 -42.47 -13.89 -39.47
N LYS A 131 -42.51 -13.99 -40.80
CA LYS A 131 -42.32 -15.27 -41.49
C LYS A 131 -40.85 -15.68 -41.52
N GLU A 132 -40.61 -16.97 -41.32
CA GLU A 132 -39.30 -17.57 -41.62
C GLU A 132 -38.81 -17.16 -43.00
N GLY A 133 -37.54 -16.75 -43.07
CA GLY A 133 -36.91 -16.39 -44.32
C GLY A 133 -36.86 -14.90 -44.60
N LYS A 134 -37.49 -14.08 -43.76
CA LYS A 134 -37.49 -12.62 -43.85
C LYS A 134 -36.88 -12.03 -42.58
N GLY A 135 -35.76 -11.33 -42.73
CA GLY A 135 -35.16 -10.65 -41.61
C GLY A 135 -35.96 -9.42 -41.23
N MET A 136 -35.56 -8.79 -40.13
CA MET A 136 -36.19 -7.54 -39.71
C MET A 136 -35.21 -6.77 -38.83
N VAL A 137 -35.61 -5.56 -38.43
CA VAL A 137 -34.75 -4.51 -37.89
C VAL A 137 -35.52 -3.79 -36.79
N LEU A 138 -34.88 -3.54 -35.65
CA LEU A 138 -35.53 -2.86 -34.53
C LEU A 138 -34.72 -1.66 -34.05
N LEU A 139 -35.44 -0.57 -33.79
CA LEU A 139 -34.85 0.66 -33.27
C LEU A 139 -34.47 0.52 -31.79
N CYS A 140 -33.27 0.97 -31.44
CA CYS A 140 -32.90 1.10 -30.03
C CYS A 140 -33.69 2.21 -29.34
N ASP A 141 -33.93 3.34 -30.04
CA ASP A 141 -34.46 4.59 -29.50
C ASP A 141 -33.48 5.25 -28.55
N PRO A 142 -32.29 5.63 -29.02
CA PRO A 142 -31.27 6.19 -28.11
C PRO A 142 -31.71 7.49 -27.48
N PRO A 143 -31.66 7.57 -26.15
CA PRO A 143 -32.02 8.80 -25.44
C PRO A 143 -30.88 9.82 -25.47
N TYR A 144 -31.16 11.01 -24.93
CA TYR A 144 -30.19 12.10 -24.91
C TYR A 144 -28.85 11.64 -24.34
N HIS A 145 -27.77 11.97 -25.04
CA HIS A 145 -26.43 11.66 -24.56
C HIS A 145 -25.47 12.77 -24.96
N PHE A 146 -24.67 13.23 -24.00
CA PHE A 146 -23.64 14.23 -24.24
C PHE A 146 -22.31 13.57 -24.60
N PRO A 147 -21.88 12.52 -23.91
CA PRO A 147 -20.77 11.71 -24.44
C PRO A 147 -21.24 10.84 -25.60
N ASP A 148 -20.56 10.97 -26.74
CA ASP A 148 -21.00 10.37 -27.99
C ASP A 148 -20.27 9.08 -28.33
N ASP A 149 -19.37 8.62 -27.45
CA ASP A 149 -18.59 7.40 -27.67
C ASP A 149 -19.38 6.16 -27.25
N LEU A 150 -20.45 5.89 -27.99
CA LEU A 150 -21.45 4.89 -27.60
C LEU A 150 -21.09 3.52 -28.18
N SER A 151 -21.06 2.50 -27.31
CA SER A 151 -20.93 1.10 -27.72
C SER A 151 -22.26 0.39 -27.57
N TYR A 152 -22.78 -0.15 -28.67
CA TYR A 152 -24.10 -0.78 -28.72
C TYR A 152 -23.98 -2.29 -28.80
N ARG A 153 -24.87 -3.00 -28.10
CA ARG A 153 -25.08 -4.43 -28.28
C ARG A 153 -26.54 -4.75 -27.94
N TRP A 154 -26.92 -6.03 -28.03
CA TRP A 154 -28.30 -6.44 -27.76
C TRP A 154 -28.33 -7.75 -26.97
N LEU A 155 -29.39 -7.92 -26.18
CA LEU A 155 -29.48 -8.99 -25.18
C LEU A 155 -30.82 -9.72 -25.30
N LEU A 156 -30.89 -10.86 -24.59
CA LEU A 156 -31.98 -11.83 -24.74
C LEU A 156 -32.43 -12.31 -23.37
N ASN A 157 -33.70 -12.08 -23.03
CA ASN A 157 -34.34 -12.53 -21.79
C ASN A 157 -33.72 -11.88 -20.56
N GLU A 158 -32.53 -12.32 -20.19
CA GLU A 158 -31.79 -11.80 -19.05
C GLU A 158 -30.58 -11.04 -19.57
N PHE A 159 -29.96 -10.26 -18.68
CA PHE A 159 -28.85 -9.41 -19.13
C PHE A 159 -27.70 -10.23 -19.70
N PRO A 160 -27.02 -11.09 -18.92
CA PRO A 160 -25.69 -11.58 -19.36
C PRO A 160 -25.69 -12.25 -20.72
N VAL A 161 -26.84 -12.69 -21.23
CA VAL A 161 -26.90 -13.32 -22.54
C VAL A 161 -26.58 -12.28 -23.61
N PHE A 162 -25.83 -12.69 -24.64
CA PHE A 162 -25.39 -11.78 -25.68
C PHE A 162 -25.67 -12.33 -27.06
N ILE A 163 -26.03 -11.44 -27.99
CA ILE A 163 -26.40 -11.79 -29.36
C ILE A 163 -25.24 -11.41 -30.28
N THR A 164 -24.68 -12.41 -30.96
CA THR A 164 -23.38 -12.31 -31.61
C THR A 164 -23.51 -12.02 -33.10
N MET A 165 -22.43 -11.46 -33.65
CA MET A 165 -22.35 -11.14 -35.08
C MET A 165 -22.18 -12.40 -35.92
N ASP A 166 -23.09 -12.61 -36.86
CA ASP A 166 -22.91 -13.51 -37.99
C ASP A 166 -23.14 -12.71 -39.28
N LYS A 167 -23.01 -13.39 -40.43
CA LYS A 167 -23.46 -12.74 -41.66
C LYS A 167 -24.98 -12.60 -41.68
N ARG A 168 -25.67 -13.32 -40.80
CA ARG A 168 -27.11 -13.17 -40.61
C ARG A 168 -27.43 -11.90 -39.83
N ARG A 169 -26.86 -11.76 -38.64
CA ARG A 169 -27.22 -10.73 -37.67
C ARG A 169 -26.13 -9.66 -37.61
N PHE A 170 -26.54 -8.42 -37.36
CA PHE A 170 -25.61 -7.30 -37.27
C PHE A 170 -26.16 -6.24 -36.33
N VAL A 171 -25.26 -5.48 -35.71
CA VAL A 171 -25.61 -4.40 -34.80
C VAL A 171 -24.91 -3.13 -35.28
N SER A 172 -25.70 -2.14 -35.72
CA SER A 172 -25.15 -0.87 -36.16
C SER A 172 -24.50 -0.12 -35.00
N GLN A 173 -23.31 0.43 -35.24
CA GLN A 173 -22.58 1.19 -34.23
C GLN A 173 -22.83 2.70 -34.33
N THR A 174 -23.57 3.14 -35.35
CA THR A 174 -23.92 4.55 -35.52
C THR A 174 -25.36 4.79 -35.13
N ASN A 175 -26.29 4.07 -35.75
CA ASN A 175 -27.70 4.22 -35.42
C ASN A 175 -28.01 3.58 -34.07
N GLY A 176 -27.47 2.39 -33.84
CA GLY A 176 -27.72 1.63 -32.63
C GLY A 176 -28.81 0.60 -32.76
N ASN A 177 -29.28 0.33 -33.98
CA ASN A 177 -30.35 -0.61 -34.24
C ASN A 177 -29.75 -1.98 -34.55
N LEU A 178 -30.62 -2.97 -34.74
CA LEU A 178 -30.21 -4.34 -35.01
C LEU A 178 -30.82 -4.80 -36.33
N TYR A 179 -30.01 -5.48 -37.15
CA TYR A 179 -30.36 -5.83 -38.52
C TYR A 179 -30.22 -7.33 -38.70
N ILE A 180 -31.27 -7.98 -39.20
CA ILE A 180 -31.23 -9.40 -39.53
C ILE A 180 -31.64 -9.59 -40.98
N ALA A 181 -30.87 -10.39 -41.71
CA ALA A 181 -31.20 -10.73 -43.09
C ALA A 181 -32.18 -11.90 -43.17
N ASN A 182 -31.93 -12.96 -42.40
CA ASN A 182 -32.64 -14.22 -42.52
C ASN A 182 -33.10 -14.66 -41.14
N VAL A 183 -34.37 -15.01 -41.03
CA VAL A 183 -34.99 -15.39 -39.76
C VAL A 183 -35.18 -16.90 -39.72
N GLU A 184 -34.93 -17.49 -38.55
CA GLU A 184 -35.09 -18.91 -38.32
C GLU A 184 -35.87 -19.13 -37.02
N SER A 185 -36.28 -20.38 -36.81
CA SER A 185 -37.00 -20.75 -35.59
C SER A 185 -36.20 -20.42 -34.33
N SER A 186 -34.87 -20.49 -34.41
CA SER A 186 -34.03 -20.23 -33.25
C SER A 186 -34.08 -18.78 -32.79
N ASP A 187 -34.50 -17.86 -33.67
CA ASP A 187 -34.43 -16.44 -33.40
C ASP A 187 -35.60 -15.93 -32.56
N ARG A 188 -36.50 -16.80 -32.14
CA ARG A 188 -37.63 -16.41 -31.32
C ARG A 188 -37.18 -16.01 -29.91
N GLY A 189 -37.99 -15.15 -29.27
CA GLY A 189 -37.83 -14.79 -27.88
C GLY A 189 -37.76 -13.29 -27.72
N ASN A 190 -37.25 -12.85 -26.57
CA ASN A 190 -37.23 -11.44 -26.20
C ASN A 190 -35.88 -10.81 -26.51
N TYR A 191 -35.91 -9.53 -26.92
CA TYR A 191 -34.69 -8.81 -27.29
C TYR A 191 -34.70 -7.39 -26.74
N SER A 192 -33.57 -6.98 -26.16
CA SER A 192 -33.44 -5.66 -25.55
C SER A 192 -32.17 -4.96 -26.01
N CYS A 193 -32.25 -3.64 -26.22
CA CYS A 193 -31.08 -2.85 -26.60
C CYS A 193 -30.16 -2.66 -25.39
N PHE A 194 -28.88 -2.45 -25.67
CA PHE A 194 -27.88 -2.20 -24.63
C PHE A 194 -26.91 -1.14 -25.12
N VAL A 195 -26.76 -0.05 -24.37
CA VAL A 195 -25.82 1.02 -24.67
C VAL A 195 -24.85 1.18 -23.51
N SER A 196 -23.55 1.24 -23.81
CA SER A 196 -22.51 1.57 -22.84
C SER A 196 -21.79 2.85 -23.27
N SER A 197 -21.61 3.74 -22.30
CA SER A 197 -20.70 4.88 -22.40
C SER A 197 -19.46 4.60 -21.57
N PRO A 198 -18.32 4.29 -22.18
CA PRO A 198 -17.08 4.10 -21.40
C PRO A 198 -16.61 5.37 -20.70
N SER A 199 -16.77 6.53 -21.35
CA SER A 199 -16.39 7.80 -20.73
C SER A 199 -16.85 7.88 -19.28
N ILE A 200 -18.14 7.62 -19.05
CA ILE A 200 -18.74 7.73 -17.73
C ILE A 200 -19.05 6.37 -17.14
N THR A 201 -18.69 5.29 -17.83
CA THR A 201 -18.82 3.92 -17.33
C THR A 201 -20.27 3.56 -17.03
N LYS A 202 -21.18 4.02 -17.89
CA LYS A 202 -22.61 3.84 -17.66
C LYS A 202 -23.21 2.89 -18.70
N SER A 203 -24.07 1.98 -18.25
CA SER A 203 -24.71 1.02 -19.15
C SER A 203 -26.21 1.00 -18.89
N VAL A 204 -27.00 1.17 -19.95
CA VAL A 204 -28.46 1.20 -19.84
C VAL A 204 -29.09 0.38 -20.97
N PHE A 205 -30.31 -0.10 -20.72
CA PHE A 205 -30.96 -1.02 -21.63
C PHE A 205 -32.46 -0.74 -21.72
N SER A 206 -33.01 -0.95 -22.91
CA SER A 206 -34.41 -0.73 -23.23
C SER A 206 -35.28 -1.92 -22.83
N LYS A 207 -36.59 -1.68 -22.80
CA LYS A 207 -37.56 -2.74 -22.53
C LYS A 207 -37.46 -3.85 -23.57
N PHE A 208 -37.67 -5.09 -23.13
CA PHE A 208 -37.62 -6.25 -24.00
C PHE A 208 -38.78 -6.29 -24.98
N ILE A 209 -38.50 -6.74 -26.20
CA ILE A 209 -39.48 -6.90 -27.27
C ILE A 209 -39.62 -8.39 -27.60
N PRO A 210 -40.81 -8.97 -27.46
CA PRO A 210 -41.05 -10.34 -27.97
C PRO A 210 -41.06 -10.44 -29.50
N LEU A 211 -40.38 -11.47 -30.01
CA LEU A 211 -40.30 -11.77 -31.44
C LEU A 211 -40.65 -13.23 -31.69
N ILE A 212 -41.59 -13.48 -32.59
CA ILE A 212 -42.01 -14.82 -32.97
C ILE A 212 -41.93 -15.01 -34.48
N PRO A 213 -41.13 -15.99 -34.96
CA PRO A 213 -41.19 -16.41 -36.37
C PRO A 213 -42.15 -17.57 -36.65
N ILE A 214 -43.10 -17.34 -37.55
CA ILE A 214 -43.98 -18.41 -38.04
C ILE A 214 -43.19 -19.34 -38.95
N PRO A 215 -43.13 -20.64 -38.66
CA PRO A 215 -42.39 -21.56 -39.53
C PRO A 215 -43.03 -21.72 -40.90
N GLU A 216 -42.15 -21.90 -41.90
CA GLU A 216 -42.57 -22.17 -43.28
C GLU A 216 -41.60 -23.15 -43.92
N ARG A 217 -42.14 -24.20 -44.54
CA ARG A 217 -41.32 -25.17 -45.24
C ARG A 217 -41.19 -24.76 -46.71
N THR A 218 -40.02 -25.04 -47.29
CA THR A 218 -39.60 -24.46 -48.57
C THR A 218 -39.62 -22.93 -48.48
N THR A 219 -38.75 -22.42 -47.62
CA THR A 219 -38.69 -21.00 -47.30
C THR A 219 -38.53 -20.14 -48.54
N LYS A 220 -39.32 -19.08 -48.62
CA LYS A 220 -39.41 -18.25 -49.82
C LYS A 220 -38.14 -17.42 -49.99
N PRO A 221 -37.41 -17.57 -51.10
CA PRO A 221 -36.19 -16.80 -51.31
C PRO A 221 -36.43 -15.35 -51.73
N TYR A 222 -35.55 -14.47 -51.24
CA TYR A 222 -35.63 -13.03 -51.46
C TYR A 222 -34.29 -12.48 -51.93
N PRO A 223 -34.30 -11.42 -52.72
CA PRO A 223 -33.06 -10.87 -53.28
C PRO A 223 -32.30 -10.01 -52.28
N ALA A 224 -31.16 -9.50 -52.74
CA ALA A 224 -30.27 -8.67 -51.94
C ALA A 224 -30.83 -7.25 -51.84
N ASP A 225 -30.97 -6.76 -50.61
CA ASP A 225 -31.63 -5.47 -50.36
C ASP A 225 -30.76 -4.68 -49.39
N ILE A 226 -30.15 -3.61 -49.87
CA ILE A 226 -29.18 -2.83 -49.08
C ILE A 226 -29.94 -1.87 -48.16
N VAL A 227 -29.68 -1.98 -46.85
CA VAL A 227 -30.30 -1.06 -45.91
C VAL A 227 -29.30 -0.15 -45.21
N VAL A 228 -28.03 -0.54 -45.09
CA VAL A 228 -27.04 0.18 -44.30
C VAL A 228 -25.98 0.70 -45.25
N GLN A 229 -25.94 2.02 -45.45
CA GLN A 229 -24.93 2.65 -46.29
C GLN A 229 -23.87 3.33 -45.44
N PHE A 230 -22.75 3.66 -46.08
CA PHE A 230 -21.64 4.38 -45.47
C PHE A 230 -21.24 5.55 -46.38
N LYS A 231 -21.54 6.77 -45.93
CA LYS A 231 -21.61 7.95 -46.78
C LYS A 231 -20.24 8.63 -46.93
N ASP A 232 -20.19 9.60 -47.85
CA ASP A 232 -18.99 10.40 -48.09
C ASP A 232 -18.48 11.04 -46.80
N ILE A 233 -17.18 10.87 -46.53
CA ILE A 233 -16.63 11.28 -45.24
C ILE A 233 -15.27 11.96 -45.43
N TYR A 234 -15.07 13.07 -44.69
CA TYR A 234 -13.81 13.79 -44.60
C TYR A 234 -13.13 13.44 -43.27
N THR A 235 -11.99 12.74 -43.32
CA THR A 235 -11.31 12.34 -42.09
C THR A 235 -9.80 12.53 -42.23
N MET A 236 -9.12 12.55 -41.08
CA MET A 236 -7.78 13.08 -40.93
C MET A 236 -6.72 12.00 -41.11
N MET A 237 -5.51 12.45 -41.44
CA MET A 237 -4.39 11.54 -41.68
C MET A 237 -4.05 10.74 -40.42
N GLY A 238 -3.82 9.44 -40.61
CA GLY A 238 -3.36 8.56 -39.56
C GLY A 238 -4.44 7.97 -38.70
N GLN A 239 -5.69 8.38 -38.90
CA GLN A 239 -6.81 7.87 -38.14
C GLN A 239 -7.12 6.43 -38.53
N ASN A 240 -7.70 5.68 -37.58
CA ASN A 240 -8.25 4.37 -37.85
C ASN A 240 -9.73 4.53 -38.20
N VAL A 241 -10.12 4.09 -39.40
CA VAL A 241 -11.47 4.33 -39.90
C VAL A 241 -12.14 3.02 -40.31
N THR A 242 -13.47 2.97 -40.10
CA THR A 242 -14.24 1.73 -40.16
C THR A 242 -15.44 1.92 -41.07
N LEU A 243 -15.76 0.89 -41.86
CA LEU A 243 -16.83 0.95 -42.85
C LEU A 243 -17.86 -0.15 -42.62
N GLU A 244 -19.12 0.26 -42.42
CA GLU A 244 -20.31 -0.60 -42.36
C GLU A 244 -20.98 -0.74 -43.73
N CYS A 245 -21.37 -1.96 -44.09
CA CYS A 245 -22.17 -2.19 -45.30
C CYS A 245 -23.01 -3.46 -45.15
N PHE A 246 -24.34 -3.34 -45.19
CA PHE A 246 -25.19 -4.49 -44.92
C PHE A 246 -26.45 -4.53 -45.80
N ALA A 247 -26.81 -5.74 -46.20
CA ALA A 247 -28.00 -6.01 -47.00
C ALA A 247 -28.71 -7.25 -46.47
N LEU A 248 -29.94 -7.44 -46.94
CA LEU A 248 -30.85 -8.47 -46.50
C LEU A 248 -31.21 -9.41 -47.64
N GLY A 249 -31.86 -10.51 -47.28
CA GLY A 249 -32.34 -11.54 -48.19
C GLY A 249 -32.38 -12.89 -47.50
N ASN A 250 -33.28 -13.76 -47.98
CA ASN A 250 -33.32 -15.13 -47.47
C ASN A 250 -32.00 -15.86 -47.61
N PRO A 251 -31.35 -15.90 -48.78
CA PRO A 251 -30.02 -16.51 -48.84
C PRO A 251 -29.01 -15.53 -48.26
N VAL A 252 -28.36 -15.94 -47.18
CA VAL A 252 -27.32 -15.17 -46.48
C VAL A 252 -26.51 -14.36 -47.49
N PRO A 253 -26.69 -13.04 -47.54
CA PRO A 253 -26.04 -12.22 -48.57
C PRO A 253 -24.55 -12.07 -48.34
N ASP A 254 -23.79 -12.25 -49.42
CA ASP A 254 -22.33 -12.20 -49.39
C ASP A 254 -21.87 -10.80 -49.79
N ILE A 255 -20.98 -10.21 -48.99
CA ILE A 255 -20.57 -8.82 -49.16
C ILE A 255 -19.10 -8.78 -49.53
N ARG A 256 -18.76 -8.00 -50.57
CA ARG A 256 -17.41 -7.91 -51.08
C ARG A 256 -17.00 -6.45 -51.28
N TRP A 257 -15.77 -6.12 -50.89
CA TRP A 257 -15.25 -4.76 -50.91
C TRP A 257 -14.14 -4.63 -51.94
N ARG A 258 -14.06 -3.47 -52.60
CA ARG A 258 -12.92 -3.18 -53.46
C ARG A 258 -12.78 -1.68 -53.66
N LYS A 259 -11.65 -1.27 -54.23
CA LYS A 259 -11.41 0.10 -54.64
C LYS A 259 -11.71 0.26 -56.13
N VAL A 260 -12.22 1.44 -56.50
CA VAL A 260 -12.66 1.70 -57.87
C VAL A 260 -11.52 1.50 -58.86
N LEU A 261 -10.50 2.37 -58.82
CA LEU A 261 -9.51 2.46 -59.88
C LEU A 261 -8.10 2.56 -59.30
N GLU A 262 -7.88 1.88 -58.18
CA GLU A 262 -6.60 1.85 -57.49
C GLU A 262 -6.55 0.56 -56.67
N PRO A 263 -5.37 0.14 -56.24
CA PRO A 263 -5.29 -1.02 -55.34
C PRO A 263 -5.65 -0.64 -53.90
N MET A 264 -6.11 -1.65 -53.16
CA MET A 264 -6.44 -1.46 -51.76
C MET A 264 -5.20 -1.05 -50.97
N PRO A 265 -5.34 -0.18 -49.97
CA PRO A 265 -4.20 0.14 -49.11
C PRO A 265 -3.72 -1.09 -48.35
N SER A 266 -2.39 -1.24 -48.28
CA SER A 266 -1.74 -2.30 -47.52
C SER A 266 -2.39 -2.54 -46.16
N THR A 267 -2.71 -1.45 -45.45
CA THR A 267 -3.23 -1.52 -44.09
C THR A 267 -4.75 -1.72 -44.13
N ALA A 268 -5.15 -2.90 -44.59
CA ALA A 268 -6.56 -3.27 -44.69
C ALA A 268 -6.77 -4.66 -44.11
N GLU A 269 -7.82 -4.81 -43.29
CA GLU A 269 -8.17 -6.07 -42.65
C GLU A 269 -9.66 -6.31 -42.77
N ILE A 270 -10.03 -7.50 -43.26
CA ILE A 270 -11.39 -7.72 -43.76
C ILE A 270 -12.34 -8.20 -42.65
N SER A 271 -11.83 -8.96 -41.68
CA SER A 271 -12.59 -9.49 -40.54
C SER A 271 -13.47 -10.67 -40.92
N THR A 272 -14.02 -11.36 -39.91
CA THR A 272 -14.79 -12.57 -40.14
C THR A 272 -16.15 -12.26 -40.76
N SER A 273 -16.88 -11.31 -40.17
CA SER A 273 -18.21 -10.94 -40.66
C SER A 273 -18.20 -10.67 -42.17
N GLY A 274 -17.15 -10.03 -42.67
CA GLY A 274 -17.11 -9.66 -44.07
C GLY A 274 -18.02 -8.52 -44.44
N ALA A 275 -18.60 -7.84 -43.45
CA ALA A 275 -19.43 -6.66 -43.66
C ALA A 275 -18.81 -5.40 -43.09
N VAL A 276 -17.67 -5.51 -42.42
CA VAL A 276 -17.02 -4.41 -41.71
C VAL A 276 -15.58 -4.34 -42.19
N LEU A 277 -15.12 -3.14 -42.52
CA LEU A 277 -13.78 -2.96 -43.08
C LEU A 277 -12.97 -1.97 -42.27
N LYS A 278 -11.75 -2.36 -41.91
CA LYS A 278 -10.80 -1.58 -41.13
C LYS A 278 -9.76 -0.94 -42.03
N ILE A 279 -9.42 0.32 -41.75
CA ILE A 279 -8.24 0.97 -42.29
C ILE A 279 -7.41 1.53 -41.14
N PHE A 280 -6.21 0.96 -40.94
CA PHE A 280 -5.21 1.55 -40.06
C PHE A 280 -4.43 2.63 -40.79
N ASN A 281 -4.14 3.72 -40.08
CA ASN A 281 -3.17 4.72 -40.53
C ASN A 281 -3.44 5.17 -41.96
N ILE A 282 -4.64 5.75 -42.14
CA ILE A 282 -5.01 6.34 -43.43
C ILE A 282 -3.91 7.27 -43.91
N GLN A 283 -3.46 7.05 -45.14
CA GLN A 283 -2.43 7.84 -45.79
C GLN A 283 -3.03 8.71 -46.88
N LEU A 284 -2.16 9.48 -47.54
CA LEU A 284 -2.59 10.35 -48.64
C LEU A 284 -3.20 9.54 -49.77
N GLU A 285 -2.75 8.30 -49.94
CA GLU A 285 -3.08 7.53 -51.14
C GLU A 285 -4.53 7.08 -51.14
N ASP A 286 -5.10 6.86 -49.95
CA ASP A 286 -6.39 6.18 -49.82
C ASP A 286 -7.56 7.02 -50.34
N GLU A 287 -7.40 8.34 -50.39
CA GLU A 287 -8.39 9.25 -50.97
C GLU A 287 -9.02 8.69 -52.24
N GLY A 288 -10.35 8.80 -52.34
CA GLY A 288 -11.06 8.37 -53.53
C GLY A 288 -12.28 7.53 -53.19
N LEU A 289 -12.74 6.77 -54.18
CA LEU A 289 -13.98 6.01 -54.09
C LEU A 289 -13.74 4.56 -53.67
N TYR A 290 -14.60 4.04 -52.80
CA TYR A 290 -14.58 2.65 -52.37
C TYR A 290 -15.93 2.00 -52.65
N GLU A 291 -15.90 0.83 -53.27
CA GLU A 291 -17.10 0.11 -53.74
C GLU A 291 -17.42 -1.04 -52.80
N CYS A 292 -18.70 -1.11 -52.36
CA CYS A 292 -19.27 -2.22 -51.63
C CYS A 292 -20.31 -2.92 -52.50
N GLU A 293 -20.12 -4.23 -52.74
CA GLU A 293 -21.04 -5.04 -53.52
C GLU A 293 -21.72 -6.06 -52.59
N ALA A 294 -23.02 -5.90 -52.39
CA ALA A 294 -23.82 -6.85 -51.62
C ALA A 294 -24.58 -7.76 -52.58
N GLU A 295 -24.33 -9.07 -52.50
CA GLU A 295 -24.89 -10.04 -53.41
C GLU A 295 -25.59 -11.15 -52.61
N ASN A 296 -26.20 -12.07 -53.35
CA ASN A 296 -26.81 -13.27 -52.80
C ASN A 296 -26.92 -14.28 -53.94
N ILE A 297 -27.78 -15.28 -53.79
CA ILE A 297 -27.98 -16.22 -54.89
C ILE A 297 -28.77 -15.56 -56.00
N ARG A 298 -29.80 -14.79 -55.65
CA ARG A 298 -30.69 -14.20 -56.66
C ARG A 298 -30.05 -13.00 -57.35
N GLY A 299 -29.93 -11.88 -56.63
CA GLY A 299 -29.55 -10.61 -57.23
C GLY A 299 -28.42 -9.88 -56.51
N LYS A 300 -28.35 -8.56 -56.65
CA LYS A 300 -27.21 -7.80 -56.14
C LYS A 300 -27.59 -6.34 -55.97
N ASP A 301 -26.71 -5.59 -55.31
CA ASP A 301 -26.77 -4.14 -55.25
C ASP A 301 -25.40 -3.59 -54.87
N LYS A 302 -25.17 -2.31 -55.16
CA LYS A 302 -23.87 -1.67 -55.00
C LYS A 302 -23.99 -0.33 -54.28
N HIS A 303 -22.92 0.05 -53.56
CA HIS A 303 -22.76 1.41 -53.05
C HIS A 303 -21.31 1.89 -53.18
N GLN A 304 -21.14 3.10 -53.73
CA GLN A 304 -19.82 3.73 -53.86
C GLN A 304 -19.71 4.92 -52.91
N ALA A 305 -18.63 4.98 -52.13
CA ALA A 305 -18.45 6.00 -51.10
C ALA A 305 -17.15 6.80 -51.30
N ARG A 306 -17.21 8.10 -50.99
CA ARG A 306 -16.08 9.02 -51.10
C ARG A 306 -15.32 9.10 -49.77
N ILE A 307 -14.00 8.89 -49.83
CA ILE A 307 -13.09 9.07 -48.70
C ILE A 307 -12.17 10.25 -49.01
N TYR A 308 -12.34 11.35 -48.26
CA TYR A 308 -11.46 12.51 -48.34
C TYR A 308 -10.45 12.51 -47.20
N VAL A 309 -9.16 12.56 -47.56
CA VAL A 309 -8.06 12.61 -46.59
C VAL A 309 -7.76 14.04 -46.22
N GLN A 310 -7.72 14.31 -44.91
CA GLN A 310 -7.30 15.58 -44.31
C GLN A 310 -6.12 15.30 -43.38
N ALA A 311 -5.60 16.36 -42.75
CA ALA A 311 -4.51 16.21 -41.80
C ALA A 311 -4.48 17.41 -40.86
N PHE A 312 -4.50 17.14 -39.55
CA PHE A 312 -4.22 18.17 -38.56
C PHE A 312 -2.83 18.77 -38.80
N PRO A 313 -2.63 20.03 -38.40
CA PRO A 313 -1.28 20.60 -38.42
C PRO A 313 -0.32 19.81 -37.55
N GLU A 314 0.79 19.37 -38.15
CA GLU A 314 1.81 18.59 -37.45
C GLU A 314 3.19 19.18 -37.74
N TRP A 315 4.01 19.25 -36.70
CA TRP A 315 5.24 20.04 -36.73
C TRP A 315 6.31 19.43 -37.63
N VAL A 316 7.21 20.29 -38.12
CA VAL A 316 8.39 19.83 -38.84
C VAL A 316 9.64 20.48 -38.25
N GLU A 317 9.62 21.80 -38.10
CA GLU A 317 10.67 22.54 -37.42
C GLU A 317 10.05 23.48 -36.38
N HIS A 318 9.43 22.89 -35.35
CA HIS A 318 9.03 23.64 -34.17
C HIS A 318 10.20 24.42 -33.58
N ILE A 319 9.86 25.57 -32.99
CA ILE A 319 10.85 26.53 -32.51
C ILE A 319 11.48 26.05 -31.20
N ASN A 320 12.67 26.61 -30.89
CA ASN A 320 13.34 26.39 -29.61
C ASN A 320 13.77 27.73 -29.02
N ASP A 321 14.04 27.70 -27.70
CA ASP A 321 14.62 28.81 -26.96
C ASP A 321 15.84 29.42 -27.67
N THR A 322 15.72 30.66 -28.14
CA THR A 322 16.82 31.31 -28.86
C THR A 322 17.23 32.62 -28.19
N GLU A 323 18.53 32.92 -28.26
CA GLU A 323 19.09 34.16 -27.72
C GLU A 323 19.97 34.81 -28.77
N VAL A 324 19.79 36.12 -29.00
CA VAL A 324 20.62 36.88 -29.93
C VAL A 324 20.91 38.26 -29.32
N ASP A 325 21.69 39.05 -30.05
CA ASP A 325 22.09 40.39 -29.68
C ASP A 325 21.11 41.43 -30.20
N ILE A 326 21.20 42.64 -29.66
CA ILE A 326 20.36 43.74 -30.12
C ILE A 326 20.83 44.23 -31.49
N GLY A 327 19.89 44.63 -32.33
CA GLY A 327 20.18 45.19 -33.63
C GLY A 327 20.40 44.17 -34.73
N SER A 328 20.53 42.90 -34.38
CA SER A 328 20.72 41.85 -35.38
C SER A 328 19.42 41.55 -36.12
N ASP A 329 19.54 41.32 -37.42
CA ASP A 329 18.39 40.97 -38.25
C ASP A 329 18.04 39.50 -38.03
N LEU A 330 16.77 39.23 -37.71
CA LEU A 330 16.33 37.91 -37.26
C LEU A 330 15.26 37.34 -38.20
N TYR A 331 15.30 36.02 -38.37
CA TYR A 331 14.23 35.24 -39.00
C TYR A 331 13.89 34.03 -38.12
N TRP A 332 12.59 33.89 -37.79
CA TRP A 332 12.06 32.74 -37.05
C TRP A 332 11.50 31.69 -38.00
N PRO A 333 12.18 30.53 -38.19
CA PRO A 333 11.62 29.40 -38.96
C PRO A 333 10.64 28.55 -38.16
N CYS A 334 9.35 28.71 -38.47
CA CYS A 334 8.24 27.98 -37.84
C CYS A 334 7.46 27.27 -38.94
N ILE A 335 7.48 25.93 -38.93
CA ILE A 335 6.92 25.14 -40.04
C ILE A 335 6.11 23.96 -39.50
N ALA A 336 4.84 23.88 -39.95
CA ALA A 336 3.99 22.73 -39.74
C ALA A 336 3.33 22.35 -41.07
N THR A 337 2.72 21.16 -41.12
CA THR A 337 2.07 20.67 -42.33
C THR A 337 0.66 20.18 -42.01
N GLY A 338 -0.29 20.62 -42.82
CA GLY A 338 -1.64 20.10 -42.77
C GLY A 338 -2.21 19.97 -44.17
N LYS A 339 -3.17 19.07 -44.34
CA LYS A 339 -3.88 18.99 -45.61
C LYS A 339 -4.54 20.33 -45.94
N PRO A 340 -5.24 21.01 -45.02
CA PRO A 340 -5.60 22.41 -45.26
C PRO A 340 -4.45 23.31 -44.83
N ILE A 341 -3.81 23.98 -45.79
CA ILE A 341 -2.54 24.69 -45.58
C ILE A 341 -2.56 25.50 -44.29
N PRO A 342 -1.62 25.24 -43.38
CA PRO A 342 -1.68 25.85 -42.04
C PRO A 342 -1.42 27.35 -42.05
N THR A 343 -2.29 28.09 -41.36
CA THR A 343 -2.09 29.50 -41.07
C THR A 343 -1.30 29.67 -39.78
N ILE A 344 -0.37 30.63 -39.79
CA ILE A 344 0.59 30.83 -38.71
C ILE A 344 0.28 32.15 -38.00
N ARG A 345 0.23 32.11 -36.67
CA ARG A 345 -0.02 33.27 -35.82
C ARG A 345 1.11 33.40 -34.80
N TRP A 346 1.48 34.65 -34.47
CA TRP A 346 2.57 34.96 -33.54
C TRP A 346 2.05 35.81 -32.39
N LEU A 347 1.89 35.16 -31.22
CA LEU A 347 1.45 35.81 -29.99
C LEU A 347 2.65 36.27 -29.18
N LYS A 348 2.64 37.54 -28.78
CA LYS A 348 3.63 38.10 -27.87
C LYS A 348 3.00 38.31 -26.50
N ASN A 349 3.48 37.56 -25.49
CA ASN A 349 3.01 37.67 -24.11
C ASN A 349 1.50 37.54 -24.04
N GLY A 350 0.98 36.54 -24.74
CA GLY A 350 -0.40 36.12 -24.60
C GLY A 350 -1.37 36.90 -25.44
N TYR A 351 -0.89 37.67 -26.42
CA TYR A 351 -1.73 38.40 -27.36
C TYR A 351 -1.03 38.39 -28.71
N SER A 352 -1.83 38.37 -29.78
CA SER A 352 -1.29 38.39 -31.13
C SER A 352 -0.45 39.64 -31.36
N TYR A 353 0.75 39.44 -31.87
CA TYR A 353 1.63 40.53 -32.26
C TYR A 353 1.83 40.53 -33.76
N HIS A 354 2.30 39.42 -34.34
CA HIS A 354 2.49 39.34 -35.78
C HIS A 354 1.61 38.25 -36.38
N LYS A 355 1.24 38.43 -37.66
CA LYS A 355 0.37 37.48 -38.34
C LYS A 355 0.94 37.08 -39.70
N GLY A 356 2.26 37.04 -39.82
CA GLY A 356 2.91 36.68 -41.06
C GLY A 356 4.32 36.22 -40.80
N GLU A 357 5.07 36.05 -41.89
CA GLU A 357 6.49 35.70 -41.78
C GLU A 357 7.17 36.61 -40.76
N LEU A 358 7.66 36.01 -39.67
CA LEU A 358 8.24 36.78 -38.56
C LEU A 358 9.70 37.15 -38.84
N ARG A 359 9.91 37.92 -39.92
CA ARG A 359 11.24 38.43 -40.21
C ARG A 359 11.36 39.80 -39.54
N LEU A 360 12.29 39.91 -38.59
CA LEU A 360 12.48 41.13 -37.81
C LEU A 360 13.82 41.77 -38.13
N TYR A 361 13.81 43.10 -38.20
CA TYR A 361 15.03 43.88 -38.34
C TYR A 361 15.15 44.82 -37.16
N ASP A 362 16.39 44.98 -36.66
CA ASP A 362 16.73 45.98 -35.66
C ASP A 362 16.06 45.69 -34.32
N VAL A 363 16.51 44.62 -33.67
CA VAL A 363 15.96 44.20 -32.37
C VAL A 363 16.17 45.31 -31.32
N THR A 364 15.31 45.30 -30.31
CA THR A 364 15.38 46.27 -29.21
C THR A 364 15.18 45.56 -27.88
N PHE A 365 15.49 46.28 -26.80
CA PHE A 365 15.17 45.89 -25.43
C PHE A 365 13.81 45.21 -25.31
N GLU A 366 12.76 45.91 -25.77
CA GLU A 366 11.40 45.62 -25.33
C GLU A 366 10.83 44.39 -26.01
N ASN A 367 11.32 44.07 -27.21
CA ASN A 367 10.84 42.91 -27.97
C ASN A 367 11.01 41.61 -27.18
N ALA A 368 12.14 41.47 -26.48
CA ALA A 368 12.53 40.21 -25.84
C ALA A 368 11.40 39.61 -25.01
N GLY A 369 11.45 38.28 -24.85
CA GLY A 369 10.56 37.58 -23.95
C GLY A 369 9.93 36.33 -24.53
N MET A 370 8.60 36.23 -24.45
CA MET A 370 7.90 34.96 -24.68
C MET A 370 7.08 35.06 -25.97
N TYR A 371 7.36 34.17 -26.92
CA TYR A 371 6.70 34.19 -28.22
C TYR A 371 6.06 32.84 -28.51
N GLN A 372 4.81 32.87 -28.96
CA GLN A 372 4.02 31.67 -29.21
C GLN A 372 3.64 31.58 -30.67
N CYS A 373 4.15 30.54 -31.35
CA CYS A 373 3.84 30.22 -32.73
C CYS A 373 2.69 29.21 -32.77
N ILE A 374 1.52 29.65 -33.20
CA ILE A 374 0.36 28.76 -33.35
C ILE A 374 0.14 28.48 -34.83
N ALA A 375 -0.12 27.21 -35.15
CA ALA A 375 -0.51 26.79 -36.49
C ALA A 375 -1.95 26.30 -36.45
N GLU A 376 -2.87 27.08 -37.02
CA GLU A 376 -4.26 26.67 -37.12
C GLU A 376 -4.71 26.62 -38.57
N ASN A 377 -5.55 25.64 -38.90
CA ASN A 377 -6.19 25.55 -40.22
C ASN A 377 -7.70 25.73 -40.08
N ALA A 378 -8.46 25.28 -41.08
CA ALA A 378 -9.90 25.28 -40.94
C ALA A 378 -10.39 24.34 -39.86
N TYR A 379 -9.58 23.33 -39.50
CA TYR A 379 -9.99 22.26 -38.61
C TYR A 379 -9.41 22.47 -37.21
N GLY A 380 -8.08 22.33 -37.08
CA GLY A 380 -7.45 22.20 -35.78
C GLY A 380 -6.30 23.18 -35.61
N SER A 381 -5.77 23.21 -34.38
CA SER A 381 -4.72 24.14 -34.00
C SER A 381 -3.65 23.44 -33.17
N ILE A 382 -2.41 23.90 -33.30
CA ILE A 382 -1.27 23.39 -32.52
C ILE A 382 -0.40 24.56 -32.04
N TYR A 383 0.17 24.39 -30.85
CA TYR A 383 0.96 25.40 -30.12
C TYR A 383 2.46 25.11 -30.16
N ALA A 384 3.26 26.18 -30.16
CA ALA A 384 4.71 26.04 -29.91
C ALA A 384 5.23 27.29 -29.20
N ASN A 385 5.77 27.14 -27.99
CA ASN A 385 6.26 28.26 -27.20
C ASN A 385 7.79 28.35 -27.24
N ALA A 386 8.32 29.57 -27.29
CA ALA A 386 9.77 29.79 -27.25
C ALA A 386 10.11 31.10 -26.57
N GLU A 387 11.24 31.10 -25.86
CA GLU A 387 11.78 32.31 -25.25
C GLU A 387 12.88 32.89 -26.14
N LEU A 388 12.71 34.15 -26.56
CA LEU A 388 13.72 34.91 -27.28
C LEU A 388 14.40 35.86 -26.30
N LYS A 389 15.70 35.66 -26.09
CA LYS A 389 16.50 36.47 -25.17
C LYS A 389 17.41 37.43 -25.92
N ILE A 390 17.68 38.57 -25.28
CA ILE A 390 18.40 39.69 -25.88
C ILE A 390 19.67 39.95 -25.08
N LEU A 391 20.77 40.23 -25.79
CA LEU A 391 22.07 40.47 -25.16
C LEU A 391 22.59 41.87 -25.45
N ALA A 392 23.26 42.46 -24.46
CA ALA A 392 23.95 43.74 -24.60
C ALA A 392 25.01 43.92 -23.51
N LEU A 393 25.85 42.91 -23.33
CA LEU A 393 26.86 42.88 -22.28
C LEU A 393 28.18 43.52 -22.70
N ALA A 394 28.84 44.16 -21.73
CA ALA A 394 30.22 44.57 -21.88
C ALA A 394 31.16 43.37 -21.84
N PRO A 395 32.26 43.40 -22.59
CA PRO A 395 33.17 42.26 -22.63
C PRO A 395 33.88 42.04 -21.29
N THR A 396 34.03 40.76 -20.92
CA THR A 396 34.83 40.37 -19.77
C THR A 396 35.67 39.15 -20.13
N PHE A 397 36.78 38.97 -19.40
CA PHE A 397 37.64 37.80 -19.54
C PHE A 397 37.46 36.81 -18.40
N GLU A 398 36.45 37.04 -17.54
CA GLU A 398 36.12 36.11 -16.46
C GLU A 398 36.11 34.67 -16.95
N MET A 399 35.42 34.41 -18.05
CA MET A 399 35.10 33.06 -18.49
C MET A 399 36.23 32.47 -19.34
N ASN A 400 36.67 33.20 -20.37
CA ASN A 400 37.72 32.75 -21.28
C ASN A 400 38.89 33.72 -21.24
N PRO A 401 39.69 33.70 -20.17
CA PRO A 401 40.88 34.54 -20.11
C PRO A 401 42.01 34.01 -20.99
N MET A 402 43.03 34.85 -21.17
CA MET A 402 44.24 34.47 -21.89
C MET A 402 45.15 33.63 -21.01
N LYS A 403 45.66 32.53 -21.58
CA LYS A 403 46.80 31.85 -20.97
C LYS A 403 48.03 32.74 -21.00
N LYS A 404 48.66 32.91 -19.84
CA LYS A 404 49.74 33.89 -19.71
C LYS A 404 51.00 33.49 -20.48
N LYS A 405 51.26 32.19 -20.63
CA LYS A 405 52.53 31.69 -21.16
C LYS A 405 52.30 30.87 -22.41
N ILE A 406 53.10 31.13 -23.46
CA ILE A 406 52.93 30.48 -24.76
C ILE A 406 54.31 30.23 -25.38
N LEU A 407 54.39 29.19 -26.20
CA LEU A 407 55.64 28.67 -26.76
C LEU A 407 55.69 28.86 -28.28
N ALA A 408 56.90 28.99 -28.82
CA ALA A 408 57.08 29.15 -30.26
C ALA A 408 58.43 28.62 -30.70
N ALA A 409 58.51 28.21 -31.97
CA ALA A 409 59.75 27.77 -32.61
C ALA A 409 60.04 28.59 -33.86
N LYS A 410 61.31 28.65 -34.23
CA LYS A 410 61.73 29.36 -35.43
C LYS A 410 61.16 28.69 -36.67
N GLY A 411 60.76 29.49 -37.65
CA GLY A 411 60.34 28.98 -38.94
C GLY A 411 59.05 28.22 -38.91
N GLY A 412 58.20 28.47 -37.93
CA GLY A 412 56.94 27.74 -37.80
C GLY A 412 55.78 28.68 -37.59
N ARG A 413 54.67 28.38 -38.26
CA ARG A 413 53.43 29.13 -38.04
C ARG A 413 52.91 28.92 -36.63
N VAL A 414 52.50 30.01 -35.98
CA VAL A 414 51.93 29.96 -34.63
C VAL A 414 50.74 30.90 -34.53
N VAL A 415 49.69 30.43 -33.82
CA VAL A 415 48.37 31.07 -33.80
C VAL A 415 47.92 31.18 -32.34
N ILE A 416 47.28 32.30 -31.99
CA ILE A 416 46.87 32.59 -30.63
C ILE A 416 45.38 32.98 -30.59
N GLU A 417 44.62 32.33 -29.71
CA GLU A 417 43.20 32.61 -29.52
C GLU A 417 43.00 33.80 -28.59
N CYS A 418 42.30 34.83 -29.06
CA CYS A 418 41.73 35.87 -28.20
C CYS A 418 40.20 35.89 -28.37
N LYS A 419 39.52 34.96 -27.72
CA LYS A 419 38.06 34.84 -27.79
C LYS A 419 37.43 35.12 -26.44
N PRO A 420 37.05 36.37 -26.13
CA PRO A 420 36.22 36.63 -24.96
C PRO A 420 34.72 36.65 -25.28
N LYS A 421 33.90 36.96 -24.29
CA LYS A 421 32.44 36.95 -24.42
C LYS A 421 31.92 38.39 -24.35
N ALA A 422 31.59 38.94 -25.51
CA ALA A 422 30.96 40.26 -25.61
C ALA A 422 29.67 40.13 -26.41
N ALA A 423 28.84 41.17 -26.31
CA ALA A 423 27.56 41.16 -27.02
C ALA A 423 27.73 41.49 -28.51
N PRO A 424 28.04 42.75 -28.89
CA PRO A 424 27.78 43.17 -30.27
C PRO A 424 28.89 42.81 -31.24
N LYS A 425 29.64 41.74 -30.95
CA LYS A 425 30.75 41.29 -31.79
C LYS A 425 31.75 42.41 -32.05
N PRO A 426 32.43 42.91 -31.00
CA PRO A 426 33.26 44.10 -31.14
C PRO A 426 34.56 43.91 -31.89
N LYS A 427 35.38 44.97 -31.93
CA LYS A 427 36.62 45.00 -32.69
C LYS A 427 37.82 44.64 -31.79
N PHE A 428 38.93 44.27 -32.43
CA PHE A 428 40.03 43.62 -31.75
C PHE A 428 41.32 44.42 -31.93
N SER A 429 42.29 44.16 -31.05
CA SER A 429 43.62 44.76 -31.22
C SER A 429 44.65 44.02 -30.38
N TRP A 430 45.91 44.15 -30.82
CA TRP A 430 47.07 43.50 -30.20
C TRP A 430 48.19 44.52 -30.07
N SER A 431 48.93 44.47 -28.95
CA SER A 431 49.85 45.55 -28.61
C SER A 431 51.10 45.00 -27.93
N LYS A 432 52.27 45.25 -28.52
CA LYS A 432 53.54 44.74 -28.01
C LYS A 432 54.31 45.85 -27.30
N GLY A 433 53.73 46.33 -26.20
CA GLY A 433 54.40 47.28 -25.32
C GLY A 433 54.61 48.64 -25.95
N THR A 434 55.48 48.71 -26.96
CA THR A 434 55.76 49.96 -27.66
C THR A 434 55.43 49.86 -29.15
N GLU A 435 54.58 48.89 -29.52
CA GLU A 435 54.14 48.73 -30.90
C GLU A 435 52.67 48.36 -30.92
N TRP A 436 51.93 48.99 -31.83
CA TRP A 436 50.62 48.50 -32.25
C TRP A 436 50.78 47.61 -33.48
N LEU A 437 50.19 46.42 -33.43
CA LEU A 437 50.34 45.41 -34.48
C LEU A 437 49.08 45.32 -35.33
N VAL A 438 49.27 45.10 -36.64
CA VAL A 438 48.20 45.17 -37.62
C VAL A 438 48.43 44.15 -38.74
N ASN A 439 47.47 44.05 -39.65
CA ASN A 439 47.58 43.17 -40.83
C ASN A 439 48.83 43.51 -41.63
N SER A 440 49.59 42.48 -42.01
CA SER A 440 50.87 42.65 -42.69
C SER A 440 51.07 41.49 -43.67
N SER A 441 52.30 41.34 -44.16
CA SER A 441 52.65 40.27 -45.09
C SER A 441 52.52 38.92 -44.39
N ARG A 442 53.41 38.66 -43.44
CA ARG A 442 53.42 37.38 -42.73
C ARG A 442 52.51 37.41 -41.51
N ILE A 443 52.14 38.61 -41.05
CA ILE A 443 51.34 38.80 -39.85
C ILE A 443 49.93 39.17 -40.29
N LEU A 444 48.94 38.42 -39.80
CA LEU A 444 47.55 38.74 -40.09
C LEU A 444 46.73 38.58 -38.82
N ILE A 445 45.72 39.44 -38.69
CA ILE A 445 44.72 39.33 -37.63
C ILE A 445 43.38 39.11 -38.34
N TRP A 446 43.05 37.84 -38.61
CA TRP A 446 41.71 37.53 -39.07
C TRP A 446 40.67 37.98 -38.04
N GLU A 447 39.45 38.21 -38.50
CA GLU A 447 38.51 39.02 -37.73
C GLU A 447 37.87 38.27 -36.57
N ASP A 448 38.11 36.96 -36.45
CA ASP A 448 37.57 36.20 -35.32
C ASP A 448 38.29 36.52 -34.03
N GLY A 449 39.46 37.17 -34.10
CA GLY A 449 40.18 37.67 -32.95
C GLY A 449 41.50 36.98 -32.70
N SER A 450 41.72 35.81 -33.29
CA SER A 450 42.99 35.11 -33.18
C SER A 450 44.06 35.82 -34.01
N LEU A 451 45.32 35.47 -33.73
CA LEU A 451 46.48 36.15 -34.29
C LEU A 451 47.43 35.11 -34.87
N GLU A 452 47.93 35.38 -36.08
CA GLU A 452 48.76 34.44 -36.83
C GLU A 452 50.15 35.04 -37.08
N ILE A 453 51.18 34.20 -36.98
CA ILE A 453 52.54 34.60 -37.38
C ILE A 453 53.19 33.43 -38.12
N ASN A 454 53.84 33.75 -39.25
CA ASN A 454 54.52 32.78 -40.09
C ASN A 454 56.03 33.04 -40.07
N ASN A 455 56.81 31.95 -40.07
CA ASN A 455 58.28 32.03 -40.12
C ASN A 455 58.83 32.94 -39.02
N ILE A 456 58.83 32.44 -37.80
CA ILE A 456 59.09 33.27 -36.63
C ILE A 456 60.60 33.52 -36.47
N THR A 457 60.93 34.61 -35.77
CA THR A 457 62.30 35.01 -35.50
C THR A 457 62.44 35.31 -34.01
N ARG A 458 63.70 35.46 -33.57
CA ARG A 458 63.98 35.70 -32.16
C ARG A 458 63.34 36.99 -31.65
N ASN A 459 63.24 38.01 -32.49
CA ASN A 459 62.71 39.29 -32.06
C ASN A 459 61.21 39.25 -31.77
N ASP A 460 60.52 38.20 -32.19
CA ASP A 460 59.08 38.11 -31.97
C ASP A 460 58.73 37.88 -30.51
N GLY A 461 59.54 37.07 -29.81
CA GLY A 461 59.31 36.80 -28.40
C GLY A 461 59.23 38.04 -27.53
N GLY A 462 58.20 38.14 -26.69
CA GLY A 462 58.11 39.27 -25.77
C GLY A 462 56.76 39.40 -25.10
N ILE A 463 56.42 40.65 -24.78
CA ILE A 463 55.23 40.98 -24.01
C ILE A 463 54.13 41.46 -24.96
N TYR A 464 53.07 40.66 -25.10
CA TYR A 464 51.92 41.00 -25.93
C TYR A 464 50.69 41.24 -25.07
N THR A 465 49.84 42.18 -25.46
CA THR A 465 48.57 42.40 -24.80
C THR A 465 47.44 42.33 -25.82
N CYS A 466 46.39 41.55 -25.50
CA CYS A 466 45.17 41.55 -26.30
C CYS A 466 44.15 42.52 -25.72
N PHE A 467 43.68 43.44 -26.57
CA PHE A 467 42.64 44.40 -26.22
C PHE A 467 41.36 44.06 -27.01
N ALA A 468 40.25 43.90 -26.28
CA ALA A 468 38.93 43.73 -26.87
C ALA A 468 38.16 45.03 -26.72
N GLU A 469 37.84 45.67 -27.86
CA GLU A 469 37.37 47.04 -27.96
C GLU A 469 35.90 47.01 -28.39
N ASN A 470 35.00 47.26 -27.44
CA ASN A 470 33.56 47.19 -27.65
C ASN A 470 32.94 48.58 -27.57
N ASN A 471 31.81 48.75 -28.28
CA ASN A 471 31.00 49.95 -28.17
C ASN A 471 30.79 50.35 -26.72
N ARG A 472 30.50 49.38 -25.85
CA ARG A 472 30.25 49.61 -24.43
C ARG A 472 31.39 48.94 -23.65
N GLY A 473 32.41 49.73 -23.33
CA GLY A 473 33.52 49.27 -22.52
C GLY A 473 34.50 48.40 -23.31
N LYS A 474 35.64 48.11 -22.66
CA LYS A 474 36.70 47.30 -23.25
C LYS A 474 37.28 46.38 -22.19
N ALA A 475 38.14 45.45 -22.63
CA ALA A 475 38.84 44.57 -21.71
C ALA A 475 40.26 44.30 -22.21
N ASN A 476 41.20 44.14 -21.26
CA ASN A 476 42.61 43.94 -21.60
C ASN A 476 43.19 42.72 -20.89
N SER A 477 43.83 41.83 -21.65
CA SER A 477 44.53 40.66 -21.10
C SER A 477 45.99 40.63 -21.53
N THR A 478 46.84 40.05 -20.67
CA THR A 478 48.29 40.06 -20.83
C THR A 478 48.83 38.67 -21.24
N GLY A 479 49.80 38.68 -22.15
CA GLY A 479 50.48 37.46 -22.57
C GLY A 479 51.97 37.64 -22.59
N THR A 480 52.70 36.62 -22.13
CA THR A 480 54.16 36.57 -22.19
C THR A 480 54.60 35.41 -23.07
N LEU A 481 55.42 35.69 -24.09
CA LEU A 481 55.74 34.74 -25.14
C LEU A 481 57.25 34.51 -25.25
N VAL A 482 57.66 33.24 -25.12
CA VAL A 482 59.07 32.82 -25.13
C VAL A 482 59.32 31.95 -26.36
N ILE A 483 60.51 32.10 -26.95
CA ILE A 483 60.93 31.33 -28.12
C ILE A 483 62.12 30.43 -27.76
N THR A 484 62.18 29.24 -28.36
CA THR A 484 63.19 28.24 -28.06
C THR A 484 63.86 27.70 -29.32
N ASN A 485 65.04 27.13 -29.13
CA ASN A 485 65.85 26.56 -30.22
C ASN A 485 65.16 25.37 -30.86
N PRO A 486 65.16 25.27 -32.20
CA PRO A 486 64.33 24.27 -32.88
C PRO A 486 64.79 22.84 -32.67
N THR A 487 63.81 21.94 -32.62
CA THR A 487 64.00 20.50 -32.45
C THR A 487 64.15 19.82 -33.81
N ARG A 488 65.36 19.38 -34.14
CA ARG A 488 65.57 18.75 -35.45
C ARG A 488 66.21 17.37 -35.29
N ILE A 489 66.26 16.62 -36.40
CA ILE A 489 66.73 15.24 -36.41
C ILE A 489 68.19 15.19 -36.85
N ILE A 490 69.04 14.67 -35.98
CA ILE A 490 70.46 14.49 -36.32
C ILE A 490 70.65 13.28 -37.21
N LEU A 491 70.20 12.11 -36.76
CA LEU A 491 70.35 10.84 -37.48
C LEU A 491 68.98 10.35 -37.94
N ALA A 492 68.85 10.11 -39.27
CA ALA A 492 67.63 9.64 -39.91
C ALA A 492 67.62 8.11 -40.01
N PRO A 493 66.44 7.51 -40.15
CA PRO A 493 66.35 6.05 -40.32
C PRO A 493 66.85 5.57 -41.66
N ILE A 494 67.45 4.37 -41.64
CA ILE A 494 68.01 3.72 -42.83
C ILE A 494 67.16 2.51 -43.21
N ASN A 495 67.03 2.26 -44.51
CA ASN A 495 66.23 1.16 -45.05
C ASN A 495 66.85 -0.19 -44.73
N ALA A 496 66.01 -1.24 -44.72
CA ALA A 496 66.45 -2.56 -44.33
C ALA A 496 65.69 -3.66 -45.07
N ASP A 497 66.37 -4.78 -45.30
CA ASP A 497 65.80 -5.99 -45.90
C ASP A 497 66.11 -7.18 -44.98
N ILE A 498 65.08 -7.97 -44.65
CA ILE A 498 65.23 -9.13 -43.78
C ILE A 498 64.29 -10.23 -44.23
N THR A 499 64.39 -11.39 -43.59
CA THR A 499 63.51 -12.52 -43.83
C THR A 499 62.45 -12.63 -42.72
N VAL A 500 61.59 -13.65 -42.84
CA VAL A 500 60.54 -13.86 -41.85
C VAL A 500 61.15 -14.35 -40.54
N GLY A 501 60.74 -13.74 -39.44
CA GLY A 501 61.15 -14.15 -38.11
C GLY A 501 62.34 -13.42 -37.57
N GLU A 502 62.78 -12.35 -38.23
CA GLU A 502 63.96 -11.60 -37.86
C GLU A 502 63.63 -10.56 -36.80
N ASN A 503 64.67 -10.09 -36.11
CA ASN A 503 64.58 -8.96 -35.19
C ASN A 503 65.18 -7.73 -35.86
N ALA A 504 64.37 -6.68 -36.01
CA ALA A 504 64.76 -5.49 -36.76
C ALA A 504 64.80 -4.26 -35.85
N THR A 505 65.61 -3.26 -36.25
CA THR A 505 65.80 -2.04 -35.47
C THR A 505 65.72 -0.82 -36.38
N MET A 506 64.99 0.20 -35.95
CA MET A 506 64.92 1.50 -36.61
C MET A 506 65.54 2.58 -35.72
N GLN A 507 66.43 3.39 -36.29
CA GLN A 507 67.23 4.36 -35.57
C GLN A 507 66.68 5.78 -35.72
N CYS A 508 66.78 6.58 -34.66
CA CYS A 508 66.29 7.95 -34.67
C CYS A 508 66.93 8.75 -33.53
N ALA A 509 67.52 9.90 -33.85
CA ALA A 509 68.14 10.79 -32.88
C ALA A 509 67.80 12.25 -33.17
N ALA A 510 67.51 13.02 -32.12
CA ALA A 510 67.07 14.40 -32.28
C ALA A 510 67.80 15.33 -31.30
N SER A 511 67.80 16.63 -31.64
CA SER A 511 68.34 17.69 -30.80
C SER A 511 67.25 18.73 -30.50
N PHE A 512 67.33 19.28 -29.28
CA PHE A 512 66.26 20.07 -28.67
C PHE A 512 66.87 21.01 -27.63
N ASP A 513 66.01 21.91 -27.10
CA ASP A 513 66.26 22.90 -26.05
C ASP A 513 65.83 22.33 -24.69
N PRO A 514 66.62 22.59 -23.64
CA PRO A 514 66.27 22.05 -22.31
C PRO A 514 64.90 22.47 -21.80
N ALA A 515 64.49 23.73 -22.03
CA ALA A 515 63.21 24.21 -21.51
C ALA A 515 62.03 23.37 -21.99
N LEU A 516 62.12 22.81 -23.19
CA LEU A 516 60.98 22.22 -23.88
C LEU A 516 60.68 20.80 -23.37
N ASP A 517 59.42 20.41 -23.53
CA ASP A 517 58.97 19.04 -23.31
C ASP A 517 58.83 18.31 -24.64
N LEU A 518 59.62 17.25 -24.82
CA LEU A 518 59.78 16.58 -26.11
C LEU A 518 59.23 15.15 -26.06
N THR A 519 58.77 14.66 -27.21
CA THR A 519 58.26 13.30 -27.37
C THR A 519 58.72 12.72 -28.71
N PHE A 520 58.70 11.38 -28.78
CA PHE A 520 58.99 10.62 -29.99
C PHE A 520 57.77 9.80 -30.40
N VAL A 521 57.41 9.84 -31.70
CA VAL A 521 56.24 9.11 -32.20
C VAL A 521 56.62 8.33 -33.45
N TRP A 522 56.31 7.03 -33.47
CA TRP A 522 56.59 6.14 -34.58
C TRP A 522 55.31 5.79 -35.33
N SER A 523 55.35 5.91 -36.67
CA SER A 523 54.19 5.65 -37.52
C SER A 523 54.53 4.61 -38.59
N PHE A 524 53.57 3.72 -38.87
CA PHE A 524 53.70 2.66 -39.87
C PHE A 524 52.77 2.94 -41.04
N ASN A 525 53.36 3.18 -42.21
CA ASN A 525 52.61 3.41 -43.46
C ASN A 525 51.68 4.60 -43.32
N GLY A 526 52.16 5.65 -42.66
CA GLY A 526 51.37 6.84 -42.45
C GLY A 526 50.20 6.63 -41.51
N TYR A 527 50.21 5.56 -40.73
CA TYR A 527 49.32 5.36 -39.61
C TYR A 527 50.16 5.30 -38.33
N VAL A 528 49.79 6.12 -37.35
CA VAL A 528 50.54 6.15 -36.10
C VAL A 528 50.27 4.88 -35.31
N ILE A 529 51.33 4.25 -34.81
CA ILE A 529 51.21 3.17 -33.85
C ILE A 529 50.86 3.77 -32.49
N ASP A 530 49.72 3.34 -31.93
CA ASP A 530 49.21 3.98 -30.72
C ASP A 530 50.00 3.57 -29.48
N PHE A 531 50.49 2.33 -29.44
CA PHE A 531 51.19 1.77 -28.28
C PHE A 531 50.29 1.70 -27.06
N ASN A 532 48.98 1.81 -27.26
CA ASN A 532 48.01 1.91 -26.17
C ASN A 532 47.28 0.60 -25.93
N LYS A 533 47.31 -0.31 -26.90
CA LYS A 533 46.62 -1.59 -26.82
C LYS A 533 47.62 -2.72 -26.85
N GLU A 534 47.28 -3.83 -26.20
CA GLU A 534 48.23 -4.91 -25.98
C GLU A 534 48.57 -5.65 -27.25
N ILE A 535 47.76 -5.54 -28.30
CA ILE A 535 48.03 -6.24 -29.54
C ILE A 535 49.30 -5.72 -30.20
N THR A 536 49.50 -4.40 -30.17
CA THR A 536 50.65 -3.81 -30.86
C THR A 536 51.96 -4.20 -30.19
N HIS A 537 51.96 -4.32 -28.87
CA HIS A 537 53.20 -4.58 -28.13
C HIS A 537 53.75 -5.97 -28.38
N ILE A 538 52.99 -6.85 -29.04
CA ILE A 538 53.47 -8.19 -29.31
C ILE A 538 54.75 -8.15 -30.12
N HIS A 539 54.74 -7.41 -31.23
CA HIS A 539 55.85 -7.36 -32.16
C HIS A 539 56.71 -6.11 -32.00
N TYR A 540 56.15 -5.00 -31.51
CA TYR A 540 56.81 -3.70 -31.47
C TYR A 540 57.26 -3.36 -30.05
N GLN A 541 58.41 -2.70 -29.94
CA GLN A 541 58.98 -2.35 -28.64
C GLN A 541 59.78 -1.06 -28.77
N ARG A 542 59.77 -0.25 -27.70
CA ARG A 542 60.41 1.06 -27.72
C ARG A 542 61.26 1.27 -26.47
N ASN A 543 62.45 1.86 -26.65
CA ASN A 543 63.47 1.98 -25.60
C ASN A 543 64.26 3.30 -25.77
N PHE A 544 63.61 4.42 -25.46
CA PHE A 544 64.26 5.73 -25.59
C PHE A 544 65.27 5.95 -24.46
N MET A 545 66.45 6.45 -24.81
CA MET A 545 67.55 6.58 -23.86
C MET A 545 68.52 7.65 -24.34
N LEU A 546 69.62 7.80 -23.60
CA LEU A 546 70.70 8.73 -23.93
C LEU A 546 70.19 10.18 -23.98
N ASP A 547 70.94 11.05 -24.64
CA ASP A 547 70.53 12.44 -24.80
C ASP A 547 69.73 12.65 -26.07
N ALA A 548 69.85 11.72 -27.03
CA ALA A 548 69.28 11.83 -28.35
C ALA A 548 68.56 10.57 -28.80
N ASN A 549 68.85 9.41 -28.20
CA ASN A 549 68.53 8.11 -28.78
C ASN A 549 67.06 7.77 -28.58
N GLY A 550 66.37 7.41 -29.67
CA GLY A 550 65.00 6.99 -29.63
C GLY A 550 64.63 5.98 -30.70
N GLU A 551 65.09 4.74 -30.55
CA GLU A 551 64.97 3.70 -31.56
C GLU A 551 63.74 2.82 -31.31
N LEU A 552 63.43 1.99 -32.31
CA LEU A 552 62.31 1.06 -32.26
C LEU A 552 62.76 -0.35 -32.63
N LEU A 553 62.19 -1.36 -31.96
CA LEU A 553 62.52 -2.77 -32.15
C LEU A 553 61.29 -3.53 -32.65
N ILE A 554 61.52 -4.44 -33.60
CA ILE A 554 60.49 -5.31 -34.15
C ILE A 554 60.92 -6.76 -33.96
N ARG A 555 60.03 -7.55 -33.36
CA ARG A 555 60.27 -8.98 -33.12
C ARG A 555 59.31 -9.82 -33.95
N ASN A 556 59.81 -10.94 -34.46
CA ASN A 556 59.01 -11.92 -35.22
C ASN A 556 58.29 -11.26 -36.40
N ALA A 557 59.10 -10.72 -37.31
CA ALA A 557 58.58 -10.05 -38.49
C ALA A 557 57.74 -11.00 -39.35
N GLN A 558 56.70 -10.44 -39.97
CA GLN A 558 55.78 -11.15 -40.83
C GLN A 558 55.72 -10.46 -42.20
N LEU A 559 54.98 -11.07 -43.12
CA LEU A 559 54.75 -10.45 -44.43
C LEU A 559 54.13 -9.07 -44.28
N LYS A 560 53.13 -8.93 -43.41
CA LYS A 560 52.38 -7.69 -43.28
C LYS A 560 53.20 -6.56 -42.67
N HIS A 561 54.26 -6.88 -41.91
CA HIS A 561 55.00 -5.85 -41.19
C HIS A 561 55.88 -5.01 -42.11
N ALA A 562 56.32 -5.57 -43.24
CA ALA A 562 57.12 -4.83 -44.19
C ALA A 562 56.42 -3.55 -44.65
N GLY A 563 57.16 -2.45 -44.67
CA GLY A 563 56.59 -1.21 -45.20
C GLY A 563 57.35 0.02 -44.72
N ARG A 564 56.62 1.14 -44.66
CA ARG A 564 57.20 2.46 -44.38
C ARG A 564 57.13 2.75 -42.88
N TYR A 565 58.28 3.04 -42.28
CA TYR A 565 58.37 3.43 -40.87
C TYR A 565 58.89 4.85 -40.75
N THR A 566 58.14 5.72 -40.07
CA THR A 566 58.46 7.14 -39.92
C THR A 566 58.62 7.51 -38.46
N CYS A 567 59.77 8.11 -38.12
CA CYS A 567 60.04 8.67 -36.81
C CYS A 567 59.76 10.17 -36.82
N THR A 568 58.98 10.64 -35.83
CA THR A 568 58.64 12.06 -35.69
C THR A 568 59.01 12.53 -34.29
N ALA A 569 59.98 13.44 -34.22
CA ALA A 569 60.33 14.13 -32.98
C ALA A 569 59.42 15.34 -32.81
N GLN A 570 58.47 15.25 -31.88
CA GLN A 570 57.43 16.27 -31.69
C GLN A 570 57.58 16.94 -30.33
N THR A 571 57.65 18.27 -30.32
CA THR A 571 57.57 19.06 -29.11
C THR A 571 56.47 20.11 -29.29
N ILE A 572 56.29 20.95 -28.27
CA ILE A 572 55.16 21.89 -28.30
C ILE A 572 55.40 23.05 -29.25
N VAL A 573 56.63 23.21 -29.73
CA VAL A 573 56.97 24.30 -30.64
C VAL A 573 56.93 23.85 -32.10
N ASP A 574 57.47 22.67 -32.41
CA ASP A 574 57.49 22.16 -33.77
C ASP A 574 57.75 20.65 -33.74
N ASN A 575 57.69 20.02 -34.92
CA ASN A 575 57.96 18.59 -35.06
C ASN A 575 58.71 18.30 -36.36
N SER A 576 59.70 17.42 -36.27
CA SER A 576 60.51 17.01 -37.42
C SER A 576 60.37 15.51 -37.69
N SER A 577 60.18 15.14 -38.96
CA SER A 577 59.88 13.77 -39.37
C SER A 577 60.92 13.22 -40.34
N ALA A 578 61.12 11.89 -40.29
CA ALA A 578 62.02 11.19 -41.21
C ALA A 578 61.58 9.73 -41.37
N SER A 579 61.59 9.22 -42.61
CA SER A 579 61.01 7.92 -42.95
C SER A 579 62.03 6.96 -43.55
N ALA A 580 61.69 5.67 -43.55
CA ALA A 580 62.51 4.62 -44.16
C ALA A 580 61.62 3.42 -44.52
N ASP A 581 62.23 2.43 -45.17
CA ASP A 581 61.53 1.27 -45.75
C ASP A 581 62.08 -0.04 -45.23
N LEU A 582 61.18 -1.03 -45.05
CA LEU A 582 61.52 -2.37 -44.58
C LEU A 582 60.92 -3.43 -45.51
N VAL A 583 61.79 -4.33 -46.00
CA VAL A 583 61.39 -5.41 -46.92
C VAL A 583 61.52 -6.76 -46.22
N VAL A 584 60.57 -7.67 -46.52
CA VAL A 584 60.51 -9.00 -45.93
C VAL A 584 60.58 -10.05 -47.03
N ARG A 585 61.39 -11.09 -46.79
CA ARG A 585 61.59 -12.21 -47.70
C ARG A 585 61.17 -13.51 -47.04
N GLY A 586 61.16 -14.59 -47.82
CA GLY A 586 60.84 -15.91 -47.32
C GLY A 586 59.48 -16.42 -47.74
N LYS B 19 -7.67 -43.90 0.90
CA LYS B 19 -6.90 -42.74 0.46
C LYS B 19 -6.56 -41.87 1.68
N GLY B 20 -5.99 -42.52 2.70
CA GLY B 20 -5.65 -41.86 3.95
C GLY B 20 -4.35 -41.08 3.87
N PHE B 21 -4.14 -40.23 4.87
CA PHE B 21 -2.91 -39.46 4.99
C PHE B 21 -2.79 -38.93 6.42
N GLY B 22 -1.60 -39.08 7.00
CA GLY B 22 -1.34 -38.64 8.35
C GLY B 22 -1.05 -37.16 8.44
N PRO B 23 -1.01 -36.65 9.67
CA PRO B 23 -0.72 -35.22 9.89
C PRO B 23 0.75 -34.91 9.60
N ILE B 24 0.97 -33.86 8.80
CA ILE B 24 2.31 -33.39 8.48
C ILE B 24 2.38 -31.89 8.78
N PHE B 25 3.40 -31.48 9.53
CA PHE B 25 3.59 -30.08 9.91
C PHE B 25 4.15 -29.23 8.77
N GLU B 26 3.67 -28.00 8.68
CA GLU B 26 4.35 -26.95 7.94
C GLU B 26 5.15 -26.04 8.87
N GLU B 27 4.44 -25.28 9.70
CA GLU B 27 5.04 -24.28 10.58
C GLU B 27 4.91 -24.72 12.03
N GLN B 28 5.96 -24.47 12.81
CA GLN B 28 6.03 -24.85 14.22
C GLN B 28 6.32 -23.64 15.09
N PRO B 29 5.94 -23.68 16.38
CA PRO B 29 6.17 -22.52 17.24
C PRO B 29 7.63 -22.35 17.66
N ILE B 30 7.96 -21.10 18.00
CA ILE B 30 9.31 -20.67 18.34
C ILE B 30 9.32 -20.19 19.78
N ASN B 31 10.51 -20.19 20.39
CA ASN B 31 10.69 -19.60 21.71
C ASN B 31 10.57 -18.09 21.64
N THR B 32 9.75 -17.50 22.51
CA THR B 32 9.20 -16.16 22.29
C THR B 32 9.18 -15.35 23.57
N ILE B 33 8.96 -14.04 23.40
CA ILE B 33 9.29 -12.98 24.36
C ILE B 33 8.30 -11.84 24.15
N TYR B 34 7.62 -11.44 25.22
CA TYR B 34 6.61 -10.37 25.13
C TYR B 34 6.95 -9.22 26.06
N PRO B 35 6.96 -7.98 25.58
CA PRO B 35 7.26 -6.84 26.45
C PRO B 35 6.24 -6.64 27.57
N GLU B 36 6.77 -6.47 28.79
CA GLU B 36 5.93 -6.16 29.96
C GLU B 36 5.00 -4.98 29.70
N GLU B 37 5.54 -3.91 29.13
CA GLU B 37 4.87 -2.62 29.03
C GLU B 37 4.46 -2.34 27.58
N SER B 38 3.91 -3.35 26.93
CA SER B 38 3.66 -3.32 25.50
C SER B 38 2.34 -2.65 25.16
N LEU B 39 2.27 -2.09 23.95
CA LEU B 39 0.99 -1.68 23.38
C LEU B 39 0.11 -2.89 23.13
N GLU B 40 0.64 -3.89 22.45
CA GLU B 40 -0.03 -5.16 22.22
C GLU B 40 -0.53 -5.79 23.51
N GLY B 41 -1.83 -6.03 23.58
CA GLY B 41 -2.41 -6.83 24.64
C GLY B 41 -2.65 -8.28 24.27
N LYS B 42 -2.27 -8.70 23.06
CA LYS B 42 -2.51 -10.03 22.55
C LYS B 42 -1.18 -10.67 22.17
N VAL B 43 -1.03 -11.96 22.47
CA VAL B 43 0.18 -12.71 22.15
C VAL B 43 -0.20 -14.06 21.57
N SER B 44 0.60 -14.54 20.61
CA SER B 44 0.18 -15.55 19.64
C SER B 44 1.30 -16.56 19.43
N LEU B 45 0.90 -17.82 19.22
CA LEU B 45 1.84 -18.89 18.86
C LEU B 45 1.29 -19.73 17.71
N ASN B 46 2.14 -20.01 16.73
CA ASN B 46 1.76 -20.70 15.49
C ASN B 46 1.93 -22.22 15.60
N CYS B 47 0.96 -22.95 15.03
CA CYS B 47 1.06 -24.39 14.80
C CYS B 47 0.21 -24.75 13.58
N ARG B 48 0.86 -25.11 12.47
CA ARG B 48 0.19 -25.30 11.19
C ARG B 48 0.53 -26.68 10.62
N ALA B 49 -0.48 -27.38 10.10
CA ALA B 49 -0.27 -28.74 9.58
C ALA B 49 -1.38 -29.08 8.59
N ARG B 50 -1.23 -30.27 7.97
CA ARG B 50 -2.10 -30.72 6.90
C ARG B 50 -2.32 -32.23 7.00
N ALA B 51 -3.51 -32.69 6.61
CA ALA B 51 -3.85 -34.11 6.62
C ALA B 51 -5.17 -34.31 5.87
N SER B 52 -5.45 -35.58 5.51
CA SER B 52 -6.71 -35.88 4.84
C SER B 52 -7.90 -35.72 5.78
N PRO B 53 -7.95 -36.36 6.98
CA PRO B 53 -8.85 -35.86 8.02
C PRO B 53 -8.17 -34.69 8.72
N PHE B 54 -8.73 -33.49 8.56
CA PHE B 54 -8.15 -32.24 9.05
C PHE B 54 -7.50 -32.41 10.43
N PRO B 55 -6.35 -31.79 10.65
CA PRO B 55 -5.68 -31.91 11.96
C PRO B 55 -6.47 -31.24 13.06
N VAL B 56 -6.45 -31.86 14.24
CA VAL B 56 -7.06 -31.31 15.45
C VAL B 56 -5.94 -30.98 16.43
N TYR B 57 -6.02 -29.80 17.04
CA TYR B 57 -4.91 -29.24 17.80
C TYR B 57 -5.22 -29.23 19.29
N LYS B 58 -4.21 -29.57 20.09
CA LYS B 58 -4.26 -29.39 21.54
C LYS B 58 -2.96 -28.74 22.00
N TRP B 59 -3.04 -27.95 23.06
CA TRP B 59 -1.87 -27.29 23.63
C TRP B 59 -1.70 -27.68 25.10
N ARG B 60 -0.43 -27.78 25.52
CA ARG B 60 -0.12 -28.06 26.92
C ARG B 60 0.91 -27.08 27.46
N MET B 61 0.68 -26.65 28.70
CA MET B 61 1.44 -25.62 29.41
C MET B 61 2.23 -26.28 30.54
N ASN B 62 3.55 -26.16 30.49
CA ASN B 62 4.42 -26.71 31.53
C ASN B 62 4.16 -28.19 31.73
N ASN B 63 3.98 -28.90 30.60
CA ASN B 63 3.64 -30.32 30.62
C ASN B 63 2.31 -30.54 31.33
N GLY B 64 1.36 -29.64 31.08
CA GLY B 64 0.06 -29.67 31.73
C GLY B 64 -1.01 -29.03 30.89
N ASP B 65 -2.24 -29.51 31.05
CA ASP B 65 -3.35 -29.12 30.18
C ASP B 65 -3.73 -27.66 30.41
N VAL B 66 -4.32 -27.06 29.37
CA VAL B 66 -4.78 -25.67 29.40
C VAL B 66 -6.29 -25.64 29.15
N ASP B 67 -6.99 -24.84 29.96
CA ASP B 67 -8.42 -24.59 29.73
C ASP B 67 -8.61 -23.75 28.48
N LEU B 68 -9.46 -24.22 27.57
CA LEU B 68 -9.43 -23.74 26.19
C LEU B 68 -10.08 -22.36 26.03
N THR B 69 -11.32 -22.21 26.50
CA THR B 69 -12.01 -20.92 26.44
C THR B 69 -12.07 -20.32 27.84
N ASN B 70 -11.34 -19.22 28.05
CA ASN B 70 -11.31 -18.50 29.30
C ASN B 70 -11.54 -17.01 29.08
N ASP B 71 -12.14 -16.63 27.95
CA ASP B 71 -12.15 -15.26 27.44
C ASP B 71 -10.73 -14.80 27.16
N ARG B 72 -9.90 -14.76 28.21
CA ARG B 72 -8.46 -14.56 28.09
C ARG B 72 -7.88 -15.40 26.96
N TYR B 73 -7.95 -16.72 27.10
CA TYR B 73 -7.39 -17.66 26.14
C TYR B 73 -8.31 -17.86 24.95
N SER B 74 -7.72 -18.09 23.78
CA SER B 74 -8.53 -18.41 22.59
C SER B 74 -7.64 -19.07 21.55
N MET B 75 -8.29 -19.61 20.52
CA MET B 75 -7.65 -20.50 19.55
C MET B 75 -8.16 -20.20 18.16
N VAL B 76 -7.27 -20.34 17.16
CA VAL B 76 -7.61 -20.11 15.75
C VAL B 76 -6.72 -21.01 14.90
N GLY B 77 -7.31 -22.00 14.25
CA GLY B 77 -6.59 -22.83 13.28
C GLY B 77 -5.23 -23.30 13.74
N GLY B 78 -5.15 -23.79 14.98
CA GLY B 78 -3.93 -24.35 15.52
C GLY B 78 -3.03 -23.36 16.21
N ASN B 79 -3.34 -22.07 16.10
CA ASN B 79 -2.57 -21.00 16.71
C ASN B 79 -3.27 -20.52 17.98
N LEU B 80 -2.48 -20.31 19.02
CA LEU B 80 -3.00 -20.01 20.36
C LEU B 80 -2.81 -18.54 20.68
N VAL B 81 -3.79 -17.94 21.35
CA VAL B 81 -3.85 -16.51 21.62
C VAL B 81 -4.14 -16.29 23.10
N ILE B 82 -3.44 -15.33 23.70
CA ILE B 82 -3.72 -14.86 25.06
C ILE B 82 -3.91 -13.35 25.04
N ASN B 83 -4.98 -12.88 25.68
CA ASN B 83 -5.25 -11.46 25.85
C ASN B 83 -4.75 -11.01 27.23
N ASN B 84 -4.06 -9.87 27.25
CA ASN B 84 -3.55 -9.28 28.48
C ASN B 84 -2.73 -10.28 29.30
N PRO B 85 -1.63 -10.80 28.75
CA PRO B 85 -0.88 -11.83 29.46
C PRO B 85 -0.14 -11.26 30.67
N ASP B 86 0.04 -12.11 31.67
CA ASP B 86 0.58 -11.73 32.97
C ASP B 86 1.78 -12.59 33.29
N LYS B 87 2.91 -11.94 33.62
CA LYS B 87 4.05 -12.54 34.31
C LYS B 87 3.62 -13.70 35.21
N GLN B 88 2.74 -13.40 36.16
CA GLN B 88 2.41 -14.33 37.23
C GLN B 88 1.84 -15.64 36.70
N LYS B 89 1.19 -15.61 35.53
CA LYS B 89 0.32 -16.69 35.08
C LYS B 89 0.91 -17.44 33.90
N ASP B 90 1.24 -16.77 32.81
CA ASP B 90 1.34 -17.39 31.50
C ASP B 90 2.75 -17.86 31.13
N ALA B 91 3.78 -17.27 31.72
CA ALA B 91 5.16 -17.70 31.50
C ALA B 91 5.30 -19.22 31.56
N GLY B 92 5.87 -19.82 30.53
CA GLY B 92 6.19 -21.22 30.63
C GLY B 92 6.45 -21.86 29.28
N VAL B 93 6.56 -23.18 29.30
CA VAL B 93 6.88 -23.98 28.12
C VAL B 93 5.59 -24.58 27.59
N TYR B 94 5.27 -24.27 26.33
CA TYR B 94 4.08 -24.75 25.65
C TYR B 94 4.47 -25.72 24.54
N TYR B 95 3.65 -26.76 24.36
CA TYR B 95 3.83 -27.66 23.22
C TYR B 95 2.48 -28.05 22.61
N CYS B 96 2.52 -28.31 21.31
CA CYS B 96 1.35 -28.43 20.44
C CYS B 96 1.24 -29.86 19.91
N LEU B 97 0.04 -30.43 20.00
CA LEU B 97 -0.26 -31.81 19.59
C LEU B 97 -1.25 -31.78 18.44
N ALA B 98 -0.80 -32.22 17.26
CA ALA B 98 -1.65 -32.38 16.08
C ALA B 98 -2.08 -33.84 15.97
N SER B 99 -3.38 -34.09 16.14
CA SER B 99 -3.95 -35.43 16.08
C SER B 99 -4.92 -35.56 14.91
N ASN B 100 -5.27 -36.81 14.60
CA ASN B 100 -6.35 -37.14 13.67
C ASN B 100 -6.77 -38.58 13.93
N ASN B 101 -7.14 -39.31 12.87
CA ASN B 101 -7.48 -40.71 13.03
C ASN B 101 -6.25 -41.60 13.07
N TYR B 102 -5.14 -41.13 12.50
CA TYR B 102 -3.95 -41.94 12.28
C TYR B 102 -2.88 -41.73 13.35
N GLY B 103 -3.10 -40.80 14.27
CA GLY B 103 -2.27 -40.65 15.44
C GLY B 103 -1.93 -39.19 15.70
N MET B 104 -0.97 -38.98 16.59
CA MET B 104 -0.64 -37.67 17.13
C MET B 104 0.82 -37.33 16.87
N VAL B 105 1.11 -36.03 16.77
CA VAL B 105 2.45 -35.53 16.49
C VAL B 105 2.70 -34.29 17.34
N ARG B 106 3.82 -34.28 18.08
CA ARG B 106 4.20 -33.15 18.93
C ARG B 106 5.02 -32.13 18.16
N SER B 107 4.71 -30.85 18.39
CA SER B 107 5.49 -29.74 17.88
C SER B 107 6.79 -29.57 18.68
N THR B 108 7.65 -28.70 18.16
CA THR B 108 8.86 -28.31 18.89
C THR B 108 8.49 -27.53 20.14
N GLU B 109 9.14 -27.87 21.27
CA GLU B 109 8.96 -27.17 22.53
C GLU B 109 9.19 -25.68 22.38
N ALA B 110 8.19 -24.87 22.77
CA ALA B 110 8.27 -23.41 22.64
C ALA B 110 8.15 -22.74 24.00
N THR B 111 9.23 -22.09 24.44
CA THR B 111 9.25 -21.43 25.75
C THR B 111 8.85 -19.97 25.61
N LEU B 112 7.92 -19.53 26.45
CA LEU B 112 7.36 -18.18 26.42
C LEU B 112 7.77 -17.43 27.68
N SER B 113 8.46 -16.29 27.49
CA SER B 113 8.88 -15.41 28.57
C SER B 113 8.39 -13.98 28.34
N PHE B 114 8.46 -13.19 29.41
CA PHE B 114 8.12 -11.77 29.39
C PHE B 114 9.38 -10.94 29.47
N GLY B 115 9.61 -10.12 28.45
CA GLY B 115 10.76 -9.23 28.35
C GLY B 115 10.81 -8.21 29.47
N TYR B 116 11.98 -8.06 30.08
CA TYR B 116 12.16 -7.16 31.21
C TYR B 116 13.32 -6.22 30.90
N LEU B 117 13.07 -4.91 31.01
CA LEU B 117 14.13 -3.92 30.78
C LEU B 117 13.80 -2.66 31.59
N ASP B 118 13.99 -2.75 32.90
CA ASP B 118 13.89 -1.58 33.76
C ASP B 118 15.09 -0.66 33.52
N PRO B 119 14.89 0.65 33.61
CA PRO B 119 16.05 1.57 33.54
C PRO B 119 16.93 1.57 34.78
N PHE B 120 18.02 2.36 34.70
CA PHE B 120 19.14 2.26 35.62
C PHE B 120 18.77 2.71 37.03
N PRO B 121 19.60 2.37 38.02
CA PRO B 121 19.49 3.00 39.34
C PRO B 121 19.72 4.50 39.27
N PRO B 122 18.85 5.29 39.91
CA PRO B 122 18.83 6.74 39.68
C PRO B 122 20.01 7.50 40.28
N GLU B 123 20.99 6.78 40.83
CA GLU B 123 22.00 7.39 41.68
C GLU B 123 22.88 8.36 40.91
N GLU B 124 23.30 9.42 41.61
CA GLU B 124 24.34 10.31 41.11
C GLU B 124 25.68 9.58 41.07
N ARG B 125 26.42 9.74 39.95
CA ARG B 125 27.73 9.09 39.80
C ARG B 125 28.84 10.09 40.05
N PRO B 126 29.80 9.78 40.92
CA PRO B 126 30.77 10.77 41.37
C PRO B 126 31.71 11.24 40.27
N GLU B 127 32.07 12.53 40.34
CA GLU B 127 33.03 13.10 39.42
C GLU B 127 34.41 12.49 39.62
N VAL B 128 35.15 12.34 38.51
CA VAL B 128 36.34 11.49 38.43
C VAL B 128 37.54 12.34 38.06
N LYS B 129 38.62 12.23 38.84
CA LYS B 129 39.88 12.92 38.60
C LYS B 129 40.98 11.89 38.41
N VAL B 130 41.77 12.01 37.34
CA VAL B 130 42.85 11.04 37.10
C VAL B 130 44.07 11.72 36.49
N LYS B 131 45.24 11.12 36.73
CA LYS B 131 46.51 11.56 36.15
C LYS B 131 46.57 11.27 34.66
N GLU B 132 47.08 12.23 33.89
CA GLU B 132 47.52 11.95 32.53
C GLU B 132 48.47 10.76 32.51
N GLY B 133 48.21 9.82 31.59
CA GLY B 133 49.05 8.66 31.42
C GLY B 133 48.56 7.42 32.12
N LYS B 134 47.50 7.52 32.91
CA LYS B 134 46.88 6.39 33.58
C LYS B 134 45.43 6.28 33.11
N GLY B 135 45.10 5.17 32.46
CA GLY B 135 43.74 4.92 32.03
C GLY B 135 42.81 4.62 33.18
N MET B 136 41.51 4.50 32.86
CA MET B 136 40.52 4.14 33.86
C MET B 136 39.32 3.48 33.21
N VAL B 137 38.39 3.03 34.05
CA VAL B 137 37.35 2.06 33.69
C VAL B 137 36.06 2.45 34.43
N LEU B 138 34.93 2.43 33.73
CA LEU B 138 33.66 2.85 34.32
C LEU B 138 32.59 1.77 34.14
N LEU B 139 31.88 1.50 35.23
CA LEU B 139 30.79 0.52 35.23
C LEU B 139 29.54 1.08 34.54
N CYS B 140 28.93 0.27 33.68
CA CYS B 140 27.61 0.61 33.15
C CYS B 140 26.52 0.51 34.23
N ASP B 141 26.60 -0.51 35.09
CA ASP B 141 25.57 -0.93 36.04
C ASP B 141 24.33 -1.46 35.33
N PRO B 142 24.45 -2.54 34.55
CA PRO B 142 23.31 -3.04 33.77
C PRO B 142 22.17 -3.51 34.66
N PRO B 143 20.96 -3.00 34.44
CA PRO B 143 19.78 -3.42 35.21
C PRO B 143 19.23 -4.75 34.70
N TYR B 144 18.21 -5.25 35.41
CA TYR B 144 17.57 -6.52 35.06
C TYR B 144 17.19 -6.55 33.59
N HIS B 145 17.54 -7.64 32.92
CA HIS B 145 17.15 -7.83 31.52
C HIS B 145 16.86 -9.31 31.26
N PHE B 146 15.72 -9.57 30.60
CA PHE B 146 15.35 -10.92 30.18
C PHE B 146 15.90 -11.23 28.79
N PRO B 147 15.80 -10.32 27.81
CA PRO B 147 16.57 -10.52 26.57
C PRO B 147 18.05 -10.22 26.78
N ASP B 148 18.89 -11.19 26.44
CA ASP B 148 20.31 -11.14 26.77
C ASP B 148 21.19 -10.70 25.60
N ASP B 149 20.58 -10.38 24.45
CA ASP B 149 21.29 -9.96 23.24
C ASP B 149 21.61 -8.46 23.30
N LEU B 150 22.48 -8.10 24.25
CA LEU B 150 22.73 -6.71 24.59
C LEU B 150 23.88 -6.14 23.76
N SER B 151 23.64 -5.00 23.11
CA SER B 151 24.68 -4.24 22.41
C SER B 151 25.03 -2.98 23.20
N TYR B 152 26.30 -2.86 23.60
CA TYR B 152 26.76 -1.77 24.45
C TYR B 152 27.58 -0.76 23.66
N ARG B 153 27.42 0.52 23.98
CA ARG B 153 28.31 1.60 23.53
C ARG B 153 28.30 2.70 24.59
N TRP B 154 29.05 3.77 24.35
CA TRP B 154 29.13 4.88 25.31
C TRP B 154 29.10 6.22 24.58
N LEU B 155 28.59 7.25 25.28
CA LEU B 155 28.28 8.55 24.70
C LEU B 155 28.86 9.69 25.55
N LEU B 156 28.81 10.90 24.96
CA LEU B 156 29.51 12.07 25.48
C LEU B 156 28.60 13.29 25.37
N ASN B 157 28.28 13.90 26.52
CA ASN B 157 27.49 15.14 26.62
C ASN B 157 26.06 14.94 26.14
N GLU B 158 25.88 14.86 24.83
CA GLU B 158 24.58 14.67 24.20
C GLU B 158 24.55 13.27 23.61
N PHE B 159 23.35 12.80 23.25
CA PHE B 159 23.25 11.43 22.78
C PHE B 159 24.06 11.19 21.52
N PRO B 160 23.78 11.85 20.38
CA PRO B 160 24.31 11.36 19.09
C PRO B 160 25.82 11.21 19.05
N VAL B 161 26.57 11.85 19.94
CA VAL B 161 28.01 11.71 19.97
C VAL B 161 28.37 10.28 20.37
N PHE B 162 29.40 9.73 19.73
CA PHE B 162 29.81 8.34 19.96
C PHE B 162 31.30 8.22 20.20
N ILE B 163 31.67 7.29 21.08
CA ILE B 163 33.04 7.06 21.50
C ILE B 163 33.55 5.78 20.83
N THR B 164 34.58 5.91 20.01
CA THR B 164 34.99 4.90 19.03
C THR B 164 36.15 4.06 19.55
N MET B 165 36.29 2.86 18.97
CA MET B 165 37.37 1.94 19.32
C MET B 165 38.71 2.42 18.74
N ASP B 166 39.69 2.59 19.63
CA ASP B 166 41.10 2.65 19.28
C ASP B 166 41.84 1.59 20.10
N LYS B 167 43.16 1.51 19.91
CA LYS B 167 43.94 0.68 20.83
C LYS B 167 43.99 1.31 22.21
N ARG B 168 43.63 2.58 22.32
CA ARG B 168 43.50 3.28 23.60
C ARG B 168 42.21 2.86 24.32
N ARG B 169 41.07 3.03 23.65
CA ARG B 169 39.75 2.91 24.24
C ARG B 169 39.07 1.62 23.79
N PHE B 170 38.25 1.04 24.67
CA PHE B 170 37.53 -0.19 24.34
C PHE B 170 36.23 -0.25 25.15
N VAL B 171 35.25 -0.95 24.60
CA VAL B 171 33.95 -1.15 25.25
C VAL B 171 33.67 -2.65 25.32
N SER B 172 33.63 -3.19 26.54
CA SER B 172 33.33 -4.60 26.73
C SER B 172 31.91 -4.93 26.31
N GLN B 173 31.76 -6.04 25.60
CA GLN B 173 30.45 -6.50 25.14
C GLN B 173 29.83 -7.54 26.07
N THR B 174 30.55 -7.95 27.12
CA THR B 174 30.05 -8.90 28.11
C THR B 174 29.68 -8.17 29.39
N ASN B 175 30.65 -7.46 29.98
CA ASN B 175 30.40 -6.70 31.20
C ASN B 175 29.56 -5.47 30.90
N GLY B 176 29.90 -4.76 29.83
CA GLY B 176 29.25 -3.53 29.45
C GLY B 176 29.95 -2.28 29.93
N ASN B 177 31.17 -2.41 30.45
CA ASN B 177 31.95 -1.31 30.97
C ASN B 177 32.86 -0.76 29.88
N LEU B 178 33.59 0.32 30.21
CA LEU B 178 34.47 0.98 29.27
C LEU B 178 35.89 0.99 29.84
N TYR B 179 36.87 0.71 28.99
CA TYR B 179 38.25 0.49 29.39
C TYR B 179 39.16 1.44 28.62
N ILE B 180 40.00 2.18 29.32
CA ILE B 180 41.00 3.04 28.70
C ILE B 180 42.37 2.70 29.26
N ALA B 181 43.36 2.56 28.37
CA ALA B 181 44.73 2.31 28.77
C ALA B 181 45.47 3.60 29.12
N ASN B 182 45.32 4.62 28.27
CA ASN B 182 46.12 5.84 28.37
C ASN B 182 45.19 7.04 28.29
N VAL B 183 45.36 7.98 29.23
CA VAL B 183 44.50 9.14 29.34
C VAL B 183 45.22 10.38 28.83
N GLU B 184 44.49 11.23 28.11
CA GLU B 184 45.01 12.47 27.57
C GLU B 184 44.05 13.61 27.89
N SER B 185 44.52 14.84 27.65
CA SER B 185 43.69 16.03 27.88
C SER B 185 42.37 15.97 27.10
N SER B 186 42.39 15.33 25.92
CA SER B 186 41.19 15.26 25.08
C SER B 186 40.08 14.43 25.71
N ASP B 187 40.42 13.55 26.66
CA ASP B 187 39.47 12.58 27.19
C ASP B 187 38.56 13.15 28.28
N ARG B 188 38.67 14.45 28.58
CA ARG B 188 37.83 15.09 29.57
C ARG B 188 36.38 15.22 29.07
N GLY B 189 35.45 15.31 30.04
CA GLY B 189 34.07 15.63 29.76
C GLY B 189 33.12 14.61 30.35
N ASN B 190 31.90 14.57 29.82
CA ASN B 190 30.85 13.71 30.34
C ASN B 190 30.85 12.36 29.61
N TYR B 191 30.53 11.29 30.34
CA TYR B 191 30.44 9.96 29.73
C TYR B 191 29.24 9.20 30.26
N SER B 192 28.45 8.61 29.36
CA SER B 192 27.26 7.86 29.73
C SER B 192 27.22 6.50 29.03
N CYS B 193 26.73 5.48 29.73
CA CYS B 193 26.56 4.16 29.15
C CYS B 193 25.36 4.15 28.21
N PHE B 194 25.38 3.23 27.24
CA PHE B 194 24.29 3.07 26.29
C PHE B 194 24.08 1.58 26.04
N VAL B 195 22.87 1.09 26.27
CA VAL B 195 22.51 -0.31 26.00
C VAL B 195 21.36 -0.33 25.01
N SER B 196 21.48 -1.17 23.98
CA SER B 196 20.39 -1.47 23.06
C SER B 196 20.04 -2.96 23.12
N SER B 197 18.75 -3.23 23.20
CA SER B 197 18.17 -4.55 22.98
C SER B 197 17.47 -4.57 21.63
N PRO B 198 18.06 -5.21 20.60
CA PRO B 198 17.38 -5.31 19.31
C PRO B 198 16.10 -6.14 19.36
N SER B 199 16.08 -7.22 20.16
CA SER B 199 14.89 -8.06 20.32
C SER B 199 13.65 -7.21 20.50
N ILE B 200 13.69 -6.29 21.45
CA ILE B 200 12.55 -5.45 21.81
C ILE B 200 12.74 -4.02 21.36
N THR B 201 13.83 -3.73 20.65
CA THR B 201 14.06 -2.42 20.01
C THR B 201 14.15 -1.28 21.02
N LYS B 202 14.76 -1.55 22.17
CA LYS B 202 14.79 -0.58 23.26
C LYS B 202 16.22 -0.10 23.51
N SER B 203 16.40 1.20 23.70
CA SER B 203 17.70 1.79 23.97
C SER B 203 17.63 2.72 25.19
N VAL B 204 18.50 2.47 26.17
CA VAL B 204 18.50 3.24 27.42
C VAL B 204 19.93 3.57 27.81
N PHE B 205 20.07 4.65 28.60
CA PHE B 205 21.39 5.16 28.94
C PHE B 205 21.42 5.66 30.38
N SER B 206 22.58 5.49 31.01
CA SER B 206 22.84 5.83 32.41
C SER B 206 23.18 7.31 32.58
N LYS B 207 23.13 7.76 33.84
CA LYS B 207 23.52 9.12 34.19
C LYS B 207 24.96 9.40 33.74
N PHE B 208 25.18 10.63 33.26
CA PHE B 208 26.50 11.06 32.83
C PHE B 208 27.46 11.20 34.00
N ILE B 209 28.73 10.84 33.77
CA ILE B 209 29.81 10.97 34.74
C ILE B 209 30.83 11.97 34.23
N PRO B 210 31.09 13.05 34.95
CA PRO B 210 32.22 13.95 34.64
C PRO B 210 33.58 13.32 34.89
N LEU B 211 34.49 13.49 33.93
CA LEU B 211 35.86 12.98 34.02
C LEU B 211 36.83 14.10 33.68
N ILE B 212 37.80 14.33 34.57
CA ILE B 212 38.85 15.34 34.39
C ILE B 212 40.22 14.69 34.51
N PRO B 213 41.07 14.78 33.48
CA PRO B 213 42.49 14.46 33.64
C PRO B 213 43.37 15.66 34.03
N ILE B 214 44.06 15.56 35.15
CA ILE B 214 45.06 16.54 35.56
C ILE B 214 46.28 16.41 34.65
N PRO B 215 46.70 17.49 33.99
CA PRO B 215 47.88 17.40 33.11
C PRO B 215 49.16 17.08 33.87
N GLU B 216 50.03 16.33 33.20
CA GLU B 216 51.32 15.90 33.74
C GLU B 216 52.35 15.91 32.62
N ARG B 217 53.45 16.61 32.83
CA ARG B 217 54.52 16.65 31.83
C ARG B 217 55.56 15.60 32.14
N THR B 218 56.14 15.04 31.08
CA THR B 218 56.98 13.83 31.17
C THR B 218 56.17 12.71 31.82
N THR B 219 55.10 12.32 31.14
CA THR B 219 54.11 11.40 31.67
C THR B 219 54.73 10.09 32.14
N LYS B 220 54.31 9.65 33.32
CA LYS B 220 54.92 8.49 33.99
C LYS B 220 54.55 7.21 33.27
N PRO B 221 55.52 6.43 32.78
CA PRO B 221 55.21 5.18 32.08
C PRO B 221 54.84 4.05 33.02
N TYR B 222 53.90 3.23 32.58
CA TYR B 222 53.33 2.11 33.33
C TYR B 222 53.40 0.84 32.48
N PRO B 223 53.54 -0.32 33.11
CA PRO B 223 53.70 -1.56 32.35
C PRO B 223 52.35 -2.09 31.85
N ALA B 224 52.43 -3.21 31.14
CA ALA B 224 51.25 -3.86 30.57
C ALA B 224 50.48 -4.61 31.65
N ASP B 225 49.19 -4.32 31.77
CA ASP B 225 48.38 -4.81 32.90
C ASP B 225 47.07 -5.35 32.35
N ILE B 226 46.90 -6.67 32.42
CA ILE B 226 45.73 -7.34 31.82
C ILE B 226 44.54 -7.27 32.78
N VAL B 227 43.45 -6.68 32.31
CA VAL B 227 42.22 -6.60 33.07
C VAL B 227 41.06 -7.38 32.44
N VAL B 228 41.07 -7.61 31.14
CA VAL B 228 39.95 -8.20 30.41
C VAL B 228 40.40 -9.54 29.85
N GLN B 229 39.87 -10.63 30.42
CA GLN B 229 40.18 -11.97 29.98
C GLN B 229 39.03 -12.57 29.18
N PHE B 230 39.34 -13.67 28.47
CA PHE B 230 38.36 -14.45 27.72
C PHE B 230 38.53 -15.92 28.11
N LYS B 231 37.55 -16.45 28.84
CA LYS B 231 37.70 -17.67 29.62
C LYS B 231 37.39 -18.92 28.80
N ASP B 232 37.67 -20.08 29.40
CA ASP B 232 37.38 -21.38 28.81
C ASP B 232 35.90 -21.47 28.42
N ILE B 233 35.63 -21.87 27.17
CA ILE B 233 34.28 -21.82 26.64
C ILE B 233 33.97 -23.06 25.81
N TYR B 234 32.76 -23.61 26.00
CA TYR B 234 32.21 -24.71 25.20
C TYR B 234 31.20 -24.13 24.20
N THR B 235 31.52 -24.20 22.90
CA THR B 235 30.62 -23.66 21.89
C THR B 235 30.51 -24.61 20.70
N MET B 236 29.46 -24.40 19.90
CA MET B 236 28.94 -25.39 18.96
C MET B 236 29.58 -25.23 17.59
N MET B 237 29.53 -26.32 16.81
CA MET B 237 30.12 -26.33 15.48
C MET B 237 29.45 -25.31 14.57
N GLY B 238 30.27 -24.57 13.82
CA GLY B 238 29.80 -23.64 12.81
C GLY B 238 29.42 -22.27 13.30
N GLN B 239 29.45 -22.06 14.62
CA GLN B 239 29.09 -20.77 15.20
C GLN B 239 30.12 -19.67 14.93
N ASN B 240 29.59 -18.46 14.80
CA ASN B 240 30.29 -17.21 15.08
C ASN B 240 30.91 -17.27 16.46
N VAL B 241 32.20 -16.93 16.60
CA VAL B 241 32.73 -16.72 17.96
C VAL B 241 33.77 -15.60 17.94
N THR B 242 33.79 -14.83 19.04
CA THR B 242 34.50 -13.57 19.15
C THR B 242 35.34 -13.57 20.43
N LEU B 243 36.55 -13.02 20.36
CA LEU B 243 37.47 -13.04 21.50
C LEU B 243 37.91 -11.62 21.84
N GLU B 244 37.64 -11.21 23.10
CA GLU B 244 38.13 -9.97 23.71
C GLU B 244 39.43 -10.21 24.46
N CYS B 245 40.40 -9.30 24.27
CA CYS B 245 41.63 -9.31 25.06
C CYS B 245 42.20 -7.91 25.13
N PHE B 246 42.30 -7.34 26.35
CA PHE B 246 42.69 -5.95 26.52
C PHE B 246 43.57 -5.77 27.75
N ALA B 247 44.57 -4.90 27.63
CA ALA B 247 45.47 -4.55 28.73
C ALA B 247 45.70 -3.05 28.76
N LEU B 248 46.28 -2.58 29.86
CA LEU B 248 46.49 -1.16 30.13
C LEU B 248 47.97 -0.84 30.25
N GLY B 249 48.25 0.46 30.26
CA GLY B 249 49.59 1.01 30.43
C GLY B 249 49.69 2.36 29.73
N ASN B 250 50.61 3.21 30.22
CA ASN B 250 50.87 4.49 29.57
C ASN B 250 51.27 4.32 28.10
N PRO B 251 52.24 3.47 27.74
CA PRO B 251 52.50 3.26 26.31
C PRO B 251 51.43 2.33 25.76
N VAL B 252 50.64 2.84 24.81
CA VAL B 252 49.57 2.11 24.12
C VAL B 252 49.97 0.64 23.95
N PRO B 253 49.37 -0.27 24.71
CA PRO B 253 49.81 -1.67 24.69
C PRO B 253 49.44 -2.39 23.41
N ASP B 254 50.40 -3.14 22.87
CA ASP B 254 50.26 -3.86 21.61
C ASP B 254 49.85 -5.30 21.90
N ILE B 255 48.80 -5.76 21.23
CA ILE B 255 48.18 -7.06 21.52
C ILE B 255 48.39 -7.99 20.34
N ARG B 256 48.80 -9.23 20.62
CA ARG B 256 49.12 -10.22 19.59
C ARG B 256 48.46 -11.56 19.93
N TRP B 257 47.89 -12.21 18.92
CA TRP B 257 47.17 -13.47 19.07
C TRP B 257 47.92 -14.61 18.38
N ARG B 258 47.88 -15.80 18.98
CA ARG B 258 48.40 -16.99 18.30
C ARG B 258 47.79 -18.24 18.92
N LYS B 259 47.99 -19.36 18.24
CA LYS B 259 47.61 -20.68 18.75
C LYS B 259 48.84 -21.35 19.37
N VAL B 260 48.60 -22.14 20.42
CA VAL B 260 49.68 -22.77 21.17
C VAL B 260 50.55 -23.64 20.29
N LEU B 261 50.01 -24.76 19.79
CA LEU B 261 50.80 -25.82 19.18
C LEU B 261 50.13 -26.31 17.91
N GLU B 262 49.49 -25.39 17.19
CA GLU B 262 48.81 -25.65 15.93
C GLU B 262 48.76 -24.34 15.16
N PRO B 263 48.50 -24.40 13.85
CA PRO B 263 48.30 -23.16 13.09
C PRO B 263 46.90 -22.57 13.32
N MET B 264 46.82 -21.26 13.12
CA MET B 264 45.54 -20.57 13.22
C MET B 264 44.56 -21.11 12.19
N PRO B 265 43.27 -21.21 12.52
CA PRO B 265 42.28 -21.61 11.51
C PRO B 265 42.20 -20.60 10.37
N SER B 266 42.11 -21.12 9.15
CA SER B 266 41.95 -20.31 7.94
C SER B 266 40.95 -19.18 8.11
N THR B 267 39.81 -19.48 8.75
CA THR B 267 38.70 -18.54 8.89
C THR B 267 38.94 -17.64 10.11
N ALA B 268 39.96 -16.80 10.00
CA ALA B 268 40.35 -15.88 11.06
C ALA B 268 40.53 -14.48 10.49
N GLU B 269 39.98 -13.48 11.17
CA GLU B 269 40.07 -12.08 10.77
C GLU B 269 40.45 -11.23 11.97
N ILE B 270 41.52 -10.45 11.83
CA ILE B 270 42.18 -9.85 12.99
C ILE B 270 41.59 -8.49 13.37
N SER B 271 41.10 -7.72 12.38
CA SER B 271 40.50 -6.41 12.56
C SER B 271 41.53 -5.31 12.85
N THR B 272 41.08 -4.06 12.80
CA THR B 272 41.99 -2.92 12.95
C THR B 272 42.47 -2.77 14.40
N SER B 273 41.53 -2.80 15.35
CA SER B 273 41.88 -2.65 16.77
C SER B 273 43.00 -3.58 17.18
N GLY B 274 42.98 -4.82 16.68
CA GLY B 274 43.96 -5.81 17.07
C GLY B 274 43.77 -6.35 18.47
N ALA B 275 42.63 -6.06 19.10
CA ALA B 275 42.29 -6.61 20.40
C ALA B 275 41.10 -7.55 20.34
N VAL B 276 40.48 -7.71 19.16
CA VAL B 276 39.26 -8.48 18.98
C VAL B 276 39.51 -9.48 17.86
N LEU B 277 39.13 -10.73 18.10
CA LEU B 277 39.40 -11.79 17.12
C LEU B 277 38.12 -12.52 16.73
N LYS B 278 37.91 -12.65 15.42
CA LYS B 278 36.75 -13.31 14.83
C LYS B 278 37.11 -14.72 14.40
N ILE B 279 36.21 -15.67 14.66
CA ILE B 279 36.25 -17.00 14.05
C ILE B 279 34.89 -17.27 13.40
N PHE B 280 34.89 -17.36 12.06
CA PHE B 280 33.77 -17.87 11.29
C PHE B 280 33.82 -19.39 11.24
N ASN B 281 32.65 -20.03 11.32
CA ASN B 281 32.49 -21.45 11.02
C ASN B 281 33.53 -22.31 11.74
N ILE B 282 33.48 -22.23 13.08
CA ILE B 282 34.32 -23.09 13.92
C ILE B 282 34.21 -24.54 13.47
N GLN B 283 35.36 -25.16 13.23
CA GLN B 283 35.46 -26.55 12.79
C GLN B 283 35.93 -27.45 13.93
N LEU B 284 36.05 -28.74 13.62
CA LEU B 284 36.50 -29.72 14.60
C LEU B 284 37.91 -29.41 15.10
N GLU B 285 38.77 -28.86 14.23
CA GLU B 285 40.19 -28.79 14.50
C GLU B 285 40.56 -27.62 15.41
N ASP B 286 39.71 -26.61 15.50
CA ASP B 286 40.04 -25.39 16.24
C ASP B 286 40.13 -25.63 17.73
N GLU B 287 39.49 -26.68 18.24
CA GLU B 287 39.58 -27.10 19.63
C GLU B 287 41.00 -26.98 20.17
N GLY B 288 41.13 -26.45 21.39
CA GLY B 288 42.42 -26.36 22.04
C GLY B 288 42.67 -24.99 22.64
N LEU B 289 43.94 -24.68 22.88
CA LEU B 289 44.35 -23.48 23.59
C LEU B 289 44.71 -22.35 22.63
N TYR B 290 44.29 -21.14 22.97
CA TYR B 290 44.63 -19.93 22.23
C TYR B 290 45.31 -18.93 23.15
N GLU B 291 46.44 -18.38 22.71
CA GLU B 291 47.30 -17.50 23.49
C GLU B 291 47.12 -16.04 23.07
N CYS B 292 46.90 -15.17 24.05
CA CYS B 292 46.86 -13.72 23.89
C CYS B 292 48.03 -13.10 24.64
N GLU B 293 48.89 -12.36 23.91
CA GLU B 293 50.06 -11.69 24.47
C GLU B 293 49.84 -10.18 24.43
N ALA B 294 49.71 -9.56 25.60
CA ALA B 294 49.60 -8.11 25.73
C ALA B 294 50.94 -7.53 26.15
N GLU B 295 51.51 -6.65 25.33
CA GLU B 295 52.84 -6.09 25.55
C GLU B 295 52.77 -4.57 25.52
N ASN B 296 53.92 -3.95 25.79
CA ASN B 296 54.09 -2.50 25.70
C ASN B 296 55.60 -2.24 25.57
N ILE B 297 56.02 -1.02 25.87
CA ILE B 297 57.46 -0.73 25.88
C ILE B 297 58.12 -1.40 27.06
N ARG B 298 57.50 -1.31 28.24
CA ARG B 298 58.13 -1.79 29.47
C ARG B 298 58.08 -3.32 29.58
N GLY B 299 56.89 -3.87 29.82
CA GLY B 299 56.75 -5.28 30.15
C GLY B 299 55.69 -6.00 29.32
N LYS B 300 55.15 -7.10 29.86
CA LYS B 300 54.24 -7.94 29.10
C LYS B 300 53.38 -8.77 30.04
N ASP B 301 52.36 -9.41 29.48
CA ASP B 301 51.57 -10.42 30.18
C ASP B 301 50.85 -11.30 29.15
N LYS B 302 50.44 -12.49 29.61
CA LYS B 302 49.87 -13.52 28.73
C LYS B 302 48.59 -14.09 29.32
N HIS B 303 47.67 -14.51 28.44
CA HIS B 303 46.52 -15.33 28.84
C HIS B 303 46.26 -16.46 27.85
N GLN B 304 46.10 -17.67 28.37
CA GLN B 304 45.77 -18.86 27.58
C GLN B 304 44.34 -19.30 27.83
N ALA B 305 43.56 -19.51 26.76
CA ALA B 305 42.15 -19.85 26.87
C ALA B 305 41.82 -21.17 26.17
N ARG B 306 40.89 -21.93 26.77
CA ARG B 306 40.43 -23.21 26.24
C ARG B 306 39.18 -23.04 25.37
N ILE B 307 39.23 -23.55 24.14
CA ILE B 307 38.11 -23.58 23.21
C ILE B 307 37.68 -25.03 23.02
N TYR B 308 36.49 -25.38 23.51
CA TYR B 308 35.90 -26.71 23.30
C TYR B 308 34.84 -26.64 22.20
N VAL B 309 35.02 -27.47 21.17
CA VAL B 309 34.07 -27.59 20.06
C VAL B 309 33.00 -28.62 20.40
N GLN B 310 31.74 -28.22 20.24
CA GLN B 310 30.55 -29.06 20.36
C GLN B 310 29.78 -29.03 19.04
N ALA B 311 28.68 -29.78 18.98
CA ALA B 311 27.85 -29.80 17.78
C ALA B 311 26.44 -30.24 18.14
N PHE B 312 25.45 -29.44 17.76
CA PHE B 312 24.06 -29.87 17.81
C PHE B 312 23.85 -31.13 16.97
N PRO B 313 22.87 -31.96 17.32
CA PRO B 313 22.50 -33.09 16.46
C PRO B 313 22.06 -32.62 15.08
N GLU B 314 22.70 -33.17 14.05
CA GLU B 314 22.40 -32.84 12.66
C GLU B 314 22.23 -34.13 11.85
N TRP B 315 21.23 -34.12 10.97
CA TRP B 315 20.75 -35.33 10.32
C TRP B 315 21.74 -35.87 9.29
N VAL B 316 21.65 -37.18 9.03
CA VAL B 316 22.39 -37.79 7.93
C VAL B 316 21.43 -38.59 7.07
N GLU B 317 20.63 -39.46 7.69
CA GLU B 317 19.51 -40.14 7.03
C GLU B 317 18.25 -39.98 7.88
N HIS B 318 17.73 -38.76 7.95
CA HIS B 318 16.39 -38.52 8.45
C HIS B 318 15.37 -39.42 7.74
N ILE B 319 14.34 -39.80 8.50
CA ILE B 319 13.34 -40.76 8.02
C ILE B 319 12.38 -40.10 7.03
N ASN B 320 11.73 -40.94 6.22
CA ASN B 320 10.70 -40.49 5.29
C ASN B 320 9.51 -41.45 5.32
N ASP B 321 8.37 -40.95 4.83
CA ASP B 321 7.12 -41.72 4.70
C ASP B 321 7.33 -43.08 4.06
N THR B 322 7.14 -44.15 4.84
CA THR B 322 7.34 -45.52 4.35
C THR B 322 6.06 -46.35 4.49
N GLU B 323 5.86 -47.27 3.54
CA GLU B 323 4.74 -48.21 3.55
C GLU B 323 5.27 -49.62 3.34
N VAL B 324 4.84 -50.56 4.18
CA VAL B 324 5.22 -51.97 4.05
C VAL B 324 3.99 -52.83 4.33
N ASP B 325 4.18 -54.14 4.19
CA ASP B 325 3.15 -55.15 4.40
C ASP B 325 3.16 -55.64 5.85
N ILE B 326 2.08 -56.33 6.24
CA ILE B 326 2.00 -56.92 7.57
C ILE B 326 2.89 -58.15 7.64
N GLY B 327 3.51 -58.36 8.81
CA GLY B 327 4.33 -59.52 9.05
C GLY B 327 5.77 -59.40 8.57
N SER B 328 6.09 -58.37 7.81
CA SER B 328 7.44 -58.16 7.32
C SER B 328 8.36 -57.68 8.43
N ASP B 329 9.58 -58.22 8.45
CA ASP B 329 10.59 -57.79 9.40
C ASP B 329 11.17 -56.45 8.98
N LEU B 330 11.15 -55.47 9.88
CA LEU B 330 11.45 -54.08 9.56
C LEU B 330 12.64 -53.56 10.38
N TYR B 331 13.43 -52.69 9.75
CA TYR B 331 14.43 -51.87 10.42
C TYR B 331 14.26 -50.42 9.97
N TRP B 332 14.14 -49.50 10.94
CA TRP B 332 14.07 -48.07 10.67
C TRP B 332 15.45 -47.43 10.79
N PRO B 333 16.11 -47.04 9.68
CA PRO B 333 17.38 -46.29 9.77
C PRO B 333 17.24 -44.81 10.10
N CYS B 334 17.56 -44.43 11.35
CA CYS B 334 17.51 -43.05 11.82
C CYS B 334 18.89 -42.67 12.36
N ILE B 335 19.56 -41.72 11.70
CA ILE B 335 20.96 -41.39 12.03
C ILE B 335 21.14 -39.87 12.06
N ALA B 336 21.64 -39.37 13.19
CA ALA B 336 22.12 -38.00 13.32
C ALA B 336 23.50 -38.01 13.96
N THR B 337 24.19 -36.88 13.90
CA THR B 337 25.54 -36.74 14.45
C THR B 337 25.63 -35.50 15.32
N GLY B 338 26.22 -35.66 16.51
CA GLY B 338 26.57 -34.54 17.36
C GLY B 338 27.89 -34.82 18.04
N LYS B 339 28.55 -33.74 18.46
CA LYS B 339 29.74 -33.90 19.29
C LYS B 339 29.42 -34.68 20.57
N PRO B 340 28.33 -34.39 21.30
CA PRO B 340 27.87 -35.34 22.32
C PRO B 340 26.96 -36.37 21.67
N ILE B 341 27.40 -37.63 21.65
CA ILE B 341 26.77 -38.71 20.87
C ILE B 341 25.25 -38.69 21.05
N PRO B 342 24.48 -38.58 19.97
CA PRO B 342 23.03 -38.39 20.09
C PRO B 342 22.31 -39.61 20.63
N THR B 343 21.42 -39.37 21.59
CA THR B 343 20.44 -40.34 22.04
C THR B 343 19.19 -40.28 21.17
N ILE B 344 18.64 -41.45 20.83
CA ILE B 344 17.53 -41.59 19.89
C ILE B 344 16.29 -42.06 20.65
N ARG B 345 15.17 -41.37 20.43
CA ARG B 345 13.88 -41.72 21.02
C ARG B 345 12.84 -41.91 19.92
N TRP B 346 11.91 -42.85 20.15
CA TRP B 346 10.86 -43.21 19.19
C TRP B 346 9.49 -43.03 19.83
N LEU B 347 8.82 -41.95 19.44
CA LEU B 347 7.47 -41.61 19.89
C LEU B 347 6.43 -42.19 18.94
N LYS B 348 5.46 -42.92 19.48
CA LYS B 348 4.31 -43.42 18.73
C LYS B 348 3.08 -42.61 19.11
N ASN B 349 2.54 -41.85 18.15
CA ASN B 349 1.36 -41.03 18.35
C ASN B 349 1.51 -40.12 19.56
N GLY B 350 2.67 -39.48 19.65
CA GLY B 350 2.87 -38.42 20.61
C GLY B 350 3.26 -38.89 21.99
N TYR B 351 3.67 -40.15 22.12
CA TYR B 351 4.21 -40.70 23.37
C TYR B 351 5.32 -41.67 23.01
N SER B 352 6.32 -41.74 23.89
CA SER B 352 7.42 -42.65 23.68
C SER B 352 6.96 -44.09 23.61
N TYR B 353 7.39 -44.79 22.57
CA TYR B 353 7.14 -46.22 22.42
C TYR B 353 8.44 -46.99 22.54
N HIS B 354 9.45 -46.67 21.73
CA HIS B 354 10.72 -47.37 21.80
C HIS B 354 11.84 -46.40 22.15
N LYS B 355 12.88 -46.93 22.81
CA LYS B 355 14.00 -46.11 23.25
C LYS B 355 15.33 -46.69 22.80
N GLY B 356 15.32 -47.44 21.69
CA GLY B 356 16.52 -48.07 21.19
C GLY B 356 16.37 -48.36 19.71
N GLU B 357 17.30 -49.17 19.19
CA GLU B 357 17.23 -49.61 17.80
C GLU B 357 15.82 -50.07 17.46
N LEU B 358 15.15 -49.35 16.56
CA LEU B 358 13.78 -49.65 16.20
C LEU B 358 13.69 -50.80 15.19
N ARG B 359 14.21 -51.95 15.59
CA ARG B 359 14.12 -53.16 14.77
C ARG B 359 12.85 -53.90 15.16
N LEU B 360 11.93 -54.03 14.21
CA LEU B 360 10.63 -54.63 14.46
C LEU B 360 10.48 -55.93 13.69
N TYR B 361 9.89 -56.93 14.36
CA TYR B 361 9.51 -58.19 13.74
C TYR B 361 8.01 -58.39 13.87
N ASP B 362 7.39 -58.90 12.80
CA ASP B 362 6.00 -59.33 12.81
C ASP B 362 5.06 -58.13 12.99
N VAL B 363 4.99 -57.29 11.95
CA VAL B 363 4.13 -56.11 11.97
C VAL B 363 2.66 -56.53 12.15
N THR B 364 1.86 -55.61 12.71
CA THR B 364 0.43 -55.87 12.93
C THR B 364 -0.37 -54.63 12.54
N PHE B 365 -1.70 -54.84 12.45
CA PHE B 365 -2.72 -53.80 12.37
C PHE B 365 -2.34 -52.53 13.14
N GLU B 366 -2.12 -52.68 14.44
CA GLU B 366 -2.21 -51.57 15.38
C GLU B 366 -0.96 -50.70 15.35
N ASN B 367 0.18 -51.27 14.96
CA ASN B 367 1.44 -50.54 14.91
C ASN B 367 1.36 -49.33 13.99
N ALA B 368 0.70 -49.48 12.84
CA ALA B 368 0.71 -48.47 11.78
C ALA B 368 0.41 -47.07 12.30
N GLY B 369 0.90 -46.07 11.57
CA GLY B 369 0.53 -44.68 11.81
C GLY B 369 1.70 -43.72 11.85
N MET B 370 1.84 -42.95 12.93
CA MET B 370 2.73 -41.79 12.99
C MET B 370 3.87 -42.09 13.95
N TYR B 371 5.10 -42.03 13.46
CA TYR B 371 6.29 -42.31 14.27
C TYR B 371 7.24 -41.11 14.23
N GLN B 372 7.73 -40.71 15.41
CA GLN B 372 8.60 -39.55 15.54
C GLN B 372 9.95 -39.97 16.11
N CYS B 373 10.99 -39.79 15.29
CA CYS B 373 12.38 -40.05 15.67
C CYS B 373 12.99 -38.75 16.17
N ILE B 374 13.26 -38.66 17.47
CA ILE B 374 13.92 -37.50 18.05
C ILE B 374 15.37 -37.86 18.38
N ALA B 375 16.29 -36.96 18.05
CA ALA B 375 17.69 -37.07 18.44
C ALA B 375 18.01 -35.95 19.42
N GLU B 376 18.21 -36.31 20.69
CA GLU B 376 18.61 -35.35 21.71
C GLU B 376 19.93 -35.76 22.36
N ASN B 377 20.77 -34.79 22.66
CA ASN B 377 21.99 -35.00 23.42
C ASN B 377 21.88 -34.28 24.77
N ALA B 378 23.03 -34.02 25.40
CA ALA B 378 23.03 -33.20 26.61
C ALA B 378 22.61 -31.77 26.33
N TYR B 379 22.73 -31.31 25.09
CA TYR B 379 22.56 -29.91 24.73
C TYR B 379 21.21 -29.70 24.06
N GLY B 380 21.05 -30.21 22.82
CA GLY B 380 19.95 -29.84 21.98
C GLY B 380 19.19 -31.06 21.45
N SER B 381 18.07 -30.79 20.79
CA SER B 381 17.19 -31.83 20.26
C SER B 381 16.74 -31.49 18.85
N ILE B 382 16.53 -32.53 18.03
CA ILE B 382 16.00 -32.39 16.67
C ILE B 382 14.94 -33.46 16.39
N TYR B 383 13.94 -33.08 15.60
CA TYR B 383 12.75 -33.87 15.28
C TYR B 383 12.81 -34.46 13.87
N ALA B 384 12.22 -35.64 13.70
CA ALA B 384 11.94 -36.18 12.36
C ALA B 384 10.66 -37.00 12.40
N ASN B 385 9.64 -36.59 11.65
CA ASN B 385 8.34 -37.26 11.63
C ASN B 385 8.17 -38.11 10.37
N ALA B 386 7.56 -39.28 10.51
CA ALA B 386 7.30 -40.15 9.36
C ALA B 386 6.02 -40.96 9.56
N GLU B 387 5.29 -41.17 8.46
CA GLU B 387 4.12 -42.05 8.46
C GLU B 387 4.52 -43.44 7.95
N LEU B 388 4.28 -44.45 8.79
CA LEU B 388 4.45 -45.85 8.42
C LEU B 388 3.08 -46.45 8.11
N LYS B 389 2.88 -46.83 6.86
CA LYS B 389 1.61 -47.39 6.41
C LYS B 389 1.71 -48.91 6.23
N ILE B 390 0.57 -49.58 6.44
CA ILE B 390 0.48 -51.03 6.48
C ILE B 390 -0.44 -51.50 5.36
N LEU B 391 -0.05 -52.58 4.68
CA LEU B 391 -0.80 -53.09 3.54
C LEU B 391 -1.31 -54.51 3.78
N ALA B 392 -2.52 -54.79 3.28
CA ALA B 392 -3.10 -56.13 3.27
C ALA B 392 -4.21 -56.26 2.22
N LEU B 393 -3.93 -55.81 1.00
CA LEU B 393 -4.89 -55.81 -0.10
C LEU B 393 -4.88 -57.11 -0.89
N ALA B 394 -6.07 -57.49 -1.37
CA ALA B 394 -6.19 -58.57 -2.34
C ALA B 394 -5.71 -58.13 -3.72
N PRO B 395 -5.11 -59.04 -4.50
CA PRO B 395 -4.57 -58.66 -5.82
C PRO B 395 -5.68 -58.28 -6.79
N THR B 396 -5.41 -57.25 -7.59
CA THR B 396 -6.27 -56.87 -8.71
C THR B 396 -5.41 -56.54 -9.92
N PHE B 397 -6.01 -56.66 -11.11
CA PHE B 397 -5.37 -56.27 -12.36
C PHE B 397 -5.92 -54.96 -12.90
N GLU B 398 -6.74 -54.26 -12.11
CA GLU B 398 -7.26 -52.95 -12.48
C GLU B 398 -6.17 -52.05 -13.06
N MET B 399 -5.05 -51.95 -12.36
CA MET B 399 -4.03 -50.94 -12.65
C MET B 399 -3.03 -51.42 -13.70
N ASN B 400 -2.47 -52.61 -13.52
CA ASN B 400 -1.49 -53.19 -14.43
C ASN B 400 -2.02 -54.51 -14.99
N PRO B 401 -2.97 -54.46 -15.92
CA PRO B 401 -3.45 -55.68 -16.57
C PRO B 401 -2.44 -56.20 -17.60
N MET B 402 -2.71 -57.43 -18.05
CA MET B 402 -1.92 -58.04 -19.12
C MET B 402 -2.32 -57.48 -20.48
N LYS B 403 -1.32 -57.13 -21.28
CA LYS B 403 -1.54 -56.91 -22.70
C LYS B 403 -1.95 -58.21 -23.38
N LYS B 404 -3.06 -58.17 -24.11
CA LYS B 404 -3.66 -59.39 -24.63
C LYS B 404 -2.79 -60.06 -25.70
N LYS B 405 -2.05 -59.28 -26.48
CA LYS B 405 -1.37 -59.76 -27.67
C LYS B 405 0.13 -59.54 -27.56
N ILE B 406 0.91 -60.57 -27.91
CA ILE B 406 2.37 -60.55 -27.80
C ILE B 406 2.97 -61.31 -28.99
N LEU B 407 4.18 -60.92 -29.38
CA LEU B 407 4.84 -61.38 -30.59
C LEU B 407 6.09 -62.19 -30.25
N ALA B 408 6.45 -63.12 -31.14
CA ALA B 408 7.63 -63.96 -30.94
C ALA B 408 8.20 -64.41 -32.28
N ALA B 409 9.51 -64.65 -32.29
CA ALA B 409 10.23 -65.23 -33.42
C ALA B 409 10.96 -66.50 -32.99
N LYS B 410 11.22 -67.37 -33.97
CA LYS B 410 11.92 -68.62 -33.68
C LYS B 410 13.35 -68.35 -33.23
N GLY B 411 13.82 -69.16 -32.29
CA GLY B 411 15.20 -69.14 -31.87
C GLY B 411 15.59 -67.89 -31.10
N GLY B 412 14.64 -67.23 -30.47
CA GLY B 412 14.90 -66.00 -29.74
C GLY B 412 14.30 -66.02 -28.36
N ARG B 413 15.07 -65.51 -27.39
CA ARG B 413 14.58 -65.37 -26.03
C ARG B 413 13.43 -64.35 -25.99
N VAL B 414 12.37 -64.69 -25.26
CA VAL B 414 11.21 -63.81 -25.09
C VAL B 414 10.71 -63.86 -23.65
N VAL B 415 10.33 -62.70 -23.12
CA VAL B 415 10.04 -62.49 -21.70
C VAL B 415 8.72 -61.75 -21.57
N ILE B 416 7.92 -62.13 -20.57
CA ILE B 416 6.57 -61.60 -20.38
C ILE B 416 6.40 -61.11 -18.94
N GLU B 417 5.90 -59.88 -18.78
CA GLU B 417 5.67 -59.27 -17.47
C GLU B 417 4.32 -59.72 -16.91
N CYS B 418 4.31 -60.31 -15.72
CA CYS B 418 3.09 -60.45 -14.92
C CYS B 418 3.29 -59.74 -13.57
N LYS B 419 3.16 -58.41 -13.58
CA LYS B 419 3.32 -57.60 -12.38
C LYS B 419 1.99 -56.94 -11.99
N PRO B 420 1.17 -57.58 -11.16
CA PRO B 420 0.02 -56.89 -10.55
C PRO B 420 0.35 -56.28 -9.19
N LYS B 421 -0.66 -55.72 -8.53
CA LYS B 421 -0.50 -55.03 -7.24
C LYS B 421 -1.19 -55.86 -6.15
N ALA B 422 -0.40 -56.60 -5.39
CA ALA B 422 -0.88 -57.34 -4.23
C ALA B 422 -0.07 -56.96 -3.01
N ALA B 423 -0.61 -57.30 -1.83
CA ALA B 423 0.04 -56.94 -0.57
C ALA B 423 1.19 -57.89 -0.22
N PRO B 424 0.91 -59.15 0.20
CA PRO B 424 1.92 -59.89 0.97
C PRO B 424 2.96 -60.58 0.11
N LYS B 425 3.23 -60.03 -1.09
CA LYS B 425 4.17 -60.60 -2.05
C LYS B 425 3.80 -62.04 -2.37
N PRO B 426 2.63 -62.28 -2.98
CA PRO B 426 2.13 -63.64 -3.16
C PRO B 426 2.86 -64.45 -4.22
N LYS B 427 2.39 -65.67 -4.45
CA LYS B 427 3.01 -66.63 -5.38
C LYS B 427 2.33 -66.59 -6.75
N PHE B 428 3.02 -67.14 -7.74
CA PHE B 428 2.69 -66.92 -9.14
C PHE B 428 2.42 -68.25 -9.85
N SER B 429 1.73 -68.18 -10.99
CA SER B 429 1.55 -69.37 -11.82
C SER B 429 1.14 -68.98 -13.23
N TRP B 430 1.42 -69.89 -14.17
CA TRP B 430 1.16 -69.73 -15.60
C TRP B 430 0.53 -71.00 -16.14
N SER B 431 -0.45 -70.87 -17.03
CA SER B 431 -1.29 -72.01 -17.41
C SER B 431 -1.66 -71.94 -18.89
N LYS B 432 -1.29 -72.97 -19.65
CA LYS B 432 -1.53 -73.02 -21.09
C LYS B 432 -2.70 -73.96 -21.41
N GLY B 433 -3.88 -73.58 -20.94
CA GLY B 433 -5.09 -74.31 -21.28
C GLY B 433 -5.16 -75.71 -20.71
N THR B 434 -4.29 -76.60 -21.20
CA THR B 434 -4.22 -77.98 -20.72
C THR B 434 -2.84 -78.31 -20.17
N GLU B 435 -2.07 -77.29 -19.78
CA GLU B 435 -0.76 -77.46 -19.17
C GLU B 435 -0.58 -76.46 -18.04
N TRP B 436 -0.06 -76.95 -16.91
CA TRP B 436 0.57 -76.10 -15.91
C TRP B 436 2.06 -76.01 -16.19
N LEU B 437 2.59 -74.79 -16.23
CA LEU B 437 3.97 -74.54 -16.61
C LEU B 437 4.80 -74.17 -15.39
N VAL B 438 6.05 -74.64 -15.36
CA VAL B 438 6.92 -74.56 -14.18
C VAL B 438 8.37 -74.37 -14.61
N ASN B 439 9.25 -74.20 -13.63
CA ASN B 439 10.69 -74.10 -13.86
C ASN B 439 11.21 -75.32 -14.59
N SER B 440 12.03 -75.07 -15.62
CA SER B 440 12.51 -76.13 -16.50
C SER B 440 13.91 -75.77 -16.97
N SER B 441 14.38 -76.50 -17.99
CA SER B 441 15.69 -76.27 -18.59
C SER B 441 15.70 -74.91 -19.28
N ARG B 442 14.94 -74.77 -20.36
CA ARG B 442 14.91 -73.53 -21.11
C ARG B 442 13.86 -72.57 -20.57
N ILE B 443 12.90 -73.07 -19.78
CA ILE B 443 11.80 -72.29 -19.24
C ILE B 443 12.09 -72.02 -17.77
N LEU B 444 12.06 -70.74 -17.38
CA LEU B 444 12.22 -70.37 -15.99
C LEU B 444 11.19 -69.30 -15.62
N ILE B 445 10.74 -69.36 -14.36
CA ILE B 445 9.89 -68.32 -13.78
C ILE B 445 10.69 -67.71 -12.62
N TRP B 446 11.47 -66.67 -12.92
CA TRP B 446 12.09 -65.90 -11.85
C TRP B 446 11.04 -65.33 -10.89
N GLU B 447 11.49 -65.02 -9.67
CA GLU B 447 10.57 -64.81 -8.55
C GLU B 447 9.74 -63.54 -8.70
N ASP B 448 10.14 -62.62 -9.58
CA ASP B 448 9.43 -61.35 -9.71
C ASP B 448 8.09 -61.51 -10.44
N GLY B 449 7.86 -62.65 -11.10
CA GLY B 449 6.59 -62.98 -11.71
C GLY B 449 6.61 -63.03 -13.22
N SER B 450 7.65 -62.46 -13.85
CA SER B 450 7.80 -62.54 -15.29
C SER B 450 8.20 -63.95 -15.72
N LEU B 451 8.06 -64.22 -17.02
CA LEU B 451 8.22 -65.56 -17.58
C LEU B 451 9.18 -65.49 -18.76
N GLU B 452 10.13 -66.43 -18.81
CA GLU B 452 11.19 -66.46 -19.82
C GLU B 452 11.10 -67.73 -20.65
N ILE B 453 11.34 -67.60 -21.96
CA ILE B 453 11.47 -68.75 -22.86
C ILE B 453 12.65 -68.51 -23.80
N ASN B 454 13.47 -69.55 -23.98
CA ASN B 454 14.64 -69.51 -24.85
C ASN B 454 14.45 -70.48 -26.01
N ASN B 455 14.92 -70.08 -27.21
CA ASN B 455 14.88 -70.89 -28.41
C ASN B 455 13.47 -71.39 -28.70
N ILE B 456 12.62 -70.50 -29.22
CA ILE B 456 11.19 -70.76 -29.34
C ILE B 456 10.92 -71.65 -30.56
N THR B 457 9.78 -72.35 -30.50
CA THR B 457 9.32 -73.24 -31.55
C THR B 457 7.85 -72.91 -31.87
N ARG B 458 7.37 -73.49 -32.97
CA ARG B 458 6.00 -73.22 -33.41
C ARG B 458 4.96 -73.64 -32.37
N ASN B 459 5.24 -74.73 -31.63
CA ASN B 459 4.27 -75.24 -30.67
C ASN B 459 4.08 -74.33 -29.46
N ASP B 460 4.98 -73.35 -29.26
CA ASP B 460 4.87 -72.47 -28.10
C ASP B 460 3.70 -71.50 -28.22
N GLY B 461 3.43 -71.00 -29.42
CA GLY B 461 2.32 -70.09 -29.65
C GLY B 461 0.97 -70.61 -29.19
N GLY B 462 0.24 -69.80 -28.42
CA GLY B 462 -1.10 -70.20 -28.03
C GLY B 462 -1.70 -69.34 -26.92
N ILE B 463 -2.57 -69.95 -26.14
CA ILE B 463 -3.36 -69.26 -25.12
C ILE B 463 -2.70 -69.50 -23.76
N TYR B 464 -2.15 -68.44 -23.17
CA TYR B 464 -1.55 -68.49 -21.84
C TYR B 464 -2.37 -67.68 -20.86
N THR B 465 -2.45 -68.13 -19.61
CA THR B 465 -3.12 -67.38 -18.56
C THR B 465 -2.16 -67.18 -17.39
N CYS B 466 -2.03 -65.95 -16.91
CA CYS B 466 -1.29 -65.67 -15.68
C CYS B 466 -2.24 -65.65 -14.49
N PHE B 467 -1.92 -66.46 -13.47
CA PHE B 467 -2.65 -66.50 -12.22
C PHE B 467 -1.76 -65.95 -11.10
N ALA B 468 -2.27 -64.95 -10.37
CA ALA B 468 -1.63 -64.42 -9.18
C ALA B 468 -2.35 -64.97 -7.96
N GLU B 469 -1.63 -65.76 -7.15
CA GLU B 469 -2.16 -66.60 -6.08
C GLU B 469 -1.73 -66.01 -4.74
N ASN B 470 -2.67 -65.36 -4.06
CA ASN B 470 -2.42 -64.67 -2.81
C ASN B 470 -3.13 -65.37 -1.67
N ASN B 471 -2.55 -65.23 -0.47
CA ASN B 471 -3.20 -65.70 0.76
C ASN B 471 -4.67 -65.29 0.81
N ARG B 472 -4.96 -64.04 0.44
CA ARG B 472 -6.30 -63.48 0.47
C ARG B 472 -6.72 -63.20 -0.98
N GLY B 473 -7.41 -64.17 -1.58
CA GLY B 473 -7.94 -64.03 -2.93
C GLY B 473 -6.87 -64.21 -4.00
N LYS B 474 -7.33 -64.30 -5.25
CA LYS B 474 -6.47 -64.49 -6.40
C LYS B 474 -6.97 -63.66 -7.56
N ALA B 475 -6.16 -63.57 -8.62
CA ALA B 475 -6.55 -62.87 -9.84
C ALA B 475 -6.03 -63.60 -11.07
N ASN B 476 -6.79 -63.51 -12.16
CA ASN B 476 -6.51 -64.24 -13.39
C ASN B 476 -6.59 -63.32 -14.61
N SER B 477 -5.52 -63.26 -15.40
CA SER B 477 -5.49 -62.51 -16.65
C SER B 477 -5.13 -63.40 -17.84
N THR B 478 -5.64 -63.03 -19.01
CA THR B 478 -5.54 -63.83 -20.23
C THR B 478 -4.55 -63.22 -21.22
N GLY B 479 -3.75 -64.07 -21.86
CA GLY B 479 -2.81 -63.63 -22.89
C GLY B 479 -2.89 -64.54 -24.10
N THR B 480 -2.83 -63.94 -25.29
CA THR B 480 -2.78 -64.67 -26.56
C THR B 480 -1.45 -64.38 -27.26
N LEU B 481 -0.72 -65.44 -27.62
CA LEU B 481 0.65 -65.33 -28.12
C LEU B 481 0.75 -65.96 -29.52
N VAL B 482 1.19 -65.16 -30.49
CA VAL B 482 1.31 -65.55 -31.89
C VAL B 482 2.78 -65.55 -32.29
N ILE B 483 3.17 -66.53 -33.11
CA ILE B 483 4.54 -66.65 -33.63
C ILE B 483 4.52 -66.46 -35.15
N THR B 484 5.57 -65.84 -35.67
CA THR B 484 5.67 -65.49 -37.08
C THR B 484 6.99 -65.95 -37.68
N ASN B 485 7.02 -66.05 -39.01
CA ASN B 485 8.21 -66.46 -39.74
C ASN B 485 9.34 -65.43 -39.53
N PRO B 486 10.53 -65.87 -39.14
CA PRO B 486 11.55 -64.91 -38.67
C PRO B 486 12.11 -64.04 -39.78
N THR B 487 12.44 -62.80 -39.40
CA THR B 487 13.02 -61.80 -40.29
C THR B 487 14.54 -61.96 -40.29
N ARG B 488 15.11 -62.47 -41.38
CA ARG B 488 16.55 -62.73 -41.43
C ARG B 488 17.18 -62.08 -42.66
N ILE B 489 18.50 -62.06 -42.68
CA ILE B 489 19.27 -61.40 -43.72
C ILE B 489 19.73 -62.43 -44.76
N ILE B 490 19.30 -62.23 -46.00
CA ILE B 490 19.73 -63.10 -47.09
C ILE B 490 21.14 -62.75 -47.55
N LEU B 491 21.37 -61.48 -47.92
CA LEU B 491 22.65 -61.00 -48.41
C LEU B 491 23.25 -60.02 -47.40
N ALA B 492 24.49 -60.31 -46.94
CA ALA B 492 25.23 -59.50 -45.99
C ALA B 492 26.13 -58.50 -46.69
N PRO B 493 26.52 -57.42 -45.99
CA PRO B 493 27.44 -56.44 -46.58
C PRO B 493 28.87 -56.96 -46.73
N ILE B 494 29.53 -56.50 -47.79
CA ILE B 494 30.90 -56.87 -48.11
C ILE B 494 31.82 -55.67 -47.90
N ASN B 495 33.04 -55.95 -47.44
CA ASN B 495 34.04 -54.93 -47.13
C ASN B 495 34.55 -54.26 -48.40
N ALA B 496 35.07 -53.03 -48.25
CA ALA B 496 35.48 -52.23 -49.40
C ALA B 496 36.64 -51.31 -49.04
N ASP B 497 37.49 -51.04 -50.05
CA ASP B 497 38.60 -50.09 -49.97
C ASP B 497 38.49 -49.11 -51.12
N ILE B 498 38.57 -47.81 -50.83
CA ILE B 498 38.45 -46.75 -51.83
C ILE B 498 39.37 -45.60 -51.46
N THR B 499 39.44 -44.60 -52.35
CA THR B 499 40.20 -43.39 -52.13
C THR B 499 39.27 -42.24 -51.75
N VAL B 500 39.85 -41.06 -51.53
CA VAL B 500 39.06 -39.88 -51.17
C VAL B 500 38.27 -39.41 -52.38
N GLY B 501 36.97 -39.14 -52.16
CA GLY B 501 36.11 -38.58 -53.18
C GLY B 501 35.32 -39.61 -53.96
N GLU B 502 35.34 -40.86 -53.52
CA GLU B 502 34.68 -41.96 -54.22
C GLU B 502 33.21 -42.04 -53.85
N ASN B 503 32.44 -42.72 -54.70
CA ASN B 503 31.06 -43.08 -54.42
C ASN B 503 30.99 -44.56 -54.04
N ALA B 504 30.49 -44.85 -52.83
CA ALA B 504 30.51 -46.20 -52.28
C ALA B 504 29.09 -46.70 -52.04
N THR B 505 28.93 -48.03 -52.05
CA THR B 505 27.63 -48.68 -51.87
C THR B 505 27.74 -49.83 -50.88
N MET B 506 26.78 -49.90 -49.96
CA MET B 506 26.64 -51.00 -49.01
C MET B 506 25.35 -51.77 -49.28
N GLN B 507 25.47 -53.11 -49.31
CA GLN B 507 24.41 -54.02 -49.75
C GLN B 507 23.70 -54.66 -48.55
N CYS B 508 22.38 -54.84 -48.66
CA CYS B 508 21.59 -55.46 -47.60
C CYS B 508 20.25 -55.95 -48.16
N ALA B 509 19.93 -57.22 -47.91
CA ALA B 509 18.65 -57.83 -48.31
C ALA B 509 18.11 -58.71 -47.20
N ALA B 510 16.79 -58.65 -46.97
CA ALA B 510 16.18 -59.40 -45.87
C ALA B 510 14.89 -60.09 -46.32
N SER B 511 14.50 -61.10 -45.53
CA SER B 511 13.25 -61.84 -45.70
C SER B 511 12.40 -61.76 -44.43
N PHE B 512 11.08 -61.73 -44.63
CA PHE B 512 10.11 -61.39 -43.59
C PHE B 512 8.76 -62.01 -43.94
N ASP B 513 7.81 -61.90 -43.00
CA ASP B 513 6.41 -62.32 -43.00
C ASP B 513 5.52 -61.17 -43.44
N PRO B 514 4.50 -61.43 -44.27
CA PRO B 514 3.63 -60.33 -44.74
C PRO B 514 2.92 -59.57 -43.63
N ALA B 515 2.44 -60.27 -42.59
CA ALA B 515 1.68 -59.61 -41.53
C ALA B 515 2.47 -58.49 -40.87
N LEU B 516 3.78 -58.63 -40.78
CA LEU B 516 4.63 -57.79 -39.93
C LEU B 516 4.94 -56.44 -40.59
N ASP B 517 5.22 -55.46 -39.73
CA ASP B 517 5.72 -54.16 -40.15
C ASP B 517 7.23 -54.10 -39.94
N LEU B 518 7.98 -53.91 -41.03
CA LEU B 518 9.43 -54.05 -41.05
C LEU B 518 10.11 -52.71 -41.35
N THR B 519 11.35 -52.55 -40.84
CA THR B 519 12.17 -51.37 -41.08
C THR B 519 13.62 -51.78 -41.29
N PHE B 520 14.38 -50.88 -41.92
CA PHE B 520 15.83 -51.01 -42.12
C PHE B 520 16.55 -49.86 -41.42
N VAL B 521 17.61 -50.17 -40.69
CA VAL B 521 18.39 -49.17 -39.95
C VAL B 521 19.89 -49.36 -40.23
N TRP B 522 20.56 -48.28 -40.62
CA TRP B 522 21.99 -48.28 -40.90
C TRP B 522 22.75 -47.56 -39.78
N SER B 523 23.80 -48.20 -39.27
CA SER B 523 24.61 -47.64 -38.18
C SER B 523 26.09 -47.56 -38.58
N PHE B 524 26.74 -46.48 -38.16
CA PHE B 524 28.16 -46.22 -38.43
C PHE B 524 28.95 -46.33 -37.13
N ASN B 525 29.83 -47.32 -37.05
CA ASN B 525 30.70 -47.54 -35.89
C ASN B 525 29.88 -47.76 -34.63
N GLY B 526 28.78 -48.51 -34.77
CA GLY B 526 27.90 -48.77 -33.65
C GLY B 526 27.16 -47.55 -33.15
N TYR B 527 27.11 -46.50 -33.96
CA TYR B 527 26.23 -45.36 -33.72
C TYR B 527 25.25 -45.27 -34.88
N VAL B 528 23.96 -45.20 -34.55
CA VAL B 528 22.93 -45.19 -35.58
C VAL B 528 22.92 -43.84 -36.28
N ILE B 529 22.89 -43.87 -37.61
CA ILE B 529 22.63 -42.68 -38.41
C ILE B 529 21.14 -42.37 -38.34
N ASP B 530 20.81 -41.17 -37.86
CA ASP B 530 19.41 -40.83 -37.61
C ASP B 530 18.63 -40.57 -38.89
N PHE B 531 19.29 -40.00 -39.91
CA PHE B 531 18.67 -39.59 -41.17
C PHE B 531 17.59 -38.53 -40.96
N ASN B 532 17.60 -37.88 -39.81
CA ASN B 532 16.55 -36.93 -39.43
C ASN B 532 16.99 -35.48 -39.59
N LYS B 533 18.29 -35.24 -39.68
CA LYS B 533 18.86 -33.90 -39.77
C LYS B 533 19.59 -33.74 -41.09
N GLU B 534 19.64 -32.49 -41.58
CA GLU B 534 20.10 -32.22 -42.92
C GLU B 534 21.60 -32.45 -43.08
N ILE B 535 22.35 -32.46 -41.98
CA ILE B 535 23.80 -32.63 -42.06
C ILE B 535 24.14 -34.02 -42.59
N THR B 536 23.43 -35.04 -42.12
CA THR B 536 23.77 -36.42 -42.48
C THR B 536 23.52 -36.69 -43.96
N HIS B 537 22.46 -36.08 -44.52
CA HIS B 537 22.07 -36.36 -45.89
C HIS B 537 23.07 -35.84 -46.91
N ILE B 538 24.04 -35.03 -46.49
CA ILE B 538 25.03 -34.49 -47.42
C ILE B 538 25.77 -35.62 -48.12
N HIS B 539 26.31 -36.56 -47.33
CA HIS B 539 27.12 -37.65 -47.86
C HIS B 539 26.38 -38.97 -47.99
N TYR B 540 25.34 -39.19 -47.18
CA TYR B 540 24.65 -40.47 -47.09
C TYR B 540 23.30 -40.40 -47.78
N GLN B 541 22.91 -41.53 -48.41
CA GLN B 541 21.66 -41.61 -49.15
C GLN B 541 21.12 -43.03 -49.08
N ARG B 542 19.79 -43.15 -49.04
CA ARG B 542 19.12 -44.44 -48.90
C ARG B 542 18.01 -44.59 -49.94
N ASN B 543 17.89 -45.80 -50.51
CA ASN B 543 16.98 -46.08 -51.63
C ASN B 543 16.44 -47.51 -51.52
N PHE B 544 15.56 -47.75 -50.55
CA PHE B 544 14.99 -49.08 -50.35
C PHE B 544 13.95 -49.40 -51.42
N MET B 545 14.02 -50.61 -51.98
CA MET B 545 13.19 -50.99 -53.12
C MET B 545 13.06 -52.50 -53.16
N LEU B 546 12.39 -53.00 -54.21
CA LEU B 546 12.22 -54.42 -54.47
C LEU B 546 11.48 -55.11 -53.32
N ASP B 547 11.60 -56.43 -53.22
CA ASP B 547 10.99 -57.19 -52.14
C ASP B 547 11.95 -57.35 -50.97
N ALA B 548 13.25 -57.16 -51.21
CA ALA B 548 14.30 -57.41 -50.25
C ALA B 548 15.34 -56.30 -50.16
N ASN B 549 15.44 -55.45 -51.19
CA ASN B 549 16.60 -54.59 -51.40
C ASN B 549 16.57 -53.37 -50.46
N GLY B 550 17.65 -53.16 -49.74
CA GLY B 550 17.80 -52.00 -48.87
C GLY B 550 19.23 -51.52 -48.70
N GLU B 551 19.79 -50.91 -49.74
CA GLU B 551 21.20 -50.54 -49.79
C GLU B 551 21.41 -49.09 -49.36
N LEU B 552 22.69 -48.73 -49.17
CA LEU B 552 23.08 -47.39 -48.76
C LEU B 552 24.16 -46.85 -49.68
N LEU B 553 24.10 -45.55 -49.97
CA LEU B 553 25.02 -44.86 -50.86
C LEU B 553 25.80 -43.79 -50.10
N ILE B 554 27.10 -43.69 -50.38
CA ILE B 554 27.98 -42.67 -49.80
C ILE B 554 28.61 -41.86 -50.92
N ARG B 555 28.48 -40.53 -50.83
CA ARG B 555 29.07 -39.62 -51.80
C ARG B 555 30.16 -38.78 -51.14
N ASN B 556 31.23 -38.51 -51.89
CA ASN B 556 32.34 -37.66 -51.47
C ASN B 556 32.93 -38.15 -50.14
N ALA B 557 33.47 -39.37 -50.18
CA ALA B 557 34.09 -39.98 -49.01
C ALA B 557 35.26 -39.14 -48.50
N GLN B 558 35.42 -39.14 -47.18
CA GLN B 558 36.48 -38.42 -46.49
C GLN B 558 37.26 -39.39 -45.61
N LEU B 559 38.32 -38.88 -44.98
CA LEU B 559 39.09 -39.67 -44.02
C LEU B 559 38.19 -40.20 -42.90
N LYS B 560 37.33 -39.33 -42.37
CA LYS B 560 36.51 -39.67 -41.21
C LYS B 560 35.45 -40.72 -41.52
N HIS B 561 35.03 -40.83 -42.78
CA HIS B 561 33.91 -41.71 -43.14
C HIS B 561 34.29 -43.18 -43.07
N ALA B 562 35.56 -43.52 -43.27
CA ALA B 562 36.02 -44.89 -43.20
C ALA B 562 35.67 -45.52 -41.85
N GLY B 563 35.14 -46.74 -41.88
CA GLY B 563 34.89 -47.45 -40.63
C GLY B 563 33.88 -48.58 -40.81
N ARG B 564 33.19 -48.88 -39.71
CA ARG B 564 32.27 -50.02 -39.64
C ARG B 564 30.85 -49.59 -39.98
N TYR B 565 30.25 -50.25 -40.97
CA TYR B 565 28.85 -50.00 -41.36
C TYR B 565 28.03 -51.25 -41.12
N THR B 566 26.96 -51.12 -40.33
CA THR B 566 26.09 -52.23 -39.95
C THR B 566 24.66 -52.00 -40.41
N CYS B 567 24.12 -52.98 -41.15
CA CYS B 567 22.71 -53.02 -41.55
C CYS B 567 21.91 -53.87 -40.58
N THR B 568 20.80 -53.33 -40.08
CA THR B 568 19.91 -54.03 -39.14
C THR B 568 18.49 -54.03 -39.68
N ALA B 569 17.98 -55.21 -40.03
CA ALA B 569 16.59 -55.41 -40.39
C ALA B 569 15.78 -55.63 -39.12
N GLN B 570 15.00 -54.63 -38.73
CA GLN B 570 14.26 -54.64 -37.47
C GLN B 570 12.76 -54.66 -37.71
N THR B 571 12.07 -55.62 -37.09
CA THR B 571 10.61 -55.65 -37.04
C THR B 571 10.19 -55.78 -35.59
N ILE B 572 8.88 -55.87 -35.34
CA ILE B 572 8.38 -55.85 -33.97
C ILE B 572 8.59 -57.19 -33.27
N VAL B 573 8.96 -58.24 -33.99
CA VAL B 573 9.20 -59.55 -33.40
C VAL B 573 10.68 -59.77 -33.09
N ASP B 574 11.57 -59.40 -34.01
CA ASP B 574 13.00 -59.58 -33.83
C ASP B 574 13.75 -58.67 -34.80
N ASN B 575 15.07 -58.65 -34.67
CA ASN B 575 15.94 -57.88 -35.55
C ASN B 575 17.22 -58.65 -35.84
N SER B 576 17.66 -58.61 -37.11
CA SER B 576 18.88 -59.28 -37.55
C SER B 576 19.88 -58.25 -38.09
N SER B 577 21.15 -58.38 -37.67
CA SER B 577 22.20 -57.41 -37.96
C SER B 577 23.36 -58.05 -38.72
N ALA B 578 24.03 -57.25 -39.56
CA ALA B 578 25.22 -57.68 -40.29
C ALA B 578 26.10 -56.47 -40.61
N SER B 579 27.42 -56.62 -40.41
CA SER B 579 28.36 -55.50 -40.48
C SER B 579 29.44 -55.72 -41.55
N ALA B 580 30.10 -54.61 -41.91
CA ALA B 580 31.22 -54.64 -42.85
C ALA B 580 32.12 -53.44 -42.60
N ASP B 581 33.25 -53.39 -43.33
CA ASP B 581 34.32 -52.42 -43.11
C ASP B 581 34.63 -51.64 -44.39
N LEU B 582 34.96 -50.34 -44.22
CA LEU B 582 35.29 -49.44 -45.31
C LEU B 582 36.59 -48.71 -45.03
N VAL B 583 37.55 -48.80 -45.95
CA VAL B 583 38.88 -48.20 -45.82
C VAL B 583 39.04 -47.07 -46.85
N VAL B 584 39.71 -45.99 -46.44
CA VAL B 584 39.91 -44.80 -47.25
C VAL B 584 41.41 -44.55 -47.43
N ARG B 585 41.81 -44.23 -48.66
CA ARG B 585 43.20 -43.93 -49.03
C ARG B 585 43.30 -42.53 -49.60
N GLY B 586 44.52 -42.09 -49.83
CA GLY B 586 44.79 -40.81 -50.44
C GLY B 586 45.33 -39.76 -49.47
N SER C 2 -62.39 -14.42 8.53
CA SER C 2 -63.32 -13.31 8.64
C SER C 2 -64.45 -13.44 7.62
N ILE C 3 -65.42 -12.52 7.67
CA ILE C 3 -66.58 -12.55 6.79
C ILE C 3 -66.71 -11.19 6.11
N GLU C 4 -67.04 -11.21 4.82
CA GLU C 4 -67.18 -10.01 4.01
C GLU C 4 -68.61 -9.47 4.07
N ILE C 5 -68.76 -8.18 3.77
CA ILE C 5 -70.07 -7.53 3.78
C ILE C 5 -70.27 -6.71 2.51
N PRO C 6 -71.38 -6.89 1.80
CA PRO C 6 -71.69 -6.03 0.66
C PRO C 6 -71.88 -4.56 1.05
N MET C 7 -71.83 -3.69 0.04
CA MET C 7 -71.81 -2.25 0.26
C MET C 7 -73.14 -1.75 0.81
N ASP C 8 -74.26 -2.29 0.35
CA ASP C 8 -75.56 -1.77 0.73
C ASP C 8 -75.77 -1.79 2.23
N LEU C 9 -75.22 -2.80 2.91
CA LEU C 9 -75.40 -2.93 4.35
C LEU C 9 -74.38 -2.08 5.10
N THR C 10 -74.81 -1.51 6.22
CA THR C 10 -73.93 -0.72 7.09
C THR C 10 -72.67 -1.50 7.46
N GLN C 11 -71.52 -0.83 7.36
CA GLN C 11 -70.23 -1.50 7.45
C GLN C 11 -69.11 -0.54 7.87
N PRO C 12 -68.33 -0.89 8.89
CA PRO C 12 -67.11 -0.12 9.22
C PRO C 12 -66.06 -0.24 8.13
N PRO C 13 -65.01 0.60 8.18
CA PRO C 13 -64.00 0.58 7.12
C PRO C 13 -63.13 -0.66 7.15
N THR C 14 -62.72 -1.10 5.96
CA THR C 14 -61.79 -2.22 5.82
C THR C 14 -60.89 -1.97 4.61
N ILE C 15 -59.58 -2.10 4.79
CA ILE C 15 -58.62 -1.78 3.73
C ILE C 15 -58.50 -2.94 2.75
N THR C 16 -58.82 -2.68 1.49
CA THR C 16 -58.72 -3.68 0.44
C THR C 16 -57.26 -3.96 0.07
N LYS C 17 -56.51 -2.92 -0.29
CA LYS C 17 -55.16 -3.08 -0.83
C LYS C 17 -54.28 -1.93 -0.36
N GLN C 18 -53.01 -2.25 -0.05
CA GLN C 18 -52.04 -1.23 0.32
C GLN C 18 -50.66 -1.63 -0.18
N SER C 19 -49.78 -0.64 -0.26
CA SER C 19 -48.42 -0.81 -0.76
C SER C 19 -47.51 -1.41 0.31
N VAL C 20 -46.25 -1.68 -0.08
CA VAL C 20 -45.31 -2.40 0.76
C VAL C 20 -44.83 -1.51 1.90
N LYS C 21 -44.46 -2.16 3.02
CA LYS C 21 -43.79 -1.45 4.12
C LYS C 21 -42.58 -0.67 3.63
N ASP C 22 -41.60 -1.38 3.04
CA ASP C 22 -40.41 -0.74 2.48
C ASP C 22 -40.65 -0.50 0.98
N HIS C 23 -41.43 0.54 0.70
CA HIS C 23 -41.83 0.86 -0.67
C HIS C 23 -40.69 1.59 -1.38
N ILE C 24 -40.13 0.95 -2.40
CA ILE C 24 -39.06 1.50 -3.21
C ILE C 24 -39.60 1.77 -4.61
N VAL C 25 -39.16 2.87 -5.21
CA VAL C 25 -39.85 3.47 -6.35
C VAL C 25 -38.81 4.02 -7.32
N ASP C 26 -39.30 4.45 -8.52
CA ASP C 26 -38.56 4.94 -9.67
C ASP C 26 -38.70 6.45 -9.81
N PRO C 27 -37.61 7.17 -10.05
CA PRO C 27 -37.71 8.63 -10.19
C PRO C 27 -38.42 9.08 -11.46
N ARG C 28 -38.43 8.28 -12.52
CA ARG C 28 -39.08 8.69 -13.76
C ARG C 28 -40.59 8.77 -13.60
N ASP C 29 -41.23 7.63 -13.33
CA ASP C 29 -42.66 7.49 -13.40
C ASP C 29 -43.39 8.53 -12.54
N ASN C 30 -44.52 9.01 -13.05
CA ASN C 30 -45.52 9.66 -12.20
C ASN C 30 -45.91 8.70 -11.07
N ILE C 31 -45.58 9.09 -9.84
CA ILE C 31 -45.57 8.13 -8.73
C ILE C 31 -46.97 7.95 -8.16
N LEU C 32 -47.33 6.70 -7.85
CA LEU C 32 -48.67 6.30 -7.47
C LEU C 32 -48.62 5.42 -6.22
N ILE C 33 -49.42 5.78 -5.21
CA ILE C 33 -49.52 5.02 -3.96
C ILE C 33 -50.96 4.57 -3.77
N GLU C 34 -51.17 3.25 -3.73
CA GLU C 34 -52.48 2.64 -3.58
C GLU C 34 -52.92 2.61 -2.13
N CYS C 35 -54.07 3.23 -1.82
CA CYS C 35 -54.75 3.06 -0.53
C CYS C 35 -56.25 3.05 -0.77
N GLU C 36 -56.85 1.86 -0.74
CA GLU C 36 -58.27 1.66 -1.05
C GLU C 36 -58.99 1.03 0.13
N ALA C 37 -60.19 1.53 0.44
CA ALA C 37 -60.95 1.02 1.57
C ALA C 37 -62.42 0.83 1.19
N LYS C 38 -63.09 -0.04 1.94
CA LYS C 38 -64.52 -0.31 1.81
C LYS C 38 -65.26 0.18 3.04
N GLY C 39 -66.42 0.81 2.80
CA GLY C 39 -67.26 1.32 3.86
C GLY C 39 -68.61 1.78 3.34
N ASN C 40 -69.71 1.26 3.90
CA ASN C 40 -71.04 1.74 3.54
C ASN C 40 -71.19 3.25 3.67
N PRO C 41 -70.85 3.88 4.80
CA PRO C 41 -70.75 5.35 4.80
C PRO C 41 -69.38 5.79 4.26
N ALA C 42 -69.41 6.77 3.36
CA ALA C 42 -68.25 7.26 2.63
C ALA C 42 -67.03 7.49 3.52
N PRO C 43 -65.98 6.68 3.35
CA PRO C 43 -64.73 6.92 4.10
C PRO C 43 -63.89 8.05 3.53
N SER C 44 -63.24 8.78 4.45
CA SER C 44 -62.32 9.87 4.12
C SER C 44 -60.89 9.44 4.40
N PHE C 45 -59.97 9.83 3.52
CA PHE C 45 -58.60 9.37 3.53
C PHE C 45 -57.62 10.52 3.78
N HIS C 46 -56.57 10.26 4.54
CA HIS C 46 -55.53 11.26 4.78
C HIS C 46 -54.23 10.58 5.21
N TRP C 47 -53.15 11.37 5.28
CA TRP C 47 -51.79 10.81 5.31
C TRP C 47 -50.86 11.58 6.24
N THR C 48 -49.84 10.87 6.73
CA THR C 48 -48.89 11.42 7.71
C THR C 48 -47.47 10.94 7.43
N ARG C 49 -46.51 11.87 7.43
CA ARG C 49 -45.10 11.58 7.22
C ARG C 49 -44.31 11.75 8.51
N ASN C 50 -43.54 10.72 8.87
CA ASN C 50 -42.67 10.73 10.06
C ASN C 50 -43.37 11.36 11.28
N SER C 51 -44.59 10.88 11.53
CA SER C 51 -45.38 11.28 12.70
C SER C 51 -45.71 12.77 12.68
N ARG C 52 -45.96 13.31 11.49
CA ARG C 52 -46.48 14.65 11.30
C ARG C 52 -47.42 14.63 10.10
N PHE C 53 -48.57 15.29 10.22
CA PHE C 53 -49.56 15.27 9.14
C PHE C 53 -48.97 15.80 7.84
N PHE C 54 -49.50 15.32 6.70
CA PHE C 54 -49.01 15.70 5.39
C PHE C 54 -50.18 16.16 4.54
N ASN C 55 -50.15 17.42 4.11
CA ASN C 55 -51.30 18.09 3.49
C ASN C 55 -51.28 17.89 1.98
N ILE C 56 -52.35 17.27 1.45
CA ILE C 56 -52.42 16.98 0.03
C ILE C 56 -52.74 18.24 -0.77
N ALA C 57 -53.76 18.99 -0.33
CA ALA C 57 -54.22 20.15 -1.08
C ALA C 57 -53.09 21.14 -1.31
N LYS C 58 -52.25 21.35 -0.30
CA LYS C 58 -51.18 22.35 -0.39
C LYS C 58 -50.23 22.03 -1.53
N ASP C 59 -49.88 20.76 -1.71
CA ASP C 59 -48.93 20.36 -2.74
C ASP C 59 -49.65 20.20 -4.07
N PRO C 60 -49.33 21.00 -5.09
CA PRO C 60 -50.13 20.97 -6.32
C PRO C 60 -49.99 19.67 -7.09
N ARG C 61 -48.79 19.09 -7.12
CA ARG C 61 -48.55 17.87 -7.90
C ARG C 61 -49.39 16.71 -7.40
N VAL C 62 -49.60 16.60 -6.09
CA VAL C 62 -50.27 15.45 -5.50
C VAL C 62 -51.78 15.60 -5.64
N SER C 63 -52.43 14.53 -6.10
CA SER C 63 -53.88 14.51 -6.22
C SER C 63 -54.42 13.12 -5.88
N MET C 64 -55.72 13.08 -5.57
CA MET C 64 -56.37 11.89 -5.03
C MET C 64 -57.41 11.33 -5.99
N ARG C 65 -57.43 10.00 -6.11
CA ARG C 65 -58.45 9.31 -6.87
C ARG C 65 -59.85 9.52 -6.27
N ARG C 66 -60.87 9.39 -7.11
CA ARG C 66 -62.24 9.44 -6.65
C ARG C 66 -62.60 8.19 -5.85
N ARG C 67 -63.32 8.39 -4.74
CA ARG C 67 -63.88 7.31 -3.93
C ARG C 67 -62.81 6.37 -3.41
N SER C 68 -61.61 6.88 -3.20
CA SER C 68 -60.49 6.10 -2.69
C SER C 68 -59.39 7.06 -2.26
N GLY C 69 -58.37 6.52 -1.60
CA GLY C 69 -57.26 7.29 -1.09
C GLY C 69 -55.98 7.16 -1.89
N THR C 70 -56.04 6.50 -3.05
CA THR C 70 -54.86 6.34 -3.90
C THR C 70 -54.38 7.70 -4.41
N LEU C 71 -53.10 7.99 -4.17
CA LEU C 71 -52.52 9.28 -4.52
C LEU C 71 -51.62 9.17 -5.74
N VAL C 72 -51.59 10.24 -6.55
CA VAL C 72 -50.81 10.30 -7.77
C VAL C 72 -50.07 11.64 -7.82
N ILE C 73 -48.80 11.59 -8.23
CA ILE C 73 -47.95 12.77 -8.31
C ILE C 73 -47.30 12.83 -9.69
N ASP C 74 -47.42 13.98 -10.34
CA ASP C 74 -47.04 14.22 -11.73
C ASP C 74 -45.78 15.09 -11.77
N PHE C 75 -44.77 14.64 -12.51
CA PHE C 75 -43.47 15.31 -12.58
C PHE C 75 -43.24 16.04 -13.89
N ARG C 76 -44.28 16.30 -14.67
CA ARG C 76 -44.12 17.04 -15.92
C ARG C 76 -43.49 18.40 -15.68
N SER C 77 -44.09 19.20 -14.79
CA SER C 77 -43.52 20.49 -14.40
C SER C 77 -42.07 20.34 -13.96
N GLY C 78 -41.79 19.34 -13.15
CA GLY C 78 -40.47 19.10 -12.60
C GLY C 78 -40.57 18.49 -11.20
N GLY C 79 -39.58 18.80 -10.38
CA GLY C 79 -39.52 18.28 -9.03
C GLY C 79 -38.78 16.96 -8.94
N ARG C 80 -38.53 16.52 -7.70
CA ARG C 80 -37.65 15.38 -7.45
C ARG C 80 -38.24 14.50 -6.36
N PRO C 81 -38.30 13.19 -6.58
CA PRO C 81 -38.78 12.27 -5.53
C PRO C 81 -37.91 12.22 -4.29
N GLU C 82 -36.61 12.55 -4.38
CA GLU C 82 -35.70 12.41 -3.26
C GLU C 82 -36.23 13.10 -2.00
N GLU C 83 -36.90 14.24 -2.17
CA GLU C 83 -37.34 15.04 -1.03
C GLU C 83 -38.49 14.39 -0.27
N TYR C 84 -39.12 13.35 -0.82
CA TYR C 84 -40.29 12.72 -0.24
C TYR C 84 -39.96 11.48 0.58
N GLU C 85 -38.68 11.23 0.86
CA GLU C 85 -38.28 10.03 1.57
C GLU C 85 -38.63 10.10 3.05
N GLY C 86 -39.06 8.97 3.61
CA GLY C 86 -39.40 8.87 5.02
C GLY C 86 -40.56 7.93 5.24
N GLU C 87 -41.14 7.98 6.45
CA GLU C 87 -42.23 7.09 6.83
C GLU C 87 -43.58 7.78 6.65
N TYR C 88 -44.49 7.12 5.93
CA TYR C 88 -45.83 7.63 5.66
C TYR C 88 -46.89 6.65 6.16
N GLN C 89 -48.09 7.19 6.42
CA GLN C 89 -49.20 6.40 6.94
C GLN C 89 -50.53 6.87 6.35
N CYS C 90 -51.37 5.90 5.98
CA CYS C 90 -52.71 6.10 5.43
C CYS C 90 -53.78 5.92 6.51
N PHE C 91 -54.78 6.82 6.51
CA PHE C 91 -55.86 6.84 7.49
C PHE C 91 -57.19 6.85 6.76
N ALA C 92 -58.03 5.83 6.98
CA ALA C 92 -59.38 5.73 6.40
C ALA C 92 -60.43 5.80 7.50
N ARG C 93 -61.26 6.86 7.49
CA ARG C 93 -62.19 7.11 8.58
C ARG C 93 -63.64 7.15 8.07
N ASN C 94 -64.57 6.69 8.92
CA ASN C 94 -65.99 6.88 8.69
C ASN C 94 -66.71 7.01 10.03
N LYS C 95 -68.01 7.27 9.98
CA LYS C 95 -68.82 7.39 11.20
C LYS C 95 -68.55 6.23 12.16
N PHE C 96 -68.44 5.01 11.64
CA PHE C 96 -68.35 3.84 12.50
C PHE C 96 -67.00 3.73 13.19
N GLY C 97 -65.91 3.97 12.46
CA GLY C 97 -64.59 3.79 13.04
C GLY C 97 -63.51 4.28 12.10
N THR C 98 -62.26 4.11 12.55
CA THR C 98 -61.08 4.59 11.85
C THR C 98 -60.06 3.47 11.70
N ALA C 99 -59.61 3.23 10.47
CA ALA C 99 -58.70 2.14 10.14
C ALA C 99 -57.35 2.69 9.66
N LEU C 100 -56.27 2.06 10.13
CA LEU C 100 -54.90 2.47 9.85
C LEU C 100 -54.21 1.46 8.93
N SER C 101 -53.09 1.89 8.36
CA SER C 101 -52.24 1.05 7.52
C SER C 101 -50.82 0.99 8.07
N ASN C 102 -50.01 0.11 7.47
CA ASN C 102 -48.61 -0.05 7.84
C ASN C 102 -47.80 1.22 7.59
N ARG C 103 -46.78 1.44 8.42
CA ARG C 103 -45.84 2.54 8.23
C ARG C 103 -44.97 2.26 7.02
N ILE C 104 -45.11 3.10 5.98
CA ILE C 104 -44.45 2.91 4.70
C ILE C 104 -43.13 3.67 4.71
N ARG C 105 -42.01 2.93 4.76
CA ARG C 105 -40.67 3.51 4.67
C ARG C 105 -40.34 3.85 3.21
N LEU C 106 -41.02 4.88 2.70
CA LEU C 106 -40.86 5.32 1.31
C LEU C 106 -39.43 5.81 1.03
N GLN C 107 -38.70 5.06 0.21
CA GLN C 107 -37.39 5.44 -0.28
C GLN C 107 -37.33 5.25 -1.79
N VAL C 108 -36.52 6.09 -2.45
CA VAL C 108 -36.34 6.04 -3.90
C VAL C 108 -35.03 5.32 -4.21
N SER C 109 -35.11 4.26 -5.03
CA SER C 109 -33.93 3.51 -5.45
C SER C 109 -32.85 4.40 -6.04
N LYS C 110 -31.62 4.20 -5.58
CA LYS C 110 -30.46 4.99 -5.99
C LYS C 110 -29.51 4.13 -6.84
N SER C 111 -28.95 4.73 -7.89
CA SER C 111 -28.03 4.04 -8.81
C SER C 111 -26.74 4.83 -8.94
N PRO C 112 -25.97 4.95 -7.86
CA PRO C 112 -24.80 5.85 -7.87
C PRO C 112 -23.68 5.36 -8.78
N LEU C 113 -23.08 6.32 -9.50
CA LEU C 113 -21.93 6.03 -10.35
C LEU C 113 -20.74 5.54 -9.52
N TRP C 114 -19.87 4.76 -10.16
CA TRP C 114 -18.66 4.30 -9.50
C TRP C 114 -17.69 5.46 -9.25
N PRO C 115 -17.18 5.60 -8.02
CA PRO C 115 -16.14 6.61 -7.74
C PRO C 115 -14.86 6.34 -8.53
N LYS C 116 -14.51 7.27 -9.41
CA LYS C 116 -13.32 7.17 -10.26
C LYS C 116 -12.05 7.05 -9.41
N GLU C 117 -11.53 5.85 -9.23
CA GLU C 117 -10.34 5.62 -8.42
C GLU C 117 -9.18 5.06 -9.24
N ASN C 118 -7.97 5.48 -8.88
CA ASN C 118 -6.74 5.13 -9.58
C ASN C 118 -6.32 3.70 -9.21
N LEU C 119 -6.32 2.79 -10.19
CA LEU C 119 -6.16 1.35 -9.96
C LEU C 119 -4.84 0.85 -10.52
N ASP C 120 -3.89 0.55 -9.64
CA ASP C 120 -2.72 -0.27 -10.01
C ASP C 120 -3.10 -1.73 -10.22
N PRO C 121 -2.64 -2.37 -11.30
CA PRO C 121 -2.88 -3.80 -11.49
C PRO C 121 -2.08 -4.66 -10.51
N VAL C 122 -2.76 -5.68 -9.97
CA VAL C 122 -2.18 -6.57 -8.96
C VAL C 122 -1.36 -7.68 -9.60
N VAL C 123 -0.40 -8.21 -8.85
CA VAL C 123 0.64 -9.09 -9.37
C VAL C 123 0.63 -10.35 -8.51
N VAL C 124 1.23 -11.42 -9.04
CA VAL C 124 1.25 -12.71 -8.35
C VAL C 124 2.20 -13.68 -9.04
N GLN C 125 2.81 -14.58 -8.28
CA GLN C 125 3.57 -15.70 -8.82
C GLN C 125 2.61 -16.79 -9.30
N GLU C 126 3.05 -17.55 -10.31
CA GLU C 126 2.27 -18.68 -10.83
C GLU C 126 1.67 -19.52 -9.70
N GLY C 127 0.35 -19.42 -9.53
CA GLY C 127 -0.39 -20.37 -8.73
C GLY C 127 -0.56 -20.01 -7.27
N ALA C 128 -0.64 -18.73 -6.94
CA ALA C 128 -0.95 -18.23 -5.61
C ALA C 128 -2.41 -17.78 -5.53
N PRO C 129 -2.99 -17.71 -4.33
CA PRO C 129 -4.41 -17.37 -4.21
C PRO C 129 -4.68 -15.87 -4.26
N LEU C 130 -5.90 -15.52 -4.67
CA LEU C 130 -6.27 -14.12 -4.88
C LEU C 130 -7.70 -13.84 -4.46
N THR C 131 -7.91 -12.63 -3.91
CA THR C 131 -9.22 -12.10 -3.54
C THR C 131 -9.42 -10.73 -4.20
N LEU C 132 -10.18 -10.70 -5.30
CA LEU C 132 -10.40 -9.48 -6.09
C LEU C 132 -11.66 -8.77 -5.60
N GLN C 133 -11.47 -7.59 -5.00
CA GLN C 133 -12.50 -6.91 -4.22
C GLN C 133 -13.28 -5.91 -5.07
N CYS C 134 -14.61 -5.97 -4.98
CA CYS C 134 -15.48 -5.01 -5.66
C CYS C 134 -15.83 -3.81 -4.77
N ASN C 135 -16.53 -4.05 -3.66
CA ASN C 135 -16.96 -3.03 -2.71
C ASN C 135 -17.75 -1.92 -3.42
N PRO C 136 -19.00 -2.17 -3.79
CA PRO C 136 -19.79 -1.16 -4.51
C PRO C 136 -20.15 0.02 -3.63
N PRO C 137 -20.53 1.15 -4.24
CA PRO C 137 -21.17 2.23 -3.48
C PRO C 137 -22.52 1.80 -2.94
N PRO C 138 -23.05 2.48 -1.93
CA PRO C 138 -24.24 1.98 -1.22
C PRO C 138 -25.41 1.69 -2.16
N GLY C 139 -25.99 0.49 -2.00
CA GLY C 139 -26.98 -0.02 -2.91
C GLY C 139 -28.22 -0.54 -2.22
N LEU C 140 -29.34 0.16 -2.37
CA LEU C 140 -30.64 -0.35 -1.94
C LEU C 140 -31.57 -0.46 -3.14
N PRO C 141 -32.00 -1.68 -3.54
CA PRO C 141 -31.60 -2.95 -2.91
C PRO C 141 -30.17 -3.34 -3.27
N SER C 142 -29.65 -4.37 -2.62
CA SER C 142 -28.37 -4.97 -3.00
C SER C 142 -28.37 -5.25 -4.50
N PRO C 143 -27.44 -4.68 -5.26
CA PRO C 143 -27.49 -4.83 -6.72
C PRO C 143 -27.07 -6.21 -7.16
N VAL C 144 -27.51 -6.57 -8.37
CA VAL C 144 -27.04 -7.80 -9.02
C VAL C 144 -25.58 -7.62 -9.43
N ILE C 145 -24.69 -8.44 -8.85
CA ILE C 145 -23.25 -8.28 -9.07
C ILE C 145 -22.76 -9.41 -9.96
N PHE C 146 -21.85 -9.08 -10.87
CA PHE C 146 -21.26 -10.06 -11.78
C PHE C 146 -20.08 -9.42 -12.52
N TRP C 147 -19.30 -10.25 -13.18
CA TRP C 147 -18.01 -9.83 -13.72
C TRP C 147 -18.00 -9.93 -15.24
N MET C 148 -17.42 -8.92 -15.88
CA MET C 148 -17.41 -8.78 -17.33
C MET C 148 -16.03 -8.33 -17.79
N SER C 149 -15.66 -8.73 -19.01
CA SER C 149 -14.56 -8.08 -19.72
C SER C 149 -14.99 -6.72 -20.25
N SER C 150 -14.02 -5.83 -20.43
CA SER C 150 -14.28 -4.61 -21.18
C SER C 150 -14.62 -4.93 -22.63
N SER C 151 -14.12 -6.05 -23.14
CA SER C 151 -14.52 -6.57 -24.44
C SER C 151 -15.96 -7.04 -24.45
N MET C 152 -16.64 -6.96 -23.29
CA MET C 152 -18.08 -7.15 -23.07
C MET C 152 -18.44 -8.62 -22.98
N GLU C 153 -17.46 -9.52 -22.95
CA GLU C 153 -17.68 -10.96 -22.92
C GLU C 153 -17.92 -11.43 -21.47
N PRO C 154 -18.86 -12.36 -21.26
CA PRO C 154 -19.01 -12.98 -19.94
C PRO C 154 -17.77 -13.81 -19.58
N ILE C 155 -17.37 -13.71 -18.32
CA ILE C 155 -16.03 -14.07 -17.87
C ILE C 155 -16.00 -15.49 -17.33
N THR C 156 -14.87 -16.16 -17.55
CA THR C 156 -14.63 -17.55 -17.16
C THR C 156 -14.97 -17.85 -15.71
N GLN C 157 -15.99 -18.68 -15.49
CA GLN C 157 -16.35 -19.14 -14.15
C GLN C 157 -16.38 -20.66 -14.13
N ASP C 158 -15.74 -21.26 -13.14
CA ASP C 158 -15.65 -22.71 -13.04
C ASP C 158 -15.42 -23.09 -11.57
N LYS C 159 -15.18 -24.37 -11.34
CA LYS C 159 -14.87 -24.85 -9.98
C LYS C 159 -13.68 -24.12 -9.39
N ARG C 160 -12.67 -23.84 -10.22
CA ARG C 160 -11.43 -23.24 -9.72
C ARG C 160 -11.65 -21.83 -9.19
N VAL C 161 -12.31 -20.98 -9.97
CA VAL C 161 -12.40 -19.54 -9.71
C VAL C 161 -13.84 -19.10 -9.90
N SER C 162 -14.33 -18.24 -9.00
CA SER C 162 -15.75 -17.88 -9.07
C SER C 162 -16.04 -16.64 -8.24
N GLN C 163 -17.27 -16.15 -8.39
CA GLN C 163 -17.73 -14.94 -7.70
C GLN C 163 -18.53 -15.30 -6.45
N GLY C 164 -18.42 -14.45 -5.43
CA GLY C 164 -19.24 -14.57 -4.24
C GLY C 164 -20.58 -13.86 -4.35
N HIS C 165 -21.47 -14.22 -3.43
CA HIS C 165 -22.72 -13.47 -3.28
C HIS C 165 -22.44 -12.03 -2.89
N ASN C 166 -21.42 -11.80 -2.07
CA ASN C 166 -21.04 -10.46 -1.67
C ASN C 166 -20.62 -9.62 -2.87
N GLY C 167 -20.03 -10.25 -3.89
CA GLY C 167 -19.70 -9.61 -5.14
C GLY C 167 -18.24 -9.66 -5.50
N ASP C 168 -17.37 -10.09 -4.59
CA ASP C 168 -15.95 -10.20 -4.87
C ASP C 168 -15.64 -11.51 -5.59
N LEU C 169 -14.54 -11.51 -6.32
CA LEU C 169 -14.11 -12.65 -7.12
C LEU C 169 -12.97 -13.37 -6.40
N TYR C 170 -12.96 -14.71 -6.50
CA TYR C 170 -12.08 -15.53 -5.68
C TYR C 170 -11.36 -16.53 -6.56
N PHE C 171 -10.01 -16.52 -6.46
CA PHE C 171 -9.11 -17.39 -7.20
C PHE C 171 -8.40 -18.30 -6.20
N SER C 172 -8.83 -19.57 -6.13
CA SER C 172 -8.08 -20.56 -5.35
C SER C 172 -6.61 -20.58 -5.76
N ASN C 173 -6.35 -20.49 -7.06
CA ASN C 173 -4.99 -20.47 -7.59
C ASN C 173 -5.02 -19.79 -8.95
N VAL C 174 -4.14 -18.80 -9.13
CA VAL C 174 -4.04 -18.08 -10.39
C VAL C 174 -3.22 -18.90 -11.37
N MET C 175 -3.62 -18.88 -12.65
CA MET C 175 -2.89 -19.56 -13.71
C MET C 175 -2.24 -18.55 -14.64
N LEU C 176 -1.48 -19.08 -15.60
CA LEU C 176 -0.86 -18.25 -16.63
C LEU C 176 -1.93 -17.52 -17.44
N GLN C 177 -2.89 -18.28 -17.98
CA GLN C 177 -3.89 -17.77 -18.91
C GLN C 177 -4.61 -16.53 -18.39
N ASP C 178 -4.70 -16.36 -17.07
CA ASP C 178 -5.51 -15.29 -16.49
C ASP C 178 -5.16 -13.91 -17.00
N MET C 179 -3.92 -13.72 -17.48
CA MET C 179 -3.47 -12.41 -17.95
C MET C 179 -4.15 -12.00 -19.25
N GLN C 180 -4.80 -12.94 -19.94
CA GLN C 180 -5.36 -12.69 -21.27
C GLN C 180 -6.26 -11.46 -21.31
N THR C 181 -7.10 -11.28 -20.30
CA THR C 181 -8.19 -10.32 -20.38
C THR C 181 -8.33 -9.57 -19.05
N ASP C 182 -9.05 -8.46 -19.09
CA ASP C 182 -9.37 -7.66 -17.91
C ASP C 182 -10.65 -8.14 -17.24
N TYR C 183 -10.78 -7.81 -15.96
CA TYR C 183 -11.93 -8.21 -15.15
C TYR C 183 -12.56 -6.97 -14.52
N SER C 184 -13.83 -6.71 -14.85
CA SER C 184 -14.56 -5.53 -14.42
C SER C 184 -15.84 -5.91 -13.68
N CYS C 185 -16.06 -5.29 -12.51
CA CYS C 185 -17.25 -5.54 -11.69
C CYS C 185 -18.44 -4.74 -12.21
N ASN C 186 -19.63 -5.37 -12.22
CA ASN C 186 -20.84 -4.75 -12.73
C ASN C 186 -22.03 -5.03 -11.81
N ALA C 187 -22.85 -4.00 -11.59
CA ALA C 187 -23.95 -4.03 -10.63
C ALA C 187 -25.24 -3.50 -11.26
N ARG C 188 -26.30 -4.30 -11.21
CA ARG C 188 -27.63 -3.93 -11.72
C ARG C 188 -28.54 -3.48 -10.58
N PHE C 189 -29.27 -2.37 -10.80
CA PHE C 189 -30.36 -1.95 -9.93
C PHE C 189 -31.71 -2.27 -10.56
N HIS C 190 -32.46 -3.17 -9.90
CA HIS C 190 -33.78 -3.60 -10.38
C HIS C 190 -34.65 -2.49 -10.96
N PHE C 191 -34.79 -1.38 -10.23
CA PHE C 191 -35.89 -0.46 -10.48
C PHE C 191 -35.64 0.40 -11.70
N THR C 192 -34.44 0.97 -11.82
CA THR C 192 -34.14 1.90 -12.89
C THR C 192 -33.62 1.18 -14.13
N HIS C 193 -33.35 -0.11 -14.02
CA HIS C 193 -32.83 -0.92 -15.13
C HIS C 193 -31.48 -0.40 -15.59
N THR C 194 -30.58 -0.23 -14.63
CA THR C 194 -29.30 0.44 -14.83
C THR C 194 -28.17 -0.41 -14.29
N ILE C 195 -27.02 -0.33 -14.96
CA ILE C 195 -25.83 -1.11 -14.62
C ILE C 195 -24.65 -0.15 -14.41
N GLN C 196 -23.89 -0.39 -13.35
CA GLN C 196 -22.68 0.36 -13.01
C GLN C 196 -21.45 -0.53 -13.16
N GLN C 197 -20.42 0.00 -13.85
CA GLN C 197 -19.21 -0.74 -14.18
C GLN C 197 -17.99 -0.15 -13.48
N LYS C 198 -17.44 -0.88 -12.52
CA LYS C 198 -16.18 -0.50 -11.90
C LYS C 198 -15.03 -0.55 -12.90
N ASN C 199 -14.10 0.41 -12.78
CA ASN C 199 -12.85 0.42 -13.55
C ASN C 199 -12.23 -0.97 -13.60
N PRO C 200 -11.89 -1.47 -14.79
CA PRO C 200 -11.43 -2.85 -14.91
C PRO C 200 -10.05 -3.10 -14.34
N PHE C 201 -9.87 -4.30 -13.80
CA PHE C 201 -8.61 -4.78 -13.22
C PHE C 201 -7.74 -5.47 -14.27
N THR C 202 -6.44 -5.56 -13.95
CA THR C 202 -5.52 -6.37 -14.71
C THR C 202 -4.60 -7.10 -13.74
N LEU C 203 -3.98 -8.18 -14.19
CA LEU C 203 -3.11 -9.00 -13.36
C LEU C 203 -1.77 -9.20 -14.03
N LYS C 204 -0.77 -9.61 -13.23
CA LYS C 204 0.50 -10.06 -13.79
C LYS C 204 0.99 -11.33 -13.09
N VAL C 205 1.49 -12.29 -13.88
CA VAL C 205 1.97 -13.58 -13.39
C VAL C 205 3.49 -13.65 -13.57
N LEU C 206 4.15 -14.47 -12.74
CA LEU C 206 5.61 -14.50 -12.66
C LEU C 206 6.14 -15.94 -12.64
N THR C 207 5.80 -16.73 -13.65
CA THR C 207 6.42 -18.04 -13.82
C THR C 207 7.91 -17.92 -14.11
N ASN C 208 8.75 -18.59 -13.30
CA ASN C 208 10.19 -18.64 -13.52
C ASN C 208 10.67 -20.01 -14.00
N ASN C 209 9.76 -20.93 -14.28
CA ASN C 209 10.12 -22.32 -14.52
C ASN C 209 11.01 -22.48 -15.76
N PRO C 210 12.13 -23.19 -15.67
CA PRO C 210 13.01 -23.39 -16.82
C PRO C 210 12.85 -24.74 -17.51
N TYR C 211 13.25 -24.81 -18.79
CA TYR C 211 13.16 -26.06 -19.54
C TYR C 211 13.99 -27.17 -18.89
N ASN C 212 15.26 -26.91 -18.63
CA ASN C 212 16.16 -27.85 -17.96
C ASN C 212 16.34 -29.11 -18.79
N ARG C 226 4.55 -30.91 -14.78
CA ARG C 226 4.06 -30.10 -13.67
C ARG C 226 5.22 -29.36 -13.01
N GLY C 227 5.85 -28.46 -13.77
CA GLY C 227 7.01 -27.74 -13.27
C GLY C 227 6.72 -26.93 -12.03
N VAL C 228 5.58 -26.22 -12.00
CA VAL C 228 5.23 -25.38 -10.86
C VAL C 228 4.98 -26.26 -9.63
N ALA C 229 5.27 -25.69 -8.45
CA ALA C 229 5.11 -26.36 -7.18
C ALA C 229 3.64 -26.54 -6.80
N GLU C 230 3.37 -27.64 -6.09
CA GLU C 230 2.07 -27.96 -5.52
C GLU C 230 1.98 -27.45 -4.08
N ARG C 231 0.76 -27.34 -3.57
CA ARG C 231 0.58 -26.61 -2.31
C ARG C 231 -0.67 -27.08 -1.58
N THR C 232 -0.64 -26.92 -0.25
CA THR C 232 -1.76 -27.22 0.64
C THR C 232 -2.96 -26.32 0.37
N PRO C 233 -4.17 -26.79 0.68
CA PRO C 233 -5.33 -25.90 0.77
C PRO C 233 -5.26 -24.95 1.95
N SER C 234 -5.97 -23.83 1.83
CA SER C 234 -6.18 -22.89 2.93
C SER C 234 -7.54 -22.23 2.78
N PHE C 235 -8.06 -21.76 3.91
CA PHE C 235 -9.35 -21.05 3.95
C PHE C 235 -9.16 -19.57 3.68
N MET C 236 -10.03 -19.00 2.83
CA MET C 236 -9.87 -17.63 2.38
C MET C 236 -11.00 -16.73 2.85
N TYR C 237 -12.26 -17.02 2.47
CA TYR C 237 -13.37 -16.18 2.93
C TYR C 237 -13.66 -16.41 4.41
N PRO C 238 -14.04 -17.62 4.85
CA PRO C 238 -14.46 -17.76 6.27
C PRO C 238 -13.23 -17.94 7.17
N GLN C 239 -12.65 -16.80 7.55
CA GLN C 239 -11.47 -16.78 8.38
C GLN C 239 -11.73 -17.48 9.71
N GLY C 240 -10.72 -18.19 10.21
CA GLY C 240 -10.87 -18.98 11.40
C GLY C 240 -11.71 -20.22 11.16
N THR C 241 -11.94 -20.97 12.24
CA THR C 241 -12.69 -22.21 12.15
C THR C 241 -14.20 -21.96 12.20
N SER C 242 -14.64 -20.94 12.91
CA SER C 242 -16.03 -20.80 13.33
C SER C 242 -16.60 -19.46 12.87
N SER C 243 -17.90 -19.46 12.61
CA SER C 243 -18.64 -18.23 12.33
C SER C 243 -20.11 -18.45 12.65
N SER C 244 -20.84 -17.35 12.83
CA SER C 244 -22.27 -17.37 13.11
C SER C 244 -23.03 -16.65 12.00
N GLN C 245 -24.14 -17.26 11.56
CA GLN C 245 -25.07 -16.61 10.65
C GLN C 245 -26.48 -16.72 11.19
N MET C 246 -27.28 -15.68 10.95
CA MET C 246 -28.69 -15.62 11.33
C MET C 246 -29.56 -15.48 10.09
N VAL C 247 -30.52 -16.39 9.93
CA VAL C 247 -31.53 -16.28 8.89
C VAL C 247 -32.91 -16.41 9.54
N LEU C 248 -33.88 -15.69 8.99
CA LEU C 248 -35.23 -15.66 9.56
C LEU C 248 -36.05 -16.81 9.00
N ARG C 249 -37.09 -17.19 9.74
CA ARG C 249 -37.90 -18.34 9.37
C ARG C 249 -38.62 -18.08 8.04
N GLY C 250 -38.74 -19.12 7.23
CA GLY C 250 -39.38 -19.04 5.94
C GLY C 250 -38.51 -18.49 4.83
N MET C 251 -37.34 -17.96 5.16
CA MET C 251 -36.46 -17.31 4.21
C MET C 251 -35.60 -18.34 3.48
N ASP C 252 -34.94 -17.88 2.42
CA ASP C 252 -33.95 -18.69 1.71
C ASP C 252 -32.61 -18.63 2.44
N LEU C 253 -32.11 -19.78 2.85
CA LEU C 253 -30.82 -19.86 3.53
C LEU C 253 -29.71 -20.17 2.53
N LEU C 254 -28.60 -19.43 2.64
CA LEU C 254 -27.50 -19.44 1.67
C LEU C 254 -26.17 -19.48 2.43
N LEU C 255 -25.33 -20.47 2.12
CA LEU C 255 -24.01 -20.57 2.73
C LEU C 255 -22.91 -20.69 1.66
N GLU C 256 -21.74 -20.13 1.98
CA GLU C 256 -20.59 -20.02 1.08
C GLU C 256 -19.30 -20.46 1.77
N CYS C 257 -18.44 -21.16 1.02
CA CYS C 257 -17.14 -21.61 1.50
C CYS C 257 -16.09 -21.48 0.41
N ILE C 258 -14.98 -20.80 0.71
CA ILE C 258 -13.92 -20.49 -0.25
C ILE C 258 -12.59 -21.04 0.24
N ALA C 259 -11.89 -21.76 -0.64
CA ALA C 259 -10.65 -22.48 -0.35
C ALA C 259 -9.53 -21.98 -1.26
N SER C 260 -8.33 -22.55 -1.08
CA SER C 260 -7.17 -22.13 -1.90
C SER C 260 -6.13 -23.25 -1.89
N GLY C 261 -6.13 -24.07 -2.94
CA GLY C 261 -5.11 -25.08 -3.13
C GLY C 261 -4.64 -25.19 -4.57
N VAL C 262 -3.35 -25.48 -4.79
CA VAL C 262 -2.84 -25.57 -6.16
C VAL C 262 -3.61 -26.60 -6.99
N PRO C 263 -3.85 -27.83 -6.53
CA PRO C 263 -4.86 -28.67 -7.19
C PRO C 263 -6.24 -28.22 -6.73
N THR C 264 -7.05 -27.73 -7.68
CA THR C 264 -8.39 -27.18 -7.45
C THR C 264 -9.16 -27.93 -6.38
N PRO C 265 -9.34 -27.34 -5.20
CA PRO C 265 -10.09 -28.00 -4.13
C PRO C 265 -11.55 -28.27 -4.49
N ASP C 266 -12.12 -29.26 -3.81
CA ASP C 266 -13.52 -29.66 -3.97
C ASP C 266 -14.26 -29.42 -2.66
N ILE C 267 -15.38 -28.70 -2.72
CA ILE C 267 -16.16 -28.32 -1.55
C ILE C 267 -17.33 -29.28 -1.38
N ALA C 268 -17.44 -29.87 -0.18
CA ALA C 268 -18.59 -30.70 0.21
C ALA C 268 -19.23 -30.18 1.49
N TRP C 269 -20.57 -30.19 1.55
CA TRP C 269 -21.32 -29.56 2.63
C TRP C 269 -22.02 -30.62 3.48
N TYR C 270 -22.02 -30.44 4.80
CA TYR C 270 -22.62 -31.42 5.71
C TYR C 270 -23.14 -30.73 6.97
N LYS C 271 -23.81 -31.52 7.82
CA LYS C 271 -24.55 -31.03 8.97
C LYS C 271 -24.28 -31.91 10.19
N LYS C 272 -24.31 -31.29 11.38
CA LYS C 272 -24.08 -31.99 12.64
C LYS C 272 -25.09 -33.12 12.84
N GLY C 273 -24.56 -34.35 12.94
CA GLY C 273 -25.33 -35.54 13.27
C GLY C 273 -26.71 -35.62 12.65
N GLY C 274 -26.78 -35.44 11.33
CA GLY C 274 -28.04 -35.47 10.62
C GLY C 274 -27.84 -35.34 9.13
N ASP C 275 -28.73 -35.96 8.35
CA ASP C 275 -28.61 -35.93 6.90
C ASP C 275 -29.30 -34.70 6.33
N LEU C 276 -28.78 -34.21 5.21
CA LEU C 276 -29.32 -33.03 4.57
C LEU C 276 -30.68 -33.33 3.93
N PRO C 277 -31.68 -32.49 4.15
CA PRO C 277 -32.95 -32.64 3.41
C PRO C 277 -32.78 -32.37 1.91
N SER C 278 -32.73 -33.45 1.13
CA SER C 278 -32.43 -33.34 -0.30
C SER C 278 -33.53 -32.65 -1.08
N ASN C 279 -34.77 -32.65 -0.58
CA ASN C 279 -35.87 -32.05 -1.31
C ASN C 279 -35.68 -30.55 -1.45
N LYS C 280 -35.11 -29.90 -0.43
CA LYS C 280 -35.02 -28.45 -0.36
C LYS C 280 -33.62 -27.92 -0.67
N ALA C 281 -32.57 -28.57 -0.19
CA ALA C 281 -31.20 -28.11 -0.40
C ALA C 281 -30.77 -28.33 -1.85
N LYS C 282 -29.92 -27.44 -2.35
CA LYS C 282 -29.22 -27.71 -3.61
C LYS C 282 -27.92 -26.93 -3.70
N PHE C 283 -27.03 -27.46 -4.56
CA PHE C 283 -25.73 -26.87 -4.89
C PHE C 283 -25.89 -25.72 -5.87
N GLU C 284 -25.27 -24.59 -5.58
CA GLU C 284 -25.12 -23.51 -6.55
C GLU C 284 -23.67 -23.09 -6.61
N ASN C 285 -23.33 -22.39 -7.70
CA ASN C 285 -22.02 -21.76 -7.88
C ASN C 285 -20.88 -22.78 -7.84
N PHE C 286 -21.05 -23.87 -8.61
CA PHE C 286 -20.07 -24.95 -8.69
C PHE C 286 -19.70 -25.45 -7.29
N ASN C 287 -20.72 -25.87 -6.55
CA ASN C 287 -20.60 -26.58 -5.28
C ASN C 287 -20.02 -25.70 -4.18
N LYS C 288 -19.89 -24.41 -4.42
CA LYS C 288 -19.35 -23.47 -3.44
C LYS C 288 -20.46 -22.69 -2.73
N ALA C 289 -21.72 -22.98 -3.03
CA ALA C 289 -22.86 -22.33 -2.41
C ALA C 289 -23.91 -23.39 -2.14
N LEU C 290 -24.54 -23.32 -0.97
CA LEU C 290 -25.65 -24.21 -0.66
C LEU C 290 -26.89 -23.37 -0.34
N ARG C 291 -28.03 -23.74 -0.93
CA ARG C 291 -29.26 -22.99 -0.78
C ARG C 291 -30.39 -23.92 -0.34
N ILE C 292 -31.22 -23.45 0.59
CA ILE C 292 -32.38 -24.21 1.05
C ILE C 292 -33.65 -23.41 0.78
N THR C 293 -34.80 -24.11 0.74
CA THR C 293 -36.09 -23.49 0.50
C THR C 293 -36.60 -22.94 1.82
N ASN C 294 -37.93 -22.79 1.98
CA ASN C 294 -38.49 -22.34 3.25
C ASN C 294 -37.81 -23.02 4.43
N VAL C 295 -37.37 -22.21 5.40
CA VAL C 295 -36.59 -22.69 6.53
C VAL C 295 -37.46 -22.77 7.79
N SER C 296 -37.22 -23.79 8.60
CA SER C 296 -37.89 -23.99 9.88
C SER C 296 -36.84 -24.27 10.95
N GLU C 297 -37.32 -24.43 12.19
CA GLU C 297 -36.45 -24.79 13.30
C GLU C 297 -35.83 -26.17 13.12
N GLU C 298 -36.44 -27.02 12.30
CA GLU C 298 -35.81 -28.29 11.92
C GLU C 298 -34.41 -28.04 11.38
N ASP C 299 -34.28 -27.11 10.44
CA ASP C 299 -33.03 -26.89 9.73
C ASP C 299 -31.98 -26.21 10.60
N SER C 300 -32.39 -25.57 11.70
CA SER C 300 -31.46 -24.89 12.59
C SER C 300 -30.43 -25.86 13.16
N GLY C 301 -29.20 -25.36 13.32
CA GLY C 301 -28.16 -26.10 14.00
C GLY C 301 -26.74 -25.72 13.62
N GLU C 302 -25.94 -26.71 13.23
CA GLU C 302 -24.52 -26.51 12.95
C GLU C 302 -24.20 -27.13 11.59
N TYR C 303 -23.82 -26.30 10.62
CA TYR C 303 -23.42 -26.82 9.31
C TYR C 303 -21.95 -26.55 9.06
N PHE C 304 -21.28 -27.45 8.34
CA PHE C 304 -19.86 -27.30 8.06
C PHE C 304 -19.55 -27.70 6.63
N CYS C 305 -18.34 -27.32 6.19
CA CYS C 305 -17.93 -27.52 4.81
C CYS C 305 -16.48 -27.99 4.75
N LEU C 306 -16.22 -28.95 3.84
CA LEU C 306 -14.92 -29.57 3.62
C LEU C 306 -14.34 -29.06 2.30
N ALA C 307 -13.07 -28.65 2.33
CA ALA C 307 -12.29 -28.32 1.14
C ALA C 307 -11.32 -29.45 0.79
N SER C 308 -11.88 -30.62 0.45
CA SER C 308 -11.08 -31.78 0.10
C SER C 308 -10.11 -31.47 -1.05
N ASN C 309 -8.84 -31.87 -0.88
CA ASN C 309 -7.83 -31.73 -1.91
C ASN C 309 -6.79 -32.84 -1.75
N LYS C 310 -6.08 -33.13 -2.85
CA LYS C 310 -5.12 -34.23 -2.86
C LYS C 310 -4.08 -34.08 -1.76
N MET C 311 -3.67 -32.85 -1.46
CA MET C 311 -2.57 -32.60 -0.54
C MET C 311 -3.07 -32.52 0.91
N GLY C 312 -4.11 -31.73 1.15
CA GLY C 312 -4.69 -31.59 2.47
C GLY C 312 -6.18 -31.32 2.34
N SER C 313 -6.85 -31.24 3.49
CA SER C 313 -8.28 -30.98 3.53
C SER C 313 -8.64 -30.38 4.88
N ILE C 314 -9.68 -29.53 4.88
CA ILE C 314 -9.97 -28.67 6.02
C ILE C 314 -11.48 -28.43 6.09
N ARG C 315 -11.98 -28.22 7.32
CA ARG C 315 -13.38 -27.98 7.61
C ARG C 315 -13.59 -26.59 8.17
N HIS C 316 -14.64 -25.91 7.73
CA HIS C 316 -15.14 -24.70 8.40
C HIS C 316 -16.54 -24.93 8.93
N THR C 317 -16.77 -24.56 10.19
CA THR C 317 -18.05 -24.70 10.87
C THR C 317 -18.79 -23.37 10.92
N ILE C 318 -20.12 -23.41 10.78
CA ILE C 318 -21.00 -22.25 10.90
C ILE C 318 -22.18 -22.61 11.80
N SER C 319 -22.42 -21.75 12.80
CA SER C 319 -23.59 -21.83 13.67
C SER C 319 -24.79 -21.21 12.97
N VAL C 320 -25.68 -22.06 12.44
CA VAL C 320 -26.88 -21.59 11.76
C VAL C 320 -27.99 -21.53 12.80
N ARG C 321 -28.15 -20.36 13.42
CA ARG C 321 -29.25 -20.09 14.33
C ARG C 321 -30.42 -19.55 13.50
N VAL C 322 -31.49 -20.35 13.39
CA VAL C 322 -32.67 -19.95 12.65
C VAL C 322 -33.54 -19.10 13.58
N LYS C 323 -33.36 -17.79 13.49
CA LYS C 323 -34.20 -16.84 14.21
C LYS C 323 -35.36 -16.46 13.30
N ALA C 324 -36.10 -15.41 13.64
CA ALA C 324 -37.29 -15.12 12.86
C ALA C 324 -37.79 -13.70 13.15
N ALA C 325 -38.16 -13.00 12.08
CA ALA C 325 -39.10 -11.90 12.20
C ALA C 325 -40.46 -12.45 12.64
N PRO C 326 -41.20 -11.73 13.49
CA PRO C 326 -42.48 -12.23 13.98
C PRO C 326 -43.39 -12.68 12.84
N TYR C 327 -44.05 -13.83 13.04
CA TYR C 327 -45.03 -14.35 12.11
C TYR C 327 -46.25 -14.83 12.88
N TRP C 328 -47.42 -14.65 12.27
CA TRP C 328 -48.69 -14.86 12.96
C TRP C 328 -48.94 -16.33 13.26
N LEU C 329 -49.09 -16.66 14.54
CA LEU C 329 -49.65 -17.95 14.94
C LEU C 329 -51.17 -17.88 14.95
N ASP C 330 -51.73 -16.92 15.68
CA ASP C 330 -53.15 -16.60 15.65
C ASP C 330 -53.30 -15.10 15.41
N GLU C 331 -53.69 -14.73 14.20
CA GLU C 331 -53.98 -13.33 13.89
C GLU C 331 -55.35 -12.95 14.43
N PRO C 332 -55.48 -11.82 15.14
CA PRO C 332 -56.79 -11.42 15.69
C PRO C 332 -57.79 -11.10 14.59
N LYS C 333 -58.89 -11.83 14.57
CA LYS C 333 -59.97 -11.64 13.62
C LYS C 333 -61.17 -10.98 14.28
N ASN C 334 -62.01 -10.36 13.46
CA ASN C 334 -63.05 -9.46 13.95
C ASN C 334 -64.05 -10.16 14.87
N LEU C 335 -64.33 -9.51 16.01
CA LEU C 335 -65.27 -10.00 17.00
C LEU C 335 -66.65 -9.41 16.74
N ILE C 336 -67.63 -10.28 16.46
CA ILE C 336 -69.03 -9.88 16.35
C ILE C 336 -69.76 -10.40 17.57
N LEU C 337 -70.38 -9.49 18.33
CA LEU C 337 -71.04 -9.83 19.59
C LEU C 337 -72.41 -9.19 19.67
N ALA C 338 -73.33 -9.90 20.34
CA ALA C 338 -74.58 -9.36 20.85
C ALA C 338 -74.34 -8.64 22.18
N PRO C 339 -75.14 -7.60 22.49
CA PRO C 339 -75.00 -6.91 23.78
C PRO C 339 -74.97 -7.87 24.96
N GLY C 340 -73.88 -7.82 25.74
CA GLY C 340 -73.72 -8.64 26.91
C GLY C 340 -73.02 -9.95 26.68
N GLU C 341 -72.44 -10.15 25.49
CA GLU C 341 -71.63 -11.32 25.17
C GLU C 341 -70.16 -11.02 25.43
N ASP C 342 -69.38 -12.08 25.71
CA ASP C 342 -67.99 -11.94 26.11
C ASP C 342 -67.06 -12.27 24.94
N GLY C 343 -66.08 -11.40 24.72
CA GLY C 343 -65.15 -11.59 23.62
C GLY C 343 -63.72 -11.32 24.07
N ARG C 344 -62.77 -11.94 23.37
CA ARG C 344 -61.36 -11.69 23.63
C ARG C 344 -60.58 -11.59 22.33
N LEU C 345 -59.61 -10.69 22.31
CA LEU C 345 -58.69 -10.51 21.19
C LEU C 345 -57.34 -11.14 21.51
N VAL C 346 -56.88 -12.00 20.61
CA VAL C 346 -55.63 -12.76 20.72
C VAL C 346 -54.66 -12.27 19.65
N CYS C 347 -53.53 -11.71 20.09
CA CYS C 347 -52.43 -11.31 19.20
C CYS C 347 -51.20 -12.15 19.53
N ARG C 348 -51.04 -13.28 18.84
CA ARG C 348 -49.93 -14.20 19.07
C ARG C 348 -49.06 -14.28 17.83
N ALA C 349 -47.85 -13.74 17.91
CA ALA C 349 -46.84 -13.84 16.88
C ALA C 349 -45.63 -14.59 17.44
N ASN C 350 -45.12 -15.56 16.69
CA ASN C 350 -43.91 -16.27 17.06
C ASN C 350 -42.70 -15.63 16.40
N GLY C 351 -41.63 -15.50 17.18
CA GLY C 351 -40.41 -14.86 16.71
C GLY C 351 -39.24 -15.26 17.57
N ASN C 352 -38.05 -15.15 17.00
CA ASN C 352 -36.82 -15.49 17.70
C ASN C 352 -35.82 -14.37 17.44
N PRO C 353 -35.48 -13.55 18.46
CA PRO C 353 -36.06 -13.55 19.81
C PRO C 353 -37.55 -13.17 19.83
N LYS C 354 -38.19 -13.42 20.97
CA LYS C 354 -39.63 -13.24 21.10
C LYS C 354 -40.06 -11.82 20.74
N PRO C 355 -41.08 -11.65 19.91
CA PRO C 355 -41.52 -10.30 19.52
C PRO C 355 -42.33 -9.60 20.60
N THR C 356 -42.04 -8.31 20.78
CA THR C 356 -42.70 -7.48 21.77
C THR C 356 -44.05 -6.98 21.26
N VAL C 357 -45.08 -7.13 22.08
CA VAL C 357 -46.46 -6.77 21.70
C VAL C 357 -46.77 -5.35 22.16
N GLN C 358 -47.38 -4.58 21.26
CA GLN C 358 -47.71 -3.17 21.49
C GLN C 358 -49.16 -2.92 21.12
N TRP C 359 -49.93 -2.34 22.05
CA TRP C 359 -51.38 -2.22 21.93
C TRP C 359 -51.78 -0.76 21.79
N MET C 360 -52.59 -0.45 20.76
CA MET C 360 -53.12 0.89 20.59
C MET C 360 -54.61 0.84 20.27
N VAL C 361 -55.29 1.94 20.62
CA VAL C 361 -56.74 2.09 20.43
C VAL C 361 -56.96 3.27 19.50
N ASN C 362 -57.44 3.00 18.28
CA ASN C 362 -57.61 4.02 17.25
C ASN C 362 -56.33 4.84 17.09
N GLY C 363 -55.20 4.15 17.10
CA GLY C 363 -53.90 4.79 17.00
C GLY C 363 -53.60 5.74 18.14
N GLU C 364 -54.13 5.47 19.34
CA GLU C 364 -53.81 6.21 20.54
C GLU C 364 -53.21 5.25 21.58
N PRO C 365 -52.14 5.66 22.26
CA PRO C 365 -51.58 4.84 23.35
C PRO C 365 -52.63 4.43 24.37
N LEU C 366 -52.56 3.16 24.79
CA LEU C 366 -53.51 2.61 25.74
C LEU C 366 -53.46 3.34 27.07
N GLN C 367 -52.29 3.84 27.45
CA GLN C 367 -52.13 4.57 28.72
C GLN C 367 -53.18 5.66 28.87
N SER C 368 -53.31 6.52 27.86
CA SER C 368 -54.12 7.72 27.94
C SER C 368 -55.47 7.56 27.26
N ALA C 369 -55.83 6.33 26.89
CA ALA C 369 -57.11 6.06 26.24
C ALA C 369 -58.27 6.29 27.21
N PRO C 370 -59.43 6.70 26.69
CA PRO C 370 -60.64 6.82 27.53
C PRO C 370 -60.90 5.56 28.32
N PRO C 371 -61.07 5.68 29.64
CA PRO C 371 -61.19 4.50 30.50
C PRO C 371 -62.47 3.72 30.26
N ASN C 372 -62.37 2.39 30.40
CA ASN C 372 -63.46 1.46 30.13
C ASN C 372 -63.43 0.34 31.17
N PRO C 373 -64.56 0.06 31.84
CA PRO C 373 -64.57 -0.99 32.86
C PRO C 373 -64.58 -2.40 32.29
N ASN C 374 -65.23 -2.60 31.14
CA ASN C 374 -65.27 -3.92 30.51
C ASN C 374 -63.89 -4.37 30.06
N ARG C 375 -63.03 -3.43 29.67
CA ARG C 375 -61.75 -3.74 29.07
C ARG C 375 -60.74 -4.20 30.12
N GLU C 376 -60.15 -5.38 29.89
CA GLU C 376 -59.08 -5.91 30.73
C GLU C 376 -57.95 -6.41 29.84
N VAL C 377 -56.74 -5.92 30.07
CA VAL C 377 -55.57 -6.31 29.28
C VAL C 377 -54.68 -7.18 30.15
N ALA C 378 -54.19 -8.29 29.59
CA ALA C 378 -53.33 -9.20 30.33
C ALA C 378 -52.37 -9.89 29.37
N GLY C 379 -51.08 -9.74 29.62
CA GLY C 379 -50.05 -10.25 28.73
C GLY C 379 -50.26 -9.80 27.31
N ASP C 380 -50.68 -10.72 26.44
CA ASP C 380 -50.83 -10.46 25.02
C ASP C 380 -52.29 -10.48 24.59
N THR C 381 -53.22 -10.57 25.54
CA THR C 381 -54.62 -10.81 25.27
C THR C 381 -55.46 -9.67 25.85
N ILE C 382 -56.58 -9.36 25.18
CA ILE C 382 -57.52 -8.36 25.68
C ILE C 382 -58.88 -9.03 25.86
N ILE C 383 -59.56 -8.71 26.96
CA ILE C 383 -60.81 -9.34 27.36
C ILE C 383 -61.88 -8.27 27.55
N PHE C 384 -63.03 -8.46 26.89
CA PHE C 384 -64.24 -7.69 27.13
C PHE C 384 -65.32 -8.64 27.65
N ARG C 385 -65.65 -8.50 28.93
CA ARG C 385 -66.75 -9.24 29.54
C ARG C 385 -67.99 -8.35 29.60
N ASP C 386 -69.11 -8.87 29.09
CA ASP C 386 -70.38 -8.14 29.06
C ASP C 386 -70.25 -6.89 28.19
N THR C 387 -69.90 -7.12 26.93
CA THR C 387 -69.62 -6.03 26.00
C THR C 387 -70.89 -5.25 25.67
N GLN C 388 -70.73 -3.93 25.54
CA GLN C 388 -71.83 -3.02 25.29
C GLN C 388 -71.51 -2.14 24.09
N ILE C 389 -72.40 -1.19 23.81
CA ILE C 389 -72.20 -0.24 22.72
C ILE C 389 -70.94 0.58 22.94
N SER C 390 -70.57 0.80 24.20
CA SER C 390 -69.35 1.54 24.53
C SER C 390 -68.11 0.81 24.02
N SER C 391 -67.05 1.58 23.80
CA SER C 391 -65.72 1.06 23.44
C SER C 391 -65.73 0.35 22.09
N ARG C 392 -66.55 0.83 21.16
CA ARG C 392 -66.54 0.35 19.78
C ARG C 392 -65.45 1.11 19.02
N ALA C 393 -64.32 0.45 18.77
CA ALA C 393 -63.21 1.07 18.05
C ALA C 393 -62.35 -0.03 17.41
N VAL C 394 -61.35 0.40 16.65
CA VAL C 394 -60.40 -0.49 15.98
C VAL C 394 -59.13 -0.58 16.81
N TYR C 395 -58.78 -1.78 17.26
CA TYR C 395 -57.60 -2.03 18.07
C TYR C 395 -56.43 -2.52 17.22
N GLN C 396 -55.22 -2.06 17.54
CA GLN C 396 -54.01 -2.29 16.77
C GLN C 396 -52.94 -2.99 17.60
N CYS C 397 -52.30 -4.00 17.00
CA CYS C 397 -51.21 -4.79 17.60
C CYS C 397 -49.96 -4.71 16.74
N ASN C 398 -48.86 -4.20 17.31
CA ASN C 398 -47.55 -4.14 16.65
C ASN C 398 -46.59 -5.10 17.38
N THR C 399 -46.39 -6.30 16.82
CA THR C 399 -45.43 -7.25 17.37
C THR C 399 -44.08 -7.08 16.67
N SER C 400 -43.07 -6.63 17.42
CA SER C 400 -41.80 -6.21 16.84
C SER C 400 -40.62 -6.83 17.58
N ASN C 401 -39.52 -7.04 16.84
CA ASN C 401 -38.25 -7.44 17.43
C ASN C 401 -37.12 -6.81 16.63
N GLU C 402 -35.89 -6.96 17.13
CA GLU C 402 -34.67 -6.48 16.47
C GLU C 402 -34.75 -6.55 14.95
N HIS C 403 -35.24 -7.67 14.43
CA HIS C 403 -35.18 -7.96 13.01
C HIS C 403 -36.32 -7.30 12.24
N GLY C 404 -37.56 -7.51 12.66
CA GLY C 404 -38.71 -7.03 11.91
C GLY C 404 -39.94 -6.94 12.78
N TYR C 405 -41.02 -6.41 12.17
CA TYR C 405 -42.26 -6.20 12.89
C TYR C 405 -43.45 -6.62 12.03
N LEU C 406 -44.58 -6.89 12.71
CA LEU C 406 -45.87 -7.18 12.08
C LEU C 406 -46.97 -6.35 12.73
N LEU C 407 -47.92 -5.89 11.92
CA LEU C 407 -48.99 -4.99 12.35
C LEU C 407 -50.35 -5.60 12.01
N ALA C 408 -51.28 -5.60 12.98
CA ALA C 408 -52.61 -6.20 12.81
C ALA C 408 -53.70 -5.32 13.41
N ASN C 409 -54.79 -5.16 12.66
CA ASN C 409 -55.96 -4.39 13.05
C ASN C 409 -57.17 -5.30 13.28
N ALA C 410 -58.04 -4.92 14.22
CA ALA C 410 -59.29 -5.67 14.45
C ALA C 410 -60.37 -4.76 15.04
N PHE C 411 -61.58 -4.83 14.49
CA PHE C 411 -62.70 -3.99 14.94
C PHE C 411 -63.94 -4.84 15.25
N VAL C 412 -64.79 -4.29 16.12
CA VAL C 412 -66.05 -4.90 16.56
C VAL C 412 -67.24 -4.07 16.10
N SER C 413 -68.19 -4.71 15.41
CA SER C 413 -69.40 -4.06 14.91
C SER C 413 -70.64 -4.68 15.54
N VAL C 414 -71.51 -3.85 16.10
CA VAL C 414 -72.76 -4.27 16.74
C VAL C 414 -73.95 -3.90 15.86
N LEU C 415 -74.70 -4.90 15.40
CA LEU C 415 -75.88 -4.69 14.59
C LEU C 415 -77.02 -5.58 15.09
N ASP C 416 -78.25 -5.28 14.63
CA ASP C 416 -79.48 -5.98 15.06
C ASP C 416 -80.35 -6.28 13.85
N VAL C 417 -80.00 -7.33 13.11
CA VAL C 417 -80.71 -7.70 11.87
C VAL C 417 -81.03 -9.19 11.84
N PRO C 418 -82.14 -9.60 11.21
CA PRO C 418 -82.45 -11.04 11.10
C PRO C 418 -81.55 -11.75 10.12
N PRO C 419 -81.49 -13.08 10.17
CA PRO C 419 -80.65 -13.84 9.22
C PRO C 419 -81.05 -13.61 7.77
N ARG C 420 -80.04 -13.55 6.90
CA ARG C 420 -80.21 -13.24 5.49
C ARG C 420 -79.59 -14.33 4.64
N MET C 421 -80.20 -14.55 3.46
CA MET C 421 -79.71 -15.53 2.49
C MET C 421 -78.86 -14.84 1.44
N LEU C 422 -77.65 -15.35 1.22
CA LEU C 422 -76.65 -14.68 0.41
C LEU C 422 -76.40 -15.36 -0.94
N SER C 423 -77.15 -16.41 -1.27
CA SER C 423 -76.94 -17.14 -2.52
C SER C 423 -78.24 -17.20 -3.32
N ALA C 424 -78.11 -17.64 -4.58
CA ALA C 424 -79.25 -17.82 -5.45
C ALA C 424 -80.22 -18.85 -4.89
N ARG C 425 -81.51 -18.60 -5.12
CA ARG C 425 -82.57 -19.50 -4.68
C ARG C 425 -82.70 -20.69 -5.64
N ASN C 426 -82.89 -21.88 -5.07
CA ASN C 426 -83.20 -23.10 -5.83
C ASN C 426 -82.03 -23.48 -6.75
N GLN C 427 -80.88 -23.70 -6.14
CA GLN C 427 -79.69 -24.10 -6.89
C GLN C 427 -79.82 -25.53 -7.43
N LEU C 428 -79.13 -25.79 -8.54
CA LEU C 428 -79.07 -27.10 -9.19
C LEU C 428 -77.62 -27.56 -9.25
N ILE C 429 -77.27 -28.63 -8.54
CA ILE C 429 -75.89 -29.09 -8.44
C ILE C 429 -75.80 -30.55 -8.89
N ARG C 430 -74.78 -30.84 -9.70
CA ARG C 430 -74.59 -32.12 -10.36
C ARG C 430 -73.20 -32.67 -10.00
N VAL C 431 -73.09 -33.99 -9.87
CA VAL C 431 -71.81 -34.61 -9.54
C VAL C 431 -71.90 -36.12 -9.75
N ILE C 432 -70.75 -36.75 -9.98
CA ILE C 432 -70.63 -38.19 -10.21
C ILE C 432 -70.60 -38.94 -8.88
N LEU C 433 -70.57 -40.27 -8.95
CA LEU C 433 -70.82 -41.14 -7.80
C LEU C 433 -69.80 -40.97 -6.68
N TYR C 434 -68.56 -41.39 -6.89
CA TYR C 434 -67.57 -41.53 -5.81
C TYR C 434 -66.58 -40.36 -5.78
N ASN C 435 -67.10 -39.14 -5.88
CA ASN C 435 -66.29 -37.92 -5.93
C ASN C 435 -66.76 -36.95 -4.85
N ARG C 436 -65.82 -36.17 -4.30
CA ARG C 436 -66.13 -35.23 -3.22
C ARG C 436 -66.97 -34.06 -3.75
N THR C 437 -68.05 -33.70 -3.03
CA THR C 437 -68.87 -32.57 -3.50
C THR C 437 -69.15 -31.58 -2.37
N ARG C 438 -69.64 -30.39 -2.77
CA ARG C 438 -69.87 -29.26 -1.89
C ARG C 438 -71.17 -28.54 -2.25
N LEU C 439 -71.97 -28.21 -1.25
CA LEU C 439 -73.13 -27.33 -1.37
C LEU C 439 -72.86 -25.99 -0.69
N ASP C 440 -72.92 -24.89 -1.45
CA ASP C 440 -72.70 -23.55 -0.92
C ASP C 440 -74.03 -22.87 -0.57
N CYS C 441 -74.32 -22.77 0.74
CA CYS C 441 -75.47 -22.04 1.26
C CYS C 441 -75.03 -20.96 2.24
N PRO C 442 -74.43 -19.87 1.76
CA PRO C 442 -73.97 -18.80 2.66
C PRO C 442 -75.10 -18.05 3.36
N PHE C 443 -74.81 -17.60 4.58
CA PHE C 443 -75.79 -16.97 5.46
C PHE C 443 -75.10 -15.96 6.36
N PHE C 444 -75.90 -15.19 7.09
CA PHE C 444 -75.40 -14.20 8.06
C PHE C 444 -76.55 -13.68 8.92
N GLY C 445 -76.24 -13.40 10.19
CA GLY C 445 -77.24 -12.87 11.11
C GLY C 445 -76.58 -12.15 12.26
N SER C 446 -77.33 -11.22 12.85
CA SER C 446 -76.79 -10.42 13.95
C SER C 446 -76.29 -11.28 15.11
N PRO C 447 -77.13 -12.05 15.83
CA PRO C 447 -76.57 -13.14 16.64
C PRO C 447 -76.40 -14.36 15.76
N ILE C 448 -75.23 -15.01 15.88
CA ILE C 448 -74.86 -16.21 15.15
C ILE C 448 -76.05 -17.14 14.94
N PRO C 449 -76.66 -17.16 13.76
CA PRO C 449 -77.81 -18.03 13.52
C PRO C 449 -77.40 -19.46 13.20
N THR C 450 -78.15 -20.41 13.76
CA THR C 450 -77.97 -21.81 13.44
C THR C 450 -78.54 -22.12 12.06
N LEU C 451 -77.71 -22.70 11.19
CA LEU C 451 -78.15 -23.21 9.90
C LEU C 451 -78.32 -24.71 9.97
N ARG C 452 -79.43 -25.20 9.40
CA ARG C 452 -79.78 -26.61 9.44
C ARG C 452 -80.18 -27.11 8.05
N TRP C 453 -79.78 -28.34 7.75
CA TRP C 453 -80.06 -29.02 6.49
C TRP C 453 -81.13 -30.07 6.66
N PHE C 454 -82.06 -30.14 5.70
CA PHE C 454 -83.11 -31.15 5.69
C PHE C 454 -83.21 -31.79 4.31
N LYS C 455 -83.53 -33.09 4.30
CA LYS C 455 -83.50 -33.90 3.08
C LYS C 455 -84.83 -34.63 2.92
N ASN C 456 -85.43 -34.49 1.73
CA ASN C 456 -86.67 -35.21 1.38
C ASN C 456 -87.76 -34.98 2.43
N GLY C 457 -87.86 -33.74 2.89
CA GLY C 457 -88.87 -33.37 3.88
C GLY C 457 -88.79 -34.16 5.17
N GLN C 458 -87.57 -34.42 5.64
CA GLN C 458 -87.36 -35.07 6.93
C GLN C 458 -87.25 -34.02 8.03
N GLY C 459 -87.97 -34.25 9.14
CA GLY C 459 -87.83 -33.38 10.28
C GLY C 459 -86.43 -33.37 10.87
N SER C 460 -85.76 -34.52 10.85
CA SER C 460 -84.44 -34.63 11.46
C SER C 460 -83.39 -33.85 10.66
N ASN C 461 -82.68 -32.96 11.36
CA ASN C 461 -81.60 -32.21 10.73
C ASN C 461 -80.42 -33.12 10.39
N LEU C 462 -79.80 -32.86 9.25
CA LEU C 462 -78.69 -33.66 8.74
C LEU C 462 -77.39 -33.23 9.40
N ASP C 463 -76.92 -34.02 10.36
CA ASP C 463 -75.63 -33.77 11.00
C ASP C 463 -75.05 -35.10 11.46
N GLY C 464 -73.74 -35.28 11.23
CA GLY C 464 -73.07 -36.50 11.62
C GLY C 464 -72.24 -37.13 10.51
N GLY C 465 -72.36 -38.44 10.35
CA GLY C 465 -71.54 -39.18 9.42
C GLY C 465 -71.79 -38.76 7.98
N ASN C 466 -70.71 -38.40 7.27
CA ASN C 466 -70.68 -38.13 5.83
C ASN C 466 -71.32 -36.79 5.50
N TYR C 467 -71.81 -36.04 6.49
CA TYR C 467 -72.29 -34.67 6.32
C TYR C 467 -71.49 -33.77 7.24
N HIS C 468 -70.77 -32.79 6.67
CA HIS C 468 -69.97 -31.87 7.45
C HIS C 468 -70.28 -30.43 7.07
N VAL C 469 -70.27 -29.54 8.07
CA VAL C 469 -70.63 -28.13 7.91
C VAL C 469 -69.45 -27.26 8.32
N TYR C 470 -69.17 -26.23 7.50
CA TYR C 470 -68.10 -25.27 7.76
C TYR C 470 -68.67 -23.95 8.27
N GLU C 471 -67.76 -22.98 8.49
CA GLU C 471 -68.15 -21.71 9.10
C GLU C 471 -69.19 -20.98 8.25
N ASN C 472 -69.00 -20.97 6.92
CA ASN C 472 -69.84 -20.17 6.05
C ASN C 472 -71.16 -20.86 5.72
N GLY C 473 -71.23 -22.17 5.89
CA GLY C 473 -72.47 -22.93 5.71
C GLY C 473 -72.44 -23.95 4.61
N SER C 474 -71.41 -23.95 3.76
CA SER C 474 -71.19 -25.02 2.80
C SER C 474 -71.17 -26.39 3.48
N LEU C 475 -71.94 -27.33 2.92
CA LEU C 475 -72.04 -28.69 3.40
C LEU C 475 -71.23 -29.58 2.46
N GLU C 476 -70.28 -30.34 3.00
CA GLU C 476 -69.39 -31.17 2.21
C GLU C 476 -69.82 -32.62 2.31
N ILE C 477 -69.89 -33.31 1.18
CA ILE C 477 -70.01 -34.75 1.15
C ILE C 477 -68.65 -35.34 0.75
N LYS C 478 -68.04 -36.02 1.73
CA LYS C 478 -66.71 -36.59 1.56
C LYS C 478 -66.69 -37.61 0.43
N MET C 479 -67.59 -38.59 0.49
CA MET C 479 -67.77 -39.50 -0.63
C MET C 479 -69.26 -39.80 -0.74
N ILE C 480 -69.78 -39.74 -1.95
CA ILE C 480 -71.22 -39.72 -2.19
C ILE C 480 -71.69 -41.14 -2.47
N ARG C 481 -72.81 -41.49 -1.84
CA ARG C 481 -73.57 -42.69 -2.18
C ARG C 481 -74.79 -42.29 -3.01
N LYS C 482 -75.42 -43.29 -3.61
CA LYS C 482 -76.62 -43.03 -4.39
C LYS C 482 -77.77 -42.57 -3.50
N GLU C 483 -77.74 -42.94 -2.22
CA GLU C 483 -78.76 -42.52 -1.27
C GLU C 483 -78.80 -41.00 -1.13
N ASP C 484 -77.64 -40.35 -1.19
CA ASP C 484 -77.52 -38.93 -0.85
C ASP C 484 -78.34 -38.03 -1.77
N GLN C 485 -78.50 -38.41 -3.04
CA GLN C 485 -79.19 -37.59 -4.03
C GLN C 485 -80.57 -37.14 -3.55
N GLY C 486 -80.94 -35.91 -3.91
CA GLY C 486 -82.30 -35.45 -3.64
C GLY C 486 -82.33 -33.96 -3.37
N ILE C 487 -83.42 -33.53 -2.71
CA ILE C 487 -83.70 -32.11 -2.45
C ILE C 487 -83.23 -31.77 -1.05
N TYR C 488 -82.42 -30.71 -0.93
CA TYR C 488 -81.87 -30.26 0.34
C TYR C 488 -82.32 -28.84 0.64
N THR C 489 -82.80 -28.62 1.86
CA THR C 489 -83.22 -27.30 2.32
C THR C 489 -82.31 -26.82 3.44
N CYS C 490 -81.68 -25.66 3.26
CA CYS C 490 -80.84 -25.03 4.28
C CYS C 490 -81.56 -23.83 4.86
N VAL C 491 -81.70 -23.81 6.19
CA VAL C 491 -82.43 -22.77 6.90
C VAL C 491 -81.52 -22.14 7.95
N ALA C 492 -81.33 -20.82 7.88
CA ALA C 492 -80.62 -20.04 8.88
C ALA C 492 -81.61 -19.35 9.81
N THR C 493 -81.49 -19.58 11.12
CA THR C 493 -82.47 -19.07 12.08
C THR C 493 -81.78 -18.60 13.36
N ASN C 494 -82.38 -17.60 14.00
CA ASN C 494 -81.92 -17.09 15.27
C ASN C 494 -83.10 -16.49 16.03
N ILE C 495 -82.82 -15.99 17.24
CA ILE C 495 -83.86 -15.42 18.11
C ILE C 495 -84.71 -14.40 17.37
N LEU C 496 -84.11 -13.65 16.44
CA LEU C 496 -84.81 -12.56 15.76
C LEU C 496 -85.74 -13.09 14.68
N GLY C 497 -85.23 -13.92 13.78
CA GLY C 497 -86.01 -14.35 12.63
C GLY C 497 -85.35 -15.49 11.92
N LYS C 498 -85.81 -15.76 10.69
CA LYS C 498 -85.34 -16.92 9.95
C LYS C 498 -85.33 -16.63 8.44
N ALA C 499 -84.56 -17.43 7.71
CA ALA C 499 -84.54 -17.41 6.25
C ALA C 499 -84.20 -18.81 5.73
N GLU C 500 -84.71 -19.13 4.52
CA GLU C 500 -84.67 -20.48 3.97
C GLU C 500 -84.15 -20.46 2.53
N ASN C 501 -83.57 -21.59 2.10
CA ASN C 501 -83.05 -21.71 0.72
C ASN C 501 -83.02 -23.17 0.29
N GLN C 502 -83.15 -23.38 -1.03
CA GLN C 502 -83.30 -24.72 -1.63
C GLN C 502 -82.16 -25.05 -2.59
N VAL C 503 -81.73 -26.32 -2.59
CA VAL C 503 -80.72 -26.82 -3.54
C VAL C 503 -81.00 -28.28 -3.86
N ARG C 504 -81.05 -28.62 -5.16
CA ARG C 504 -81.24 -30.00 -5.60
C ARG C 504 -79.91 -30.63 -6.01
N LEU C 505 -79.57 -31.76 -5.38
CA LEU C 505 -78.32 -32.50 -5.58
C LEU C 505 -78.57 -33.73 -6.44
N GLU C 506 -77.86 -33.83 -7.56
CA GLU C 506 -78.03 -34.92 -8.53
C GLU C 506 -76.74 -35.73 -8.66
N VAL C 507 -76.83 -37.02 -8.32
CA VAL C 507 -75.76 -37.99 -8.53
C VAL C 507 -75.93 -38.62 -9.91
N LYS C 508 -74.97 -38.38 -10.80
CA LYS C 508 -74.98 -38.93 -12.16
C LYS C 508 -73.82 -39.92 -12.33
N ASP C 509 -73.75 -40.52 -13.55
CA ASP C 509 -72.93 -41.69 -13.87
C ASP C 509 -71.58 -41.26 -14.45
N PRO C 510 -70.47 -41.76 -13.92
CA PRO C 510 -69.15 -41.32 -14.40
C PRO C 510 -68.82 -41.82 -15.80
N THR C 511 -67.88 -41.13 -16.43
CA THR C 511 -67.54 -41.28 -17.85
C THR C 511 -66.22 -42.05 -17.95
N ARG C 512 -66.29 -43.35 -18.25
CA ARG C 512 -65.09 -44.17 -18.27
C ARG C 512 -64.94 -44.92 -19.60
N ILE C 513 -63.70 -45.04 -20.06
CA ILE C 513 -63.40 -45.58 -21.39
C ILE C 513 -63.15 -47.08 -21.28
N TYR C 514 -64.09 -47.89 -21.79
CA TYR C 514 -64.00 -49.33 -21.59
C TYR C 514 -63.24 -50.06 -22.70
N ARG C 515 -63.17 -49.50 -23.91
CA ARG C 515 -62.40 -50.08 -25.01
C ARG C 515 -61.42 -49.04 -25.53
N MET C 516 -60.07 -49.27 -25.29
CA MET C 516 -58.96 -48.41 -25.68
C MET C 516 -58.46 -48.72 -27.09
N PRO C 517 -57.87 -47.73 -27.76
CA PRO C 517 -57.30 -47.97 -29.10
C PRO C 517 -56.08 -48.89 -29.07
N GLU C 518 -55.96 -49.68 -30.14
CA GLU C 518 -54.98 -50.76 -30.22
C GLU C 518 -53.66 -50.26 -30.80
N ASP C 519 -52.57 -50.54 -30.09
CA ASP C 519 -51.23 -50.19 -30.56
C ASP C 519 -50.87 -51.03 -31.78
N GLN C 520 -50.33 -50.40 -32.82
CA GLN C 520 -50.21 -51.14 -34.07
C GLN C 520 -49.05 -50.67 -34.95
N VAL C 521 -48.68 -51.55 -35.88
CA VAL C 521 -47.60 -51.34 -36.83
C VAL C 521 -48.19 -51.46 -38.25
N ALA C 522 -48.10 -50.39 -39.03
CA ALA C 522 -48.69 -50.31 -40.36
C ALA C 522 -47.64 -49.85 -41.36
N LYS C 523 -47.86 -50.21 -42.63
CA LYS C 523 -46.99 -49.79 -43.72
C LYS C 523 -47.61 -48.60 -44.47
N ARG C 524 -46.76 -47.90 -45.21
CA ARG C 524 -47.16 -46.65 -45.84
C ARG C 524 -48.31 -46.87 -46.83
N GLY C 525 -49.34 -46.01 -46.71
CA GLY C 525 -50.46 -46.05 -47.62
C GLY C 525 -51.53 -47.05 -47.25
N THR C 526 -51.68 -47.35 -45.96
CA THR C 526 -52.79 -48.11 -45.42
C THR C 526 -53.65 -47.20 -44.54
N THR C 527 -54.97 -47.36 -44.64
CA THR C 527 -55.89 -46.58 -43.83
C THR C 527 -56.14 -47.32 -42.51
N VAL C 528 -55.89 -46.64 -41.39
CA VAL C 528 -55.89 -47.25 -40.07
C VAL C 528 -57.02 -46.66 -39.23
N GLN C 529 -57.56 -47.47 -38.33
CA GLN C 529 -58.65 -47.05 -37.44
C GLN C 529 -58.26 -47.30 -35.99
N LEU C 530 -58.72 -46.40 -35.11
CA LEU C 530 -58.50 -46.50 -33.66
C LEU C 530 -59.84 -46.37 -32.96
N GLU C 531 -60.20 -47.39 -32.16
CA GLU C 531 -61.46 -47.43 -31.43
C GLU C 531 -61.30 -46.89 -30.01
N CYS C 532 -62.22 -45.99 -29.61
CA CYS C 532 -62.19 -45.33 -28.29
C CYS C 532 -63.61 -45.25 -27.72
N ARG C 533 -64.11 -46.38 -27.19
CA ARG C 533 -65.48 -46.47 -26.70
C ARG C 533 -65.56 -46.08 -25.23
N VAL C 534 -66.38 -45.06 -24.94
CA VAL C 534 -66.52 -44.48 -23.60
C VAL C 534 -67.98 -44.60 -23.17
N LYS C 535 -68.19 -44.91 -21.89
CA LYS C 535 -69.52 -44.88 -21.30
C LYS C 535 -69.71 -43.56 -20.55
N HIS C 536 -70.73 -42.80 -20.96
CA HIS C 536 -71.16 -41.57 -20.32
C HIS C 536 -72.66 -41.60 -20.09
N ASP C 537 -73.11 -40.79 -19.13
CA ASP C 537 -74.54 -40.65 -18.85
C ASP C 537 -75.25 -40.03 -20.06
N PRO C 538 -76.36 -40.61 -20.53
CA PRO C 538 -77.10 -40.02 -21.66
C PRO C 538 -77.40 -38.53 -21.50
N SER C 539 -77.82 -38.10 -20.31
CA SER C 539 -78.14 -36.69 -20.07
C SER C 539 -76.90 -35.93 -19.61
N LEU C 540 -75.92 -35.83 -20.49
CA LEU C 540 -74.70 -35.09 -20.20
C LEU C 540 -73.99 -34.70 -21.49
N LYS C 541 -73.25 -33.60 -21.42
CA LYS C 541 -72.48 -33.06 -22.55
C LYS C 541 -71.13 -33.77 -22.63
N LEU C 542 -70.93 -34.58 -23.66
CA LEU C 542 -69.67 -35.29 -23.89
C LEU C 542 -68.87 -34.62 -25.01
N THR C 543 -67.57 -34.43 -24.77
CA THR C 543 -66.62 -33.95 -25.77
C THR C 543 -65.50 -34.96 -25.95
N VAL C 544 -65.26 -35.37 -27.20
CA VAL C 544 -64.26 -36.39 -27.53
C VAL C 544 -63.31 -35.84 -28.60
N SER C 545 -62.06 -35.57 -28.21
CA SER C 545 -61.06 -35.04 -29.13
C SER C 545 -59.78 -35.88 -29.05
N TRP C 546 -58.79 -35.52 -29.88
CA TRP C 546 -57.56 -36.30 -30.00
C TRP C 546 -56.34 -35.39 -29.90
N LEU C 547 -55.21 -36.00 -29.54
CA LEU C 547 -53.91 -35.33 -29.46
C LEU C 547 -52.85 -36.16 -30.18
N LYS C 548 -52.16 -35.52 -31.13
CA LYS C 548 -51.01 -36.12 -31.81
C LYS C 548 -49.75 -35.86 -30.97
N ASP C 549 -48.99 -36.94 -30.71
CA ASP C 549 -47.82 -36.88 -29.84
C ASP C 549 -48.22 -36.37 -28.46
N ASP C 550 -48.04 -35.07 -28.23
CA ASP C 550 -48.31 -34.45 -26.94
C ASP C 550 -48.90 -33.05 -27.10
N GLU C 551 -49.52 -32.76 -28.24
CA GLU C 551 -50.20 -31.51 -28.52
C GLU C 551 -51.50 -31.77 -29.28
N PRO C 552 -52.47 -30.87 -29.18
CA PRO C 552 -53.80 -31.13 -29.75
C PRO C 552 -53.79 -31.35 -31.26
N LEU C 553 -54.59 -32.33 -31.70
CA LEU C 553 -54.75 -32.70 -33.09
C LEU C 553 -55.87 -31.92 -33.76
N TYR C 554 -55.68 -31.63 -35.05
CA TYR C 554 -56.65 -30.90 -35.86
C TYR C 554 -57.31 -31.84 -36.87
N ILE C 555 -58.64 -31.94 -36.80
CA ILE C 555 -59.42 -32.70 -37.77
C ILE C 555 -59.40 -31.99 -39.12
N GLY C 556 -59.22 -32.76 -40.19
CA GLY C 556 -59.19 -32.21 -41.52
C GLY C 556 -59.43 -33.25 -42.59
N ASN C 557 -59.05 -32.90 -43.82
CA ASN C 557 -59.21 -33.81 -44.96
C ASN C 557 -58.40 -35.08 -44.73
N ARG C 558 -58.94 -36.20 -45.21
CA ARG C 558 -58.36 -37.55 -45.13
C ARG C 558 -58.48 -38.14 -43.72
N MET C 559 -59.11 -37.42 -42.79
CA MET C 559 -59.24 -37.83 -41.39
C MET C 559 -60.72 -37.83 -41.04
N LYS C 560 -61.28 -39.02 -40.78
CA LYS C 560 -62.72 -39.16 -40.57
C LYS C 560 -62.99 -39.60 -39.13
N LYS C 561 -63.79 -38.82 -38.42
CA LYS C 561 -64.09 -39.04 -37.00
C LYS C 561 -65.47 -39.66 -36.83
N GLU C 562 -65.51 -40.95 -36.50
CA GLU C 562 -66.74 -41.66 -36.15
C GLU C 562 -67.03 -41.48 -34.67
N ASP C 563 -68.30 -41.68 -34.30
CA ASP C 563 -68.78 -41.53 -32.92
C ASP C 563 -67.81 -42.12 -31.91
N ASP C 564 -67.31 -43.32 -32.19
CA ASP C 564 -66.52 -44.09 -31.24
C ASP C 564 -65.20 -44.52 -31.87
N SER C 565 -64.80 -43.90 -32.98
CA SER C 565 -63.56 -44.34 -33.64
C SER C 565 -63.01 -43.22 -34.50
N LEU C 566 -61.74 -43.37 -34.89
CA LEU C 566 -61.09 -42.39 -35.75
C LEU C 566 -60.33 -43.12 -36.86
N THR C 567 -60.44 -42.62 -38.09
CA THR C 567 -59.85 -43.27 -39.26
C THR C 567 -58.94 -42.30 -39.98
N ILE C 568 -57.75 -42.78 -40.36
CA ILE C 568 -56.76 -42.02 -41.12
C ILE C 568 -56.49 -42.74 -42.43
N PHE C 569 -56.50 -41.99 -43.53
CA PHE C 569 -56.15 -42.49 -44.85
C PHE C 569 -54.74 -42.06 -45.21
N GLY C 570 -53.96 -43.00 -45.76
CA GLY C 570 -52.65 -42.68 -46.31
C GLY C 570 -51.59 -42.34 -45.29
N VAL C 571 -51.24 -43.31 -44.44
CA VAL C 571 -50.21 -43.12 -43.42
C VAL C 571 -48.82 -43.02 -44.06
N ALA C 572 -47.93 -42.33 -43.36
CA ALA C 572 -46.53 -42.22 -43.77
C ALA C 572 -45.68 -42.10 -42.51
N GLU C 573 -44.39 -41.82 -42.68
CA GLU C 573 -43.47 -41.83 -41.53
C GLU C 573 -43.78 -40.71 -40.55
N ARG C 574 -44.35 -39.60 -41.03
CA ARG C 574 -44.64 -38.48 -40.14
C ARG C 574 -45.77 -38.81 -39.18
N ASP C 575 -46.71 -39.66 -39.60
CA ASP C 575 -47.86 -40.03 -38.78
C ASP C 575 -47.45 -40.87 -37.57
N GLN C 576 -46.28 -41.48 -37.60
CA GLN C 576 -45.83 -42.34 -36.50
C GLN C 576 -45.80 -41.59 -35.18
N GLY C 577 -46.25 -42.24 -34.12
CA GLY C 577 -46.21 -41.64 -32.80
C GLY C 577 -47.40 -42.05 -31.95
N SER C 578 -47.64 -41.26 -30.90
CA SER C 578 -48.64 -41.55 -29.89
C SER C 578 -49.89 -40.69 -30.09
N TYR C 579 -51.02 -41.34 -30.31
CA TYR C 579 -52.33 -40.69 -30.40
C TYR C 579 -53.08 -40.83 -29.08
N THR C 580 -53.71 -39.74 -28.63
CA THR C 580 -54.33 -39.68 -27.30
C THR C 580 -55.79 -39.24 -27.41
N CYS C 581 -56.69 -40.18 -27.07
CA CYS C 581 -58.14 -39.95 -27.02
C CYS C 581 -58.53 -39.28 -25.70
N MET C 582 -59.14 -38.09 -25.78
CA MET C 582 -59.62 -37.31 -24.63
C MET C 582 -61.14 -37.30 -24.62
N ALA C 583 -61.75 -37.92 -23.60
CA ALA C 583 -63.20 -37.93 -23.42
C ALA C 583 -63.55 -37.21 -22.12
N SER C 584 -64.17 -36.03 -22.23
CA SER C 584 -64.45 -35.19 -21.07
C SER C 584 -65.91 -34.73 -21.04
N THR C 585 -66.44 -34.63 -19.81
CA THR C 585 -67.71 -33.97 -19.53
C THR C 585 -67.47 -32.92 -18.46
N GLU C 586 -68.46 -32.03 -18.28
CA GLU C 586 -68.40 -30.96 -17.29
C GLU C 586 -67.88 -31.42 -15.94
N LEU C 587 -68.10 -32.70 -15.62
CA LEU C 587 -67.84 -33.24 -14.29
C LEU C 587 -66.72 -34.26 -14.26
N ASP C 588 -66.17 -34.64 -15.43
CA ASP C 588 -65.28 -35.80 -15.48
C ASP C 588 -64.35 -35.69 -16.69
N GLN C 589 -63.23 -36.40 -16.63
CA GLN C 589 -62.29 -36.44 -17.74
C GLN C 589 -61.56 -37.79 -17.75
N ASP C 590 -61.32 -38.33 -18.95
CA ASP C 590 -60.59 -39.58 -19.10
C ASP C 590 -59.74 -39.55 -20.37
N LEU C 591 -58.57 -40.19 -20.30
CA LEU C 591 -57.60 -40.23 -21.39
C LEU C 591 -57.21 -41.66 -21.73
N ALA C 592 -57.00 -41.92 -23.03
CA ALA C 592 -56.49 -43.20 -23.53
C ALA C 592 -55.39 -42.96 -24.56
N LYS C 593 -54.37 -43.82 -24.59
CA LYS C 593 -53.20 -43.59 -25.44
C LYS C 593 -52.86 -44.83 -26.26
N ALA C 594 -52.48 -44.62 -27.53
CA ALA C 594 -52.03 -45.71 -28.40
C ALA C 594 -50.82 -45.27 -29.23
N TYR C 595 -49.92 -46.22 -29.50
CA TYR C 595 -48.73 -45.97 -30.32
C TYR C 595 -48.84 -46.64 -31.69
N LEU C 596 -48.57 -45.86 -32.74
CA LEU C 596 -48.58 -46.32 -34.13
C LEU C 596 -47.20 -46.19 -34.74
N THR C 597 -46.73 -47.26 -35.40
CA THR C 597 -45.42 -47.30 -36.05
C THR C 597 -45.57 -47.59 -37.53
N VAL C 598 -44.60 -47.13 -38.34
CA VAL C 598 -44.70 -47.19 -39.80
C VAL C 598 -43.44 -47.80 -40.40
N LEU C 599 -43.61 -48.66 -41.40
CA LEU C 599 -42.54 -49.33 -42.12
C LEU C 599 -42.22 -48.60 -43.43
N ALA C 600 -41.21 -49.09 -44.13
CA ALA C 600 -40.76 -48.55 -45.40
C ALA C 600 -41.08 -49.51 -46.55
N ASP C 601 -40.94 -49.00 -47.77
CA ASP C 601 -41.27 -49.78 -48.97
C ASP C 601 -40.08 -50.62 -49.42
N SER D 2 12.01 45.29 45.34
CA SER D 2 11.63 45.15 46.74
C SER D 2 12.87 44.96 47.62
N ILE D 3 12.66 44.88 48.93
CA ILE D 3 13.74 44.78 49.91
C ILE D 3 13.49 43.59 50.81
N GLU D 4 14.56 42.91 51.21
CA GLU D 4 14.52 41.71 52.03
C GLU D 4 14.47 42.06 53.52
N ILE D 5 13.99 41.10 54.31
CA ILE D 5 13.89 41.28 55.77
C ILE D 5 14.50 40.06 56.47
N PRO D 6 15.40 40.27 57.42
CA PRO D 6 15.93 39.15 58.22
C PRO D 6 14.86 38.46 59.06
N MET D 7 15.22 37.26 59.53
CA MET D 7 14.27 36.38 60.21
C MET D 7 13.82 36.95 61.55
N ASP D 8 14.74 37.58 62.29
CA ASP D 8 14.43 38.03 63.64
C ASP D 8 13.24 38.99 63.67
N LEU D 9 13.08 39.80 62.63
CA LEU D 9 12.00 40.78 62.59
C LEU D 9 10.72 40.13 62.08
N THR D 10 9.59 40.55 62.63
CA THR D 10 8.27 40.08 62.20
C THR D 10 8.09 40.23 60.69
N GLN D 11 7.57 39.19 60.05
CA GLN D 11 7.55 39.09 58.59
C GLN D 11 6.48 38.13 58.09
N PRO D 12 5.65 38.56 57.14
CA PRO D 12 4.72 37.63 56.48
C PRO D 12 5.45 36.61 55.61
N PRO D 13 4.76 35.56 55.15
CA PRO D 13 5.43 34.49 54.41
C PRO D 13 5.86 34.90 53.01
N THR D 14 6.97 34.29 52.55
CA THR D 14 7.46 34.50 51.19
C THR D 14 8.06 33.19 50.68
N ILE D 15 7.65 32.78 49.48
CA ILE D 15 8.08 31.50 48.92
C ILE D 15 9.46 31.64 48.28
N THR D 16 10.43 30.86 48.78
CA THR D 16 11.78 30.87 48.24
C THR D 16 11.85 30.20 46.86
N LYS D 17 11.39 28.95 46.76
CA LYS D 17 11.57 28.15 45.55
C LYS D 17 10.37 27.25 45.34
N GLN D 18 9.97 27.08 44.08
CA GLN D 18 8.86 26.20 43.73
C GLN D 18 9.12 25.55 42.37
N SER D 19 8.41 24.45 42.13
CA SER D 19 8.53 23.66 40.91
C SER D 19 7.75 24.29 39.76
N VAL D 20 7.86 23.67 38.58
CA VAL D 20 7.34 24.23 37.34
C VAL D 20 5.82 24.11 37.31
N LYS D 21 5.17 25.02 36.59
CA LYS D 21 3.74 24.92 36.29
C LYS D 21 3.39 23.56 35.71
N ASP D 22 3.99 23.23 34.56
CA ASP D 22 3.78 21.93 33.92
C ASP D 22 4.88 20.98 34.38
N HIS D 23 4.72 20.48 35.61
CA HIS D 23 5.73 19.62 36.22
C HIS D 23 5.59 18.20 35.68
N ILE D 24 6.60 17.76 34.95
CA ILE D 24 6.67 16.44 34.33
C ILE D 24 7.77 15.65 35.01
N VAL D 25 7.54 14.35 35.23
CA VAL D 25 8.28 13.57 36.22
C VAL D 25 8.50 12.16 35.70
N ASP D 26 9.30 11.39 36.47
CA ASP D 26 9.78 10.05 36.16
C ASP D 26 9.07 9.00 37.00
N PRO D 27 8.63 7.90 36.41
CA PRO D 27 7.97 6.85 37.20
C PRO D 27 8.89 6.11 38.15
N ARG D 28 10.19 6.02 37.85
CA ARG D 28 11.11 5.30 38.72
C ARG D 28 11.29 6.03 40.05
N ASP D 29 11.86 7.24 39.98
CA ASP D 29 12.36 7.95 41.16
C ASP D 29 11.28 8.10 42.22
N ASN D 30 11.70 8.00 43.49
CA ASN D 30 10.91 8.52 44.59
C ASN D 30 10.63 10.00 44.32
N ILE D 31 9.37 10.35 44.12
CA ILE D 31 9.02 11.63 43.51
C ILE D 31 9.01 12.74 44.55
N LEU D 32 9.55 13.90 44.17
CA LEU D 32 9.84 15.00 45.09
C LEU D 32 9.33 16.32 44.54
N ILE D 33 8.58 17.05 45.36
CA ILE D 33 8.07 18.38 45.01
C ILE D 33 8.58 19.41 46.03
N GLU D 34 9.38 20.36 45.56
CA GLU D 34 9.95 21.42 46.40
C GLU D 34 8.95 22.55 46.64
N CYS D 35 8.66 22.83 47.91
CA CYS D 35 7.90 24.03 48.31
C CYS D 35 8.47 24.55 49.63
N GLU D 36 9.26 25.63 49.56
CA GLU D 36 9.97 26.18 50.71
C GLU D 36 9.58 27.65 50.92
N ALA D 37 9.38 28.05 52.17
CA ALA D 37 8.93 29.40 52.48
C ALA D 37 9.69 29.97 53.68
N LYS D 38 9.71 31.30 53.75
CA LYS D 38 10.32 32.07 54.82
C LYS D 38 9.26 32.84 55.60
N GLY D 39 9.41 32.88 56.92
CA GLY D 39 8.51 33.63 57.78
C GLY D 39 8.96 33.68 59.23
N ASN D 40 9.00 34.88 59.81
CA ASN D 40 9.34 35.01 61.23
C ASN D 40 8.46 34.13 62.13
N PRO D 41 7.13 34.15 62.05
CA PRO D 41 6.33 33.11 62.70
C PRO D 41 6.26 31.87 61.81
N ALA D 42 6.50 30.70 62.41
CA ALA D 42 6.59 29.41 61.72
C ALA D 42 5.45 29.18 60.73
N PRO D 43 5.74 29.16 59.43
CA PRO D 43 4.71 28.85 58.42
C PRO D 43 4.37 27.36 58.34
N SER D 44 3.08 27.09 58.10
CA SER D 44 2.54 25.75 57.91
C SER D 44 2.18 25.54 56.45
N PHE D 45 2.41 24.32 55.94
CA PHE D 45 2.30 24.01 54.52
C PHE D 45 1.22 22.98 54.26
N HIS D 46 0.47 23.16 53.18
CA HIS D 46 -0.58 22.19 52.81
C HIS D 46 -0.90 22.31 51.32
N TRP D 47 -1.70 21.37 50.80
CA TRP D 47 -1.77 21.13 49.37
C TRP D 47 -3.17 20.75 48.89
N THR D 48 -3.42 21.02 47.60
CA THR D 48 -4.74 20.83 47.01
C THR D 48 -4.64 20.29 45.58
N ARG D 49 -5.39 19.23 45.28
CA ARG D 49 -5.42 18.55 43.99
C ARG D 49 -6.75 18.79 43.30
N ASN D 50 -6.70 19.17 42.02
CA ASN D 50 -7.87 19.47 41.20
C ASN D 50 -8.92 20.29 41.94
N SER D 51 -8.45 21.33 42.64
CA SER D 51 -9.32 22.26 43.36
C SER D 51 -10.11 21.52 44.44
N ARG D 52 -9.47 20.55 45.08
CA ARG D 52 -10.00 19.84 46.24
C ARG D 52 -8.84 19.53 47.16
N PHE D 53 -9.02 19.70 48.46
CA PHE D 53 -7.92 19.50 49.41
C PHE D 53 -7.30 18.12 49.28
N PHE D 54 -6.00 18.01 49.61
CA PHE D 54 -5.26 16.77 49.50
C PHE D 54 -4.57 16.47 50.83
N ASN D 55 -4.95 15.34 51.44
CA ASN D 55 -4.53 15.00 52.80
C ASN D 55 -3.23 14.20 52.76
N ILE D 56 -2.17 14.74 53.36
CA ILE D 56 -0.86 14.10 53.31
C ILE D 56 -0.79 12.92 54.29
N ALA D 57 -1.21 13.15 55.54
CA ALA D 57 -1.06 12.14 56.58
C ALA D 57 -1.72 10.83 56.19
N LYS D 58 -2.90 10.89 55.57
CA LYS D 58 -3.66 9.67 55.29
C LYS D 58 -2.94 8.80 54.26
N ASP D 59 -2.26 9.43 53.31
CA ASP D 59 -1.52 8.67 52.29
C ASP D 59 -0.16 8.28 52.86
N PRO D 60 0.13 6.99 53.05
CA PRO D 60 1.34 6.62 53.78
C PRO D 60 2.63 6.96 53.04
N ARG D 61 2.63 6.82 51.72
CA ARG D 61 3.85 7.03 50.94
C ARG D 61 4.33 8.48 51.05
N VAL D 62 3.41 9.44 51.09
CA VAL D 62 3.76 10.86 51.05
C VAL D 62 4.22 11.33 52.43
N SER D 63 5.34 12.05 52.47
CA SER D 63 5.86 12.60 53.72
C SER D 63 6.51 13.95 53.45
N MET D 64 6.67 14.72 54.52
CA MET D 64 7.07 16.13 54.44
C MET D 64 8.44 16.37 55.06
N ARG D 65 9.24 17.20 54.40
CA ARG D 65 10.54 17.62 54.93
C ARG D 65 10.39 18.44 56.21
N ARG D 66 11.46 18.45 57.01
CA ARG D 66 11.52 19.29 58.20
C ARG D 66 11.62 20.76 57.81
N ARG D 67 10.87 21.61 58.51
CA ARG D 67 10.95 23.07 58.40
C ARG D 67 10.69 23.55 56.98
N SER D 68 9.88 22.81 56.22
CA SER D 68 9.56 23.17 54.84
C SER D 68 8.37 22.32 54.40
N GLY D 69 7.84 22.65 53.23
CA GLY D 69 6.71 21.97 52.66
C GLY D 69 7.05 21.00 51.55
N THR D 70 8.34 20.75 51.30
CA THR D 70 8.77 19.83 50.25
C THR D 70 8.29 18.41 50.56
N LEU D 71 7.58 17.80 49.61
CA LEU D 71 6.99 16.49 49.79
C LEU D 71 7.77 15.43 49.01
N VAL D 72 7.82 14.23 49.58
CA VAL D 72 8.51 13.09 49.00
C VAL D 72 7.61 11.86 49.06
N ILE D 73 7.59 11.08 47.96
CA ILE D 73 6.75 9.90 47.85
C ILE D 73 7.62 8.72 47.44
N ASP D 74 7.50 7.62 48.20
CA ASP D 74 8.36 6.45 48.11
C ASP D 74 7.57 5.29 47.51
N PHE D 75 8.14 4.65 46.48
CA PHE D 75 7.45 3.59 45.73
C PHE D 75 7.98 2.20 46.05
N ARG D 76 8.73 2.04 47.14
CA ARG D 76 9.16 0.71 47.57
C ARG D 76 7.96 -0.19 47.83
N SER D 77 7.02 0.29 48.64
CA SER D 77 5.76 -0.43 48.87
C SER D 77 5.13 -0.85 47.55
N GLY D 78 5.08 0.07 46.59
CA GLY D 78 4.47 -0.16 45.30
C GLY D 78 3.83 1.13 44.79
N GLY D 79 2.75 0.96 44.03
CA GLY D 79 2.00 2.09 43.50
C GLY D 79 2.52 2.57 42.17
N ARG D 80 1.75 3.50 41.57
CA ARG D 80 1.99 3.97 40.21
C ARG D 80 1.78 5.48 40.19
N PRO D 81 2.71 6.25 39.61
CA PRO D 81 2.50 7.71 39.50
C PRO D 81 1.32 8.13 38.64
N GLU D 82 0.87 7.28 37.69
CA GLU D 82 -0.19 7.68 36.77
C GLU D 82 -1.42 8.21 37.49
N GLU D 83 -1.74 7.63 38.66
CA GLU D 83 -2.95 7.99 39.37
C GLU D 83 -2.89 9.38 39.99
N TYR D 84 -1.71 10.00 40.05
CA TYR D 84 -1.51 11.28 40.71
C TYR D 84 -1.56 12.47 39.76
N GLU D 85 -1.98 12.25 38.51
CA GLU D 85 -1.96 13.32 37.52
C GLU D 85 -3.09 14.32 37.77
N GLY D 86 -2.79 15.60 37.56
CA GLY D 86 -3.76 16.66 37.71
C GLY D 86 -3.12 17.92 38.26
N GLU D 87 -3.95 18.85 38.71
CA GLU D 87 -3.50 20.16 39.18
C GLU D 87 -3.36 20.17 40.70
N TYR D 88 -2.19 20.58 41.18
CA TYR D 88 -1.88 20.68 42.60
C TYR D 88 -1.46 22.11 42.98
N GLN D 89 -1.63 22.45 44.24
CA GLN D 89 -1.32 23.79 44.73
C GLN D 89 -0.75 23.74 46.15
N CYS D 90 0.30 24.54 46.38
CA CYS D 90 0.98 24.68 47.67
C CYS D 90 0.51 25.94 48.40
N PHE D 91 0.30 25.81 49.72
CA PHE D 91 -0.16 26.89 50.58
C PHE D 91 0.77 27.01 51.77
N ALA D 92 1.39 28.19 51.94
CA ALA D 92 2.25 28.49 53.09
C ALA D 92 1.59 29.58 53.93
N ARG D 93 1.21 29.24 55.17
CA ARG D 93 0.39 30.12 56.01
C ARG D 93 1.11 30.46 57.31
N ASN D 94 0.86 31.67 57.81
CA ASN D 94 1.27 32.06 59.15
C ASN D 94 0.25 33.06 59.71
N LYS D 95 0.45 33.46 60.97
CA LYS D 95 -0.44 34.42 61.62
C LYS D 95 -0.69 35.64 60.73
N PHE D 96 0.36 36.13 60.05
CA PHE D 96 0.24 37.38 59.32
C PHE D 96 -0.57 37.22 58.04
N GLY D 97 -0.33 36.15 57.29
CA GLY D 97 -1.00 35.99 56.01
C GLY D 97 -0.72 34.63 55.41
N THR D 98 -1.26 34.43 54.20
CA THR D 98 -1.16 33.16 53.48
C THR D 98 -0.64 33.41 52.07
N ALA D 99 0.41 32.68 51.69
CA ALA D 99 1.06 32.82 50.39
C ALA D 99 0.83 31.57 49.55
N LEU D 100 0.51 31.78 48.27
CA LEU D 100 0.13 30.73 47.34
C LEU D 100 1.22 30.52 46.29
N SER D 101 1.12 29.38 45.60
CA SER D 101 2.01 29.03 44.50
C SER D 101 1.20 28.76 43.22
N ASN D 102 1.92 28.61 42.11
CA ASN D 102 1.32 28.32 40.82
C ASN D 102 0.60 26.97 40.84
N ARG D 103 -0.47 26.88 40.03
CA ARG D 103 -1.16 25.62 39.81
C ARG D 103 -0.27 24.67 39.01
N ILE D 104 0.14 23.58 39.64
CA ILE D 104 1.09 22.63 39.08
C ILE D 104 0.32 21.54 38.32
N ARG D 105 0.39 21.57 36.99
CA ARG D 105 -0.21 20.52 36.15
C ARG D 105 0.68 19.29 36.13
N LEU D 106 0.70 18.59 37.27
CA LEU D 106 1.52 17.39 37.44
C LEU D 106 1.10 16.28 36.49
N GLN D 107 1.98 15.94 35.54
CA GLN D 107 1.82 14.82 34.62
C GLN D 107 3.10 14.01 34.58
N VAL D 108 2.97 12.71 34.35
CA VAL D 108 4.12 11.80 34.30
C VAL D 108 4.45 11.49 32.84
N SER D 109 5.70 11.78 32.46
CA SER D 109 6.19 11.51 31.11
C SER D 109 6.04 10.03 30.74
N LYS D 110 5.52 9.79 29.54
CA LYS D 110 5.28 8.44 29.03
C LYS D 110 6.25 8.12 27.90
N SER D 111 6.75 6.89 27.87
CA SER D 111 7.75 6.44 26.90
C SER D 111 7.29 5.18 26.18
N PRO D 112 6.20 5.25 25.40
CA PRO D 112 5.62 4.04 24.82
C PRO D 112 6.50 3.38 23.77
N LEU D 113 6.54 2.05 23.80
CA LEU D 113 7.26 1.26 22.81
C LEU D 113 6.67 1.45 21.41
N TRP D 114 7.50 1.25 20.40
CA TRP D 114 7.05 1.33 19.01
C TRP D 114 6.09 0.20 18.67
N PRO D 115 4.94 0.48 18.06
CA PRO D 115 4.05 -0.58 17.56
C PRO D 115 4.73 -1.43 16.49
N LYS D 116 4.91 -2.72 16.79
CA LYS D 116 5.55 -3.67 15.89
C LYS D 116 4.78 -3.80 14.58
N GLU D 117 5.26 -3.14 13.52
CA GLU D 117 4.59 -3.14 12.22
C GLU D 117 5.46 -3.79 11.15
N ASN D 118 4.80 -4.52 10.24
CA ASN D 118 5.46 -5.26 9.16
C ASN D 118 5.80 -4.30 8.02
N LEU D 119 7.09 -4.10 7.76
CA LEU D 119 7.59 -3.05 6.87
C LEU D 119 8.21 -3.64 5.60
N ASP D 120 7.49 -3.51 4.48
CA ASP D 120 8.10 -3.71 3.16
C ASP D 120 9.00 -2.53 2.80
N PRO D 121 10.22 -2.77 2.30
CA PRO D 121 11.08 -1.67 1.88
C PRO D 121 10.57 -0.96 0.62
N VAL D 122 10.65 0.38 0.66
CA VAL D 122 10.16 1.23 -0.43
C VAL D 122 11.21 1.32 -1.53
N VAL D 123 10.77 1.57 -2.76
CA VAL D 123 11.59 1.46 -3.96
C VAL D 123 11.48 2.78 -4.71
N VAL D 124 12.38 3.00 -5.66
CA VAL D 124 12.39 4.24 -6.44
C VAL D 124 13.30 4.14 -7.66
N GLN D 125 12.96 4.86 -8.73
CA GLN D 125 13.86 5.05 -9.86
C GLN D 125 14.88 6.13 -9.53
N GLU D 126 16.08 5.98 -10.13
CA GLU D 126 17.19 6.90 -9.87
C GLU D 126 16.74 8.36 -9.89
N GLY D 127 16.71 8.99 -8.73
CA GLY D 127 16.60 10.43 -8.63
C GLY D 127 15.19 10.99 -8.53
N ALA D 128 14.27 10.26 -7.90
CA ALA D 128 12.92 10.72 -7.60
C ALA D 128 12.81 11.16 -6.14
N PRO D 129 11.82 11.99 -5.82
CA PRO D 129 11.70 12.51 -4.44
C PRO D 129 11.02 11.53 -3.49
N LEU D 130 11.34 11.68 -2.19
CA LEU D 130 10.87 10.74 -1.18
C LEU D 130 10.53 11.45 0.13
N THR D 131 9.48 10.93 0.79
CA THR D 131 9.02 11.39 2.11
C THR D 131 8.95 10.18 3.05
N LEU D 132 9.97 10.01 3.89
CA LEU D 132 10.08 8.86 4.80
C LEU D 132 9.46 9.20 6.14
N GLN D 133 8.34 8.55 6.47
CA GLN D 133 7.47 8.97 7.56
C GLN D 133 7.80 8.21 8.85
N CYS D 134 7.93 8.94 9.95
CA CYS D 134 8.13 8.34 11.28
C CYS D 134 6.81 8.11 12.01
N ASN D 135 6.09 9.19 12.33
CA ASN D 135 4.83 9.15 13.09
C ASN D 135 4.99 8.37 14.39
N PRO D 136 5.62 8.94 15.41
CA PRO D 136 5.82 8.24 16.69
C PRO D 136 4.51 8.02 17.42
N PRO D 137 4.48 7.08 18.36
CA PRO D 137 3.36 6.99 19.30
C PRO D 137 3.28 8.22 20.19
N PRO D 138 2.13 8.50 20.79
CA PRO D 138 1.91 9.79 21.44
C PRO D 138 2.99 10.15 22.45
N GLY D 139 3.52 11.37 22.33
CA GLY D 139 4.69 11.79 23.08
C GLY D 139 4.49 13.13 23.77
N LEU D 140 4.42 13.11 25.10
CA LEU D 140 4.45 14.35 25.88
C LEU D 140 5.66 14.33 26.82
N PRO D 141 6.65 15.22 26.63
CA PRO D 141 6.69 16.20 25.54
C PRO D 141 7.05 15.56 24.20
N SER D 142 6.96 16.32 23.12
CA SER D 142 7.46 15.86 21.82
C SER D 142 8.88 15.35 21.96
N PRO D 143 9.15 14.09 21.59
CA PRO D 143 10.48 13.52 21.84
C PRO D 143 11.52 14.08 20.88
N VAL D 144 12.77 13.95 21.28
CA VAL D 144 13.89 14.28 20.39
C VAL D 144 13.95 13.23 19.28
N ILE D 145 13.76 13.66 18.03
CA ILE D 145 13.68 12.75 16.89
C ILE D 145 14.94 12.88 16.06
N PHE D 146 15.43 11.75 15.55
CA PHE D 146 16.63 11.72 14.71
C PHE D 146 16.78 10.32 14.11
N TRP D 147 17.67 10.22 13.11
CA TRP D 147 17.74 9.02 12.28
C TRP D 147 19.10 8.35 12.44
N MET D 148 19.07 7.02 12.53
CA MET D 148 20.25 6.20 12.79
C MET D 148 20.23 4.98 11.90
N SER D 149 21.42 4.47 11.57
CA SER D 149 21.54 3.12 11.06
C SER D 149 21.38 2.10 12.18
N SER D 150 20.93 0.89 11.83
CA SER D 150 20.99 -0.21 12.79
C SER D 150 22.43 -0.56 13.14
N SER D 151 23.37 -0.28 12.23
CA SER D 151 24.79 -0.37 12.52
C SER D 151 25.24 0.69 13.52
N MET D 152 24.33 1.57 13.94
CA MET D 152 24.45 2.54 15.02
C MET D 152 25.18 3.79 14.57
N GLU D 153 25.45 3.94 13.27
CA GLU D 153 26.15 5.09 12.73
C GLU D 153 25.19 6.26 12.54
N PRO D 154 25.63 7.48 12.87
CA PRO D 154 24.83 8.66 12.50
C PRO D 154 24.76 8.84 10.99
N ILE D 155 23.57 9.21 10.52
CA ILE D 155 23.18 9.04 9.12
C ILE D 155 23.43 10.34 8.35
N THR D 156 23.82 10.19 7.09
CA THR D 156 24.16 11.28 6.18
C THR D 156 23.11 12.37 6.11
N GLN D 157 23.45 13.57 6.58
CA GLN D 157 22.57 14.74 6.48
C GLN D 157 23.32 15.87 5.78
N ASP D 158 22.67 16.50 4.82
CA ASP D 158 23.28 17.59 4.05
C ASP D 158 22.17 18.46 3.47
N LYS D 159 22.55 19.42 2.62
CA LYS D 159 21.58 20.28 1.95
C LYS D 159 20.57 19.45 1.16
N ARG D 160 21.03 18.37 0.52
CA ARG D 160 20.17 17.57 -0.34
C ARG D 160 19.03 16.91 0.44
N VAL D 161 19.36 16.23 1.53
CA VAL D 161 18.42 15.37 2.25
C VAL D 161 18.54 15.65 3.73
N SER D 162 17.41 15.70 4.43
CA SER D 162 17.47 16.11 5.83
C SER D 162 16.18 15.75 6.56
N GLN D 163 16.21 15.90 7.89
CA GLN D 163 15.08 15.59 8.74
C GLN D 163 14.30 16.85 9.10
N GLY D 164 12.98 16.69 9.23
CA GLY D 164 12.14 17.77 9.70
C GLY D 164 12.04 17.86 11.21
N HIS D 165 11.56 19.01 11.69
CA HIS D 165 11.23 19.15 13.10
C HIS D 165 10.13 18.18 13.51
N ASN D 166 9.19 17.92 12.60
CA ASN D 166 8.13 16.95 12.87
C ASN D 166 8.69 15.55 13.09
N GLY D 167 9.79 15.22 12.42
CA GLY D 167 10.51 13.98 12.64
C GLY D 167 10.66 13.12 11.40
N ASP D 168 9.98 13.45 10.32
CA ASP D 168 10.08 12.70 9.07
C ASP D 168 11.31 13.14 8.28
N LEU D 169 11.80 12.24 7.44
CA LEU D 169 12.99 12.47 6.64
C LEU D 169 12.59 12.78 5.20
N TYR D 170 13.32 13.69 4.57
CA TYR D 170 12.92 14.25 3.28
C TYR D 170 14.09 14.19 2.31
N PHE D 171 13.83 13.57 1.14
CA PHE D 171 14.80 13.40 0.06
C PHE D 171 14.31 14.18 -1.14
N SER D 172 14.93 15.35 -1.39
CA SER D 172 14.66 16.07 -2.63
C SER D 172 14.87 15.17 -3.85
N ASN D 173 15.92 14.35 -3.81
CA ASN D 173 16.22 13.42 -4.88
C ASN D 173 17.06 12.28 -4.32
N VAL D 174 16.64 11.04 -4.58
CA VAL D 174 17.37 9.86 -4.11
C VAL D 174 18.54 9.58 -5.04
N MET D 175 19.67 9.17 -4.47
CA MET D 175 20.86 8.83 -5.24
C MET D 175 21.15 7.34 -5.18
N LEU D 176 22.20 6.95 -5.91
CA LEU D 176 22.68 5.57 -5.89
C LEU D 176 23.08 5.15 -4.49
N GLN D 177 23.97 5.93 -3.86
CA GLN D 177 24.60 5.56 -2.59
C GLN D 177 23.59 5.16 -1.53
N ASP D 178 22.37 5.70 -1.59
CA ASP D 178 21.39 5.56 -0.52
C ASP D 178 21.11 4.09 -0.17
N MET D 179 21.32 3.17 -1.10
CA MET D 179 21.03 1.76 -0.85
C MET D 179 21.97 1.14 0.16
N GLN D 180 23.11 1.78 0.44
CA GLN D 180 24.16 1.16 1.25
C GLN D 180 23.65 0.67 2.59
N THR D 181 22.80 1.44 3.26
CA THR D 181 22.49 1.21 4.67
C THR D 181 21.00 1.43 4.92
N ASP D 182 20.54 0.96 6.08
CA ASP D 182 19.17 1.12 6.54
C ASP D 182 18.99 2.44 7.30
N TYR D 183 17.74 2.90 7.39
CA TYR D 183 17.37 4.15 8.03
C TYR D 183 16.30 3.89 9.08
N SER D 184 16.62 4.17 10.35
CA SER D 184 15.75 3.89 11.50
C SER D 184 15.48 5.15 12.31
N CYS D 185 14.21 5.39 12.62
CA CYS D 185 13.79 6.55 13.41
C CYS D 185 13.98 6.30 14.90
N ASN D 186 14.47 7.31 15.63
CA ASN D 186 14.75 7.20 17.06
C ASN D 186 14.27 8.44 17.80
N ALA D 187 13.66 8.22 18.97
CA ALA D 187 13.01 9.25 19.77
C ALA D 187 13.43 9.17 21.23
N ARG D 188 13.94 10.28 21.77
CA ARG D 188 14.34 10.41 23.17
C ARG D 188 13.26 11.10 23.99
N PHE D 189 12.97 10.56 25.18
CA PHE D 189 12.16 11.23 26.18
C PHE D 189 13.04 11.80 27.28
N HIS D 190 13.05 13.13 27.40
CA HIS D 190 13.90 13.85 28.36
C HIS D 190 13.96 13.19 29.73
N PHE D 191 12.81 12.85 30.30
CA PHE D 191 12.72 12.61 31.74
C PHE D 191 13.23 11.23 32.12
N THR D 192 12.83 10.20 31.38
CA THR D 192 13.18 8.84 31.74
C THR D 192 14.53 8.45 31.15
N HIS D 193 15.08 9.29 30.28
CA HIS D 193 16.37 9.06 29.63
C HIS D 193 16.31 7.80 28.78
N THR D 194 15.28 7.74 27.93
CA THR D 194 14.94 6.53 27.19
C THR D 194 14.78 6.87 25.71
N ILE D 195 15.16 5.92 24.86
CA ILE D 195 15.09 6.06 23.40
C ILE D 195 14.27 4.92 22.82
N GLN D 196 13.39 5.26 21.88
CA GLN D 196 12.57 4.30 21.15
C GLN D 196 13.00 4.26 19.68
N GLN D 197 13.17 3.05 19.15
CA GLN D 197 13.69 2.83 17.80
C GLN D 197 12.63 2.16 16.92
N LYS D 198 12.13 2.91 15.94
CA LYS D 198 11.24 2.34 14.93
C LYS D 198 11.98 1.33 14.06
N ASN D 199 11.28 0.25 13.68
CA ASN D 199 11.78 -0.75 12.73
C ASN D 199 12.45 -0.09 11.53
N PRO D 200 13.67 -0.48 11.18
CA PRO D 200 14.42 0.23 10.14
C PRO D 200 13.89 -0.01 8.73
N PHE D 201 14.02 1.04 7.91
CA PHE D 201 13.62 1.06 6.50
C PHE D 201 14.80 0.63 5.60
N THR D 202 14.46 0.24 4.37
CA THR D 202 15.46 0.02 3.32
C THR D 202 14.91 0.55 2.00
N LEU D 203 15.81 0.83 1.06
CA LEU D 203 15.46 1.40 -0.24
C LEU D 203 16.07 0.58 -1.39
N LYS D 204 15.49 0.74 -2.58
CA LYS D 204 16.04 0.17 -3.81
C LYS D 204 15.97 1.18 -4.95
N VAL D 205 17.04 1.22 -5.76
CA VAL D 205 17.17 2.18 -6.86
C VAL D 205 17.08 1.46 -8.21
N LEU D 206 16.72 2.22 -9.25
CA LEU D 206 16.60 1.71 -10.61
C LEU D 206 17.32 2.64 -11.58
N THR D 207 18.17 2.07 -12.43
CA THR D 207 18.97 2.83 -13.40
C THR D 207 18.56 2.49 -14.85
N ASN D 208 18.27 3.53 -15.63
CA ASN D 208 17.98 3.38 -17.05
C ASN D 208 19.11 3.93 -17.93
N ASN D 209 20.24 4.28 -17.34
CA ASN D 209 21.32 4.95 -18.07
C ASN D 209 21.89 4.02 -19.14
N PRO D 210 22.07 4.50 -20.37
CA PRO D 210 22.68 3.64 -21.40
C PRO D 210 24.18 3.47 -21.18
N TYR D 211 24.69 2.33 -21.64
CA TYR D 211 26.12 2.02 -21.56
C TYR D 211 26.83 2.76 -22.70
N ASN D 212 27.20 4.01 -22.45
CA ASN D 212 27.85 4.82 -23.48
C ASN D 212 29.05 4.09 -24.08
N ASP D 213 29.08 3.99 -25.41
CA ASP D 213 30.20 3.33 -26.06
C ASP D 213 31.42 4.26 -26.02
N SER D 214 32.59 3.69 -26.35
CA SER D 214 33.86 4.41 -26.28
C SER D 214 33.93 5.28 -25.03
N SER D 215 33.42 4.76 -23.91
CA SER D 215 33.36 5.45 -22.63
C SER D 215 32.74 6.84 -22.77
N ARG D 226 23.73 13.33 -15.63
CA ARG D 226 24.53 12.21 -15.14
C ARG D 226 24.02 10.91 -15.77
N GLY D 227 23.84 10.95 -17.08
CA GLY D 227 23.19 9.87 -17.80
C GLY D 227 21.74 9.70 -17.41
N VAL D 228 21.17 10.67 -16.69
CA VAL D 228 19.81 10.59 -16.18
C VAL D 228 19.13 11.93 -16.48
N ALA D 229 17.81 11.95 -16.32
CA ALA D 229 17.02 13.15 -16.55
C ALA D 229 17.11 14.11 -15.38
N GLU D 230 17.17 15.40 -15.68
CA GLU D 230 17.03 16.49 -14.72
C GLU D 230 15.59 16.97 -14.69
N ARG D 231 15.23 17.68 -13.62
CA ARG D 231 13.80 17.89 -13.34
C ARG D 231 13.57 19.18 -12.55
N THR D 232 12.36 19.71 -12.72
CA THR D 232 11.89 20.90 -12.01
C THR D 232 11.79 20.67 -10.50
N PRO D 233 11.90 21.72 -9.71
CA PRO D 233 11.52 21.65 -8.29
C PRO D 233 10.02 21.49 -8.09
N SER D 234 9.67 20.95 -6.92
CA SER D 234 8.29 20.89 -6.45
C SER D 234 8.26 21.00 -4.94
N PHE D 235 7.13 21.48 -4.42
CA PHE D 235 6.92 21.62 -2.98
C PHE D 235 6.41 20.31 -2.37
N MET D 236 6.99 19.93 -1.24
CA MET D 236 6.69 18.63 -0.64
C MET D 236 6.01 18.78 0.72
N TYR D 237 6.64 19.43 1.70
CA TYR D 237 5.97 19.61 2.99
C TYR D 237 4.85 20.64 2.89
N PRO D 238 5.12 21.92 2.57
CA PRO D 238 4.02 22.89 2.64
C PRO D 238 3.22 22.88 1.33
N GLN D 239 2.34 21.89 1.23
CA GLN D 239 1.52 21.74 0.03
C GLN D 239 0.62 22.95 -0.16
N GLY D 240 0.40 23.32 -1.41
CA GLY D 240 -0.30 24.55 -1.72
C GLY D 240 0.58 25.76 -1.47
N THR D 241 0.01 26.95 -1.75
CA THR D 241 0.78 28.18 -1.67
C THR D 241 0.84 28.74 -0.25
N SER D 242 -0.21 28.54 0.55
CA SER D 242 -0.43 29.33 1.76
C SER D 242 -0.58 28.43 2.97
N SER D 243 -0.15 28.96 4.12
CA SER D 243 -0.39 28.32 5.42
C SER D 243 -0.32 29.37 6.51
N SER D 244 -0.89 29.05 7.67
CA SER D 244 -0.90 29.92 8.84
C SER D 244 -0.19 29.26 10.01
N GLN D 245 0.66 30.04 10.70
CA GLN D 245 1.28 29.60 11.95
C GLN D 245 1.09 30.67 13.04
N MET D 246 0.96 30.21 14.27
CA MET D 246 0.81 31.07 15.45
C MET D 246 1.95 30.81 16.42
N VAL D 247 2.69 31.87 16.77
CA VAL D 247 3.75 31.80 17.77
C VAL D 247 3.53 32.89 18.82
N LEU D 248 3.88 32.57 20.06
CA LEU D 248 3.65 33.49 21.17
C LEU D 248 4.82 34.45 21.34
N ARG D 249 4.53 35.59 21.95
CA ARG D 249 5.54 36.64 22.11
C ARG D 249 6.68 36.15 23.00
N GLY D 250 7.90 36.55 22.64
CA GLY D 250 9.07 36.16 23.38
C GLY D 250 9.57 34.77 23.06
N MET D 251 8.81 33.99 22.32
CA MET D 251 9.14 32.61 22.00
C MET D 251 10.11 32.53 20.83
N ASP D 252 10.68 31.34 20.63
CA ASP D 252 11.49 31.04 19.47
C ASP D 252 10.60 30.70 18.28
N LEU D 253 10.72 31.47 17.20
CA LEU D 253 9.94 31.22 15.99
C LEU D 253 10.75 30.36 15.02
N LEU D 254 10.10 29.36 14.45
CA LEU D 254 10.77 28.33 13.65
C LEU D 254 9.94 28.07 12.40
N LEU D 255 10.55 28.21 11.21
CA LEU D 255 9.85 27.93 9.98
C LEU D 255 10.65 26.95 9.11
N GLU D 256 9.91 26.12 8.35
CA GLU D 256 10.46 25.04 7.53
C GLU D 256 9.87 25.06 6.11
N CYS D 257 10.72 24.78 5.13
CA CYS D 257 10.33 24.71 3.72
C CYS D 257 11.07 23.57 3.03
N ILE D 258 10.33 22.67 2.38
CA ILE D 258 10.88 21.44 1.79
C ILE D 258 10.55 21.40 0.30
N ALA D 259 11.58 21.16 -0.52
CA ALA D 259 11.54 21.22 -1.98
C ALA D 259 11.95 19.87 -2.56
N SER D 260 11.91 19.75 -3.90
CA SER D 260 12.27 18.49 -4.56
C SER D 260 12.67 18.80 -6.00
N GLY D 261 13.97 18.90 -6.25
CA GLY D 261 14.50 19.05 -7.59
C GLY D 261 15.73 18.21 -7.80
N VAL D 262 15.89 17.69 -9.02
CA VAL D 262 17.03 16.83 -9.32
C VAL D 262 18.36 17.54 -9.04
N PRO D 263 18.58 18.77 -9.51
CA PRO D 263 19.70 19.55 -8.95
C PRO D 263 19.28 20.12 -7.60
N THR D 264 19.96 19.70 -6.53
CA THR D 264 19.67 20.06 -5.14
C THR D 264 19.21 21.52 -5.01
N PRO D 265 17.92 21.73 -4.74
CA PRO D 265 17.41 23.10 -4.59
C PRO D 265 18.03 23.86 -3.42
N ASP D 266 18.00 25.19 -3.54
CA ASP D 266 18.50 26.10 -2.52
C ASP D 266 17.33 26.92 -1.98
N ILE D 267 17.17 26.91 -0.65
CA ILE D 267 16.07 27.60 0.03
C ILE D 267 16.54 28.95 0.54
N ALA D 268 15.82 30.01 0.17
CA ALA D 268 16.07 31.35 0.67
C ALA D 268 14.80 31.94 1.30
N TRP D 269 14.95 32.63 2.43
CA TRP D 269 13.83 33.07 3.26
C TRP D 269 13.72 34.58 3.23
N TYR D 270 12.50 35.12 3.13
CA TYR D 270 12.28 36.56 3.05
C TYR D 270 10.93 36.93 3.66
N LYS D 271 10.65 38.24 3.72
CA LYS D 271 9.53 38.79 4.47
C LYS D 271 8.83 39.88 3.66
N LYS D 272 7.51 39.97 3.84
CA LYS D 272 6.69 40.95 3.13
C LYS D 272 7.11 42.38 3.49
N GLY D 273 7.53 43.14 2.47
CA GLY D 273 7.83 44.56 2.60
C GLY D 273 8.56 44.94 3.87
N GLY D 274 9.65 44.24 4.16
CA GLY D 274 10.43 44.46 5.35
C GLY D 274 11.69 43.63 5.35
N ASP D 275 12.73 44.13 6.02
CA ASP D 275 14.01 43.43 6.03
C ASP D 275 14.04 42.41 7.16
N LEU D 276 14.77 41.32 6.91
CA LEU D 276 14.95 40.31 7.95
C LEU D 276 15.88 40.84 9.03
N PRO D 277 15.52 40.74 10.29
CA PRO D 277 16.46 41.11 11.36
C PRO D 277 17.62 40.14 11.47
N SER D 278 18.78 40.53 10.93
CA SER D 278 19.92 39.63 10.86
C SER D 278 20.51 39.33 12.23
N ASN D 279 20.30 40.20 13.20
CA ASN D 279 20.87 39.99 14.53
C ASN D 279 20.28 38.75 15.20
N LYS D 280 18.98 38.49 14.97
CA LYS D 280 18.25 37.45 15.67
C LYS D 280 18.01 36.20 14.82
N ALA D 281 17.71 36.37 13.54
CA ALA D 281 17.44 35.25 12.65
C ALA D 281 18.73 34.49 12.33
N LYS D 282 18.61 33.19 12.13
CA LYS D 282 19.66 32.44 11.43
C LYS D 282 19.11 31.20 10.72
N PHE D 283 19.91 30.76 9.75
CA PHE D 283 19.68 29.53 8.99
C PHE D 283 20.05 28.31 9.84
N GLU D 284 19.16 27.33 9.89
CA GLU D 284 19.46 26.03 10.48
C GLU D 284 19.06 24.94 9.51
N ASN D 285 19.63 23.75 9.72
CA ASN D 285 19.26 22.53 9.00
C ASN D 285 19.50 22.68 7.49
N PHE D 286 20.71 23.14 7.14
CA PHE D 286 21.12 23.36 5.77
C PHE D 286 20.11 24.23 5.01
N ASN D 287 19.86 25.42 5.58
CA ASN D 287 19.11 26.50 4.95
C ASN D 287 17.62 26.16 4.80
N LYS D 288 17.18 25.05 5.37
CA LYS D 288 15.78 24.62 5.28
C LYS D 288 14.98 24.97 6.52
N ALA D 289 15.60 25.65 7.48
CA ALA D 289 14.93 26.07 8.71
C ALA D 289 15.38 27.49 9.01
N LEU D 290 14.45 28.33 9.44
CA LEU D 290 14.79 29.67 9.93
C LEU D 290 14.36 29.81 11.37
N ARG D 291 15.26 30.35 12.21
CA ARG D 291 15.02 30.46 13.65
C ARG D 291 15.25 31.90 14.10
N ILE D 292 14.31 32.44 14.86
CA ILE D 292 14.36 33.80 15.38
C ILE D 292 14.49 33.75 16.89
N THR D 293 14.86 34.87 17.50
CA THR D 293 14.97 34.98 18.96
C THR D 293 13.60 35.34 19.51
N ASN D 294 13.56 36.08 20.61
CA ASN D 294 12.26 36.53 21.14
C ASN D 294 11.50 37.27 20.05
N VAL D 295 10.24 36.88 19.84
CA VAL D 295 9.43 37.42 18.74
C VAL D 295 8.46 38.45 19.30
N SER D 296 8.58 39.69 18.81
CA SER D 296 7.68 40.78 19.16
C SER D 296 6.69 40.99 18.03
N GLU D 297 5.76 41.94 18.23
CA GLU D 297 4.81 42.28 17.18
C GLU D 297 5.49 42.92 15.98
N GLU D 298 6.71 43.45 16.15
CA GLU D 298 7.52 43.87 15.01
C GLU D 298 7.65 42.73 14.00
N ASP D 299 8.02 41.54 14.48
CA ASP D 299 8.34 40.42 13.61
C ASP D 299 7.10 39.82 12.97
N SER D 300 5.92 40.09 13.53
CA SER D 300 4.67 39.58 12.97
C SER D 300 4.47 40.03 11.53
N GLY D 301 3.90 39.14 10.71
CA GLY D 301 3.46 39.51 9.38
C GLY D 301 3.37 38.34 8.40
N GLU D 302 4.06 38.46 7.27
CA GLU D 302 3.99 37.47 6.20
C GLU D 302 5.42 37.10 5.81
N TYR D 303 5.80 35.84 6.02
CA TYR D 303 7.10 35.37 5.56
C TYR D 303 6.95 34.32 4.46
N PHE D 304 7.90 34.31 3.53
CA PHE D 304 7.84 33.36 2.42
C PHE D 304 9.23 32.80 2.15
N CYS D 305 9.25 31.71 1.36
CA CYS D 305 10.47 30.97 1.08
C CYS D 305 10.54 30.57 -0.40
N LEU D 306 11.74 30.70 -0.96
CA LEU D 306 12.05 30.38 -2.35
C LEU D 306 12.85 29.08 -2.41
N ALA D 307 12.43 28.18 -3.30
CA ALA D 307 13.20 26.98 -3.64
C ALA D 307 13.93 27.14 -4.97
N SER D 308 14.86 28.11 -5.01
CA SER D 308 15.62 28.40 -6.22
C SER D 308 16.36 27.15 -6.72
N ASN D 309 16.25 26.89 -8.02
CA ASN D 309 16.98 25.78 -8.64
C ASN D 309 17.26 26.12 -10.10
N LYS D 310 18.27 25.44 -10.65
CA LYS D 310 18.70 25.69 -12.02
C LYS D 310 17.55 25.60 -13.02
N MET D 311 16.61 24.69 -12.79
CA MET D 311 15.56 24.40 -13.76
C MET D 311 14.33 25.28 -13.52
N GLY D 312 13.85 25.35 -12.28
CA GLY D 312 12.71 26.17 -11.92
C GLY D 312 12.84 26.66 -10.49
N SER D 313 11.84 27.42 -10.05
CA SER D 313 11.86 28.00 -8.70
C SER D 313 10.44 28.38 -8.31
N ILE D 314 10.17 28.32 -7.00
CA ILE D 314 8.81 28.42 -6.46
C ILE D 314 8.86 29.03 -5.07
N ARG D 315 7.76 29.72 -4.70
CA ARG D 315 7.62 30.40 -3.42
C ARG D 315 6.47 29.78 -2.61
N HIS D 316 6.68 29.60 -1.31
CA HIS D 316 5.60 29.33 -0.36
C HIS D 316 5.47 30.43 0.67
N THR D 317 4.23 30.89 0.89
CA THR D 317 3.91 31.96 1.85
C THR D 317 3.33 31.39 3.14
N ILE D 318 3.68 32.01 4.28
CA ILE D 318 3.16 31.67 5.59
C ILE D 318 2.74 32.94 6.33
N SER D 319 1.52 32.96 6.85
CA SER D 319 0.96 34.02 7.69
C SER D 319 1.42 33.86 9.14
N VAL D 320 2.42 34.64 9.55
CA VAL D 320 2.97 34.58 10.92
C VAL D 320 2.22 35.61 11.76
N ARG D 321 1.14 35.17 12.42
CA ARG D 321 0.43 36.01 13.38
C ARG D 321 1.02 35.82 14.78
N VAL D 322 1.65 36.87 15.31
CA VAL D 322 2.26 36.86 16.64
C VAL D 322 1.24 37.28 17.69
N LYS D 323 0.85 36.35 18.55
CA LYS D 323 -0.07 36.58 19.66
C LYS D 323 0.68 36.42 20.99
N ALA D 324 0.45 37.34 21.93
CA ALA D 324 1.39 37.56 23.02
C ALA D 324 0.90 36.98 24.36
N ALA D 325 1.76 36.19 24.99
CA ALA D 325 1.55 35.75 26.37
C ALA D 325 1.65 36.92 27.35
N PRO D 326 0.82 36.95 28.39
CA PRO D 326 0.87 38.05 29.37
C PRO D 326 2.25 38.27 29.94
N TYR D 327 2.68 39.53 30.02
CA TYR D 327 3.98 39.87 30.56
C TYR D 327 3.89 41.15 31.42
N TRP D 328 4.71 41.19 32.47
CA TRP D 328 4.64 42.24 33.48
C TRP D 328 5.08 43.59 32.93
N LEU D 329 4.17 44.57 32.94
CA LEU D 329 4.54 45.96 32.74
C LEU D 329 5.00 46.60 34.05
N ASP D 330 4.17 46.53 35.09
CA ASP D 330 4.51 46.98 36.44
C ASP D 330 4.18 45.85 37.41
N GLU D 331 5.21 45.14 37.86
CA GLU D 331 5.01 44.04 38.81
C GLU D 331 4.86 44.59 40.23
N PRO D 332 3.85 44.14 40.98
CA PRO D 332 3.63 44.64 42.35
C PRO D 332 4.76 44.26 43.30
N LYS D 333 5.35 45.27 43.95
CA LYS D 333 6.39 45.09 44.95
C LYS D 333 5.83 45.27 46.35
N ASN D 334 6.53 44.68 47.33
CA ASN D 334 6.07 44.70 48.72
C ASN D 334 6.00 46.12 49.27
N LEU D 335 4.89 46.43 49.93
CA LEU D 335 4.66 47.75 50.53
C LEU D 335 5.07 47.75 51.99
N ILE D 336 6.08 48.56 52.32
CA ILE D 336 6.50 48.83 53.69
C ILE D 336 6.08 50.24 54.05
N LEU D 337 5.29 50.37 55.12
CA LEU D 337 4.74 51.66 55.51
C LEU D 337 4.94 51.91 57.00
N ALA D 338 5.09 53.19 57.35
CA ALA D 338 4.96 53.68 58.71
C ALA D 338 3.48 53.90 59.06
N PRO D 339 3.10 53.75 60.34
CA PRO D 339 1.71 54.03 60.74
C PRO D 339 1.21 55.37 60.22
N GLY D 340 0.12 55.32 59.45
CA GLY D 340 -0.50 56.52 58.91
C GLY D 340 0.00 56.94 57.55
N GLU D 341 0.79 56.09 56.88
CA GLU D 341 1.27 56.36 55.53
C GLU D 341 0.36 55.69 54.50
N ASP D 342 0.35 56.26 53.30
CA ASP D 342 -0.52 55.83 52.21
C ASP D 342 0.27 54.99 51.20
N GLY D 343 -0.30 53.85 50.81
CA GLY D 343 0.36 52.94 49.90
C GLY D 343 -0.56 52.48 48.79
N ARG D 344 0.03 52.10 47.66
CA ARG D 344 -0.73 51.68 46.49
C ARG D 344 -0.11 50.45 45.84
N LEU D 345 -0.97 49.49 45.48
CA LEU D 345 -0.58 48.27 44.78
C LEU D 345 -1.02 48.31 43.33
N VAL D 346 -0.05 48.08 42.43
CA VAL D 346 -0.23 48.10 40.97
C VAL D 346 0.01 46.68 40.42
N CYS D 347 -1.01 46.09 39.80
CA CYS D 347 -0.88 44.82 39.06
C CYS D 347 -1.18 45.07 37.57
N ARG D 348 -0.14 45.35 36.78
CA ARG D 348 -0.28 45.62 35.35
C ARG D 348 0.46 44.60 34.50
N ALA D 349 -0.29 43.78 33.76
CA ALA D 349 0.25 42.87 32.76
C ALA D 349 -0.27 43.24 31.38
N ASN D 350 0.62 43.29 30.39
CA ASN D 350 0.25 43.52 29.00
C ASN D 350 0.12 42.18 28.26
N GLY D 351 -0.91 42.08 27.43
CA GLY D 351 -1.18 40.86 26.71
C GLY D 351 -2.09 41.10 25.51
N ASN D 352 -2.03 40.18 24.57
CA ASN D 352 -2.87 40.23 23.37
C ASN D 352 -3.47 38.86 23.15
N PRO D 353 -4.78 38.67 23.39
CA PRO D 353 -5.73 39.66 23.91
C PRO D 353 -5.45 40.12 25.35
N LYS D 354 -6.10 41.21 25.75
CA LYS D 354 -5.84 41.85 27.04
C LYS D 354 -6.07 40.86 28.19
N PRO D 355 -5.15 40.77 29.14
CA PRO D 355 -5.33 39.84 30.27
C PRO D 355 -6.28 40.36 31.34
N THR D 356 -7.15 39.46 31.81
CA THR D 356 -8.15 39.77 32.83
C THR D 356 -7.53 39.67 34.22
N VAL D 357 -7.75 40.71 35.05
CA VAL D 357 -7.17 40.80 36.38
C VAL D 357 -8.15 40.24 37.41
N GLN D 358 -7.63 39.41 38.34
CA GLN D 358 -8.44 38.70 39.32
C GLN D 358 -7.79 38.83 40.69
N TRP D 359 -8.56 39.29 41.68
CA TRP D 359 -8.04 39.72 42.98
C TRP D 359 -8.53 38.82 44.11
N MET D 360 -7.62 38.35 44.95
CA MET D 360 -7.98 37.60 46.15
C MET D 360 -7.19 38.07 47.36
N VAL D 361 -7.77 37.83 48.54
CA VAL D 361 -7.22 38.23 49.83
C VAL D 361 -6.98 36.98 50.66
N ASN D 362 -5.71 36.64 50.89
CA ASN D 362 -5.34 35.40 51.61
C ASN D 362 -6.05 34.20 51.00
N GLY D 363 -6.12 34.17 49.67
CA GLY D 363 -6.79 33.10 48.95
C GLY D 363 -8.27 33.01 49.26
N GLU D 364 -8.90 34.15 49.56
CA GLU D 364 -10.34 34.23 49.77
C GLU D 364 -10.96 35.23 48.80
N PRO D 365 -12.09 34.89 48.19
CA PRO D 365 -12.81 35.85 47.35
C PRO D 365 -13.06 37.19 48.05
N LEU D 366 -12.90 38.27 47.28
CA LEU D 366 -13.04 39.62 47.82
C LEU D 366 -14.43 39.85 48.40
N GLN D 367 -15.45 39.21 47.83
CA GLN D 367 -16.82 39.34 48.31
C GLN D 367 -16.90 39.15 49.82
N SER D 368 -16.38 38.04 50.32
CA SER D 368 -16.56 37.64 51.71
C SER D 368 -15.35 37.96 52.57
N ALA D 369 -14.37 38.69 52.02
CA ALA D 369 -13.23 39.13 52.79
C ALA D 369 -13.66 40.16 53.84
N PRO D 370 -13.00 40.17 55.00
CA PRO D 370 -13.31 41.15 56.05
C PRO D 370 -13.26 42.57 55.52
N PRO D 371 -14.33 43.35 55.71
CA PRO D 371 -14.35 44.72 55.18
C PRO D 371 -13.38 45.64 55.92
N ASN D 372 -12.81 46.59 55.17
CA ASN D 372 -11.75 47.45 55.67
C ASN D 372 -11.97 48.88 55.15
N PRO D 373 -11.96 49.89 56.04
CA PRO D 373 -12.18 51.27 55.59
C PRO D 373 -10.98 51.88 54.87
N ASN D 374 -9.77 51.51 55.28
CA ASN D 374 -8.58 52.03 54.62
C ASN D 374 -8.49 51.54 53.17
N ARG D 375 -8.99 50.34 52.91
CA ARG D 375 -8.84 49.70 51.61
C ARG D 375 -9.82 50.28 50.59
N GLU D 376 -9.30 50.71 49.44
CA GLU D 376 -10.11 51.16 48.32
C GLU D 376 -9.60 50.47 47.06
N VAL D 377 -10.48 49.75 46.38
CA VAL D 377 -10.11 49.00 45.17
C VAL D 377 -10.74 49.67 43.96
N ALA D 378 -9.95 49.83 42.90
CA ALA D 378 -10.46 50.45 41.68
C ALA D 378 -9.72 49.87 40.49
N GLY D 379 -10.48 49.26 39.56
CA GLY D 379 -9.90 48.61 38.41
C GLY D 379 -8.85 47.58 38.80
N ASP D 380 -7.58 47.92 38.53
CA ASP D 380 -6.46 47.03 38.75
C ASP D 380 -5.56 47.51 39.89
N THR D 381 -5.97 48.54 40.62
CA THR D 381 -5.13 49.21 41.61
C THR D 381 -5.81 49.17 42.97
N ILE D 382 -4.99 49.08 44.02
CA ILE D 382 -5.50 49.10 45.40
C ILE D 382 -4.82 50.23 46.18
N ILE D 383 -5.60 50.92 47.00
CA ILE D 383 -5.16 52.10 47.76
C ILE D 383 -5.41 51.84 49.25
N PHE D 384 -4.38 52.05 50.07
CA PHE D 384 -4.51 52.10 51.53
C PHE D 384 -4.17 53.51 52.01
N ARG D 385 -5.17 54.22 52.52
CA ARG D 385 -4.99 55.55 53.10
C ARG D 385 -4.96 55.45 54.62
N ASP D 386 -3.91 56.01 55.22
CA ASP D 386 -3.73 56.02 56.68
C ASP D 386 -3.65 54.59 57.22
N THR D 387 -2.68 53.84 56.69
CA THR D 387 -2.56 52.42 57.00
C THR D 387 -2.11 52.20 58.44
N GLN D 388 -2.67 51.16 59.07
CA GLN D 388 -2.36 50.83 60.45
C GLN D 388 -2.02 49.34 60.58
N ILE D 389 -1.89 48.84 61.80
CA ILE D 389 -1.52 47.45 62.03
C ILE D 389 -2.59 46.51 61.45
N SER D 390 -3.83 46.96 61.41
CA SER D 390 -4.93 46.16 60.86
C SER D 390 -4.72 45.90 59.36
N SER D 391 -5.36 44.82 58.90
CA SER D 391 -5.41 44.47 57.48
C SER D 391 -4.03 44.12 56.90
N ARG D 392 -3.16 43.55 57.73
CA ARG D 392 -1.88 43.02 57.28
C ARG D 392 -2.10 41.61 56.72
N ALA D 393 -2.08 41.47 55.40
CA ALA D 393 -2.29 40.16 54.77
C ALA D 393 -1.64 40.16 53.39
N VAL D 394 -1.68 38.98 52.76
CA VAL D 394 -1.08 38.74 51.45
C VAL D 394 -2.17 38.75 50.37
N TYR D 395 -2.05 39.69 49.43
CA TYR D 395 -3.00 39.86 48.33
C TYR D 395 -2.46 39.20 47.05
N GLN D 396 -3.37 38.59 46.28
CA GLN D 396 -3.05 37.77 45.11
C GLN D 396 -3.70 38.32 43.84
N CYS D 397 -2.93 38.38 42.74
CA CYS D 397 -3.37 38.85 41.43
C CYS D 397 -3.11 37.77 40.37
N ASN D 398 -4.19 37.33 39.69
CA ASN D 398 -4.10 36.37 38.57
C ASN D 398 -4.52 37.06 37.26
N THR D 399 -3.54 37.48 36.46
CA THR D 399 -3.82 38.08 35.15
C THR D 399 -3.80 37.01 34.06
N SER D 400 -4.94 36.77 33.42
CA SER D 400 -5.12 35.64 32.51
C SER D 400 -5.74 36.11 31.21
N ASN D 401 -5.36 35.45 30.11
CA ASN D 401 -5.85 35.80 28.77
C ASN D 401 -6.09 34.51 27.99
N GLU D 402 -6.31 34.65 26.68
CA GLU D 402 -6.56 33.50 25.81
C GLU D 402 -5.41 32.49 25.89
N HIS D 403 -4.17 32.98 25.94
CA HIS D 403 -3.01 32.11 25.90
C HIS D 403 -2.78 31.42 27.25
N GLY D 404 -2.55 32.19 28.29
CA GLY D 404 -2.23 31.63 29.59
C GLY D 404 -2.51 32.60 30.72
N TYR D 405 -1.69 32.54 31.77
CA TYR D 405 -1.91 33.35 32.96
C TYR D 405 -0.61 33.58 33.71
N LEU D 406 -0.61 34.64 34.52
CA LEU D 406 0.47 34.98 35.45
C LEU D 406 -0.09 35.27 36.84
N LEU D 407 0.63 34.82 37.86
CA LEU D 407 0.20 34.89 39.26
C LEU D 407 1.23 35.65 40.09
N ALA D 408 0.76 36.61 40.90
CA ALA D 408 1.64 37.44 41.72
C ALA D 408 1.08 37.63 43.12
N ASN D 409 1.96 37.51 44.13
CA ASN D 409 1.63 37.74 45.53
C ASN D 409 2.34 38.99 46.06
N ALA D 410 1.68 39.70 46.98
CA ALA D 410 2.32 40.85 47.63
C ALA D 410 1.67 41.10 48.99
N PHE D 411 2.48 41.50 49.98
CA PHE D 411 1.99 41.73 51.33
C PHE D 411 2.19 43.18 51.75
N VAL D 412 1.34 43.63 52.68
CA VAL D 412 1.36 44.99 53.23
C VAL D 412 1.90 44.93 54.65
N SER D 413 3.02 45.61 54.91
CA SER D 413 3.68 45.57 56.21
C SER D 413 3.76 46.98 56.80
N VAL D 414 3.07 47.21 57.92
CA VAL D 414 3.17 48.44 58.68
C VAL D 414 3.96 48.16 59.94
N LEU D 415 5.16 48.73 60.03
CA LEU D 415 6.03 48.59 61.19
C LEU D 415 6.60 49.95 61.55
N ASP D 416 7.33 50.00 62.68
CA ASP D 416 7.84 51.25 63.25
C ASP D 416 9.28 51.04 63.69
N VAL D 417 10.22 51.20 62.75
CA VAL D 417 11.63 50.88 62.99
C VAL D 417 12.51 52.02 62.48
N PRO D 418 13.65 52.26 63.12
CA PRO D 418 14.61 53.27 62.61
C PRO D 418 15.35 52.75 61.39
N PRO D 419 15.99 53.64 60.63
CA PRO D 419 16.81 53.18 59.49
C PRO D 419 17.98 52.33 59.94
N ARG D 420 18.27 51.29 59.15
CA ARG D 420 19.28 50.29 59.50
C ARG D 420 20.29 50.14 58.37
N MET D 421 21.52 49.81 58.74
CA MET D 421 22.63 49.60 57.80
C MET D 421 22.77 48.11 57.51
N LEU D 422 22.81 47.78 56.23
CA LEU D 422 22.75 46.39 55.77
C LEU D 422 24.08 45.87 55.22
N SER D 423 25.14 46.67 55.26
CA SER D 423 26.43 46.27 54.71
C SER D 423 27.52 46.40 55.78
N ALA D 424 28.69 45.84 55.45
CA ALA D 424 29.85 45.92 56.33
C ALA D 424 30.27 47.37 56.59
N ARG D 425 30.72 47.63 57.81
CA ARG D 425 31.20 48.95 58.19
C ARG D 425 32.62 49.18 57.70
N ASN D 426 32.88 50.39 57.20
CA ASN D 426 34.22 50.86 56.84
C ASN D 426 34.80 50.01 55.70
N GLN D 427 34.09 50.00 54.58
CA GLN D 427 34.53 49.25 53.41
C GLN D 427 35.77 49.90 52.77
N LEU D 428 36.60 49.06 52.14
CA LEU D 428 37.79 49.49 51.41
C LEU D 428 37.67 49.02 49.96
N ILE D 429 37.53 49.96 49.02
CA ILE D 429 37.27 49.63 47.62
C ILE D 429 38.34 50.24 46.73
N ARG D 430 38.81 49.45 45.77
CA ARG D 430 39.93 49.77 44.89
C ARG D 430 39.46 49.69 43.44
N VAL D 431 40.00 50.55 42.58
CA VAL D 431 39.63 50.55 41.17
C VAL D 431 40.62 51.38 40.37
N ILE D 432 40.73 51.09 39.07
CA ILE D 432 41.63 51.78 38.15
C ILE D 432 41.00 53.08 37.67
N LEU D 433 41.76 53.86 36.89
CA LEU D 433 41.43 55.25 36.60
C LEU D 433 40.13 55.41 35.81
N TYR D 434 40.12 54.99 34.54
CA TYR D 434 39.04 55.36 33.62
C TYR D 434 38.04 54.23 33.42
N ASN D 435 37.61 53.58 34.50
CA ASN D 435 36.63 52.51 34.44
C ASN D 435 35.47 52.80 35.37
N ARG D 436 34.28 52.28 35.01
CA ARG D 436 33.07 52.50 35.78
C ARG D 436 33.10 51.74 37.10
N THR D 437 32.74 52.40 38.21
CA THR D 437 32.75 51.75 39.51
C THR D 437 31.44 51.96 40.27
N ARG D 438 31.27 51.19 41.35
CA ARG D 438 30.05 51.16 42.15
C ARG D 438 30.39 51.07 43.63
N LEU D 439 29.70 51.87 44.45
CA LEU D 439 29.71 51.76 45.90
C LEU D 439 28.36 51.24 46.39
N ASP D 440 28.36 50.08 47.06
CA ASP D 440 27.13 49.47 47.58
C ASP D 440 26.93 49.83 49.05
N CYS D 441 25.97 50.72 49.33
CA CYS D 441 25.57 51.10 50.69
C CYS D 441 24.07 50.82 50.88
N PRO D 442 23.68 49.55 51.01
CA PRO D 442 22.26 49.22 51.19
C PRO D 442 21.70 49.68 52.54
N PHE D 443 20.41 50.01 52.53
CA PHE D 443 19.75 50.60 53.69
C PHE D 443 18.27 50.19 53.69
N PHE D 444 17.59 50.52 54.78
CA PHE D 444 16.16 50.26 54.97
C PHE D 444 15.65 51.03 56.17
N GLY D 445 14.39 51.48 56.08
CA GLY D 445 13.74 52.17 57.17
C GLY D 445 12.23 52.09 57.04
N SER D 446 11.54 52.22 58.18
CA SER D 446 10.09 52.13 58.21
C SER D 446 9.46 53.17 57.26
N PRO D 447 9.59 54.48 57.48
CA PRO D 447 9.34 55.41 56.37
C PRO D 447 10.61 55.55 55.53
N ILE D 448 10.44 55.47 54.21
CA ILE D 448 11.52 55.62 53.23
C ILE D 448 12.54 56.66 53.66
N PRO D 449 13.69 56.25 54.18
CA PRO D 449 14.70 57.21 54.63
C PRO D 449 15.56 57.74 53.48
N THR D 450 15.84 59.03 53.54
CA THR D 450 16.76 59.65 52.58
C THR D 450 18.20 59.27 52.92
N LEU D 451 18.90 58.71 51.92
CA LEU D 451 20.32 58.44 52.03
C LEU D 451 21.12 59.52 51.31
N ARG D 452 22.20 59.99 51.96
CA ARG D 452 23.02 61.06 51.44
C ARG D 452 24.50 60.72 51.56
N TRP D 453 25.26 61.11 50.54
CA TRP D 453 26.70 60.88 50.44
C TRP D 453 27.48 62.15 50.70
N PHE D 454 28.57 62.05 51.47
CA PHE D 454 29.46 63.16 51.73
C PHE D 454 30.92 62.74 51.51
N LYS D 455 31.72 63.68 50.98
CA LYS D 455 33.10 63.43 50.56
C LYS D 455 34.03 64.46 51.18
N ASN D 456 35.09 63.97 51.83
CA ASN D 456 36.15 64.83 52.39
C ASN D 456 35.57 65.93 53.27
N GLY D 457 34.58 65.56 54.08
CA GLY D 457 33.96 66.50 54.99
C GLY D 457 33.32 67.69 54.31
N GLN D 458 32.68 67.47 53.16
CA GLN D 458 31.90 68.50 52.49
C GLN D 458 30.47 68.50 53.02
N GLY D 459 29.96 69.68 53.35
CA GLY D 459 28.56 69.78 53.75
C GLY D 459 27.59 69.41 52.65
N SER D 460 27.94 69.75 51.41
CA SER D 460 27.05 69.51 50.27
C SER D 460 26.94 68.02 49.98
N ASN D 461 25.70 67.52 49.93
CA ASN D 461 25.47 66.12 49.57
C ASN D 461 25.79 65.90 48.10
N LEU D 462 26.37 64.74 47.81
CA LEU D 462 26.86 64.41 46.46
C LEU D 462 25.71 63.91 45.59
N ASP D 463 25.21 64.77 44.72
CA ASP D 463 24.21 64.39 43.74
C ASP D 463 24.33 65.30 42.53
N GLY D 464 24.24 64.72 41.33
CA GLY D 464 24.40 65.48 40.11
C GLY D 464 25.36 64.86 39.12
N GLY D 465 26.23 65.68 38.53
CA GLY D 465 27.12 65.23 37.48
C GLY D 465 28.10 64.18 37.96
N ASN D 466 28.13 63.03 37.30
CA ASN D 466 29.08 61.94 37.49
C ASN D 466 28.82 61.18 38.78
N TYR D 467 27.81 61.55 39.56
CA TYR D 467 27.36 60.81 40.74
C TYR D 467 25.90 60.46 40.53
N HIS D 468 25.58 59.17 40.55
CA HIS D 468 24.20 58.73 40.38
C HIS D 468 23.80 57.76 41.48
N VAL D 469 22.56 57.87 41.93
CA VAL D 469 22.03 57.09 43.05
C VAL D 469 20.84 56.27 42.55
N TYR D 470 20.81 55.00 42.92
CA TYR D 470 19.76 54.05 42.57
C TYR D 470 18.83 53.78 43.76
N GLU D 471 17.85 52.90 43.53
CA GLU D 471 16.85 52.60 44.55
C GLU D 471 17.49 52.02 45.81
N ASN D 472 18.48 51.13 45.65
CA ASN D 472 19.01 50.38 46.78
C ASN D 472 20.01 51.21 47.60
N GLY D 473 20.60 52.25 47.02
CA GLY D 473 21.52 53.14 47.70
C GLY D 473 22.92 53.10 47.12
N SER D 474 23.17 52.15 46.25
CA SER D 474 24.36 52.10 45.41
C SER D 474 24.61 53.41 44.68
N LEU D 475 25.83 53.91 44.80
CA LEU D 475 26.28 55.11 44.12
C LEU D 475 27.22 54.70 42.99
N GLU D 476 26.90 55.10 41.77
CA GLU D 476 27.67 54.69 40.59
C GLU D 476 28.52 55.87 40.12
N ILE D 477 29.79 55.59 39.84
CA ILE D 477 30.65 56.53 39.12
C ILE D 477 30.81 56.02 37.69
N LYS D 478 30.22 56.78 36.75
CA LYS D 478 30.20 56.39 35.34
C LYS D 478 31.62 56.27 34.78
N MET D 479 32.42 57.31 34.95
CA MET D 479 33.84 57.27 34.65
C MET D 479 34.58 58.07 35.71
N ILE D 480 35.67 57.52 36.22
CA ILE D 480 36.33 58.04 37.42
C ILE D 480 37.46 58.98 37.02
N ARG D 481 37.54 60.11 37.70
CA ARG D 481 38.71 60.98 37.69
C ARG D 481 39.51 60.76 38.96
N LYS D 482 40.75 61.27 38.96
CA LYS D 482 41.58 61.16 40.15
C LYS D 482 41.03 62.01 41.30
N GLU D 483 40.27 63.04 40.99
CA GLU D 483 39.63 63.86 42.03
C GLU D 483 38.71 63.02 42.92
N ASP D 484 38.01 62.03 42.32
CA ASP D 484 36.95 61.31 43.01
C ASP D 484 37.46 60.54 44.23
N GLN D 485 38.70 60.07 44.20
CA GLN D 485 39.26 59.26 45.28
C GLN D 485 39.09 59.93 46.64
N GLY D 486 38.84 59.12 47.67
CA GLY D 486 38.82 59.64 49.02
C GLY D 486 37.81 58.90 49.89
N ILE D 487 37.42 59.56 50.99
CA ILE D 487 36.55 58.98 52.01
C ILE D 487 35.11 59.40 51.75
N TYR D 488 34.21 58.43 51.68
CA TYR D 488 32.79 58.67 51.43
C TYR D 488 31.96 58.16 52.61
N THR D 489 31.03 59.00 53.06
CA THR D 489 30.11 58.66 54.15
C THR D 489 28.68 58.62 53.61
N CYS D 490 28.02 57.48 53.75
CA CYS D 490 26.61 57.33 53.37
C CYS D 490 25.75 57.26 54.63
N VAL D 491 24.74 58.13 54.72
CA VAL D 491 23.88 58.24 55.89
C VAL D 491 22.43 58.09 55.46
N ALA D 492 21.74 57.10 56.05
CA ALA D 492 20.30 56.91 55.88
C ALA D 492 19.55 57.50 57.07
N THR D 493 18.62 58.42 56.80
CA THR D 493 17.94 59.14 57.88
C THR D 493 16.46 59.32 57.55
N ASN D 494 15.64 59.34 58.61
CA ASN D 494 14.21 59.58 58.49
C ASN D 494 13.70 60.21 59.78
N ILE D 495 12.40 60.52 59.80
CA ILE D 495 11.76 61.17 60.94
C ILE D 495 12.10 60.47 62.26
N LEU D 496 12.23 59.15 62.23
CA LEU D 496 12.44 58.39 63.46
C LEU D 496 13.88 58.49 63.95
N GLY D 497 14.84 58.22 63.08
CA GLY D 497 16.23 58.14 63.50
C GLY D 497 17.16 58.10 62.30
N LYS D 498 18.41 57.72 62.56
CA LYS D 498 19.43 57.76 61.52
C LYS D 498 20.45 56.64 61.72
N ALA D 499 21.17 56.33 60.64
CA ALA D 499 22.30 55.40 60.67
C ALA D 499 23.32 55.80 59.62
N GLU D 500 24.60 55.49 59.89
CA GLU D 500 25.73 55.98 59.11
C GLU D 500 26.66 54.83 58.72
N ASN D 501 27.40 55.01 57.63
CA ASN D 501 28.35 53.99 57.17
C ASN D 501 29.47 54.65 56.34
N GLN D 502 30.67 54.03 56.39
CA GLN D 502 31.89 54.57 55.81
C GLN D 502 32.44 53.67 54.72
N VAL D 503 32.98 54.29 53.65
CA VAL D 503 33.66 53.55 52.58
C VAL D 503 34.79 54.40 52.00
N ARG D 504 36.00 53.83 51.92
CA ARG D 504 37.14 54.52 51.33
C ARG D 504 37.38 54.03 49.90
N LEU D 505 37.37 54.97 48.95
CA LEU D 505 37.52 54.71 47.52
C LEU D 505 38.93 55.09 47.06
N GLU D 506 39.64 54.11 46.49
CA GLU D 506 41.03 54.29 46.04
C GLU D 506 41.14 54.10 44.54
N VAL D 507 41.58 55.17 43.86
CA VAL D 507 41.93 55.15 42.43
C VAL D 507 43.40 54.78 42.29
N LYS D 508 43.68 53.62 41.68
CA LYS D 508 45.04 53.15 41.43
C LYS D 508 45.34 53.16 39.94
N ASP D 509 46.61 52.80 39.60
CA ASP D 509 47.25 53.09 38.32
C ASP D 509 47.08 51.94 37.33
N PRO D 510 46.63 52.21 36.10
CA PRO D 510 46.36 51.13 35.14
C PRO D 510 47.64 50.49 34.61
N THR D 511 47.45 49.28 34.08
CA THR D 511 48.54 48.40 33.63
C THR D 511 48.63 48.45 32.10
N ARG D 512 49.64 49.15 31.57
CA ARG D 512 49.80 49.26 30.13
C ARG D 512 51.18 48.79 29.66
N ILE D 513 51.19 48.11 28.52
CA ILE D 513 52.40 47.49 27.98
C ILE D 513 53.07 48.47 27.02
N TYR D 514 54.21 49.03 27.43
CA TYR D 514 54.83 50.10 26.65
C TYR D 514 55.82 49.59 25.60
N ARG D 515 56.41 48.41 25.80
CA ARG D 515 57.33 47.81 24.82
C ARG D 515 56.82 46.42 24.46
N MET D 516 56.32 46.24 23.17
CA MET D 516 55.74 45.03 22.61
C MET D 516 56.81 44.13 21.98
N PRO D 517 56.55 42.83 21.91
CA PRO D 517 57.47 41.91 21.23
C PRO D 517 57.50 42.10 19.72
N GLU D 518 58.68 41.89 19.15
CA GLU D 518 58.97 42.20 17.75
C GLU D 518 58.63 41.01 16.84
N ASP D 519 57.84 41.28 15.80
CA ASP D 519 57.52 40.29 14.79
C ASP D 519 58.76 39.92 13.99
N GLN D 520 59.01 38.62 13.78
CA GLN D 520 60.32 38.27 13.23
C GLN D 520 60.29 36.97 12.42
N VAL D 521 61.34 36.82 11.60
CA VAL D 521 61.56 35.67 10.72
C VAL D 521 62.90 35.04 11.09
N ALA D 522 62.88 33.78 11.51
CA ALA D 522 64.06 33.07 11.99
C ALA D 522 64.20 31.74 11.26
N LYS D 523 65.43 31.25 11.19
CA LYS D 523 65.72 29.94 10.61
C LYS D 523 65.88 28.89 11.72
N ARG D 524 65.76 27.62 11.33
CA ARG D 524 65.72 26.54 12.30
C ARG D 524 67.01 26.47 13.10
N GLY D 525 66.86 26.36 14.43
CA GLY D 525 67.99 26.23 15.32
C GLY D 525 68.63 27.54 15.72
N THR D 526 67.85 28.61 15.76
CA THR D 526 68.26 29.89 16.33
C THR D 526 67.44 30.18 17.59
N THR D 527 68.10 30.74 18.59
CA THR D 527 67.46 31.09 19.86
C THR D 527 66.89 32.51 19.78
N VAL D 528 65.58 32.64 20.02
CA VAL D 528 64.86 33.88 19.81
C VAL D 528 64.33 34.42 21.13
N GLN D 529 64.27 35.76 21.24
CA GLN D 529 63.77 36.44 22.44
C GLN D 529 62.66 37.40 22.08
N LEU D 530 61.67 37.52 22.98
CA LEU D 530 60.54 38.44 22.83
C LEU D 530 60.41 39.29 24.09
N GLU D 531 60.48 40.61 23.93
CA GLU D 531 60.41 41.55 25.06
C GLU D 531 58.99 42.06 25.27
N CYS D 532 58.52 42.05 26.54
CA CYS D 532 57.15 42.47 26.91
C CYS D 532 57.18 43.30 28.21
N ARG D 533 57.54 44.58 28.10
CA ARG D 533 57.66 45.46 29.27
C ARG D 533 56.33 46.17 29.56
N VAL D 534 55.83 45.98 30.79
CA VAL D 534 54.53 46.50 31.22
C VAL D 534 54.72 47.40 32.44
N LYS D 535 53.97 48.50 32.48
CA LYS D 535 53.91 49.37 33.65
C LYS D 535 52.65 49.04 34.46
N HIS D 536 52.86 48.68 35.73
CA HIS D 536 51.80 48.41 36.70
C HIS D 536 52.08 49.16 38.00
N ASP D 537 51.02 49.32 38.80
CA ASP D 537 51.15 49.94 40.12
C ASP D 537 52.02 49.08 41.02
N PRO D 538 53.03 49.67 41.69
CA PRO D 538 53.89 48.88 42.60
C PRO D 538 53.13 48.04 43.61
N SER D 539 52.10 48.59 44.24
CA SER D 539 51.33 47.88 45.26
C SER D 539 50.16 47.09 44.62
N LEU D 540 50.51 46.12 43.78
CA LEU D 540 49.49 45.31 43.12
C LEU D 540 50.10 44.00 42.65
N LYS D 541 49.23 42.98 42.55
CA LYS D 541 49.59 41.65 42.04
C LYS D 541 49.59 41.65 40.52
N LEU D 542 50.77 41.52 39.92
CA LEU D 542 50.91 41.40 38.46
C LEU D 542 51.16 39.95 38.07
N THR D 543 50.44 39.48 37.04
CA THR D 543 50.66 38.18 36.42
C THR D 543 50.96 38.35 34.93
N VAL D 544 52.06 37.75 34.47
CA VAL D 544 52.50 37.84 33.07
C VAL D 544 52.70 36.44 32.52
N SER D 545 51.81 36.02 31.61
CA SER D 545 51.89 34.70 30.98
C SER D 545 51.81 34.84 29.46
N TRP D 546 51.87 33.71 28.76
CA TRP D 546 51.92 33.70 27.30
C TRP D 546 50.90 32.72 26.72
N LEU D 547 50.53 32.95 25.47
CA LEU D 547 49.62 32.10 24.71
C LEU D 547 50.22 31.80 23.34
N LYS D 548 50.34 30.52 23.01
CA LYS D 548 50.74 30.07 21.68
C LYS D 548 49.52 30.00 20.78
N ASP D 549 49.60 30.62 19.60
CA ASP D 549 48.47 30.73 18.68
C ASP D 549 47.31 31.45 19.37
N ASP D 550 46.37 30.67 19.90
CA ASP D 550 45.17 31.21 20.53
C ASP D 550 44.76 30.40 21.76
N GLU D 551 45.70 29.68 22.36
CA GLU D 551 45.46 28.89 23.57
C GLU D 551 46.67 29.00 24.49
N PRO D 552 46.47 28.80 25.80
CA PRO D 552 47.55 29.07 26.77
C PRO D 552 48.80 28.23 26.55
N LEU D 553 49.95 28.87 26.71
CA LEU D 553 51.27 28.27 26.56
C LEU D 553 51.77 27.70 27.90
N TYR D 554 52.51 26.60 27.81
CA TYR D 554 53.07 25.92 28.98
C TYR D 554 54.59 26.13 29.01
N ILE D 555 55.08 26.72 30.11
CA ILE D 555 56.51 26.86 30.34
C ILE D 555 57.14 25.50 30.60
N GLY D 556 58.30 25.27 30.00
CA GLY D 556 58.98 24.00 30.17
C GLY D 556 60.45 24.08 29.78
N ASN D 557 61.03 22.90 29.54
CA ASN D 557 62.43 22.81 29.16
C ASN D 557 62.66 23.55 27.85
N ARG D 558 63.84 24.17 27.73
CA ARG D 558 64.30 24.95 26.58
C ARG D 558 63.62 26.30 26.46
N MET D 559 62.75 26.65 27.41
CA MET D 559 61.96 27.88 27.39
C MET D 559 62.24 28.63 28.69
N LYS D 560 62.89 29.78 28.59
CA LYS D 560 63.33 30.53 29.77
C LYS D 560 62.58 31.86 29.86
N LYS D 561 61.91 32.09 30.99
CA LYS D 561 61.08 33.27 31.20
C LYS D 561 61.83 34.28 32.07
N GLU D 562 62.31 35.36 31.45
CA GLU D 562 62.94 36.48 32.13
C GLU D 562 61.87 37.46 32.61
N ASP D 563 62.25 38.27 33.61
CA ASP D 563 61.36 39.25 34.24
C ASP D 563 60.48 39.96 33.21
N ASP D 564 61.09 40.40 32.12
CA ASP D 564 60.43 41.24 31.12
C ASP D 564 60.57 40.66 29.73
N SER D 565 60.95 39.37 29.61
CA SER D 565 61.20 38.81 28.29
C SER D 565 61.03 37.30 28.33
N LEU D 566 60.96 36.70 27.14
CA LEU D 566 60.84 35.25 27.01
C LEU D 566 61.80 34.76 25.93
N THR D 567 62.52 33.66 26.21
CA THR D 567 63.52 33.14 25.30
C THR D 567 63.21 31.68 24.96
N ILE D 568 63.31 31.36 23.67
CA ILE D 568 63.11 30.00 23.16
C ILE D 568 64.40 29.56 22.47
N PHE D 569 64.83 28.33 22.79
CA PHE D 569 65.98 27.70 22.15
C PHE D 569 65.50 26.67 21.15
N GLY D 570 66.13 26.66 19.97
CA GLY D 570 65.91 25.62 18.98
C GLY D 570 64.55 25.67 18.29
N VAL D 571 64.31 26.75 17.54
CA VAL D 571 63.05 26.92 16.81
C VAL D 571 62.97 25.94 15.64
N ALA D 572 61.74 25.61 15.26
CA ALA D 572 61.46 24.75 14.11
C ALA D 572 60.11 25.16 13.53
N GLU D 573 59.62 24.36 12.57
CA GLU D 573 58.40 24.74 11.85
C GLU D 573 57.19 24.75 12.77
N ARG D 574 57.22 23.94 13.84
CA ARG D 574 56.10 23.86 14.76
C ARG D 574 55.94 25.15 15.56
N ASP D 575 57.04 25.82 15.86
CA ASP D 575 57.01 27.04 16.67
C ASP D 575 56.37 28.22 15.94
N GLN D 576 56.29 28.16 14.61
CA GLN D 576 55.76 29.27 13.82
C GLN D 576 54.33 29.61 14.24
N GLY D 577 54.04 30.91 14.32
CA GLY D 577 52.70 31.35 14.64
C GLY D 577 52.71 32.62 15.49
N SER D 578 51.57 32.85 16.13
CA SER D 578 51.32 34.07 16.90
C SER D 578 51.47 33.82 18.40
N TYR D 579 52.41 34.52 19.03
CA TYR D 579 52.61 34.51 20.47
C TYR D 579 51.95 35.73 21.12
N THR D 580 51.27 35.52 22.25
CA THR D 580 50.48 36.56 22.89
C THR D 580 50.88 36.71 24.36
N CYS D 581 51.47 37.87 24.68
CA CYS D 581 51.83 38.26 26.04
C CYS D 581 50.60 38.80 26.77
N MET D 582 50.24 38.16 27.90
CA MET D 582 49.10 38.53 28.73
C MET D 582 49.60 39.09 30.07
N ALA D 583 49.35 40.38 30.31
CA ALA D 583 49.73 41.05 31.54
C ALA D 583 48.46 41.50 32.26
N SER D 584 48.14 40.86 33.39
CA SER D 584 46.88 41.09 34.06
C SER D 584 47.08 41.33 35.56
N THR D 585 46.24 42.20 36.12
CA THR D 585 46.03 42.38 37.54
C THR D 585 44.54 42.21 37.84
N GLU D 586 44.22 42.08 39.13
CA GLU D 586 42.85 41.76 39.55
C GLU D 586 41.82 42.66 38.85
N LEU D 587 42.20 43.88 38.51
CA LEU D 587 41.27 44.89 38.02
C LEU D 587 41.53 45.29 36.57
N ASP D 588 42.58 44.77 35.94
CA ASP D 588 42.98 45.23 34.62
C ASP D 588 43.61 44.09 33.84
N GLN D 589 43.57 44.19 32.52
CA GLN D 589 44.18 43.20 31.65
C GLN D 589 44.66 43.84 30.36
N ASP D 590 45.83 43.41 29.86
CA ASP D 590 46.36 43.90 28.61
C ASP D 590 47.03 42.77 27.84
N LEU D 591 46.91 42.81 26.51
CA LEU D 591 47.45 41.79 25.62
C LEU D 591 48.34 42.41 24.55
N ALA D 592 49.42 41.70 24.19
CA ALA D 592 50.30 42.08 23.09
C ALA D 592 50.57 40.86 22.22
N LYS D 593 50.60 41.05 20.90
CA LYS D 593 50.67 39.92 19.97
C LYS D 593 51.79 40.11 18.96
N ALA D 594 52.53 39.02 18.68
CA ALA D 594 53.64 39.04 17.73
C ALA D 594 53.64 37.77 16.88
N TYR D 595 54.04 37.89 15.62
CA TYR D 595 54.09 36.77 14.69
C TYR D 595 55.54 36.36 14.39
N LEU D 596 55.81 35.06 14.50
CA LEU D 596 57.11 34.45 14.23
C LEU D 596 57.01 33.46 13.08
N THR D 597 57.92 33.59 12.10
CA THR D 597 57.95 32.72 10.94
C THR D 597 59.30 31.99 10.85
N VAL D 598 59.29 30.80 10.23
CA VAL D 598 60.45 29.91 10.21
C VAL D 598 60.73 29.46 8.78
N LEU D 599 62.02 29.42 8.41
CA LEU D 599 62.47 28.97 7.10
C LEU D 599 62.87 27.49 7.14
N ALA D 600 63.10 26.95 5.95
CA ALA D 600 63.45 25.54 5.77
C ALA D 600 64.88 25.40 5.27
N ASP D 601 65.41 24.18 5.38
CA ASP D 601 66.77 23.88 4.95
C ASP D 601 66.79 23.49 3.46
C1 NAG E . -40.59 -13.00 -23.11
C2 NAG E . -40.72 -14.20 -22.18
C3 NAG E . -42.19 -14.55 -21.96
C4 NAG E . -42.99 -13.32 -21.52
C5 NAG E . -42.74 -12.16 -22.48
C6 NAG E . -43.39 -10.86 -22.05
C7 NAG E . -38.68 -15.48 -22.67
C8 NAG E . -38.13 -16.75 -23.26
N2 NAG E . -40.01 -15.35 -22.70
O3 NAG E . -42.30 -15.56 -20.97
O4 NAG E . -44.37 -13.67 -21.52
O5 NAG E . -41.34 -11.91 -22.60
O6 NAG E . -43.12 -9.82 -22.98
O7 NAG E . -37.96 -14.62 -22.20
C1 NAG E . -45.08 -13.30 -20.31
C2 NAG E . -46.55 -13.03 -20.71
C3 NAG E . -47.42 -12.76 -19.48
C4 NAG E . -47.24 -13.86 -18.45
C5 NAG E . -45.77 -14.00 -18.11
C6 NAG E . -45.49 -15.09 -17.10
C7 NAG E . -46.54 -12.08 -22.97
C8 NAG E . -46.68 -10.84 -23.79
N2 NAG E . -46.64 -11.91 -21.65
O3 NAG E . -48.78 -12.67 -19.87
O4 NAG E . -48.02 -13.59 -17.28
O5 NAG E . -45.03 -14.32 -19.29
O6 NAG E . -46.42 -16.16 -17.23
O7 NAG E . -46.34 -13.19 -23.47
C1 BMA E . -49.19 -14.44 -17.32
C2 BMA E . -49.83 -14.54 -15.91
C3 BMA E . -51.13 -15.35 -15.99
C4 BMA E . -52.05 -14.84 -17.11
C5 BMA E . -51.27 -14.77 -18.43
C6 BMA E . -52.10 -14.24 -19.60
O2 BMA E . -50.17 -13.25 -15.41
O3 BMA E . -51.83 -15.32 -14.75
O4 BMA E . -53.17 -15.70 -17.27
O5 BMA E . -50.13 -13.92 -18.25
O6 BMA E . -51.21 -13.95 -20.67
C1 NAG F . -5.49 3.15 -33.88
C2 NAG F . -5.93 2.92 -32.43
C3 NAG F . -4.71 2.81 -31.52
C4 NAG F . -3.78 1.72 -32.03
C5 NAG F . -3.41 2.05 -33.47
C6 NAG F . -2.51 1.02 -34.11
C7 NAG F . -7.72 3.84 -31.02
C8 NAG F . -8.54 5.06 -30.68
N2 NAG F . -6.80 4.00 -31.98
O3 NAG F . -5.13 2.52 -30.19
O4 NAG F . -2.57 1.68 -31.28
O5 NAG F . -4.61 2.11 -34.27
O6 NAG F . -1.47 1.64 -34.86
O7 NAG F . -7.88 2.78 -30.43
C1 NAG F . -2.53 0.73 -30.21
C2 NAG F . -1.69 -0.50 -30.61
C3 NAG F . -1.41 -1.40 -29.41
C4 NAG F . -0.80 -0.59 -28.28
C5 NAG F . -1.76 0.51 -27.90
C6 NAG F . -1.25 1.40 -26.79
C7 NAG F . -1.67 -1.81 -32.66
C8 NAG F . -2.49 -2.58 -33.66
N2 NAG F . -2.34 -1.25 -31.65
O3 NAG F . -0.52 -2.45 -29.78
O4 NAG F . -0.40 -1.40 -27.18
O5 NAG F . -1.96 1.35 -29.05
O6 NAG F . -1.06 0.68 -25.58
O7 NAG F . -0.45 -1.71 -32.77
C1 BMA F . 1.06 -1.33 -27.21
C2 BMA F . 1.69 -1.94 -25.92
C3 BMA F . 3.22 -1.94 -26.06
C4 BMA F . 3.67 -2.57 -27.38
C5 BMA F . 2.96 -1.86 -28.54
C6 BMA F . 3.36 -2.37 -29.92
O2 BMA F . 1.30 -3.29 -25.74
O3 BMA F . 3.84 -2.63 -24.98
O4 BMA F . 5.07 -2.45 -27.54
O5 BMA F . 1.55 -2.02 -28.36
O6 BMA F . 2.90 -3.71 -30.05
C1 NAG G . 43.27 41.01 -41.92
C2 NAG G . 41.88 41.61 -42.06
C3 NAG G . 40.83 40.59 -41.60
C4 NAG G . 40.99 39.28 -42.37
C5 NAG G . 42.44 38.79 -42.28
C6 NAG G . 42.72 37.59 -43.15
C7 NAG G . 42.10 44.03 -41.79
C8 NAG G . 41.90 45.20 -40.86
N2 NAG G . 41.76 42.84 -41.30
O3 NAG G . 39.52 41.12 -41.80
O4 NAG G . 40.11 38.30 -41.82
O5 NAG G . 43.35 39.82 -42.71
O6 NAG G . 42.14 36.41 -42.60
O7 NAG G . 42.56 44.17 -42.92
C1 NAG G . 39.19 37.79 -42.83
C2 NAG G . 38.40 36.56 -42.38
C3 NAG G . 37.51 36.09 -43.52
C4 NAG G . 36.56 37.21 -43.91
C5 NAG G . 37.35 38.47 -44.27
C6 NAG G . 36.45 39.67 -44.47
C7 NAG G . 38.72 34.57 -41.03
C8 NAG G . 39.63 33.46 -40.63
N2 NAG G . 39.22 35.47 -41.89
O3 NAG G . 36.79 34.92 -43.15
O4 NAG G . 35.79 36.79 -45.03
O5 NAG G . 38.26 38.84 -43.21
O6 NAG G . 35.52 39.79 -43.40
O7 NAG G . 37.58 34.66 -40.59
C1 BMA G . 34.49 36.34 -44.60
C2 BMA G . 33.42 36.90 -45.58
C3 BMA G . 32.03 36.40 -45.17
C4 BMA G . 32.00 34.87 -44.92
C5 BMA G . 33.13 34.49 -43.93
C6 BMA G . 33.06 33.02 -43.37
O2 BMA G . 33.67 36.42 -46.89
O3 BMA G . 31.07 36.73 -46.15
O4 BMA G . 30.74 34.49 -44.38
O5 BMA G . 34.40 34.90 -44.51
O6 BMA G . 33.59 31.99 -44.25
C1 MAN G . 35.02 31.99 -44.49
C2 MAN G . 35.28 31.05 -45.73
C3 MAN G . 35.15 29.56 -45.34
C4 MAN G . 35.96 29.27 -44.06
C5 MAN G . 35.54 30.23 -42.93
C6 MAN G . 36.31 29.96 -41.66
O2 MAN G . 36.59 31.21 -46.24
O3 MAN G . 35.60 28.72 -46.38
O4 MAN G . 35.81 27.91 -43.66
O5 MAN G . 35.81 31.56 -43.38
O6 MAN G . 35.74 30.73 -40.60
C1 NAG H . 44.05 47.71 -18.51
C2 NAG H . 42.94 47.79 -17.45
C3 NAG H . 43.36 48.75 -16.34
C4 NAG H . 44.71 48.34 -15.77
C5 NAG H . 45.74 48.23 -16.90
C6 NAG H . 47.08 47.74 -16.42
C7 NAG H . 41.43 49.27 -18.73
C8 NAG H . 40.02 49.46 -19.20
N2 NAG H . 41.65 48.16 -18.01
O3 NAG H . 42.33 48.75 -15.35
O4 NAG H . 45.20 49.25 -14.79
O5 NAG H . 45.28 47.29 -17.89
O6 NAG H . 47.03 46.37 -16.02
O7 NAG H . 42.31 50.09 -18.97
C1 NAG H . 44.65 48.93 -13.50
C2 NAG H . 45.72 48.45 -12.49
C3 NAG H . 45.09 48.23 -11.12
C4 NAG H . 44.33 49.46 -10.66
C5 NAG H . 43.29 49.86 -11.70
C6 NAG H . 42.57 51.13 -11.34
C7 NAG H . 47.56 46.83 -12.48
C8 NAG H . 48.09 45.57 -13.07
N2 NAG H . 46.38 47.25 -12.96
O3 NAG H . 46.11 47.90 -10.18
O4 NAG H . 43.65 49.18 -9.43
O5 NAG H . 43.93 50.08 -12.96
O6 NAG H . 41.98 51.73 -12.50
O7 NAG H . 48.15 47.44 -11.59
C1 BMA H . 44.41 49.70 -8.32
C2 BMA H . 43.53 49.69 -7.05
C3 BMA H . 44.37 50.14 -5.85
C4 BMA H . 45.67 49.32 -5.76
C5 BMA H . 46.42 49.40 -7.09
C6 BMA H . 47.71 48.59 -7.12
O2 BMA H . 43.06 48.38 -6.77
O3 BMA H . 43.64 50.04 -4.64
O4 BMA H . 46.49 49.79 -4.70
O5 BMA H . 45.57 48.90 -8.12
O6 BMA H . 48.07 48.37 -8.47
C1 NAG I . 30.37 17.62 32.08
C2 NAG I . 29.74 18.92 31.49
C3 NAG I . 30.02 20.11 32.41
C4 NAG I . 29.61 19.78 33.83
C5 NAG I . 30.16 18.45 34.32
C6 NAG I . 29.50 18.06 35.63
C7 NAG I . 31.50 19.14 29.76
C8 NAG I . 31.77 19.44 28.31
N2 NAG I . 30.21 19.17 30.14
O3 NAG I . 29.31 21.26 31.93
O4 NAG I . 30.10 20.78 34.70
O5 NAG I . 29.84 17.39 33.40
O6 NAG I . 28.98 19.20 36.29
O7 NAG I . 32.42 18.90 30.55
C1 NAG I . 28.35 22.33 32.47
C2 NAG I . 27.64 22.22 33.89
C3 NAG I . 26.86 23.49 34.24
C4 NAG I . 27.71 24.74 34.07
C5 NAG I . 28.29 24.78 32.64
C6 NAG I . 29.16 25.98 32.39
C7 NAG I . 25.75 20.59 33.43
C8 NAG I . 25.23 21.45 32.32
N2 NAG I . 26.85 21.00 34.10
O3 NAG I . 26.42 23.39 35.60
O4 NAG I . 26.90 25.90 34.27
O5 NAG I . 29.11 23.62 32.42
O6 NAG I . 30.14 25.71 31.39
O7 NAG I . 25.21 19.53 33.74
C1 BMA I . 27.26 26.73 35.40
C2 BMA I . 27.17 28.23 34.96
C3 BMA I . 27.45 29.18 36.14
C4 BMA I . 26.61 28.77 37.36
C5 BMA I . 26.82 27.28 37.68
C6 BMA I . 26.02 26.82 38.89
O2 BMA I . 25.87 28.54 34.48
O3 BMA I . 27.16 30.56 35.83
O4 BMA I . 26.98 29.56 38.50
O5 BMA I . 26.43 26.51 36.52
O6 BMA I . 26.11 25.41 38.99
C1 MAN I . 28.15 31.12 34.94
C2 MAN I . 29.29 31.79 35.75
C3 MAN I . 28.74 32.97 36.55
C4 MAN I . 27.99 33.93 35.62
C5 MAN I . 26.93 33.15 34.82
C6 MAN I . 26.16 34.04 33.85
O2 MAN I . 30.30 32.32 34.90
O3 MAN I . 29.78 33.67 37.22
O4 MAN I . 27.37 34.96 36.36
O5 MAN I . 27.57 32.09 34.08
O6 MAN I . 25.09 33.28 33.29
C1 NAG J . 26.90 -14.67 12.43
C2 NAG J . 26.60 -13.20 12.09
C3 NAG J . 25.67 -13.09 10.88
C4 NAG J . 26.11 -13.97 9.73
C5 NAG J . 26.40 -15.35 10.24
C6 NAG J . 27.07 -16.16 9.18
C7 NAG J . 25.96 -11.24 13.47
C8 NAG J . 25.23 -10.77 14.73
N2 NAG J . 26.00 -12.58 13.28
O3 NAG J . 25.74 -11.73 10.51
O4 NAG J . 25.14 -14.12 8.69
O5 NAG J . 27.34 -15.31 11.31
O6 NAG J . 26.83 -17.51 9.51
O7 NAG J . 26.32 -10.46 12.59
C1 NAG J . 25.17 -13.01 7.73
C2 NAG J . 26.19 -13.19 6.59
C3 NAG J . 25.98 -12.17 5.46
C4 NAG J . 24.55 -12.18 4.94
C5 NAG J . 23.65 -11.86 6.11
C6 NAG J . 22.19 -11.90 5.78
C7 NAG J . 28.55 -13.87 6.68
C8 NAG J . 28.11 -15.02 5.77
N2 NAG J . 27.55 -13.07 7.09
O3 NAG J . 26.91 -12.47 4.44
O4 NAG J . 24.37 -11.06 4.08
O5 NAG J . 23.84 -12.82 7.18
O6 NAG J . 21.87 -13.00 4.95
O7 NAG J . 29.73 -13.74 7.09
C1 BMA J . 24.29 -11.22 2.65
C2 BMA J . 22.86 -11.56 2.10
C3 BMA J . 22.93 -11.42 0.56
C4 BMA J . 23.55 -10.05 0.16
C5 BMA J . 24.90 -9.81 0.91
C6 BMA J . 25.48 -8.41 0.67
O2 BMA J . 21.89 -10.64 2.56
O3 BMA J . 21.63 -11.50 -0.05
O4 BMA J . 23.82 -10.08 -1.22
O5 BMA J . 24.69 -9.95 2.26
O6 BMA J . 26.67 -8.55 -0.05
C1 MAN J . 26.56 -8.73 -1.48
C2 MAN J . 27.59 -9.77 -1.83
C3 MAN J . 28.93 -9.29 -1.22
C4 MAN J . 29.28 -7.91 -1.84
C5 MAN J . 28.09 -6.96 -1.57
C6 MAN J . 28.26 -5.58 -2.15
O2 MAN J . 27.80 -9.86 -3.23
O3 MAN J . 29.99 -10.28 -1.27
O4 MAN J . 30.46 -7.37 -1.25
O5 MAN J . 26.88 -7.54 -2.09
O6 MAN J . 28.31 -5.68 -3.57
C1 MAN J . 30.78 -10.19 -0.06
C2 MAN J . 32.15 -10.95 -0.26
C3 MAN J . 31.95 -12.47 -0.28
C4 MAN J . 31.10 -12.89 0.94
C5 MAN J . 29.77 -12.12 0.92
C6 MAN J . 28.86 -12.54 2.05
O2 MAN J . 33.04 -10.67 0.82
O3 MAN J . 33.20 -13.15 -0.23
O4 MAN J . 30.87 -14.30 0.92
O5 MAN J . 30.08 -10.73 1.07
O6 MAN J . 27.59 -11.94 1.84
C1 MAN J . 21.70 -12.49 -1.13
C2 MAN J . 20.71 -12.10 -2.29
C3 MAN J . 19.26 -12.21 -1.78
C4 MAN J . 19.03 -13.58 -1.12
C5 MAN J . 20.10 -13.82 -0.02
C6 MAN J . 19.94 -15.16 0.68
O2 MAN J . 20.82 -13.00 -3.39
O3 MAN J . 18.33 -12.04 -2.87
O4 MAN J . 17.74 -13.61 -0.52
O5 MAN J . 21.39 -13.78 -0.66
O6 MAN J . 20.89 -15.21 1.74
C1 NAG K . 12.88 -70.77 -11.15
C2 NAG K . 13.20 -70.75 -9.65
C3 NAG K . 13.47 -69.32 -9.17
C4 NAG K . 14.51 -68.65 -10.04
C5 NAG K . 14.12 -68.76 -11.51
C6 NAG K . 15.15 -68.19 -12.47
C7 NAG K . 12.31 -72.36 -8.02
C8 NAG K . 13.72 -72.85 -7.87
N2 NAG K . 12.12 -71.35 -8.89
O3 NAG K . 13.87 -69.33 -7.81
O4 NAG K . 14.61 -67.27 -9.71
O5 NAG K . 13.94 -70.13 -11.87
O6 NAG K . 16.36 -68.93 -12.43
O7 NAG K . 11.37 -72.86 -7.39
C1 NAG K . 15.91 -66.92 -9.19
C2 NAG K . 16.00 -65.40 -9.38
C3 NAG K . 17.31 -64.84 -8.78
C4 NAG K . 17.55 -65.38 -7.38
C5 NAG K . 17.39 -66.89 -7.36
C6 NAG K . 17.54 -67.52 -5.98
C7 NAG K . 16.60 -65.24 -11.84
C8 NAG K . 17.81 -66.11 -11.61
N2 NAG K . 15.82 -64.97 -10.77
O3 NAG K . 17.20 -63.42 -8.78
O4 NAG K . 18.89 -65.05 -7.01
O5 NAG K . 16.09 -67.25 -7.83
O6 NAG K . 16.59 -66.97 -5.08
O7 NAG K . 16.30 -64.85 -12.96
C1 BMA K . 18.80 -64.12 -5.92
C2 BMA K . 19.60 -64.72 -4.75
C3 BMA K . 19.64 -63.74 -3.59
C4 BMA K . 20.14 -62.37 -4.07
C5 BMA K . 19.20 -61.90 -5.20
C6 BMA K . 19.52 -60.54 -5.77
O2 BMA K . 20.95 -64.98 -5.12
O3 BMA K . 20.46 -64.24 -2.52
O4 BMA K . 20.13 -61.43 -3.00
O5 BMA K . 19.31 -62.85 -6.27
O6 BMA K . 18.40 -60.15 -6.57
C1 MAN K . 18.53 -58.80 -7.05
C2 MAN K . 17.11 -58.32 -7.47
C3 MAN K . 16.62 -59.16 -8.66
C4 MAN K . 17.68 -59.13 -9.79
C5 MAN K . 19.04 -59.59 -9.22
C6 MAN K . 20.14 -59.55 -10.27
O2 MAN K . 17.13 -56.97 -7.90
O3 MAN K . 15.38 -58.66 -9.16
O4 MAN K . 17.29 -60.02 -10.83
O5 MAN K . 19.40 -58.70 -8.15
O6 MAN K . 20.56 -58.20 -10.42
C1 MAN K . 21.91 -58.17 -10.94
C2 MAN K . 22.87 -58.57 -9.79
C3 MAN K . 22.77 -57.53 -8.67
C4 MAN K . 23.01 -56.12 -9.25
C5 MAN K . 22.03 -55.88 -10.41
C6 MAN K . 22.20 -54.51 -11.05
O2 MAN K . 24.22 -58.56 -10.23
O3 MAN K . 23.72 -57.79 -7.65
O4 MAN K . 22.81 -55.14 -8.25
O5 MAN K . 22.24 -56.89 -11.41
O6 MAN K . 23.56 -54.38 -11.48
C1 MAN K . 19.67 -64.26 -1.30
C2 MAN K . 20.65 -64.28 -0.12
C3 MAN K . 21.44 -65.59 -0.13
C4 MAN K . 20.49 -66.81 -0.23
C5 MAN K . 19.52 -66.63 -1.41
C6 MAN K . 18.51 -67.75 -1.49
O2 MAN K . 19.95 -64.26 1.12
O3 MAN K . 22.26 -65.71 1.02
O4 MAN K . 21.24 -67.99 -0.43
O5 MAN K . 18.81 -65.38 -1.23
O6 MAN K . 17.53 -67.44 -2.48
C1 NAG L . -11.20 -65.69 -12.94
C2 NAG L . -12.15 -64.91 -13.85
C3 NAG L . -13.51 -64.79 -13.18
C4 NAG L . -14.03 -66.18 -12.85
C5 NAG L . -13.02 -66.87 -11.94
C6 NAG L . -13.43 -68.25 -11.53
C7 NAG L . -11.13 -63.29 -15.36
C8 NAG L . -10.63 -61.88 -15.53
N2 NAG L . -11.62 -63.60 -14.16
O3 NAG L . -14.39 -64.11 -14.06
O4 NAG L . -15.29 -66.13 -12.19
O5 NAG L . -11.77 -66.97 -12.63
O6 NAG L . -13.58 -69.09 -12.67
O7 NAG L . -11.07 -64.11 -16.27
C1 NAG L . -16.37 -66.25 -13.12
C2 NAG L . -17.20 -64.96 -13.05
C3 NAG L . -18.28 -64.94 -14.13
C4 NAG L . -17.68 -65.22 -15.50
C5 NAG L . -16.90 -66.53 -15.47
C6 NAG L . -16.19 -66.83 -16.77
C7 NAG L . -17.19 -64.17 -10.72
C8 NAG L . -17.94 -64.11 -9.43
N2 NAG L . -17.79 -64.80 -11.72
O3 NAG L . -18.93 -63.68 -14.13
O4 NAG L . -18.68 -65.24 -16.51
O5 NAG L . -15.89 -66.43 -14.46
O6 NAG L . -17.12 -67.13 -17.81
O7 NAG L . -16.06 -63.69 -10.84
C1 BMA L . -18.42 -64.04 -17.30
C2 BMA L . -18.54 -64.37 -18.81
C3 BMA L . -18.28 -63.10 -19.62
C4 BMA L . -19.18 -61.95 -19.12
C5 BMA L . -19.00 -61.77 -17.60
C6 BMA L . -19.88 -60.66 -17.04
O2 BMA L . -19.85 -64.81 -19.14
O3 BMA L . -18.52 -63.31 -21.00
O4 BMA L . -18.82 -60.74 -19.78
O5 BMA L . -19.33 -63.00 -16.94
O6 BMA L . -20.07 -60.92 -15.64
C1 MAN L . -21.49 -61.00 -15.41
C2 MAN L . -22.00 -59.57 -15.16
C3 MAN L . -21.35 -59.00 -13.90
C4 MAN L . -21.57 -59.97 -12.72
C5 MAN L . -21.12 -61.41 -13.10
C6 MAN L . -21.36 -62.38 -11.95
O2 MAN L . -23.41 -59.54 -14.93
O3 MAN L . -21.87 -57.72 -13.57
O4 MAN L . -20.82 -59.55 -11.60
O5 MAN L . -21.81 -61.82 -14.28
O6 MAN L . -21.64 -63.72 -12.40
C1 MAN L . -21.17 -64.58 -11.32
C2 MAN L . -20.82 -66.03 -11.84
C3 MAN L . -22.08 -66.84 -12.16
C4 MAN L . -23.10 -66.72 -11.02
C5 MAN L . -23.38 -65.24 -10.70
C6 MAN L . -24.41 -65.07 -9.60
O2 MAN L . -20.10 -66.77 -10.88
O3 MAN L . -21.76 -68.23 -12.34
O4 MAN L . -24.31 -67.39 -11.36
O5 MAN L . -22.14 -64.67 -10.27
O6 MAN L . -25.67 -65.51 -10.10
C1 NAG M . -43.59 -1.36 15.56
C2 NAG M . -43.58 -0.21 14.56
C3 NAG M . -42.23 -0.11 13.86
C4 NAG M . -41.10 -0.05 14.88
C5 NAG M . -41.23 -1.20 15.88
C6 NAG M . -40.20 -1.14 16.98
C7 NAG M . -45.66 0.49 13.48
C8 NAG M . -46.69 0.17 12.44
N2 NAG M . -44.65 -0.37 13.59
O3 NAG M . -42.21 1.03 13.01
O4 NAG M . -39.84 -0.13 14.22
O5 NAG M . -42.52 -1.18 16.50
O6 NAG M . -40.52 -1.99 18.08
O7 NAG M . -45.74 1.50 14.17
C1 NAG M . -39.11 1.10 14.50
C2 NAG M . -37.60 0.83 14.53
C3 NAG M . -36.80 2.13 14.70
C4 NAG M . -37.26 3.24 13.76
C5 NAG M . -38.77 3.40 13.77
C6 NAG M . -39.27 4.34 12.70
C7 NAG M . -36.94 -1.39 15.33
C8 NAG M . -36.62 -2.23 16.52
N2 NAG M . -37.25 -0.11 15.57
O3 NAG M . -35.42 1.86 14.51
O4 NAG M . -36.72 4.47 14.23
O5 NAG M . -39.42 2.14 13.53
O6 NAG M . -38.94 3.87 11.40
O7 NAG M . -36.92 -1.84 14.19
C1 BMA M . -35.77 5.10 13.38
C2 BMA M . -36.34 6.46 12.99
C3 BMA M . -35.28 7.32 12.24
C4 BMA M . -33.91 7.30 12.97
C5 BMA M . -33.52 5.87 13.28
C6 BMA M . -32.21 5.82 14.07
O2 BMA M . -36.77 7.16 14.13
O3 BMA M . -35.75 8.71 12.07
O4 BMA M . -32.90 7.89 12.15
O5 BMA M . -34.56 5.26 14.07
O6 BMA M . -31.85 4.49 14.33
C1 MAN M . -31.39 4.46 15.70
C2 MAN M . -30.63 3.13 15.92
C3 MAN M . -31.59 1.94 15.81
C4 MAN M . -32.81 2.15 16.72
C5 MAN M . -33.45 3.52 16.42
C6 MAN M . -34.66 3.80 17.30
O2 MAN M . -30.08 3.07 17.24
O3 MAN M . -30.93 0.74 16.18
O4 MAN M . -33.77 1.13 16.48
O5 MAN M . -32.47 4.53 16.63
O6 MAN M . -35.17 5.10 16.96
C1 MAN M . -30.41 0.09 15.00
C2 MAN M . -30.30 -1.41 15.32
C3 MAN M . -29.28 -1.64 16.44
C4 MAN M . -27.94 -0.94 16.09
C5 MAN M . -28.20 0.54 15.74
C6 MAN M . -26.94 1.29 15.34
O2 MAN M . -29.82 -2.15 14.19
O3 MAN M . -29.04 -3.03 16.64
O4 MAN M . -27.07 -1.00 17.20
O5 MAN M . -29.14 0.59 14.65
O6 MAN M . -27.29 2.64 15.09
C1 MAN M . -35.34 5.85 18.18
C2 MAN M . -36.41 6.95 17.97
C3 MAN M . -35.89 8.03 17.00
C4 MAN M . -34.48 8.50 17.38
C5 MAN M . -33.55 7.29 17.60
C6 MAN M . -32.15 7.70 18.06
O2 MAN M . -36.69 7.64 19.18
O3 MAN M . -36.76 9.15 16.98
O4 MAN M . -33.95 9.30 16.33
O5 MAN M . -34.13 6.43 18.60
O6 MAN M . -31.42 6.50 18.32
C1 MAN M . -35.21 9.60 13.09
C2 MAN M . -36.33 10.28 13.91
C3 MAN M . -37.17 11.17 13.02
C4 MAN M . -36.26 12.16 12.25
C5 MAN M . -35.12 11.39 11.52
C6 MAN M . -34.13 12.31 10.84
O2 MAN M . -35.77 11.12 14.92
O3 MAN M . -38.11 11.91 13.78
O4 MAN M . -37.02 12.86 11.29
O5 MAN M . -34.40 10.60 12.48
O6 MAN M . -33.55 13.15 11.84
C1 NAG N . -42.52 -25.39 2.79
C2 NAG N . -43.01 -25.84 4.17
C3 NAG N . -43.89 -27.09 4.04
C4 NAG N . -45.01 -26.85 3.06
C5 NAG N . -44.44 -26.37 1.73
C6 NAG N . -45.50 -26.03 0.70
C7 NAG N . -41.40 -25.15 5.87
C8 NAG N . -40.24 -25.56 6.71
N2 NAG N . -41.90 -26.08 5.06
O3 NAG N . -44.39 -27.43 5.32
O4 NAG N . -45.74 -28.05 2.83
O5 NAG N . -43.65 -25.19 1.93
O6 NAG N . -46.38 -25.03 1.18
O7 NAG N . -41.87 -24.01 5.92
C1 NAG N . -46.94 -28.15 3.62
C2 NAG N . -48.04 -28.74 2.72
C3 NAG N . -49.29 -29.09 3.52
C4 NAG N . -48.94 -29.92 4.75
C5 NAG N . -47.91 -29.18 5.57
C6 NAG N . -47.47 -29.94 6.81
C7 NAG N . -48.98 -28.20 0.51
C8 NAG N . -49.23 -27.12 -0.50
N2 NAG N . -48.36 -27.82 1.63
O3 NAG N . -50.21 -29.80 2.70
O4 NAG N . -50.08 -30.33 5.49
O5 NAG N . -46.74 -28.96 4.77
O6 NAG N . -47.05 -31.26 6.49
O7 NAG N . -49.33 -29.37 0.32
C1 BMA N . -50.07 -31.76 5.27
C2 BMA N . -50.80 -32.52 6.43
C3 BMA N . -50.73 -34.02 6.14
C4 BMA N . -51.26 -34.36 4.73
C5 BMA N . -50.55 -33.48 3.68
C6 BMA N . -51.08 -33.68 2.26
O2 BMA N . -52.16 -32.18 6.51
O3 BMA N . -51.46 -34.77 7.11
O4 BMA N . -50.99 -35.71 4.43
O5 BMA N . -50.72 -32.10 4.03
O6 BMA N . -49.99 -33.62 1.34
C1 MAN N . -50.35 -34.37 0.18
C2 MAN N . -49.13 -35.23 -0.26
C3 MAN N . -47.99 -34.35 -0.77
C4 MAN N . -48.54 -33.34 -1.82
C5 MAN N . -49.75 -32.56 -1.25
C6 MAN N . -50.35 -31.61 -2.26
O2 MAN N . -49.47 -36.10 -1.33
O3 MAN N . -46.99 -35.16 -1.37
O4 MAN N . -47.53 -32.42 -2.17
O5 MAN N . -50.76 -33.53 -0.89
O6 MAN N . -51.40 -30.90 -1.63
C1 MAN N . -45.65 -34.83 -0.93
C2 MAN N . -44.68 -35.78 -1.68
C3 MAN N . -44.90 -37.23 -1.21
C4 MAN N . -44.79 -37.30 0.33
C5 MAN N . -45.76 -36.30 0.96
C6 MAN N . -45.69 -36.28 2.48
O2 MAN N . -43.32 -35.46 -1.39
O3 MAN N . -43.94 -38.10 -1.79
O4 MAN N . -45.13 -38.60 0.76
O5 MAN N . -45.45 -34.98 0.47
O6 MAN N . -46.01 -37.58 2.95
C1 NAG O . -63.55 -37.72 -8.07
C2 NAG O . -62.67 -37.69 -9.35
C3 NAG O . -61.56 -38.77 -9.37
C4 NAG O . -60.91 -38.99 -8.02
C5 NAG O . -61.98 -39.10 -6.94
C6 NAG O . -61.40 -39.27 -5.55
C7 NAG O . -64.20 -38.71 -11.10
C8 NAG O . -64.25 -40.01 -10.33
N2 NAG O . -63.45 -37.70 -10.58
O3 NAG O . -60.58 -38.40 -10.34
O4 NAG O . -60.17 -40.20 -8.02
O5 NAG O . -62.74 -37.89 -6.92
O6 NAG O . -60.82 -38.06 -5.08
O7 NAG O . -64.81 -38.57 -12.14
C1 NAG O . -58.80 -39.90 -8.33
C2 NAG O . -57.92 -40.84 -7.50
C3 NAG O . -56.45 -40.72 -7.92
C4 NAG O . -56.33 -40.92 -9.41
C5 NAG O . -57.18 -39.88 -10.13
C6 NAG O . -57.12 -40.00 -11.63
C7 NAG O . -57.83 -39.43 -5.46
C8 NAG O . -58.05 -39.41 -3.99
N2 NAG O . -58.07 -40.60 -6.07
O3 NAG O . -55.68 -41.70 -7.22
O4 NAG O . -54.97 -40.86 -9.85
O5 NAG O . -58.54 -40.08 -9.74
O6 NAG O . -57.65 -38.82 -12.26
O7 NAG O . -57.44 -38.44 -6.08
C1 BMA O . -54.66 -42.26 -10.05
C2 BMA O . -54.80 -42.60 -11.56
C3 BMA O . -54.46 -44.06 -11.81
C4 BMA O . -53.10 -44.47 -11.13
C5 BMA O . -53.14 -43.99 -9.64
C6 BMA O . -51.93 -44.27 -8.75
O2 BMA O . -53.91 -41.82 -12.33
O3 BMA O . -54.44 -44.29 -13.23
O4 BMA O . -52.94 -45.86 -11.15
O5 BMA O . -53.35 -42.58 -9.60
O6 BMA O . -52.34 -43.88 -7.42
C1 MAN O . -55.12 -45.49 -13.66
C2 MAN O . -55.15 -45.49 -15.22
C3 MAN O . -56.18 -44.48 -15.75
C4 MAN O . -57.54 -44.72 -15.07
C5 MAN O . -57.40 -44.64 -13.56
C6 MAN O . -58.73 -44.92 -12.87
O2 MAN O . -55.55 -46.76 -15.74
O3 MAN O . -56.33 -44.57 -17.17
O4 MAN O . -58.51 -43.78 -15.54
O5 MAN O . -56.47 -45.67 -13.17
O6 MAN O . -59.60 -43.83 -13.12
C1 MAN O . -51.41 -44.22 -6.38
C2 MAN O . -52.18 -44.10 -5.03
C3 MAN O . -52.39 -42.62 -4.60
C4 MAN O . -51.14 -41.75 -4.88
C5 MAN O . -50.59 -42.00 -6.30
C6 MAN O . -49.34 -41.19 -6.56
O2 MAN O . -51.48 -44.72 -3.97
O3 MAN O . -52.73 -42.53 -3.22
O4 MAN O . -51.45 -40.38 -4.72
O5 MAN O . -50.27 -43.39 -6.40
O6 MAN O . -48.88 -41.48 -7.87
C1 NAG P . -67.37 -22.67 2.97
C2 NAG P . -67.17 -22.42 1.51
C3 NAG P . -66.84 -23.74 0.83
C4 NAG P . -65.66 -24.42 1.53
C5 NAG P . -65.81 -24.40 3.06
C6 NAG P . -64.53 -24.79 3.77
C7 NAG P . -68.33 -20.62 0.29
C8 NAG P . -69.64 -20.15 -0.26
N2 NAG P . -68.35 -21.81 0.90
O3 NAG P . -66.55 -23.53 -0.55
O4 NAG P . -65.54 -25.78 1.11
O5 NAG P . -66.17 -23.10 3.52
O6 NAG P . -64.16 -26.12 3.49
O7 NAG P . -67.31 -19.97 0.18
C1 NAG P . -64.36 -25.85 0.30
C2 NAG P . -63.88 -27.29 0.13
C3 NAG P . -62.70 -27.36 -0.86
C4 NAG P . -62.93 -26.50 -2.10
C5 NAG P . -63.50 -25.13 -1.76
C6 NAG P . -63.88 -24.33 -2.98
C7 NAG P . -63.04 -29.10 1.59
C8 NAG P . -62.60 -29.46 2.97
N2 NAG P . -63.45 -27.84 1.41
O3 NAG P . -62.51 -28.72 -1.21
O4 NAG P . -61.69 -26.30 -2.77
O5 NAG P . -64.68 -25.30 -0.97
O6 NAG P . -64.70 -25.07 -3.87
O7 NAG P . -62.99 -29.91 0.67
C1 BMA P . -61.45 -27.38 -3.71
C2 BMA P . -62.40 -27.16 -4.87
C3 BMA P . -62.15 -28.21 -5.93
C4 BMA P . -60.67 -28.23 -6.32
C5 BMA P . -59.81 -28.43 -5.05
C6 BMA P . -58.31 -28.43 -5.33
O2 BMA P . -62.16 -25.89 -5.47
O3 BMA P . -62.94 -27.97 -7.08
O4 BMA P . -60.42 -29.28 -7.23
O5 BMA P . -60.09 -27.38 -4.13
O6 BMA P . -57.88 -27.10 -5.66
C1 MAN P . -57.46 -27.05 -7.05
C2 MAN P . -56.29 -28.03 -7.29
C3 MAN P . -55.05 -27.56 -6.51
C4 MAN P . -54.75 -26.07 -6.82
C5 MAN P . -56.01 -25.21 -6.60
C6 MAN P . -55.78 -23.76 -6.98
O2 MAN P . -55.91 -28.04 -8.67
O3 MAN P . -53.92 -28.36 -6.82
O4 MAN P . -53.73 -25.61 -5.95
O5 MAN P . -57.08 -25.73 -7.42
O6 MAN P . -54.77 -23.23 -6.13
C1 NAG Q . -5.63 31.95 36.75
C2 NAG Q . -5.65 30.64 37.52
C3 NAG Q . -5.46 29.44 36.58
C4 NAG Q . -6.42 29.51 35.39
C5 NAG Q . -6.40 30.90 34.76
C6 NAG Q . -7.46 31.08 33.68
C7 NAG Q . -4.77 30.04 39.74
C8 NAG Q . -3.62 30.17 40.68
N2 NAG Q . -4.63 30.65 38.55
O3 NAG Q . -5.66 28.24 37.30
O4 NAG Q . -6.06 28.50 34.45
O5 NAG Q . -6.64 31.92 35.74
O6 NAG Q . -8.73 30.64 34.12
O7 NAG Q . -5.78 29.41 40.03
C1 NAG Q . -7.15 27.58 34.12
C2 NAG Q . -6.64 26.41 33.22
C3 NAG Q . -7.74 25.38 32.97
C4 NAG Q . -8.40 24.92 34.26
C5 NAG Q . -8.87 26.14 35.03
C6 NAG Q . -9.50 25.79 36.37
C7 NAG Q . -5.11 26.31 31.31
C8 NAG Q . -4.66 26.97 30.03
N2 NAG Q . -6.10 26.91 31.97
O3 NAG Q . -7.18 24.27 32.28
O4 NAG Q . -9.61 24.19 34.04
O5 NAG Q . -7.78 27.04 35.31
O6 NAG Q . -10.46 24.76 36.23
O7 NAG Q . -4.59 25.27 31.71
C1 BMA Q . -9.75 22.85 33.54
C2 BMA Q . -9.96 21.77 34.63
C3 BMA Q . -10.37 20.41 33.95
C4 BMA Q . -11.61 20.65 33.05
C5 BMA Q . -11.32 21.80 32.08
C6 BMA Q . -12.53 22.26 31.31
O2 BMA Q . -11.00 22.14 35.52
O3 BMA Q . -10.54 19.27 34.93
O4 BMA Q . -11.96 19.50 32.28
O5 BMA Q . -10.89 22.96 32.80
O6 BMA Q . -12.03 23.21 30.43
C1 MAN Q . -11.84 18.66 35.19
C2 MAN Q . -11.72 17.72 36.43
C3 MAN Q . -10.71 16.64 36.08
C4 MAN Q . -11.20 15.86 34.83
C5 MAN Q . -11.51 16.83 33.66
C6 MAN Q . -12.24 16.09 32.54
O2 MAN Q . -12.97 16.99 36.69
O3 MAN Q . -10.51 15.71 37.15
O4 MAN Q . -10.22 14.93 34.41
O5 MAN Q . -12.37 17.91 34.12
O6 MAN Q . -11.68 14.79 32.42
C1 MAN Q . -13.46 17.25 38.03
C2 MAN Q . -13.04 16.14 39.03
C3 MAN Q . -13.68 14.80 38.63
C4 MAN Q . -15.19 14.99 38.43
C5 MAN Q . -15.52 16.18 37.52
C6 MAN Q . -17.00 16.39 37.33
O2 MAN Q . -13.48 16.44 40.34
O3 MAN Q . -13.45 13.82 39.62
O4 MAN Q . -15.69 13.86 37.75
O5 MAN Q . -14.89 17.36 38.04
O6 MAN Q . -17.58 16.78 38.56
C1 MAN Q . -12.53 23.11 29.08
C2 MAN Q . -12.22 21.73 28.47
C3 MAN Q . -10.72 21.51 28.21
C4 MAN Q . -9.98 22.80 27.78
C5 MAN Q . -10.47 24.04 28.55
C6 MAN Q . -9.92 25.34 28.01
O2 MAN Q . -12.86 21.59 27.20
O3 MAN Q . -10.64 20.64 27.10
O4 MAN Q . -8.59 22.64 28.01
O5 MAN Q . -11.88 24.12 28.40
O6 MAN Q . -10.95 26.29 28.31
C1 MAN Q . -9.78 19.50 27.27
C2 MAN Q . -9.30 19.15 25.86
C3 MAN Q . -10.49 18.67 25.00
C4 MAN Q . -11.30 17.60 25.75
C5 MAN Q . -11.67 18.11 27.15
C6 MAN Q . -12.45 17.07 27.95
O2 MAN Q . -8.37 18.07 25.87
O3 MAN Q . -10.05 18.16 23.75
O4 MAN Q . -12.48 17.31 25.02
O5 MAN Q . -10.47 18.43 27.86
O6 MAN Q . -12.85 17.65 29.18
C1 MAN Q . -10.81 27.62 27.76
C2 MAN Q . -12.18 28.29 28.01
C3 MAN Q . -13.24 27.62 27.12
C4 MAN Q . -12.78 27.60 25.64
C5 MAN Q . -11.39 26.97 25.53
C6 MAN Q . -10.85 27.03 24.11
O2 MAN Q . -12.16 29.67 27.64
O3 MAN Q . -14.50 28.26 27.23
O4 MAN Q . -13.70 26.84 24.86
O5 MAN Q . -10.49 27.71 26.37
O6 MAN Q . -9.50 26.59 24.12
C1 NAG R . 13.22 41.03 23.23
C2 NAG R . 14.02 41.56 24.41
C3 NAG R . 13.46 42.90 24.84
C4 NAG R . 13.38 43.86 23.66
C5 NAG R . 12.68 43.21 22.47
C6 NAG R . 12.73 44.04 21.21
C7 NAG R . 15.03 39.85 25.85
C8 NAG R . 14.82 38.91 27.00
N2 NAG R . 13.98 40.61 25.52
O3 NAG R . 14.26 43.46 25.87
O4 NAG R . 12.50 44.90 24.08
O5 NAG R . 13.32 41.96 22.14
O6 NAG R . 14.07 44.38 20.87
O7 NAG R . 16.09 39.91 25.24
C1 NAG R . 12.92 46.27 23.89
C2 NAG R . 13.64 46.77 25.16
C3 NAG R . 14.10 48.21 24.98
C4 NAG R . 14.97 48.32 23.74
C5 NAG R . 14.23 47.78 22.53
C6 NAG R . 15.10 47.76 21.29
C7 NAG R . 13.14 46.69 27.58
C8 NAG R . 12.07 46.59 28.62
N2 NAG R . 12.73 46.66 26.30
O3 NAG R . 14.84 48.59 26.12
O4 NAG R . 15.33 49.68 23.51
O5 NAG R . 13.81 46.43 22.75
O6 NAG R . 14.27 47.73 20.15
O7 NAG R . 14.33 46.83 27.87
C1 BMA R . 16.72 49.83 23.91
C2 BMA R . 17.45 50.70 22.87
C3 BMA R . 18.91 50.85 23.30
C4 BMA R . 18.96 51.44 24.71
C5 BMA R . 18.16 50.54 25.68
C6 BMA R . 18.18 51.08 27.09
O2 BMA R . 16.89 51.99 22.81
O3 BMA R . 19.60 51.70 22.40
O4 BMA R . 20.31 51.52 25.14
O5 BMA R . 16.80 50.40 25.22
O6 BMA R . 19.55 51.07 27.52
C1 MAN R . 19.75 50.03 28.51
C2 MAN R . 21.21 50.10 29.04
C3 MAN R . 22.20 49.71 27.94
C4 MAN R . 21.82 48.29 27.41
C5 MAN R . 20.36 48.29 26.92
C6 MAN R . 19.92 46.93 26.43
O2 MAN R . 21.41 49.17 30.10
O3 MAN R . 23.54 49.71 28.48
O4 MAN R . 22.63 47.88 26.32
O5 MAN R . 19.49 48.70 28.00
O6 MAN R . 18.58 47.05 25.95
C1 MAN R . 24.55 49.76 27.43
C2 MAN R . 25.42 48.49 27.61
C3 MAN R . 26.20 48.58 28.91
C4 MAN R . 27.03 49.88 28.91
C5 MAN R . 26.09 51.09 28.72
C6 MAN R . 26.86 52.40 28.67
O2 MAN R . 26.39 48.40 26.57
O3 MAN R . 27.06 47.47 29.08
O4 MAN R . 27.72 50.01 30.15
O5 MAN R . 25.35 50.93 27.49
O6 MAN R . 25.92 53.46 28.51
C1 NAG S . 35.98 49.81 31.43
C2 NAG S . 37.18 49.45 30.56
C3 NAG S . 36.70 48.78 29.28
C4 NAG S . 35.86 47.56 29.62
C5 NAG S . 34.70 47.97 30.53
C6 NAG S . 33.87 46.79 30.99
C7 NAG S . 39.17 50.86 30.84
C8 NAG S . 39.86 52.12 30.41
N2 NAG S . 37.98 50.63 30.26
O3 NAG S . 37.82 48.42 28.48
O4 NAG S . 35.31 47.01 28.43
O5 NAG S . 35.22 48.61 31.72
O6 NAG S . 34.64 45.91 31.81
O7 NAG S . 39.65 50.09 31.64
C1 NAG S . 36.07 45.89 27.98
C2 NAG S . 35.10 44.79 27.50
C3 NAG S . 35.83 43.66 26.78
C4 NAG S . 36.75 44.22 25.71
C5 NAG S . 37.73 45.18 26.36
C6 NAG S . 38.72 45.78 25.38
C7 NAG S . 33.11 43.75 28.49
C8 NAG S . 32.46 43.24 29.75
N2 NAG S . 34.33 44.26 28.62
O3 NAG S . 34.87 42.79 26.17
O4 NAG S . 37.45 43.16 25.04
O5 NAG S . 36.97 46.26 26.91
O6 NAG S . 38.10 46.10 24.14
O7 NAG S . 32.53 43.69 27.40
C1 BMA S . 36.89 43.09 23.70
C2 BMA S . 38.01 42.71 22.72
C3 BMA S . 37.41 42.65 21.31
C4 BMA S . 36.15 41.75 21.26
C5 BMA S . 35.16 42.15 22.35
C6 BMA S . 33.98 41.20 22.37
O2 BMA S . 38.53 41.42 23.07
O3 BMA S . 38.39 42.20 20.33
O4 BMA S . 35.51 41.87 20.00
O5 BMA S . 35.83 42.13 23.62
O6 BMA S . 33.11 41.49 23.45
C1 MAN S . 38.36 40.77 20.13
C2 MAN S . 39.79 40.20 20.25
C3 MAN S . 40.67 40.77 19.14
C4 MAN S . 39.99 40.54 17.77
C5 MAN S . 38.55 41.09 17.79
C6 MAN S . 37.81 40.84 16.49
O2 MAN S . 39.80 38.78 20.07
O3 MAN S . 41.95 40.18 19.15
O4 MAN S . 40.73 41.19 16.76
O5 MAN S . 37.83 40.45 18.85
O6 MAN S . 36.51 41.37 16.62
C1 MAN S . 32.47 40.24 23.79
C2 MAN S . 30.93 40.46 23.73
C3 MAN S . 30.50 41.40 24.86
C4 MAN S . 31.04 40.89 26.20
C5 MAN S . 32.57 40.72 26.12
C6 MAN S . 33.17 40.21 27.42
O2 MAN S . 30.23 39.23 23.95
O3 MAN S . 29.09 41.50 24.93
O4 MAN S . 30.72 41.81 27.23
O5 MAN S . 32.87 39.79 25.08
O6 MAN S . 34.59 40.20 27.27
C1 NAG T . 22.26 47.94 43.68
C2 NAG T . 22.33 46.53 43.02
C3 NAG T . 23.28 46.46 41.80
C4 NAG T . 23.31 47.75 41.00
C5 NAG T . 23.20 49.00 41.82
C6 NAG T . 22.96 50.18 40.93
C7 NAG T . 23.84 45.15 44.45
C8 NAG T . 23.86 44.03 45.46
N2 NAG T . 22.62 45.48 43.99
O3 NAG T . 22.76 45.45 40.94
O4 NAG T . 24.59 47.86 40.38
O5 NAG T . 22.09 48.91 42.70
O6 NAG T . 24.11 50.52 40.18
O7 NAG T . 24.87 45.73 44.09
C1 NAG T . 23.20 44.85 39.61
C2 NAG T . 23.95 45.66 38.54
C3 NAG T . 23.99 44.79 37.31
C4 NAG T . 24.78 43.52 37.63
C5 NAG T . 24.22 42.81 38.89
C6 NAG T . 25.14 41.72 39.39
C7 NAG T . 24.00 47.94 37.58
C8 NAG T . 23.21 49.18 37.32
N2 NAG T . 23.35 46.95 38.22
O3 NAG T . 24.59 45.51 36.25
O4 NAG T . 24.66 42.60 36.55
O5 NAG T . 24.05 43.73 40.00
O6 NAG T . 25.63 42.04 40.68
O7 NAG T . 25.17 47.82 37.23
C1 BMA T . 25.69 42.85 35.56
C2 BMA T . 26.96 42.18 36.04
C3 BMA T . 28.07 42.37 34.99
C4 BMA T . 27.58 41.95 33.58
C5 BMA T . 26.24 42.65 33.27
C6 BMA T . 25.67 42.40 31.83
O2 BMA T . 26.76 40.79 36.19
O3 BMA T . 29.22 41.63 35.34
O4 BMA T . 28.53 42.36 32.62
O5 BMA T . 25.30 42.32 34.32
O6 BMA T . 25.02 41.12 31.66
C1 MAN T . 23.70 41.05 32.29
C2 MAN T . 23.22 39.55 32.31
C3 MAN T . 22.75 39.10 30.91
C4 MAN T . 21.83 40.16 30.27
C5 MAN T . 22.49 41.55 30.29
C6 MAN T . 21.58 42.61 29.70
O2 MAN T . 22.10 39.38 33.17
O3 MAN T . 22.04 37.87 30.99
O4 MAN T . 21.45 39.79 28.95
O5 MAN T . 22.72 41.89 31.66
O6 MAN T . 21.43 42.37 28.31
C1 NAG U . 16.27 23.04 -32.07
C2 NAG U . 17.26 23.70 -33.03
C3 NAG U . 17.92 22.65 -33.90
C4 NAG U . 18.63 21.63 -33.03
C5 NAG U . 17.63 21.02 -32.05
C6 NAG U . 18.27 20.08 -31.06
C7 NAG U . 15.78 24.51 -34.87
C8 NAG U . 15.25 25.74 -35.54
N2 NAG U . 16.61 24.73 -33.84
O3 NAG U . 18.85 23.29 -34.79
O4 NAG U . 19.19 20.60 -33.83
O5 NAG U . 16.97 22.05 -31.29
O6 NAG U . 19.68 19.99 -31.29
O7 NAG U . 15.46 23.38 -35.24
C1 NAG V . 14.57 -40.93 2.14
C2 NAG V . 14.56 -41.76 0.86
C3 NAG V . 16.00 -42.11 0.48
C4 NAG V . 16.80 -40.83 0.31
C5 NAG V . 16.73 -40.02 1.62
C6 NAG V . 17.44 -38.70 1.51
C7 NAG V . 12.48 -43.03 0.64
C8 NAG V . 11.81 -44.36 0.88
N2 NAG V . 13.76 -42.96 1.02
O3 NAG V . 16.00 -42.84 -0.74
O4 NAG V . 18.15 -41.14 0.02
O5 NAG V . 15.36 -39.74 1.94
O6 NAG V . 16.82 -37.85 0.55
O7 NAG V . 11.89 -42.08 0.14
#